data_2D3C
#
_entry.id   2D3C
#
_cell.length_a   95.958
_cell.length_b   191.012
_cell.length_c   118.124
_cell.angle_alpha   90.00
_cell.angle_beta   101.23
_cell.angle_gamma   90.00
#
_symmetry.space_group_name_H-M   'P 1 21 1'
#
loop_
_entity.id
_entity.type
_entity.pdbx_description
1 polymer 'glutamine synthetase'
2 non-polymer 'MANGANESE (II) ION'
3 non-polymer '(2S)-2-AMINO-4-[METHYL(PHOSPHONOOXY)PHOSPHORYL]BUTANOIC ACID'
4 non-polymer "ADENOSINE-5'-DIPHOSPHATE"
5 water water
#
_entity_poly.entity_id   1
_entity_poly.type   'polypeptide(L)'
_entity_poly.pdbx_seq_one_letter_code
;MACLTDLVNLNLSDTTEKIIAEYIWIGGSGMDLRSKARTLPGPVTDPSKLPKWNYDGSSTGQAPGEDSEVILYPQAIFKD
PFRRGNNILVMCDCYTPAGEPIPTNKRYSAAKIFSSPEVAAEEPWYGIEQEYTLLQKDTNWPLGWPIGGFPGPQGPYYCG
IGAEKSFGRDIVDAHYKACLYAGINISGINGEVMPGQWEFQVGPSVGISSGDQVWVARYILERITEIAGVVVTFDPKPIP
GDWNGAGAHTNYSTESMRKEGGYEVIKAAIEKLKLRHKEHIAAYGEGNERRLTGRHETADINTFSWGVANRGASVRVGRE
TEQNGKGYFEDRRPASNMDPYVVTSMIAETTIVWKP
;
_entity_poly.pdbx_strand_id   A,B,C,D,E,F,G,H,I,J
#
loop_
_chem_comp.id
_chem_comp.type
_chem_comp.name
_chem_comp.formula
ADP non-polymer ADENOSINE-5'-DIPHOSPHATE 'C10 H15 N5 O10 P2'
MN non-polymer 'MANGANESE (II) ION' 'Mn 2'
P3P non-polymer '(2S)-2-AMINO-4-[METHYL(PHOSPHONOOXY)PHOSPHORYL]BUTANOIC ACID' 'C5 H13 N O7 P2'
#
# COMPACT_ATOMS: atom_id res chain seq x y z
N CYS A 3 6.24 -26.08 7.84
CA CYS A 3 4.97 -25.73 7.12
C CYS A 3 4.71 -26.45 5.75
N LEU A 4 4.48 -25.70 4.66
CA LEU A 4 3.82 -26.30 3.48
C LEU A 4 4.71 -27.08 2.57
N THR A 5 5.92 -26.60 2.36
CA THR A 5 6.83 -27.32 1.53
C THR A 5 7.44 -28.54 2.23
N ASP A 6 7.36 -28.62 3.57
CA ASP A 6 7.78 -29.84 4.27
C ASP A 6 6.90 -31.03 3.98
N LEU A 7 5.61 -30.75 3.81
CA LEU A 7 4.63 -31.76 3.47
C LEU A 7 4.68 -32.15 1.99
N VAL A 8 4.77 -31.16 1.10
CA VAL A 8 4.83 -31.44 -0.33
C VAL A 8 6.06 -32.25 -0.72
N ASN A 9 7.10 -32.11 0.08
CA ASN A 9 8.34 -32.77 -0.21
C ASN A 9 8.64 -33.98 0.70
N LEU A 10 7.65 -34.42 1.45
CA LEU A 10 7.79 -35.64 2.23
C LEU A 10 8.34 -36.77 1.39
N ASN A 11 9.39 -37.43 1.89
CA ASN A 11 9.90 -38.65 1.24
C ASN A 11 9.02 -39.88 1.65
N LEU A 12 8.32 -40.48 0.69
CA LEU A 12 7.40 -41.56 1.04
C LEU A 12 8.11 -42.89 1.25
N SER A 13 9.23 -43.09 0.51
CA SER A 13 10.11 -44.29 0.57
C SER A 13 10.41 -44.84 1.97
N ASP A 14 10.46 -43.93 2.93
CA ASP A 14 10.73 -44.26 4.35
C ASP A 14 9.54 -44.93 5.04
N THR A 15 8.39 -45.00 4.36
CA THR A 15 7.14 -45.35 5.04
C THR A 15 6.29 -46.35 4.30
N THR A 16 6.24 -46.23 2.97
CA THR A 16 5.66 -47.32 2.12
C THR A 16 6.33 -47.54 0.78
N GLU A 17 5.90 -48.65 0.21
CA GLU A 17 6.29 -49.05 -1.13
C GLU A 17 5.38 -48.38 -2.15
N LYS A 18 4.23 -47.85 -1.69
CA LYS A 18 3.23 -47.27 -2.58
C LYS A 18 3.73 -46.10 -3.46
N ILE A 19 3.07 -45.93 -4.60
CA ILE A 19 3.49 -45.02 -5.68
C ILE A 19 2.36 -44.10 -6.09
N ILE A 20 2.69 -42.91 -6.54
CA ILE A 20 1.68 -42.04 -7.08
C ILE A 20 1.94 -41.82 -8.56
N ALA A 21 0.93 -42.19 -9.34
CA ALA A 21 0.91 -42.00 -10.79
C ALA A 21 -0.09 -40.93 -11.21
N GLU A 22 0.41 -39.99 -12.01
CA GLU A 22 -0.36 -38.85 -12.52
C GLU A 22 -0.65 -39.11 -13.99
N TYR A 23 -1.90 -39.45 -14.26
CA TYR A 23 -2.24 -39.76 -15.62
C TYR A 23 -2.54 -38.46 -16.34
N ILE A 24 -1.86 -38.25 -17.45
CA ILE A 24 -2.02 -37.05 -18.22
C ILE A 24 -2.74 -37.36 -19.50
N TRP A 25 -3.69 -36.54 -19.91
CA TRP A 25 -4.28 -36.67 -21.25
C TRP A 25 -4.62 -35.37 -21.92
N ILE A 26 -5.08 -35.45 -23.16
CA ILE A 26 -5.40 -34.23 -23.91
C ILE A 26 -6.91 -34.03 -24.06
N GLY A 27 -7.38 -32.83 -23.77
CA GLY A 27 -8.80 -32.64 -23.59
C GLY A 27 -9.55 -32.29 -24.84
N GLY A 28 -10.81 -31.89 -24.66
CA GLY A 28 -11.75 -31.59 -25.74
C GLY A 28 -11.34 -30.59 -26.82
N SER A 29 -10.50 -29.63 -26.46
CA SER A 29 -10.10 -28.65 -27.47
C SER A 29 -8.88 -29.07 -28.31
N GLY A 30 -8.26 -30.19 -27.94
CA GLY A 30 -7.04 -30.66 -28.64
C GLY A 30 -5.78 -29.88 -28.27
N MET A 31 -5.95 -28.93 -27.34
CA MET A 31 -4.89 -28.05 -26.85
C MET A 31 -4.81 -27.93 -25.31
N ASP A 32 -5.73 -28.56 -24.59
CA ASP A 32 -5.73 -28.45 -23.14
C ASP A 32 -5.24 -29.74 -22.45
N LEU A 33 -4.13 -29.69 -21.73
CA LEU A 33 -3.73 -30.88 -20.97
C LEU A 33 -4.54 -31.06 -19.70
N ARG A 34 -4.86 -32.30 -19.35
CA ARG A 34 -5.57 -32.60 -18.10
C ARG A 34 -4.88 -33.75 -17.39
N SER A 35 -4.96 -33.77 -16.07
CA SER A 35 -4.37 -34.86 -15.32
C SER A 35 -5.09 -35.09 -13.99
N LYS A 36 -5.08 -36.36 -13.58
CA LYS A 36 -5.38 -36.74 -12.20
C LYS A 36 -4.44 -37.85 -11.70
N ALA A 37 -4.46 -38.08 -10.39
CA ALA A 37 -3.52 -39.00 -9.78
C ALA A 37 -4.17 -40.14 -9.00
N ARG A 38 -3.49 -41.29 -9.04
CA ARG A 38 -3.88 -42.48 -8.30
C ARG A 38 -2.70 -43.11 -7.61
N THR A 39 -3.00 -43.84 -6.55
CA THR A 39 -2.02 -44.62 -5.83
C THR A 39 -1.93 -46.03 -6.44
N LEU A 40 -0.70 -46.49 -6.63
CA LEU A 40 -0.44 -47.84 -7.12
C LEU A 40 0.40 -48.59 -6.10
N PRO A 41 0.28 -49.96 -6.06
CA PRO A 41 0.84 -50.69 -4.89
C PRO A 41 2.38 -50.79 -4.85
N GLY A 42 3.04 -50.71 -6.00
CA GLY A 42 4.50 -50.73 -6.01
C GLY A 42 5.01 -50.05 -7.26
N PRO A 43 6.35 -49.85 -7.34
CA PRO A 43 7.00 -49.18 -8.50
C PRO A 43 6.61 -49.87 -9.79
N VAL A 44 6.51 -49.13 -10.89
CA VAL A 44 6.26 -49.77 -12.18
C VAL A 44 7.18 -49.12 -13.20
N THR A 45 7.78 -49.91 -14.09
CA THR A 45 8.66 -49.33 -15.16
C THR A 45 8.15 -49.58 -16.60
N ASP A 46 7.21 -50.50 -16.74
CA ASP A 46 6.69 -50.76 -18.04
C ASP A 46 5.23 -50.33 -18.19
N PRO A 47 4.93 -49.46 -19.20
CA PRO A 47 3.61 -48.93 -19.52
C PRO A 47 2.50 -49.97 -19.57
N SER A 48 2.78 -51.16 -20.11
CA SER A 48 1.73 -52.21 -20.22
C SER A 48 1.42 -52.92 -18.89
N LYS A 49 2.17 -52.62 -17.87
CA LYS A 49 1.90 -53.16 -16.56
C LYS A 49 1.08 -52.19 -15.65
N LEU A 50 0.73 -51.02 -16.22
CA LEU A 50 -0.14 -50.01 -15.56
C LEU A 50 -1.55 -50.31 -15.94
N PRO A 51 -2.47 -50.30 -14.96
CA PRO A 51 -3.88 -50.49 -15.27
C PRO A 51 -4.39 -49.33 -16.12
N LYS A 52 -5.38 -49.60 -16.96
CA LYS A 52 -6.06 -48.56 -17.73
C LYS A 52 -6.96 -47.83 -16.77
N TRP A 53 -7.49 -46.69 -17.20
CA TRP A 53 -8.29 -45.86 -16.32
C TRP A 53 -9.34 -45.11 -17.15
N ASN A 54 -10.19 -44.38 -16.47
CA ASN A 54 -11.18 -43.53 -17.11
C ASN A 54 -11.33 -42.18 -16.39
N TYR A 55 -12.02 -41.24 -17.03
CA TYR A 55 -12.31 -39.95 -16.41
C TYR A 55 -13.62 -39.44 -16.95
N ASP A 56 -14.11 -38.36 -16.38
CA ASP A 56 -15.37 -37.80 -16.79
C ASP A 56 -15.22 -36.94 -18.03
N GLY A 57 -15.32 -37.57 -19.18
CA GLY A 57 -15.31 -36.84 -20.45
C GLY A 57 -16.40 -35.77 -20.61
N SER A 58 -17.48 -35.91 -19.86
CA SER A 58 -18.51 -34.91 -19.96
C SER A 58 -17.98 -33.59 -19.45
N SER A 59 -16.94 -33.64 -18.62
CA SER A 59 -16.34 -32.39 -18.08
C SER A 59 -15.10 -31.81 -18.84
N THR A 60 -14.73 -32.46 -19.96
CA THR A 60 -13.59 -32.03 -20.77
C THR A 60 -14.03 -31.83 -22.20
N GLY A 61 -15.35 -31.83 -22.41
CA GLY A 61 -15.99 -31.73 -23.77
C GLY A 61 -15.73 -32.89 -24.78
N GLN A 62 -15.76 -34.13 -24.28
CA GLN A 62 -15.37 -35.29 -25.07
C GLN A 62 -16.44 -36.40 -25.06
N ALA A 63 -17.43 -36.22 -24.18
CA ALA A 63 -18.51 -37.20 -23.97
C ALA A 63 -19.75 -36.51 -23.42
N PRO A 64 -20.94 -37.13 -23.64
CA PRO A 64 -22.16 -36.68 -22.98
C PRO A 64 -22.29 -37.12 -21.52
N GLY A 65 -23.16 -36.44 -20.77
CA GLY A 65 -23.38 -36.72 -19.35
C GLY A 65 -23.89 -38.11 -19.02
N GLU A 66 -24.74 -38.64 -19.88
CA GLU A 66 -25.41 -39.96 -19.69
C GLU A 66 -24.53 -41.13 -20.14
N ASP A 67 -23.53 -40.82 -20.98
CA ASP A 67 -22.53 -41.80 -21.39
C ASP A 67 -21.10 -41.20 -21.19
N SER A 68 -20.81 -40.86 -19.95
CA SER A 68 -19.72 -39.98 -19.63
C SER A 68 -18.34 -40.62 -19.64
N GLU A 69 -18.24 -41.96 -19.50
CA GLU A 69 -16.91 -42.56 -19.30
C GLU A 69 -16.06 -42.56 -20.57
N VAL A 70 -14.78 -42.16 -20.42
CA VAL A 70 -13.76 -42.19 -21.49
C VAL A 70 -12.48 -42.86 -20.94
N ILE A 71 -11.83 -43.65 -21.79
CA ILE A 71 -10.83 -44.55 -21.26
C ILE A 71 -9.43 -44.07 -21.55
N LEU A 72 -8.56 -44.29 -20.57
CA LEU A 72 -7.15 -43.87 -20.70
C LEU A 72 -6.20 -45.05 -20.83
N TYR A 73 -5.42 -45.01 -21.91
CA TYR A 73 -4.42 -46.04 -22.17
C TYR A 73 -3.05 -45.50 -21.85
N PRO A 74 -2.38 -46.08 -20.84
CA PRO A 74 -1.05 -45.65 -20.53
C PRO A 74 -0.17 -45.93 -21.73
N GLN A 75 0.64 -44.98 -22.15
CA GLN A 75 1.55 -45.18 -23.30
C GLN A 75 3.03 -44.93 -23.01
N ALA A 76 3.33 -43.96 -22.14
CA ALA A 76 4.71 -43.65 -21.75
C ALA A 76 4.82 -43.23 -20.27
N ILE A 77 5.90 -43.71 -19.65
CA ILE A 77 6.19 -43.38 -18.27
C ILE A 77 7.37 -42.41 -18.21
N PHE A 78 7.28 -41.42 -17.32
CA PHE A 78 8.40 -40.55 -16.97
C PHE A 78 8.37 -40.32 -15.47
N LYS A 79 9.55 -40.02 -14.88
CA LYS A 79 9.61 -39.73 -13.45
C LYS A 79 8.97 -38.37 -13.19
N ASP A 80 8.20 -38.29 -12.12
CA ASP A 80 7.51 -37.06 -11.75
C ASP A 80 8.48 -36.17 -10.99
N PRO A 81 8.83 -35.01 -11.57
CA PRO A 81 9.84 -34.18 -10.98
C PRO A 81 9.26 -33.39 -9.85
N PHE A 82 7.95 -33.30 -9.78
CA PHE A 82 7.32 -32.61 -8.67
C PHE A 82 7.25 -33.48 -7.43
N ARG A 83 6.61 -34.64 -7.55
CA ARG A 83 6.47 -35.52 -6.40
C ARG A 83 7.77 -36.30 -6.06
N ARG A 84 8.65 -36.39 -7.05
CA ARG A 84 9.95 -37.01 -6.84
C ARG A 84 9.87 -38.44 -6.31
N GLY A 85 10.96 -38.92 -5.69
CA GLY A 85 11.07 -40.34 -5.33
C GLY A 85 10.68 -41.30 -6.46
N ASN A 86 9.78 -42.26 -6.18
CA ASN A 86 9.44 -43.23 -7.23
C ASN A 86 8.19 -42.88 -8.02
N ASN A 87 7.61 -41.72 -7.75
CA ASN A 87 6.36 -41.38 -8.38
C ASN A 87 6.53 -41.01 -9.85
N ILE A 88 5.46 -41.18 -10.63
CA ILE A 88 5.56 -41.18 -12.07
C ILE A 88 4.50 -40.37 -12.76
N LEU A 89 4.83 -39.88 -13.96
CA LEU A 89 3.88 -39.26 -14.89
C LEU A 89 3.62 -40.28 -15.96
N VAL A 90 2.38 -40.32 -16.44
CA VAL A 90 1.96 -41.33 -17.40
C VAL A 90 1.23 -40.65 -18.53
N MET A 91 1.83 -40.67 -19.69
CA MET A 91 1.23 -39.98 -20.81
C MET A 91 0.16 -40.87 -21.37
N CYS A 92 -0.98 -40.31 -21.79
CA CYS A 92 -2.12 -41.12 -22.21
C CYS A 92 -2.80 -40.87 -23.57
N ASP A 93 -3.67 -41.83 -23.86
CA ASP A 93 -4.30 -42.02 -25.14
C ASP A 93 -5.78 -42.19 -24.85
N CYS A 94 -6.64 -41.68 -25.70
CA CYS A 94 -8.08 -41.72 -25.36
C CYS A 94 -9.07 -42.53 -26.22
N TYR A 95 -9.90 -43.31 -25.54
CA TYR A 95 -10.75 -44.29 -26.24
C TYR A 95 -12.14 -44.38 -25.66
N THR A 96 -13.12 -44.77 -26.49
CA THR A 96 -14.48 -45.11 -26.04
C THR A 96 -14.41 -46.43 -25.29
N PRO A 97 -15.47 -46.78 -24.57
CA PRO A 97 -15.39 -48.02 -23.83
C PRO A 97 -15.37 -49.19 -24.81
N ALA A 98 -15.83 -48.93 -26.04
CA ALA A 98 -15.86 -49.92 -27.14
C ALA A 98 -14.50 -50.12 -27.83
N GLY A 99 -13.46 -49.45 -27.33
CA GLY A 99 -12.09 -49.48 -27.91
C GLY A 99 -11.85 -48.67 -29.21
N GLU A 100 -12.73 -47.70 -29.46
CA GLU A 100 -12.57 -46.71 -30.54
C GLU A 100 -11.73 -45.51 -30.06
N PRO A 101 -10.77 -45.07 -30.86
CA PRO A 101 -10.10 -43.86 -30.48
C PRO A 101 -11.02 -42.67 -30.71
N ILE A 102 -11.13 -41.78 -29.73
CA ILE A 102 -12.01 -40.59 -29.86
C ILE A 102 -11.44 -39.56 -30.82
N PRO A 103 -12.30 -38.68 -31.35
CA PRO A 103 -11.90 -37.77 -32.43
C PRO A 103 -10.63 -36.93 -32.10
N THR A 104 -10.41 -36.68 -30.80
CA THR A 104 -9.34 -35.76 -30.35
C THR A 104 -8.03 -36.46 -30.03
N ASN A 105 -8.09 -37.79 -30.14
CA ASN A 105 -6.91 -38.62 -30.02
C ASN A 105 -6.20 -38.66 -31.36
N LYS A 106 -5.06 -37.95 -31.43
CA LYS A 106 -4.30 -37.93 -32.68
C LYS A 106 -3.06 -38.81 -32.60
N ARG A 107 -2.88 -39.46 -31.44
CA ARG A 107 -1.78 -40.40 -31.22
C ARG A 107 -1.99 -41.68 -32.00
N TYR A 108 -3.23 -42.17 -32.02
CA TYR A 108 -3.59 -43.39 -32.72
C TYR A 108 -3.22 -43.37 -34.19
N SER A 109 -3.62 -42.33 -34.90
CA SER A 109 -3.25 -42.20 -36.32
C SER A 109 -1.77 -42.18 -36.51
N ALA A 110 -1.09 -41.41 -35.68
CA ALA A 110 0.33 -41.24 -35.79
C ALA A 110 1.05 -42.53 -35.48
N ALA A 111 0.51 -43.32 -34.56
CA ALA A 111 1.14 -44.58 -34.19
C ALA A 111 1.16 -45.52 -35.38
N LYS A 112 0.03 -45.56 -36.10
CA LYS A 112 -0.13 -46.38 -37.30
C LYS A 112 0.95 -46.03 -38.31
N ILE A 113 1.15 -44.73 -38.55
CA ILE A 113 2.12 -44.32 -39.52
C ILE A 113 3.52 -44.69 -39.10
N PHE A 114 3.81 -44.59 -37.82
CA PHE A 114 5.15 -44.94 -37.37
C PHE A 114 5.38 -46.46 -37.16
N SER A 115 4.31 -47.25 -37.16
CA SER A 115 4.40 -48.74 -37.14
C SER A 115 4.60 -49.34 -38.55
N SER A 116 3.81 -48.82 -39.51
CA SER A 116 3.95 -49.10 -40.95
C SER A 116 5.45 -49.23 -41.38
N PRO A 117 5.83 -50.42 -41.88
CA PRO A 117 7.23 -50.91 -41.87
C PRO A 117 8.22 -50.14 -42.74
N GLU A 118 7.75 -49.46 -43.78
CA GLU A 118 8.62 -48.65 -44.68
C GLU A 118 9.00 -47.30 -44.03
N VAL A 119 8.20 -46.89 -43.06
CA VAL A 119 8.50 -45.73 -42.26
C VAL A 119 9.46 -46.16 -41.19
N ALA A 120 9.08 -47.15 -40.39
CA ALA A 120 9.91 -47.70 -39.30
C ALA A 120 11.36 -47.97 -39.68
N ALA A 121 11.55 -48.49 -40.89
CA ALA A 121 12.87 -48.81 -41.45
C ALA A 121 13.72 -47.58 -41.75
N GLU A 122 13.04 -46.48 -42.11
CA GLU A 122 13.67 -45.19 -42.35
C GLU A 122 14.05 -44.48 -41.03
N GLU A 123 13.41 -44.94 -39.94
CA GLU A 123 13.70 -44.57 -38.55
C GLU A 123 13.81 -43.06 -38.42
N PRO A 124 12.68 -42.34 -38.51
CA PRO A 124 12.76 -40.90 -38.60
C PRO A 124 13.07 -40.31 -37.26
N TRP A 125 13.71 -39.15 -37.34
CA TRP A 125 14.17 -38.44 -36.18
C TRP A 125 13.56 -37.07 -36.14
N TYR A 126 13.06 -36.68 -34.98
CA TYR A 126 12.56 -35.34 -34.85
C TYR A 126 13.16 -34.61 -33.69
N GLY A 127 13.60 -33.37 -33.96
CA GLY A 127 13.91 -32.40 -32.93
C GLY A 127 12.92 -31.26 -33.08
N ILE A 128 12.10 -31.03 -32.04
CA ILE A 128 11.14 -29.96 -32.16
C ILE A 128 11.44 -28.79 -31.17
N GLU A 129 11.32 -27.57 -31.67
CA GLU A 129 11.69 -26.38 -30.96
C GLU A 129 10.47 -25.70 -30.46
N GLN A 130 10.14 -25.91 -29.20
CA GLN A 130 8.96 -25.32 -28.62
C GLN A 130 9.22 -23.91 -28.11
N GLU A 131 8.66 -22.91 -28.79
CA GLU A 131 8.71 -21.53 -28.33
C GLU A 131 7.40 -21.27 -27.59
N TYR A 132 7.40 -20.44 -26.55
CA TYR A 132 6.19 -20.04 -25.80
C TYR A 132 6.41 -18.68 -25.21
N THR A 133 5.37 -18.12 -24.63
CA THR A 133 5.44 -16.77 -24.09
C THR A 133 4.92 -16.74 -22.66
N LEU A 134 5.55 -15.99 -21.78
CA LEU A 134 5.13 -15.95 -20.41
C LEU A 134 4.29 -14.71 -20.12
N LEU A 135 3.21 -14.85 -19.38
CA LEU A 135 2.29 -13.76 -19.22
C LEU A 135 1.91 -13.55 -17.77
N GLN A 136 1.68 -12.29 -17.38
CA GLN A 136 1.24 -11.97 -16.02
C GLN A 136 -0.17 -12.41 -15.82
N LYS A 137 -0.43 -13.14 -14.73
CA LYS A 137 -1.77 -13.67 -14.42
C LYS A 137 -2.78 -12.55 -14.42
N ASP A 138 -3.98 -12.80 -14.92
CA ASP A 138 -5.04 -11.76 -14.81
C ASP A 138 -5.02 -10.56 -15.80
N THR A 139 -3.87 -9.91 -15.97
CA THR A 139 -3.77 -8.83 -16.98
C THR A 139 -3.51 -9.38 -18.36
N ASN A 140 -2.84 -10.53 -18.40
CA ASN A 140 -2.57 -11.27 -19.61
C ASN A 140 -1.62 -10.56 -20.52
N TRP A 141 -0.75 -9.79 -19.90
CA TRP A 141 0.24 -9.02 -20.58
C TRP A 141 1.57 -9.73 -20.29
N PRO A 142 2.51 -9.72 -21.29
CA PRO A 142 3.75 -10.48 -21.21
C PRO A 142 4.62 -10.17 -20.01
N LEU A 143 5.14 -11.21 -19.37
CA LEU A 143 5.99 -11.06 -18.20
C LEU A 143 7.13 -10.05 -18.41
N GLY A 144 7.28 -9.11 -17.49
CA GLY A 144 8.37 -8.16 -17.60
C GLY A 144 7.99 -6.89 -18.33
N TRP A 145 6.87 -6.94 -19.03
CA TRP A 145 6.32 -5.73 -19.69
C TRP A 145 5.57 -4.92 -18.66
N PRO A 146 5.67 -3.62 -18.73
CA PRO A 146 4.90 -2.78 -17.84
C PRO A 146 3.47 -2.79 -18.28
N ILE A 147 2.54 -2.62 -17.35
CA ILE A 147 1.14 -2.75 -17.71
C ILE A 147 0.68 -1.54 -18.52
N GLY A 148 0.04 -1.86 -19.67
CA GLY A 148 -0.43 -0.85 -20.65
C GLY A 148 0.70 -0.15 -21.35
N GLY A 149 1.77 -0.88 -21.62
CA GLY A 149 2.96 -0.32 -22.21
C GLY A 149 3.87 -1.39 -22.74
N PHE A 150 5.04 -0.99 -23.21
CA PHE A 150 5.90 -1.93 -23.86
C PHE A 150 7.27 -1.69 -23.40
N PRO A 151 8.10 -2.73 -23.44
CA PRO A 151 9.52 -2.60 -23.17
C PRO A 151 10.23 -2.00 -24.36
N GLY A 152 11.54 -1.82 -24.25
CA GLY A 152 12.32 -1.33 -25.37
C GLY A 152 12.19 -2.23 -26.58
N PRO A 153 12.51 -1.75 -27.79
CA PRO A 153 12.27 -2.54 -28.99
C PRO A 153 13.15 -3.76 -28.99
N GLN A 154 12.75 -4.79 -29.74
CA GLN A 154 13.48 -6.06 -29.89
C GLN A 154 14.92 -5.85 -30.30
N GLY A 155 15.76 -6.78 -29.89
CA GLY A 155 17.19 -6.58 -30.12
C GLY A 155 18.03 -7.16 -28.99
N PRO A 156 17.94 -6.59 -27.79
CA PRO A 156 18.84 -7.10 -26.77
C PRO A 156 18.33 -8.38 -26.06
N TYR A 157 17.12 -8.86 -26.40
CA TYR A 157 16.49 -9.89 -25.61
C TYR A 157 16.95 -11.31 -25.94
N TYR A 158 17.12 -11.59 -27.24
CA TYR A 158 17.52 -12.91 -27.72
C TYR A 158 18.79 -13.40 -27.02
N CYS A 159 18.68 -14.53 -26.32
CA CYS A 159 19.83 -15.13 -25.58
C CYS A 159 20.53 -14.20 -24.60
N GLY A 160 19.78 -13.25 -24.05
CA GLY A 160 20.35 -12.19 -23.24
C GLY A 160 20.49 -12.58 -21.82
N ILE A 161 21.20 -11.71 -21.10
CA ILE A 161 21.30 -11.83 -19.66
C ILE A 161 21.13 -10.48 -19.04
N GLY A 162 20.61 -10.51 -17.80
CA GLY A 162 20.42 -9.33 -16.93
C GLY A 162 18.96 -9.03 -16.59
N ALA A 163 18.75 -8.30 -15.53
CA ALA A 163 17.36 -8.09 -15.12
C ALA A 163 16.44 -7.30 -16.06
N GLU A 164 16.97 -6.40 -16.86
CA GLU A 164 16.14 -5.59 -17.72
C GLU A 164 15.95 -6.22 -19.05
N LYS A 165 16.60 -7.36 -19.25
CA LYS A 165 16.54 -8.05 -20.53
C LYS A 165 15.85 -9.42 -20.46
N SER A 166 16.00 -10.12 -19.35
CA SER A 166 15.70 -11.53 -19.33
C SER A 166 14.65 -11.85 -18.27
N PHE A 167 13.45 -12.17 -18.74
CA PHE A 167 12.33 -12.36 -17.81
C PHE A 167 11.91 -13.81 -17.53
N GLY A 168 12.16 -14.30 -16.32
CA GLY A 168 11.63 -15.60 -15.92
C GLY A 168 12.55 -16.79 -16.11
N ARG A 169 13.87 -16.54 -16.12
CA ARG A 169 14.85 -17.62 -16.30
C ARG A 169 14.64 -18.71 -15.26
N ASP A 170 14.32 -18.28 -14.05
CA ASP A 170 13.73 -19.11 -13.05
C ASP A 170 12.94 -20.25 -13.59
N ILE A 171 11.85 -19.91 -14.28
CA ILE A 171 10.94 -20.89 -14.76
C ILE A 171 11.65 -21.78 -15.74
N VAL A 172 12.35 -21.18 -16.67
CA VAL A 172 13.04 -21.90 -17.71
C VAL A 172 14.06 -22.92 -17.22
N ASP A 173 15.00 -22.51 -16.39
CA ASP A 173 16.02 -23.41 -15.87
C ASP A 173 15.41 -24.52 -15.04
N ALA A 174 14.32 -24.23 -14.35
CA ALA A 174 13.61 -25.21 -13.55
C ALA A 174 13.10 -26.31 -14.46
N HIS A 175 12.41 -25.87 -15.50
CA HIS A 175 11.88 -26.77 -16.49
C HIS A 175 12.94 -27.66 -17.07
N TYR A 176 14.00 -27.04 -17.59
CA TYR A 176 15.11 -27.79 -18.09
C TYR A 176 15.51 -28.97 -17.19
N LYS A 177 15.82 -28.72 -15.94
CA LYS A 177 16.22 -29.84 -15.08
C LYS A 177 15.04 -30.80 -14.88
N ALA A 178 13.85 -30.25 -14.62
CA ALA A 178 12.67 -31.08 -14.45
C ALA A 178 12.60 -32.12 -15.55
N CYS A 179 12.66 -31.64 -16.78
CA CYS A 179 12.58 -32.48 -17.93
C CYS A 179 13.66 -33.52 -17.95
N LEU A 180 14.90 -33.12 -17.79
CA LEU A 180 15.97 -34.08 -17.74
C LEU A 180 15.73 -35.17 -16.72
N TYR A 181 15.28 -34.77 -15.53
CA TYR A 181 15.11 -35.69 -14.42
C TYR A 181 14.04 -36.70 -14.79
N ALA A 182 12.99 -36.18 -15.43
CA ALA A 182 11.81 -36.96 -15.81
C ALA A 182 12.15 -38.02 -16.88
N GLY A 183 13.14 -37.71 -17.70
CA GLY A 183 13.59 -38.59 -18.76
C GLY A 183 13.19 -38.12 -20.16
N ILE A 184 12.76 -36.86 -20.27
CA ILE A 184 12.51 -36.26 -21.56
C ILE A 184 13.85 -35.98 -22.21
N ASN A 185 13.97 -36.32 -23.47
CA ASN A 185 15.19 -35.97 -24.22
C ASN A 185 15.15 -34.48 -24.61
N ILE A 186 15.58 -33.64 -23.69
CA ILE A 186 15.53 -32.23 -23.94
C ILE A 186 16.92 -31.79 -24.31
N SER A 187 17.05 -31.13 -25.44
CA SER A 187 18.38 -30.92 -25.99
C SER A 187 18.96 -29.57 -25.65
N GLY A 188 18.11 -28.64 -25.27
CA GLY A 188 18.61 -27.34 -24.94
C GLY A 188 17.52 -26.32 -24.88
N ILE A 189 17.91 -25.13 -24.41
CA ILE A 189 16.99 -24.01 -24.16
C ILE A 189 17.65 -22.72 -24.65
N ASN A 190 16.87 -21.65 -24.76
CA ASN A 190 17.40 -20.30 -25.05
C ASN A 190 16.35 -19.20 -24.86
N GLY A 191 16.80 -18.01 -24.50
CA GLY A 191 15.90 -16.87 -24.49
C GLY A 191 15.59 -16.47 -25.93
N GLU A 192 14.33 -16.19 -26.24
CA GLU A 192 14.01 -15.80 -27.61
C GLU A 192 13.91 -14.31 -27.81
N VAL A 193 13.53 -13.91 -29.02
CA VAL A 193 13.62 -12.53 -29.52
C VAL A 193 12.73 -11.47 -28.87
N MET A 194 11.49 -11.84 -28.57
CA MET A 194 10.52 -10.97 -27.89
C MET A 194 10.66 -11.15 -26.40
N PRO A 195 10.78 -10.03 -25.67
CA PRO A 195 11.08 -10.10 -24.27
C PRO A 195 10.01 -10.88 -23.60
N GLY A 196 10.40 -11.87 -22.83
CA GLY A 196 9.40 -12.73 -22.22
C GLY A 196 9.07 -14.04 -22.94
N GLN A 197 9.71 -14.25 -24.08
CA GLN A 197 9.48 -15.42 -24.91
C GLN A 197 10.71 -16.36 -24.81
N TRP A 198 10.44 -17.64 -24.63
CA TRP A 198 11.51 -18.62 -24.45
C TRP A 198 11.34 -19.83 -25.33
N GLU A 199 12.27 -20.76 -25.20
CA GLU A 199 12.31 -21.89 -26.11
C GLU A 199 13.00 -23.00 -25.40
N PHE A 200 12.51 -24.20 -25.65
CA PHE A 200 13.22 -25.42 -25.35
C PHE A 200 13.11 -26.36 -26.54
N GLN A 201 14.10 -27.23 -26.68
CA GLN A 201 14.12 -28.20 -27.76
C GLN A 201 14.00 -29.62 -27.21
N VAL A 202 13.06 -30.40 -27.76
CA VAL A 202 13.02 -31.83 -27.48
C VAL A 202 13.79 -32.53 -28.59
N GLY A 203 15.04 -32.86 -28.21
CA GLY A 203 16.18 -33.32 -29.05
C GLY A 203 15.85 -34.55 -29.85
N PRO A 204 16.87 -35.15 -30.50
CA PRO A 204 16.46 -36.09 -31.58
C PRO A 204 15.72 -37.34 -31.02
N SER A 205 14.40 -37.39 -31.26
CA SER A 205 13.55 -38.44 -30.77
C SER A 205 12.82 -39.11 -31.94
N VAL A 206 12.70 -40.43 -31.82
CA VAL A 206 12.24 -41.29 -32.93
C VAL A 206 10.72 -41.37 -32.96
N GLY A 207 10.16 -41.05 -34.12
CA GLY A 207 8.74 -41.31 -34.36
C GLY A 207 7.72 -40.97 -33.26
N ILE A 208 6.98 -41.97 -32.79
CA ILE A 208 5.89 -41.66 -31.91
C ILE A 208 6.38 -41.01 -30.63
N SER A 209 7.52 -41.41 -30.08
CA SER A 209 7.98 -40.87 -28.79
C SER A 209 8.29 -39.37 -28.82
N SER A 210 8.52 -38.79 -29.99
CA SER A 210 8.70 -37.35 -30.09
C SER A 210 7.42 -36.70 -29.64
N GLY A 211 6.31 -36.98 -30.31
CA GLY A 211 5.00 -36.50 -29.86
C GLY A 211 4.73 -36.67 -28.35
N ASP A 212 4.99 -37.86 -27.82
CA ASP A 212 4.78 -38.13 -26.41
C ASP A 212 5.59 -37.19 -25.54
N GLN A 213 6.88 -37.02 -25.87
CA GLN A 213 7.79 -36.16 -25.06
C GLN A 213 7.48 -34.69 -25.14
N VAL A 214 7.12 -34.19 -26.31
CA VAL A 214 6.71 -32.83 -26.38
C VAL A 214 5.49 -32.57 -25.51
N TRP A 215 4.45 -33.40 -25.61
CA TRP A 215 3.29 -33.17 -24.74
C TRP A 215 3.67 -33.17 -23.27
N VAL A 216 4.41 -34.18 -22.82
CA VAL A 216 4.79 -34.24 -21.41
C VAL A 216 5.67 -33.06 -20.99
N ALA A 217 6.56 -32.63 -21.88
CA ALA A 217 7.34 -31.44 -21.64
C ALA A 217 6.41 -30.22 -21.44
N ARG A 218 5.40 -30.07 -22.28
CA ARG A 218 4.49 -28.97 -22.13
C ARG A 218 3.76 -29.08 -20.79
N TYR A 219 3.41 -30.30 -20.40
CA TYR A 219 2.72 -30.50 -19.16
C TYR A 219 3.60 -30.02 -18.06
N ILE A 220 4.85 -30.44 -18.06
CA ILE A 220 5.80 -29.95 -17.04
C ILE A 220 5.95 -28.41 -17.03
N LEU A 221 6.02 -27.80 -18.20
CA LEU A 221 6.13 -26.37 -18.27
C LEU A 221 4.98 -25.69 -17.59
N GLU A 222 3.77 -26.05 -17.98
CA GLU A 222 2.64 -25.36 -17.44
C GLU A 222 2.48 -25.61 -15.96
N ARG A 223 2.86 -26.79 -15.47
CA ARG A 223 2.79 -27.02 -14.02
C ARG A 223 3.77 -26.14 -13.28
N ILE A 224 4.94 -25.90 -13.91
CA ILE A 224 5.92 -25.05 -13.30
C ILE A 224 5.42 -23.60 -13.26
N THR A 225 4.99 -23.08 -14.41
CA THR A 225 4.42 -21.75 -14.43
C THR A 225 3.29 -21.60 -13.40
N GLU A 226 2.44 -22.61 -13.29
CA GLU A 226 1.43 -22.63 -12.24
C GLU A 226 2.07 -22.33 -10.88
N ILE A 227 3.17 -23.01 -10.57
CA ILE A 227 3.80 -22.80 -9.30
C ILE A 227 4.16 -21.34 -9.17
N ALA A 228 4.69 -20.81 -10.26
CA ALA A 228 5.25 -19.46 -10.27
C ALA A 228 4.21 -18.39 -10.20
N GLY A 229 2.97 -18.75 -10.41
CA GLY A 229 1.93 -17.75 -10.47
C GLY A 229 2.01 -16.96 -11.79
N VAL A 230 2.38 -17.66 -12.85
CA VAL A 230 2.46 -17.06 -14.15
C VAL A 230 1.72 -17.91 -15.20
N VAL A 231 1.30 -17.28 -16.28
CA VAL A 231 0.54 -17.97 -17.32
C VAL A 231 1.36 -18.14 -18.56
N VAL A 232 1.25 -19.30 -19.23
CA VAL A 232 1.83 -19.57 -20.61
C VAL A 232 0.81 -19.53 -21.76
N THR A 233 1.17 -18.94 -22.90
CA THR A 233 0.40 -19.16 -24.11
C THR A 233 1.26 -19.75 -25.18
N PHE A 234 0.64 -20.64 -25.93
CA PHE A 234 1.26 -21.17 -27.09
C PHE A 234 0.66 -20.51 -28.29
N ASP A 235 -0.10 -19.46 -28.07
CA ASP A 235 -0.60 -18.71 -29.19
C ASP A 235 0.59 -18.22 -30.03
N PRO A 236 0.52 -18.45 -31.36
CA PRO A 236 1.63 -18.19 -32.28
C PRO A 236 1.94 -16.75 -32.43
N LYS A 237 1.00 -15.84 -32.13
CA LYS A 237 1.26 -14.37 -32.19
C LYS A 237 0.51 -13.62 -31.13
N PRO A 238 1.08 -13.61 -29.92
CA PRO A 238 0.36 -13.14 -28.75
C PRO A 238 0.22 -11.64 -28.75
N ILE A 239 1.20 -10.94 -29.29
CA ILE A 239 1.10 -9.53 -29.28
C ILE A 239 1.20 -9.13 -30.70
N PRO A 240 0.23 -8.29 -31.16
CA PRO A 240 0.23 -7.72 -32.51
C PRO A 240 1.32 -6.65 -32.70
N GLY A 241 1.82 -6.54 -33.93
CA GLY A 241 2.77 -5.48 -34.29
C GLY A 241 4.21 -5.94 -34.37
N ASP A 242 5.14 -5.05 -34.03
CA ASP A 242 6.58 -5.28 -34.22
C ASP A 242 7.23 -6.12 -33.10
N TRP A 243 6.74 -7.35 -33.00
CA TRP A 243 7.10 -8.34 -31.94
C TRP A 243 7.03 -9.76 -32.50
N ASN A 244 8.06 -10.56 -32.30
CA ASN A 244 8.06 -11.94 -32.79
C ASN A 244 6.86 -12.81 -32.41
N GLY A 245 6.51 -13.68 -33.36
CA GLY A 245 5.50 -14.73 -33.10
C GLY A 245 6.23 -15.91 -32.54
N ALA A 246 5.50 -16.99 -32.33
CA ALA A 246 6.09 -18.16 -31.72
C ALA A 246 5.72 -19.36 -32.52
N GLY A 247 6.74 -20.16 -32.80
CA GLY A 247 6.56 -21.37 -33.56
C GLY A 247 7.14 -22.60 -32.91
N ALA A 248 6.89 -23.70 -33.60
CA ALA A 248 7.30 -25.02 -33.20
C ALA A 248 8.10 -25.63 -34.32
N HIS A 249 9.27 -25.07 -34.62
CA HIS A 249 10.06 -25.59 -35.70
C HIS A 249 10.27 -27.11 -35.55
N THR A 250 10.03 -27.83 -36.64
CA THR A 250 10.33 -29.24 -36.65
C THR A 250 11.55 -29.57 -37.49
N ASN A 251 12.57 -30.08 -36.81
CA ASN A 251 13.73 -30.59 -37.48
C ASN A 251 13.50 -32.06 -37.68
N TYR A 252 14.01 -32.55 -38.81
CA TYR A 252 13.67 -33.86 -39.34
C TYR A 252 14.81 -34.49 -40.05
N SER A 253 14.95 -35.78 -39.87
CA SER A 253 15.87 -36.58 -40.69
C SER A 253 15.43 -38.05 -40.74
N THR A 254 15.74 -38.70 -41.86
CA THR A 254 15.55 -40.14 -42.01
C THR A 254 16.91 -40.82 -42.05
N GLU A 255 16.91 -42.12 -41.78
CA GLU A 255 18.10 -42.93 -41.90
C GLU A 255 18.91 -42.49 -43.16
N SER A 256 18.24 -42.53 -44.31
CA SER A 256 18.90 -42.24 -45.58
C SER A 256 19.37 -40.75 -45.68
N MET A 257 18.79 -39.88 -44.87
CA MET A 257 19.20 -38.50 -44.91
C MET A 257 20.51 -38.24 -44.19
N ARG A 258 20.78 -39.00 -43.13
CA ARG A 258 21.99 -38.79 -42.29
C ARG A 258 23.21 -39.65 -42.67
N LYS A 259 23.03 -40.47 -43.71
CA LYS A 259 24.08 -41.31 -44.29
C LYS A 259 24.68 -40.62 -45.54
N GLU A 260 25.74 -41.20 -46.10
CA GLU A 260 26.41 -40.59 -47.24
C GLU A 260 25.50 -40.13 -48.36
N GLY A 261 25.75 -38.90 -48.85
CA GLY A 261 24.91 -38.22 -49.87
C GLY A 261 23.40 -38.15 -49.54
N GLY A 262 23.09 -37.90 -48.26
CA GLY A 262 21.72 -37.73 -47.81
C GLY A 262 21.14 -36.41 -48.28
N TYR A 263 22.00 -35.43 -48.56
CA TYR A 263 21.58 -34.10 -48.98
C TYR A 263 20.68 -34.16 -50.19
N GLU A 264 20.95 -35.12 -51.08
CA GLU A 264 20.07 -35.34 -52.24
C GLU A 264 18.67 -35.75 -51.81
N VAL A 265 18.59 -36.65 -50.83
CA VAL A 265 17.31 -37.16 -50.29
C VAL A 265 16.54 -35.98 -49.63
N ILE A 266 17.31 -35.10 -48.99
CA ILE A 266 16.80 -33.90 -48.35
C ILE A 266 16.13 -33.01 -49.38
N LYS A 267 16.84 -32.67 -50.44
CA LYS A 267 16.26 -31.85 -51.49
C LYS A 267 14.97 -32.46 -52.01
N ALA A 268 14.97 -33.77 -52.17
CA ALA A 268 13.80 -34.46 -52.76
C ALA A 268 12.62 -34.40 -51.82
N ALA A 269 12.91 -34.49 -50.52
CA ALA A 269 11.89 -34.43 -49.51
C ALA A 269 11.28 -33.03 -49.50
N ILE A 270 12.15 -32.03 -49.52
CA ILE A 270 11.71 -30.63 -49.56
C ILE A 270 10.76 -30.43 -50.71
N GLU A 271 11.14 -30.95 -51.86
CA GLU A 271 10.36 -30.88 -53.07
C GLU A 271 8.95 -31.40 -52.86
N LYS A 272 8.83 -32.57 -52.21
CA LYS A 272 7.52 -33.19 -51.94
C LYS A 272 6.71 -32.29 -51.00
N LEU A 273 7.41 -31.67 -50.05
CA LEU A 273 6.79 -30.76 -49.10
C LEU A 273 6.23 -29.53 -49.76
N LYS A 274 6.93 -29.04 -50.79
CA LYS A 274 6.48 -27.90 -51.59
C LYS A 274 5.12 -28.15 -52.19
N LEU A 275 4.90 -29.40 -52.56
CA LEU A 275 3.69 -29.75 -53.29
C LEU A 275 2.52 -29.89 -52.35
N ARG A 276 2.83 -30.21 -51.10
CA ARG A 276 1.77 -30.40 -50.11
C ARG A 276 1.75 -29.31 -49.02
N HIS A 277 2.30 -28.15 -49.38
CA HIS A 277 2.29 -27.00 -48.50
C HIS A 277 0.87 -26.71 -48.06
N LYS A 278 -0.02 -26.46 -49.02
CA LYS A 278 -1.41 -26.09 -48.73
C LYS A 278 -2.06 -26.90 -47.60
N GLU A 279 -1.90 -28.22 -47.64
CA GLU A 279 -2.55 -29.16 -46.74
C GLU A 279 -1.77 -29.34 -45.46
N HIS A 280 -0.47 -29.05 -45.51
CA HIS A 280 0.30 -28.97 -44.29
C HIS A 280 -0.11 -27.75 -43.45
N ILE A 281 -0.15 -26.57 -44.08
CA ILE A 281 -0.58 -25.36 -43.41
C ILE A 281 -1.87 -25.58 -42.60
N ALA A 282 -2.83 -26.27 -43.21
CA ALA A 282 -4.17 -26.50 -42.61
C ALA A 282 -4.14 -27.26 -41.27
N ALA A 283 -3.08 -28.03 -41.06
CA ALA A 283 -2.95 -28.80 -39.84
C ALA A 283 -1.78 -28.33 -38.98
N TYR A 284 -1.17 -27.22 -39.37
CA TYR A 284 -0.01 -26.71 -38.69
C TYR A 284 -0.33 -25.73 -37.56
N GLY A 285 -1.54 -25.85 -37.04
CA GLY A 285 -1.97 -25.08 -35.90
C GLY A 285 -2.73 -23.82 -36.29
N GLU A 286 -3.74 -23.47 -35.46
CA GLU A 286 -4.63 -22.34 -35.78
C GLU A 286 -4.14 -20.99 -35.29
N GLY A 287 -4.47 -19.98 -36.05
CA GLY A 287 -3.98 -18.66 -35.79
C GLY A 287 -2.71 -18.39 -36.60
N ASN A 288 -2.22 -19.42 -37.32
CA ASN A 288 -0.92 -19.27 -37.98
C ASN A 288 -0.84 -18.09 -38.94
N GLU A 289 -1.98 -17.72 -39.50
CA GLU A 289 -2.07 -16.62 -40.43
C GLU A 289 -1.52 -15.36 -39.81
N ARG A 290 -1.64 -15.23 -38.49
CA ARG A 290 -1.25 -14.01 -37.77
C ARG A 290 0.25 -13.98 -37.56
N ARG A 291 0.90 -15.17 -37.59
CA ARG A 291 2.36 -15.30 -37.42
C ARG A 291 3.14 -15.20 -38.69
N LEU A 292 2.82 -16.10 -39.63
CA LEU A 292 3.54 -16.24 -40.91
C LEU A 292 3.22 -15.09 -41.88
N THR A 293 4.06 -14.08 -41.82
CA THR A 293 3.81 -12.85 -42.55
C THR A 293 4.93 -12.54 -43.53
N GLY A 294 6.06 -13.22 -43.38
CA GLY A 294 7.23 -12.92 -44.18
C GLY A 294 8.22 -12.02 -43.45
N ARG A 295 7.72 -11.33 -42.41
CA ARG A 295 8.56 -10.56 -41.45
C ARG A 295 8.77 -11.31 -40.15
N HIS A 296 9.71 -10.83 -39.33
CA HIS A 296 9.96 -11.44 -38.00
C HIS A 296 10.35 -12.93 -38.13
N GLU A 297 11.23 -13.23 -39.11
CA GLU A 297 11.84 -14.58 -39.25
C GLU A 297 10.84 -15.71 -39.60
N THR A 298 9.84 -15.34 -40.37
CA THR A 298 8.89 -16.31 -40.91
C THR A 298 8.87 -16.22 -42.47
N ALA A 299 8.26 -17.21 -43.13
CA ALA A 299 7.95 -17.02 -44.53
C ALA A 299 6.46 -16.84 -44.64
N ASP A 300 6.03 -16.05 -45.64
CA ASP A 300 4.59 -15.83 -45.92
C ASP A 300 3.82 -17.17 -46.06
N ILE A 301 2.61 -17.24 -45.47
CA ILE A 301 1.80 -18.47 -45.46
C ILE A 301 1.55 -18.96 -46.89
N ASN A 302 1.38 -18.01 -47.79
CA ASN A 302 0.97 -18.30 -49.17
C ASN A 302 2.09 -18.83 -50.09
N THR A 303 3.31 -18.39 -49.91
CA THR A 303 4.42 -18.93 -50.67
C THR A 303 5.05 -20.09 -49.90
N PHE A 304 5.75 -20.95 -50.60
CA PHE A 304 6.65 -21.91 -49.97
C PHE A 304 8.04 -21.57 -50.44
N SER A 305 9.02 -21.58 -49.55
CA SER A 305 10.41 -21.36 -49.98
C SER A 305 11.39 -22.13 -49.14
N TRP A 306 12.58 -22.35 -49.69
CA TRP A 306 13.64 -22.91 -48.87
C TRP A 306 15.00 -22.28 -49.28
N GLY A 307 16.00 -22.43 -48.40
CA GLY A 307 17.33 -21.86 -48.58
C GLY A 307 18.28 -22.40 -47.52
N VAL A 308 19.53 -21.92 -47.56
CA VAL A 308 20.50 -22.52 -46.68
C VAL A 308 20.52 -21.96 -45.25
N ALA A 309 21.05 -20.78 -45.01
CA ALA A 309 21.02 -20.29 -43.65
C ALA A 309 19.88 -19.29 -43.50
N ASN A 310 18.82 -19.53 -44.25
CA ASN A 310 17.77 -18.53 -44.43
C ASN A 310 16.60 -18.63 -43.44
N ARG A 311 16.61 -17.79 -42.41
CA ARG A 311 15.52 -17.74 -41.46
C ARG A 311 14.26 -17.05 -42.00
N GLY A 312 14.36 -16.45 -43.18
CA GLY A 312 13.18 -15.96 -43.90
C GLY A 312 12.42 -16.96 -44.79
N ALA A 313 12.88 -18.23 -44.81
CA ALA A 313 12.32 -19.27 -45.69
C ALA A 313 11.43 -20.26 -44.95
N SER A 314 10.65 -21.06 -45.72
CA SER A 314 9.67 -22.01 -45.14
C SER A 314 10.39 -23.22 -44.57
N VAL A 315 11.47 -23.63 -45.24
CA VAL A 315 12.35 -24.65 -44.71
C VAL A 315 13.75 -24.13 -44.77
N ARG A 316 14.56 -24.54 -43.80
CA ARG A 316 15.96 -24.11 -43.72
C ARG A 316 16.84 -25.31 -43.55
N VAL A 317 17.97 -25.29 -44.24
CA VAL A 317 18.94 -26.35 -44.12
C VAL A 317 20.22 -25.81 -43.53
N GLY A 318 20.64 -26.34 -42.37
CA GLY A 318 21.88 -25.90 -41.71
C GLY A 318 23.13 -25.82 -42.60
N ARG A 319 23.97 -24.80 -42.36
CA ARG A 319 25.28 -24.72 -42.98
C ARG A 319 26.03 -26.03 -42.79
N GLU A 320 26.03 -26.54 -41.56
CA GLU A 320 26.69 -27.80 -41.20
C GLU A 320 26.28 -29.02 -42.05
N THR A 321 24.99 -29.26 -42.20
CA THR A 321 24.50 -30.36 -43.03
C THR A 321 24.70 -30.11 -44.53
N GLU A 322 24.80 -28.85 -44.96
CA GLU A 322 25.13 -28.57 -46.36
C GLU A 322 26.57 -28.96 -46.66
N GLN A 323 27.44 -28.50 -45.77
CA GLN A 323 28.85 -28.68 -45.94
C GLN A 323 29.26 -30.15 -45.78
N ASN A 324 28.41 -30.94 -45.11
CA ASN A 324 28.70 -32.37 -44.89
C ASN A 324 27.99 -33.30 -45.87
N GLY A 325 27.19 -32.72 -46.79
CA GLY A 325 26.31 -33.47 -47.71
C GLY A 325 25.30 -34.41 -47.06
N LYS A 326 25.16 -34.31 -45.74
CA LYS A 326 24.27 -35.12 -44.91
C LYS A 326 23.83 -34.43 -43.58
N GLY A 327 22.54 -34.49 -43.28
CA GLY A 327 22.02 -34.09 -41.98
C GLY A 327 20.51 -34.08 -41.88
N TYR A 328 19.96 -32.89 -41.67
CA TYR A 328 18.56 -32.71 -41.38
C TYR A 328 18.16 -31.32 -41.82
N PHE A 329 16.87 -31.14 -42.04
CA PHE A 329 16.32 -29.83 -42.36
C PHE A 329 15.24 -29.41 -41.35
N GLU A 330 14.95 -28.11 -41.33
CA GLU A 330 14.08 -27.51 -40.32
C GLU A 330 12.83 -27.01 -41.03
N ASP A 331 11.68 -27.60 -40.71
CA ASP A 331 10.43 -27.05 -41.24
C ASP A 331 10.00 -25.96 -40.29
N ARG A 332 10.08 -24.70 -40.72
CA ARG A 332 9.77 -23.58 -39.84
C ARG A 332 8.31 -23.17 -39.85
N ARG A 333 7.45 -23.97 -40.49
CA ARG A 333 6.07 -23.59 -40.71
C ARG A 333 5.12 -23.81 -39.54
N PRO A 334 5.36 -24.85 -38.72
CA PRO A 334 4.37 -25.14 -37.69
C PRO A 334 4.30 -24.09 -36.59
N ALA A 335 3.11 -23.74 -36.13
CA ALA A 335 2.98 -22.81 -35.01
C ALA A 335 3.27 -23.46 -33.65
N SER A 336 3.51 -22.62 -32.66
CA SER A 336 3.77 -23.07 -31.32
C SER A 336 2.66 -23.90 -30.71
N ASN A 337 1.43 -23.77 -31.22
CA ASN A 337 0.23 -24.54 -30.72
C ASN A 337 -0.13 -25.78 -31.53
N MET A 338 0.83 -26.14 -32.39
CA MET A 338 0.83 -27.34 -33.17
C MET A 338 0.64 -28.57 -32.28
N ASP A 339 -0.13 -29.55 -32.77
CA ASP A 339 -0.14 -30.84 -32.11
C ASP A 339 1.00 -31.62 -32.71
N PRO A 340 2.03 -31.96 -31.92
CA PRO A 340 3.17 -32.63 -32.48
C PRO A 340 2.82 -33.99 -33.10
N TYR A 341 1.85 -34.71 -32.52
CA TYR A 341 1.41 -35.98 -33.14
C TYR A 341 1.07 -35.76 -34.61
N VAL A 342 0.23 -34.77 -34.89
CA VAL A 342 -0.20 -34.44 -36.23
C VAL A 342 0.97 -34.01 -37.14
N VAL A 343 1.78 -33.05 -36.70
CA VAL A 343 2.84 -32.50 -37.56
C VAL A 343 3.90 -33.54 -37.77
N THR A 344 4.20 -34.30 -36.73
CA THR A 344 5.33 -35.19 -36.78
C THR A 344 5.12 -36.35 -37.74
N SER A 345 3.93 -36.93 -37.76
CA SER A 345 3.61 -38.03 -38.65
C SER A 345 3.29 -37.54 -40.04
N MET A 346 2.52 -36.47 -40.15
CA MET A 346 2.24 -35.89 -41.44
C MET A 346 3.53 -35.61 -42.25
N ILE A 347 4.59 -35.19 -41.59
CA ILE A 347 5.88 -35.00 -42.28
C ILE A 347 6.43 -36.35 -42.78
N ALA A 348 6.39 -37.39 -41.95
CA ALA A 348 6.85 -38.71 -42.39
C ALA A 348 6.02 -39.19 -43.57
N GLU A 349 4.71 -38.98 -43.51
CA GLU A 349 3.81 -39.45 -44.55
C GLU A 349 4.07 -38.76 -45.86
N THR A 350 4.17 -37.43 -45.86
CA THR A 350 4.42 -36.69 -47.09
C THR A 350 5.82 -36.91 -47.60
N THR A 351 6.65 -37.49 -46.78
CA THR A 351 8.07 -37.58 -47.09
C THR A 351 8.54 -38.98 -47.48
N ILE A 352 7.86 -39.99 -46.95
CA ILE A 352 8.16 -41.38 -47.28
C ILE A 352 7.04 -42.04 -48.13
N VAL A 353 5.87 -42.26 -47.53
CA VAL A 353 4.75 -42.98 -48.16
C VAL A 353 4.29 -42.41 -49.52
N TRP A 354 3.88 -41.14 -49.54
CA TRP A 354 3.25 -40.49 -50.69
C TRP A 354 4.26 -40.27 -51.84
N LYS A 355 3.77 -40.36 -53.10
CA LYS A 355 4.55 -40.14 -54.35
C LYS A 355 3.91 -39.31 -55.48
N CYS B 3 8.83 -26.28 -3.89
CA CYS B 3 8.56 -25.33 -5.05
C CYS B 3 9.75 -25.02 -6.01
N LEU B 4 10.12 -23.74 -6.21
CA LEU B 4 10.89 -23.39 -7.42
C LEU B 4 12.37 -23.63 -7.32
N THR B 5 12.91 -23.38 -6.15
CA THR B 5 14.31 -23.62 -5.98
C THR B 5 14.65 -25.11 -5.78
N ASP B 6 13.66 -25.93 -5.47
CA ASP B 6 13.89 -27.39 -5.42
C ASP B 6 14.19 -27.96 -6.79
N LEU B 7 13.52 -27.39 -7.80
CA LEU B 7 13.70 -27.78 -9.20
C LEU B 7 14.99 -27.21 -9.81
N VAL B 8 15.26 -25.93 -9.58
CA VAL B 8 16.47 -25.33 -10.12
C VAL B 8 17.73 -25.97 -9.54
N ASN B 9 17.62 -26.52 -8.33
CA ASN B 9 18.76 -27.12 -7.68
C ASN B 9 18.79 -28.63 -7.68
N LEU B 10 17.93 -29.25 -8.47
CA LEU B 10 17.97 -30.70 -8.67
C LEU B 10 19.37 -31.20 -8.97
N ASN B 11 19.80 -32.24 -8.25
CA ASN B 11 21.07 -32.88 -8.56
C ASN B 11 20.84 -33.91 -9.69
N LEU B 12 21.44 -33.66 -10.85
CA LEU B 12 21.21 -34.52 -11.99
C LEU B 12 22.02 -35.85 -11.93
N SER B 13 23.23 -35.77 -11.33
CA SER B 13 24.16 -36.91 -11.11
C SER B 13 23.50 -38.22 -10.68
N ASP B 14 22.40 -38.10 -9.92
CA ASP B 14 21.63 -39.24 -9.38
C ASP B 14 20.79 -39.96 -10.45
N THR B 15 20.74 -39.39 -11.65
CA THR B 15 19.78 -39.85 -12.63
C THR B 15 20.33 -40.01 -14.04
N THR B 16 21.24 -39.12 -14.47
CA THR B 16 22.04 -39.35 -15.70
C THR B 16 23.47 -38.86 -15.65
N GLU B 17 24.18 -39.31 -16.67
CA GLU B 17 25.52 -38.91 -16.94
C GLU B 17 25.51 -37.59 -17.72
N LYS B 18 24.35 -37.22 -18.27
CA LYS B 18 24.24 -36.05 -19.17
C LYS B 18 24.63 -34.73 -18.52
N ILE B 19 25.05 -33.78 -19.38
CA ILE B 19 25.68 -32.50 -18.98
C ILE B 19 25.00 -31.35 -19.62
N ILE B 20 24.98 -30.22 -18.93
CA ILE B 20 24.51 -28.98 -19.53
C ILE B 20 25.63 -27.96 -19.72
N ALA B 21 25.83 -27.59 -20.98
CA ALA B 21 26.83 -26.62 -21.35
C ALA B 21 26.16 -25.33 -21.86
N GLU B 22 26.62 -24.20 -21.30
CA GLU B 22 26.10 -22.87 -21.57
C GLU B 22 27.12 -22.17 -22.38
N TYR B 23 26.85 -22.01 -23.67
CA TYR B 23 27.80 -21.37 -24.57
C TYR B 23 27.62 -19.89 -24.48
N ILE B 24 28.69 -19.20 -24.15
CA ILE B 24 28.62 -17.78 -23.98
C ILE B 24 29.35 -17.13 -25.11
N TRP B 25 28.79 -16.06 -25.68
CA TRP B 25 29.55 -15.25 -26.68
C TRP B 25 29.33 -13.73 -26.58
N ILE B 26 30.05 -12.96 -27.40
CA ILE B 26 29.89 -11.54 -27.34
C ILE B 26 29.17 -10.99 -28.56
N GLY B 27 28.17 -10.14 -28.33
CA GLY B 27 27.20 -9.79 -29.37
C GLY B 27 27.58 -8.66 -30.27
N GLY B 28 26.65 -8.23 -31.10
CA GLY B 28 26.87 -7.20 -32.09
C GLY B 28 27.42 -5.84 -31.63
N SER B 29 27.15 -5.45 -30.39
CA SER B 29 27.65 -4.16 -29.94
C SER B 29 29.06 -4.25 -29.37
N GLY B 30 29.60 -5.46 -29.22
CA GLY B 30 30.95 -5.65 -28.62
C GLY B 30 30.98 -5.51 -27.11
N MET B 31 29.79 -5.29 -26.54
CA MET B 31 29.62 -5.08 -25.13
C MET B 31 28.48 -5.90 -24.51
N ASP B 32 27.78 -6.66 -25.33
CA ASP B 32 26.64 -7.45 -24.84
C ASP B 32 26.93 -8.96 -24.77
N LEU B 33 26.90 -9.55 -23.59
CA LEU B 33 27.09 -10.99 -23.54
C LEU B 33 25.81 -11.72 -23.89
N ARG B 34 25.94 -12.84 -24.61
CA ARG B 34 24.81 -13.70 -24.97
C ARG B 34 25.15 -15.14 -24.68
N SER B 35 24.14 -15.93 -24.32
CA SER B 35 24.34 -17.34 -24.05
C SER B 35 23.10 -18.17 -24.33
N LYS B 36 23.37 -19.41 -24.75
CA LYS B 36 22.36 -20.47 -24.77
C LYS B 36 22.95 -21.81 -24.30
N ALA B 37 22.07 -22.76 -23.97
CA ALA B 37 22.50 -24.03 -23.43
C ALA B 37 22.10 -25.25 -24.24
N ARG B 38 22.99 -26.25 -24.21
CA ARG B 38 22.72 -27.53 -24.82
C ARG B 38 23.11 -28.67 -23.89
N THR B 39 22.50 -29.83 -24.13
CA THR B 39 22.82 -31.05 -23.43
C THR B 39 23.92 -31.78 -24.16
N LEU B 40 24.87 -32.29 -23.38
CA LEU B 40 25.97 -33.10 -23.93
C LEU B 40 25.98 -34.47 -23.23
N PRO B 41 26.45 -35.52 -23.94
CA PRO B 41 26.21 -36.89 -23.44
C PRO B 41 27.00 -37.26 -22.18
N GLY B 42 28.16 -36.63 -21.94
CA GLY B 42 28.94 -36.94 -20.74
C GLY B 42 29.83 -35.78 -20.42
N PRO B 43 30.50 -35.83 -19.23
CA PRO B 43 31.40 -34.76 -18.76
C PRO B 43 32.46 -34.46 -19.80
N VAL B 44 32.90 -33.20 -19.91
CA VAL B 44 34.00 -32.88 -20.80
C VAL B 44 34.92 -31.93 -20.09
N THR B 45 36.24 -32.13 -20.22
CA THR B 45 37.26 -31.22 -19.56
C THR B 45 38.16 -30.47 -20.53
N ASP B 46 38.18 -30.93 -21.75
CA ASP B 46 38.99 -30.25 -22.74
C ASP B 46 38.16 -29.54 -23.83
N PRO B 47 38.37 -28.23 -24.00
CA PRO B 47 37.70 -27.37 -24.98
C PRO B 47 37.61 -27.96 -26.40
N SER B 48 38.67 -28.59 -26.85
CA SER B 48 38.67 -29.13 -28.22
C SER B 48 37.82 -30.38 -28.38
N LYS B 49 37.32 -30.90 -27.28
CA LYS B 49 36.46 -32.07 -27.34
C LYS B 49 34.96 -31.70 -27.34
N LEU B 50 34.68 -30.40 -27.30
CA LEU B 50 33.31 -29.86 -27.35
C LEU B 50 33.01 -29.59 -28.78
N PRO B 51 31.80 -29.93 -29.22
CA PRO B 51 31.39 -29.64 -30.59
C PRO B 51 31.24 -28.16 -30.76
N LYS B 52 31.49 -27.67 -31.98
CA LYS B 52 31.23 -26.28 -32.35
C LYS B 52 29.73 -26.12 -32.47
N TRP B 53 29.27 -24.89 -32.54
CA TRP B 53 27.85 -24.63 -32.56
C TRP B 53 27.60 -23.34 -33.34
N ASN B 54 26.34 -23.02 -33.52
CA ASN B 54 25.96 -21.78 -34.17
C ASN B 54 24.77 -21.11 -33.48
N TYR B 55 24.47 -19.87 -33.86
CA TYR B 55 23.30 -19.15 -33.33
C TYR B 55 22.80 -18.18 -34.37
N ASP B 56 21.68 -17.56 -34.09
CA ASP B 56 21.09 -16.65 -35.03
C ASP B 56 21.69 -15.28 -34.94
N GLY B 57 22.75 -15.07 -35.68
CA GLY B 57 23.40 -13.76 -35.76
C GLY B 57 22.48 -12.64 -36.20
N SER B 58 21.44 -12.97 -36.95
CA SER B 58 20.53 -11.93 -37.40
C SER B 58 19.85 -11.29 -36.18
N SER B 59 19.81 -12.00 -35.06
CA SER B 59 19.17 -11.47 -33.84
C SER B 59 20.12 -10.82 -32.80
N THR B 60 21.41 -10.74 -33.13
CA THR B 60 22.39 -10.13 -32.26
C THR B 60 23.14 -9.05 -33.02
N GLY B 61 22.62 -8.66 -34.18
CA GLY B 61 23.25 -7.67 -35.06
C GLY B 61 24.63 -8.01 -35.65
N GLN B 62 24.80 -9.26 -36.07
CA GLN B 62 26.10 -9.81 -36.54
C GLN B 62 26.02 -10.47 -37.95
N ALA B 63 24.79 -10.68 -38.43
CA ALA B 63 24.52 -11.36 -39.68
C ALA B 63 23.17 -10.91 -40.23
N PRO B 64 23.00 -11.03 -41.57
CA PRO B 64 21.70 -10.81 -42.20
C PRO B 64 20.72 -12.01 -42.04
N GLY B 65 19.42 -11.76 -42.23
CA GLY B 65 18.39 -12.78 -42.07
C GLY B 65 18.51 -13.96 -43.02
N GLU B 66 18.94 -13.67 -44.26
CA GLU B 66 19.03 -14.68 -45.32
C GLU B 66 20.32 -15.50 -45.22
N ASP B 67 21.30 -14.98 -44.50
CA ASP B 67 22.56 -15.69 -44.26
C ASP B 67 22.86 -15.62 -42.77
N SER B 68 21.93 -16.14 -41.99
CA SER B 68 21.90 -15.86 -40.56
C SER B 68 22.88 -16.63 -39.65
N GLU B 69 23.42 -17.75 -40.11
CA GLU B 69 24.22 -18.59 -39.23
C GLU B 69 25.61 -18.02 -38.92
N VAL B 70 25.97 -18.04 -37.63
CA VAL B 70 27.30 -17.64 -37.13
C VAL B 70 27.82 -18.72 -36.22
N ILE B 71 29.10 -18.97 -36.31
CA ILE B 71 29.66 -20.15 -35.69
C ILE B 71 30.39 -19.88 -34.38
N LEU B 72 30.23 -20.79 -33.41
CA LEU B 72 30.84 -20.67 -32.11
C LEU B 72 31.94 -21.66 -31.88
N TYR B 73 33.11 -21.17 -31.53
CA TYR B 73 34.24 -22.03 -31.26
C TYR B 73 34.44 -22.03 -29.78
N PRO B 74 34.30 -23.17 -29.16
CA PRO B 74 34.60 -23.28 -27.74
C PRO B 74 36.06 -22.94 -27.49
N GLN B 75 36.37 -22.11 -26.49
CA GLN B 75 37.76 -21.77 -26.20
C GLN B 75 38.18 -22.03 -24.76
N ALA B 76 37.27 -21.87 -23.81
CA ALA B 76 37.57 -22.11 -22.42
C ALA B 76 36.39 -22.68 -21.66
N ILE B 77 36.68 -23.61 -20.77
CA ILE B 77 35.65 -24.23 -19.97
C ILE B 77 35.79 -23.76 -18.53
N PHE B 78 34.65 -23.52 -17.87
CA PHE B 78 34.59 -23.27 -16.43
C PHE B 78 33.37 -23.94 -15.86
N LYS B 79 33.41 -24.25 -14.57
CA LYS B 79 32.28 -24.90 -13.94
C LYS B 79 31.15 -23.90 -13.82
N ASP B 80 29.90 -24.33 -14.07
CA ASP B 80 28.73 -23.46 -13.96
C ASP B 80 28.29 -23.39 -12.51
N PRO B 81 28.40 -22.21 -11.88
CA PRO B 81 28.15 -22.08 -10.49
C PRO B 81 26.65 -22.00 -10.27
N PHE B 82 25.89 -21.75 -11.32
CA PHE B 82 24.43 -21.76 -11.18
C PHE B 82 23.84 -23.18 -11.22
N ARG B 83 24.10 -23.90 -12.31
CA ARG B 83 23.55 -25.24 -12.46
C ARG B 83 24.32 -26.25 -11.59
N ARG B 84 25.55 -25.91 -11.19
CA ARG B 84 26.35 -26.77 -10.32
C ARG B 84 26.55 -28.20 -10.85
N GLY B 85 26.85 -29.15 -9.96
CA GLY B 85 27.28 -30.49 -10.40
C GLY B 85 28.37 -30.50 -11.52
N ASN B 86 28.11 -31.23 -12.60
CA ASN B 86 29.13 -31.29 -13.65
C ASN B 86 28.91 -30.34 -14.81
N ASN B 87 27.90 -29.49 -14.68
CA ASN B 87 27.56 -28.62 -15.79
C ASN B 87 28.57 -27.47 -15.92
N ILE B 88 28.66 -26.94 -17.14
CA ILE B 88 29.79 -26.09 -17.53
C ILE B 88 29.40 -24.82 -18.28
N LEU B 89 30.24 -23.79 -18.15
CA LEU B 89 30.19 -22.60 -18.97
C LEU B 89 31.29 -22.72 -20.00
N VAL B 90 31.02 -22.25 -21.20
CA VAL B 90 31.94 -22.38 -22.30
C VAL B 90 32.10 -21.05 -22.98
N MET B 91 33.29 -20.48 -22.88
CA MET B 91 33.53 -19.16 -23.43
C MET B 91 33.80 -19.32 -24.89
N CYS B 92 33.27 -18.41 -25.71
CA CYS B 92 33.34 -18.57 -27.15
C CYS B 92 33.85 -17.44 -28.04
N ASP B 93 34.05 -17.84 -29.30
CA ASP B 93 34.77 -17.11 -30.31
C ASP B 93 33.87 -17.12 -31.52
N CYS B 94 33.83 -16.05 -32.28
CA CYS B 94 32.86 -16.02 -33.38
C CYS B 94 33.34 -15.99 -34.85
N TYR B 95 32.76 -16.85 -35.69
CA TYR B 95 33.25 -17.01 -37.06
C TYR B 95 32.15 -17.13 -38.07
N THR B 96 32.44 -16.75 -39.32
CA THR B 96 31.54 -17.03 -40.46
C THR B 96 31.61 -18.52 -40.76
N PRO B 97 30.68 -19.01 -41.60
CA PRO B 97 30.73 -20.44 -41.86
C PRO B 97 31.98 -20.78 -42.67
N ALA B 98 32.52 -19.77 -43.35
CA ALA B 98 33.76 -19.88 -44.13
C ALA B 98 35.06 -19.88 -43.28
N GLY B 99 34.94 -19.83 -41.95
CA GLY B 99 36.10 -19.80 -41.02
C GLY B 99 36.80 -18.46 -40.87
N GLU B 100 36.10 -17.38 -41.25
CA GLU B 100 36.56 -16.00 -41.04
C GLU B 100 36.12 -15.52 -39.66
N PRO B 101 37.02 -14.86 -38.91
CA PRO B 101 36.54 -14.25 -37.67
C PRO B 101 35.71 -13.00 -37.98
N ILE B 102 34.54 -12.85 -37.34
CA ILE B 102 33.68 -11.70 -37.62
C ILE B 102 34.25 -10.45 -37.00
N PRO B 103 33.83 -9.28 -37.50
CA PRO B 103 34.43 -8.01 -37.08
C PRO B 103 34.43 -7.78 -35.55
N THR B 104 33.46 -8.37 -34.84
CA THR B 104 33.27 -8.16 -33.40
C THR B 104 34.01 -9.17 -32.49
N ASN B 105 34.65 -10.12 -33.16
CA ASN B 105 35.56 -11.06 -32.51
C ASN B 105 36.94 -10.41 -32.35
N LYS B 106 37.28 -10.06 -31.13
CA LYS B 106 38.57 -9.45 -30.90
C LYS B 106 39.50 -10.40 -30.22
N ARG B 107 39.03 -11.63 -30.01
CA ARG B 107 39.84 -12.68 -29.42
C ARG B 107 40.85 -13.19 -30.40
N TYR B 108 40.44 -13.33 -31.65
CA TYR B 108 41.31 -13.79 -32.71
C TYR B 108 42.58 -12.97 -32.84
N SER B 109 42.45 -11.65 -32.97
CA SER B 109 43.64 -10.80 -33.03
C SER B 109 44.55 -10.96 -31.83
N ALA B 110 43.93 -10.98 -30.67
CA ALA B 110 44.67 -11.05 -29.46
C ALA B 110 45.38 -12.37 -29.35
N ALA B 111 44.76 -13.43 -29.86
CA ALA B 111 45.35 -14.76 -29.77
C ALA B 111 46.64 -14.79 -30.55
N LYS B 112 46.60 -14.18 -31.74
CA LYS B 112 47.79 -14.07 -32.60
C LYS B 112 48.95 -13.38 -31.85
N ILE B 113 48.66 -12.26 -31.21
CA ILE B 113 49.70 -11.55 -30.50
C ILE B 113 50.27 -12.37 -29.35
N PHE B 114 49.43 -13.10 -28.64
CA PHE B 114 49.93 -13.92 -27.56
C PHE B 114 50.55 -15.26 -27.98
N SER B 115 50.36 -15.68 -29.23
CA SER B 115 51.03 -16.87 -29.80
C SER B 115 52.43 -16.53 -30.37
N SER B 116 52.53 -15.39 -31.07
CA SER B 116 53.77 -14.78 -31.54
C SER B 116 54.90 -14.92 -30.49
N PRO B 117 56.00 -15.63 -30.88
CA PRO B 117 56.93 -16.28 -29.92
C PRO B 117 57.74 -15.36 -29.03
N GLU B 118 57.99 -14.13 -29.45
CA GLU B 118 58.73 -13.14 -28.62
C GLU B 118 57.85 -12.54 -27.52
N VAL B 119 56.54 -12.64 -27.71
CA VAL B 119 55.60 -12.26 -26.67
C VAL B 119 55.49 -13.41 -25.72
N ALA B 120 55.15 -14.59 -26.23
CA ALA B 120 55.02 -15.83 -25.43
C ALA B 120 56.15 -16.08 -24.43
N ALA B 121 57.37 -15.80 -24.87
CA ALA B 121 58.60 -15.98 -24.10
C ALA B 121 58.70 -15.00 -22.94
N GLU B 122 58.11 -13.82 -23.14
CA GLU B 122 58.07 -12.78 -22.10
C GLU B 122 56.99 -13.08 -21.07
N GLU B 123 56.06 -13.94 -21.48
CA GLU B 123 55.03 -14.52 -20.62
C GLU B 123 54.32 -13.43 -19.80
N PRO B 124 53.50 -12.61 -20.47
CA PRO B 124 52.97 -11.48 -19.79
C PRO B 124 51.87 -11.88 -18.82
N TRP B 125 51.72 -11.06 -17.81
CA TRP B 125 50.81 -11.28 -16.75
C TRP B 125 49.89 -10.11 -16.63
N TYR B 126 48.61 -10.39 -16.50
CA TYR B 126 47.68 -9.33 -16.28
C TYR B 126 46.79 -9.59 -15.08
N GLY B 127 46.69 -8.55 -14.25
CA GLY B 127 45.64 -8.45 -13.23
C GLY B 127 44.73 -7.27 -13.58
N ILE B 128 43.44 -7.55 -13.84
CA ILE B 128 42.57 -6.47 -14.22
C ILE B 128 41.50 -6.20 -13.12
N GLU B 129 41.26 -4.92 -12.86
CA GLU B 129 40.42 -4.48 -11.78
C GLU B 129 39.13 -4.00 -12.38
N GLN B 130 38.10 -4.85 -12.31
CA GLN B 130 36.82 -4.50 -12.87
C GLN B 130 35.97 -3.75 -11.85
N GLU B 131 35.71 -2.46 -12.10
CA GLU B 131 34.80 -1.70 -11.29
C GLU B 131 33.50 -1.67 -12.04
N TYR B 132 32.38 -1.63 -11.33
CA TYR B 132 31.04 -1.54 -11.92
C TYR B 132 30.11 -0.85 -10.95
N THR B 133 28.90 -0.55 -11.39
CA THR B 133 27.94 0.15 -10.56
C THR B 133 26.60 -0.58 -10.53
N LEU B 134 25.93 -0.62 -9.40
CA LEU B 134 24.68 -1.34 -9.31
C LEU B 134 23.52 -0.37 -9.38
N LEU B 135 22.48 -0.71 -10.10
CA LEU B 135 21.39 0.20 -10.33
C LEU B 135 20.05 -0.45 -10.12
N GLN B 136 19.09 0.32 -9.62
CA GLN B 136 17.73 -0.14 -9.40
C GLN B 136 17.05 -0.31 -10.71
N LYS B 137 16.42 -1.46 -10.88
CA LYS B 137 15.75 -1.81 -12.13
C LYS B 137 14.74 -0.73 -12.47
N ASP B 138 14.58 -0.41 -13.76
CA ASP B 138 13.49 0.53 -14.18
C ASP B 138 13.73 2.05 -13.93
N THR B 139 14.19 2.44 -12.73
CA THR B 139 14.47 3.87 -12.46
C THR B 139 15.86 4.18 -12.95
N ASN B 140 16.72 3.18 -12.93
CA ASN B 140 18.10 3.29 -13.41
C ASN B 140 19.01 4.22 -12.59
N TRP B 141 18.67 4.30 -11.31
CA TRP B 141 19.32 5.12 -10.31
C TRP B 141 20.07 4.16 -9.44
N PRO B 142 21.26 4.54 -8.98
CA PRO B 142 22.18 3.66 -8.26
C PRO B 142 21.59 3.03 -6.99
N LEU B 143 21.85 1.75 -6.80
CA LEU B 143 21.36 0.98 -5.67
C LEU B 143 21.66 1.66 -4.35
N GLY B 144 20.65 1.84 -3.53
CA GLY B 144 20.88 2.46 -2.23
C GLY B 144 20.66 3.97 -2.19
N TRP B 145 20.61 4.56 -3.38
CA TRP B 145 20.31 5.98 -3.51
C TRP B 145 18.82 6.14 -3.45
N PRO B 146 18.34 7.18 -2.81
CA PRO B 146 16.92 7.44 -2.80
C PRO B 146 16.51 8.00 -4.13
N ILE B 147 15.26 7.77 -4.52
CA ILE B 147 14.89 8.11 -5.88
C ILE B 147 14.73 9.62 -5.97
N GLY B 148 15.39 10.18 -7.01
CA GLY B 148 15.42 11.63 -7.28
C GLY B 148 16.21 12.40 -6.24
N GLY B 149 17.26 11.76 -5.75
CA GLY B 149 18.08 12.32 -4.70
C GLY B 149 19.42 11.63 -4.59
N PHE B 150 20.21 11.99 -3.60
CA PHE B 150 21.52 11.46 -3.53
C PHE B 150 21.77 11.14 -2.13
N PRO B 151 22.68 10.22 -1.87
CA PRO B 151 23.15 9.88 -0.54
C PRO B 151 24.13 10.91 -0.06
N GLY B 152 24.65 10.73 1.14
CA GLY B 152 25.66 11.65 1.67
C GLY B 152 26.86 11.68 0.79
N PRO B 153 27.70 12.71 0.88
CA PRO B 153 28.83 12.85 -0.05
C PRO B 153 29.83 11.73 0.14
N GLN B 154 30.66 11.48 -0.88
CA GLN B 154 31.66 10.42 -0.89
C GLN B 154 32.57 10.53 0.28
N GLY B 155 33.11 9.39 0.71
CA GLY B 155 33.94 9.41 1.88
C GLY B 155 33.82 8.14 2.69
N PRO B 156 32.62 7.88 3.26
CA PRO B 156 32.53 6.69 4.10
C PRO B 156 32.27 5.40 3.36
N TYR B 157 32.14 5.45 2.02
CA TYR B 157 31.70 4.29 1.26
C TYR B 157 32.79 3.32 0.91
N TYR B 158 33.96 3.82 0.50
CA TYR B 158 35.14 2.99 0.12
C TYR B 158 35.50 1.94 1.15
N CYS B 159 35.43 0.67 0.79
CA CYS B 159 35.72 -0.44 1.73
C CYS B 159 34.94 -0.42 3.07
N GLY B 160 33.73 0.15 3.04
CA GLY B 160 32.94 0.37 4.25
C GLY B 160 32.11 -0.81 4.64
N ILE B 161 31.55 -0.71 5.84
CA ILE B 161 30.60 -1.68 6.31
C ILE B 161 29.48 -0.97 6.96
N GLY B 162 28.31 -1.62 6.91
CA GLY B 162 27.06 -1.16 7.55
C GLY B 162 25.95 -0.84 6.58
N ALA B 163 24.73 -0.85 7.04
CA ALA B 163 23.62 -0.68 6.12
C ALA B 163 23.50 0.65 5.41
N GLU B 164 23.96 1.72 6.01
CA GLU B 164 23.82 3.06 5.41
C GLU B 164 24.97 3.40 4.55
N LYS B 165 25.95 2.51 4.52
CA LYS B 165 27.19 2.72 3.74
C LYS B 165 27.36 1.73 2.55
N SER B 166 26.93 0.50 2.71
CA SER B 166 27.39 -0.53 1.85
C SER B 166 26.20 -1.22 1.18
N PHE B 167 26.07 -0.95 -0.12
CA PHE B 167 24.88 -1.46 -0.84
C PHE B 167 25.10 -2.68 -1.74
N GLY B 168 24.55 -3.83 -1.36
CA GLY B 168 24.58 -5.00 -2.27
C GLY B 168 25.70 -6.00 -2.10
N ARG B 169 26.25 -6.05 -0.89
CA ARG B 169 27.36 -6.95 -0.59
C ARG B 169 26.98 -8.36 -0.96
N ASP B 170 25.73 -8.67 -0.67
CA ASP B 170 25.05 -9.85 -1.19
C ASP B 170 25.55 -10.26 -2.52
N ILE B 171 25.38 -9.37 -3.47
CA ILE B 171 25.68 -9.69 -4.83
C ILE B 171 27.14 -9.94 -4.91
N VAL B 172 27.90 -9.05 -4.35
CA VAL B 172 29.33 -9.14 -4.47
C VAL B 172 29.91 -10.41 -3.92
N ASP B 173 29.62 -10.74 -2.67
CA ASP B 173 30.18 -11.97 -2.03
C ASP B 173 29.73 -13.22 -2.79
N ALA B 174 28.56 -13.17 -3.40
CA ALA B 174 28.03 -14.28 -4.15
C ALA B 174 28.94 -14.48 -5.32
N HIS B 175 29.16 -13.41 -6.03
CA HIS B 175 30.00 -13.46 -7.22
C HIS B 175 31.34 -13.99 -6.93
N TYR B 176 31.99 -13.44 -5.91
CA TYR B 176 33.28 -13.89 -5.51
C TYR B 176 33.35 -15.38 -5.41
N LYS B 177 32.41 -16.01 -4.69
CA LYS B 177 32.49 -17.51 -4.55
C LYS B 177 32.15 -18.17 -5.87
N ALA B 178 31.15 -17.65 -6.53
CA ALA B 178 30.77 -18.18 -7.82
C ALA B 178 32.01 -18.32 -8.69
N CYS B 179 32.71 -17.21 -8.85
CA CYS B 179 33.91 -17.15 -9.65
C CYS B 179 34.94 -18.17 -9.21
N LEU B 180 35.30 -18.17 -7.94
CA LEU B 180 36.22 -19.16 -7.45
C LEU B 180 35.81 -20.58 -7.84
N TYR B 181 34.53 -20.88 -7.63
CA TYR B 181 34.01 -22.22 -7.85
C TYR B 181 34.19 -22.58 -9.32
N ALA B 182 33.89 -21.60 -10.17
CA ALA B 182 33.90 -21.76 -11.60
C ALA B 182 35.31 -22.04 -12.11
N GLY B 183 36.31 -21.51 -11.39
CA GLY B 183 37.73 -21.63 -11.75
C GLY B 183 38.35 -20.36 -12.31
N ILE B 184 37.68 -19.23 -12.15
CA ILE B 184 38.22 -17.94 -12.51
C ILE B 184 39.26 -17.61 -11.47
N ASN B 185 40.42 -17.15 -11.92
CA ASN B 185 41.42 -16.66 -10.99
C ASN B 185 41.05 -15.25 -10.50
N ILE B 186 40.22 -15.22 -9.47
CA ILE B 186 39.75 -13.96 -8.95
C ILE B 186 40.55 -13.68 -7.70
N SER B 187 41.19 -12.51 -7.66
CA SER B 187 42.19 -12.25 -6.63
C SER B 187 41.62 -11.51 -5.42
N GLY B 188 40.50 -10.83 -5.61
CA GLY B 188 39.92 -10.11 -4.51
C GLY B 188 38.85 -9.15 -4.94
N ILE B 189 38.15 -8.62 -3.95
CA ILE B 189 37.05 -7.71 -4.16
C ILE B 189 37.19 -6.52 -3.18
N ASN B 190 36.40 -5.44 -3.39
CA ASN B 190 36.30 -4.31 -2.44
C ASN B 190 35.18 -3.37 -2.75
N GLY B 191 34.65 -2.73 -1.74
CA GLY B 191 33.65 -1.70 -1.96
C GLY B 191 34.34 -0.48 -2.50
N GLU B 192 33.82 0.17 -3.55
CA GLU B 192 34.49 1.35 -4.09
C GLU B 192 33.96 2.65 -3.59
N VAL B 193 34.47 3.75 -4.12
CA VAL B 193 34.27 5.09 -3.57
C VAL B 193 32.87 5.70 -3.62
N MET B 194 32.18 5.49 -4.74
CA MET B 194 30.80 5.95 -4.94
C MET B 194 29.84 4.92 -4.42
N PRO B 195 28.88 5.32 -3.60
CA PRO B 195 28.05 4.37 -2.93
C PRO B 195 27.36 3.60 -3.98
N GLY B 196 27.44 2.30 -3.87
CA GLY B 196 26.85 1.43 -4.88
C GLY B 196 27.76 0.93 -5.97
N GLN B 197 29.01 1.30 -5.89
CA GLN B 197 30.01 0.91 -6.86
C GLN B 197 30.98 -0.11 -6.22
N TRP B 198 31.27 -1.17 -6.95
CA TRP B 198 32.11 -2.25 -6.42
C TRP B 198 33.20 -2.64 -7.38
N GLU B 199 34.02 -3.59 -6.96
CA GLU B 199 35.19 -3.95 -7.73
C GLU B 199 35.51 -5.41 -7.42
N PHE B 200 35.96 -6.11 -8.46
CA PHE B 200 36.65 -7.37 -8.30
C PHE B 200 37.89 -7.34 -9.20
N GLN B 201 38.86 -8.14 -8.81
CA GLN B 201 40.08 -8.24 -9.59
C GLN B 201 40.24 -9.64 -10.13
N VAL B 202 40.54 -9.75 -11.44
CA VAL B 202 40.92 -11.04 -12.00
C VAL B 202 42.43 -11.09 -12.02
N GLY B 203 42.93 -11.84 -11.02
CA GLY B 203 44.34 -11.90 -10.52
C GLY B 203 45.31 -12.32 -11.58
N PRO B 204 46.60 -12.60 -11.21
CA PRO B 204 47.58 -12.59 -12.30
C PRO B 204 47.36 -13.74 -13.32
N SER B 205 46.86 -13.40 -14.53
CA SER B 205 46.50 -14.38 -15.55
C SER B 205 47.26 -14.08 -16.81
N VAL B 206 47.71 -15.15 -17.48
CA VAL B 206 48.68 -15.09 -18.61
C VAL B 206 47.96 -14.85 -19.93
N GLY B 207 48.38 -13.80 -20.62
CA GLY B 207 47.93 -13.58 -22.00
C GLY B 207 46.46 -13.75 -22.35
N ILE B 208 46.19 -14.68 -23.26
CA ILE B 208 44.85 -14.75 -23.75
C ILE B 208 43.85 -15.08 -22.65
N SER B 209 44.22 -15.94 -21.70
CA SER B 209 43.28 -16.36 -20.66
C SER B 209 42.79 -15.22 -19.73
N SER B 210 43.52 -14.13 -19.66
CA SER B 210 43.06 -12.98 -18.92
C SER B 210 41.77 -12.52 -19.53
N GLY B 211 41.80 -12.14 -20.80
CA GLY B 211 40.59 -11.77 -21.53
C GLY B 211 39.43 -12.74 -21.40
N ASP B 212 39.69 -14.04 -21.53
CA ASP B 212 38.67 -15.05 -21.36
C ASP B 212 38.04 -14.99 -19.97
N GLN B 213 38.87 -14.93 -18.94
CA GLN B 213 38.35 -14.91 -17.59
C GLN B 213 37.58 -13.64 -17.23
N VAL B 214 38.06 -12.48 -17.66
CA VAL B 214 37.31 -11.28 -17.41
C VAL B 214 35.91 -11.37 -18.01
N TRP B 215 35.80 -11.77 -19.27
CA TRP B 215 34.50 -11.87 -19.88
C TRP B 215 33.60 -12.81 -19.07
N VAL B 216 34.11 -14.01 -18.73
CA VAL B 216 33.28 -14.98 -18.01
C VAL B 216 32.89 -14.49 -16.63
N ALA B 217 33.80 -13.78 -15.98
CA ALA B 217 33.51 -13.13 -14.73
C ALA B 217 32.39 -12.13 -14.90
N ARG B 218 32.43 -11.33 -15.95
CA ARG B 218 31.33 -10.39 -16.20
C ARG B 218 30.02 -11.10 -16.44
N TYR B 219 30.08 -12.20 -17.17
CA TYR B 219 28.90 -13.00 -17.42
C TYR B 219 28.30 -13.45 -16.10
N ILE B 220 29.12 -14.02 -15.21
CA ILE B 220 28.64 -14.43 -13.90
C ILE B 220 28.07 -13.28 -13.11
N LEU B 221 28.70 -12.12 -13.16
CA LEU B 221 28.20 -10.94 -12.43
C LEU B 221 26.79 -10.59 -12.87
N GLU B 222 26.62 -10.43 -14.17
CA GLU B 222 25.34 -9.99 -14.64
C GLU B 222 24.28 -11.03 -14.37
N ARG B 223 24.62 -12.31 -14.43
CA ARG B 223 23.61 -13.36 -14.15
C ARG B 223 23.18 -13.27 -12.70
N ILE B 224 24.13 -12.92 -11.81
CA ILE B 224 23.83 -12.83 -10.40
C ILE B 224 22.92 -11.64 -10.20
N THR B 225 23.31 -10.48 -10.73
CA THR B 225 22.46 -9.29 -10.60
C THR B 225 21.07 -9.56 -11.12
N GLU B 226 20.97 -10.28 -12.25
CA GLU B 226 19.69 -10.72 -12.79
C GLU B 226 18.88 -11.43 -11.70
N ILE B 227 19.51 -12.35 -10.96
CA ILE B 227 18.80 -13.07 -9.92
C ILE B 227 18.25 -12.08 -8.93
N ALA B 228 19.09 -11.11 -8.59
CA ALA B 228 18.79 -10.17 -7.53
C ALA B 228 17.73 -9.18 -7.89
N GLY B 229 17.39 -9.10 -9.16
CA GLY B 229 16.47 -8.05 -9.64
C GLY B 229 17.13 -6.66 -9.64
N VAL B 230 18.44 -6.64 -9.97
CA VAL B 230 19.22 -5.43 -10.02
C VAL B 230 19.98 -5.33 -11.33
N VAL B 231 20.29 -4.11 -11.75
CA VAL B 231 20.95 -3.90 -13.05
C VAL B 231 22.37 -3.45 -12.84
N VAL B 232 23.33 -3.91 -13.67
CA VAL B 232 24.73 -3.42 -13.71
C VAL B 232 25.01 -2.52 -14.88
N THR B 233 25.78 -1.44 -14.70
CA THR B 233 26.41 -0.73 -15.85
C THR B 233 27.90 -0.75 -15.73
N PHE B 234 28.53 -0.89 -16.89
CA PHE B 234 29.94 -0.73 -16.99
C PHE B 234 30.26 0.65 -17.59
N ASP B 235 29.25 1.49 -17.67
CA ASP B 235 29.49 2.83 -18.10
C ASP B 235 30.46 3.46 -17.17
N PRO B 236 31.48 4.08 -17.74
CA PRO B 236 32.61 4.61 -17.00
C PRO B 236 32.26 5.81 -16.13
N LYS B 237 31.18 6.53 -16.44
CA LYS B 237 30.74 7.63 -15.57
C LYS B 237 29.23 7.73 -15.52
N PRO B 238 28.63 6.93 -14.65
CA PRO B 238 27.20 6.72 -14.69
C PRO B 238 26.47 7.88 -14.10
N ILE B 239 27.06 8.56 -13.13
CA ILE B 239 26.36 9.70 -12.59
C ILE B 239 27.27 10.84 -12.79
N PRO B 240 26.76 11.97 -13.37
CA PRO B 240 27.51 13.22 -13.56
C PRO B 240 27.74 13.96 -12.24
N GLY B 241 28.87 14.71 -12.18
CA GLY B 241 29.18 15.56 -11.01
C GLY B 241 30.19 14.95 -10.03
N ASP B 242 30.01 15.26 -8.74
CA ASP B 242 30.98 14.90 -7.69
C ASP B 242 30.83 13.45 -7.19
N TRP B 243 31.04 12.50 -8.11
CA TRP B 243 30.90 11.06 -7.90
C TRP B 243 31.84 10.30 -8.76
N ASN B 244 32.55 9.35 -8.22
CA ASN B 244 33.54 8.58 -9.00
C ASN B 244 33.07 7.92 -10.28
N GLY B 245 33.96 7.86 -11.25
CA GLY B 245 33.74 7.11 -12.43
C GLY B 245 34.23 5.70 -12.19
N ALA B 246 34.18 4.86 -13.22
CA ALA B 246 34.53 3.49 -13.05
C ALA B 246 35.44 3.10 -14.14
N GLY B 247 36.51 2.45 -13.74
CA GLY B 247 37.49 1.93 -14.68
C GLY B 247 37.87 0.48 -14.55
N ALA B 248 38.73 0.08 -15.46
CA ALA B 248 39.21 -1.24 -15.54
C ALA B 248 40.72 -1.22 -15.49
N HIS B 249 41.29 -0.87 -14.36
CA HIS B 249 42.75 -0.74 -14.29
C HIS B 249 43.42 -2.04 -14.74
N THR B 250 44.42 -1.93 -15.61
CA THR B 250 45.19 -3.09 -16.00
C THR B 250 46.56 -3.08 -15.41
N ASN B 251 46.80 -4.07 -14.57
CA ASN B 251 48.10 -4.27 -14.04
C ASN B 251 48.78 -5.24 -14.93
N TYR B 252 50.10 -5.06 -15.09
CA TYR B 252 50.90 -5.70 -16.13
C TYR B 252 52.28 -5.99 -15.66
N SER B 253 52.79 -7.15 -16.04
CA SER B 253 54.20 -7.46 -15.89
C SER B 253 54.66 -8.49 -16.93
N THR B 254 55.93 -8.39 -17.34
CA THR B 254 56.59 -9.39 -18.20
C THR B 254 57.61 -10.15 -17.39
N GLU B 255 57.99 -11.32 -17.90
CA GLU B 255 59.07 -12.11 -17.29
C GLU B 255 60.19 -11.19 -16.80
N SER B 256 60.72 -10.40 -17.73
CA SER B 256 61.85 -9.56 -17.42
C SER B 256 61.51 -8.43 -16.42
N MET B 257 60.25 -8.11 -16.25
CA MET B 257 59.89 -7.08 -15.31
C MET B 257 59.91 -7.57 -13.88
N ARG B 258 59.63 -8.84 -13.66
CA ARG B 258 59.51 -9.41 -12.28
C ARG B 258 60.77 -10.08 -11.75
N LYS B 259 61.79 -10.07 -12.60
CA LYS B 259 63.15 -10.58 -12.28
C LYS B 259 64.08 -9.42 -11.86
N GLU B 260 65.31 -9.73 -11.41
CA GLU B 260 66.23 -8.70 -10.95
C GLU B 260 66.37 -7.50 -11.87
N GLY B 261 66.30 -6.31 -11.26
CA GLY B 261 66.34 -5.03 -11.98
C GLY B 261 65.29 -4.88 -13.09
N GLY B 262 64.09 -5.36 -12.83
CA GLY B 262 62.99 -5.21 -13.77
C GLY B 262 62.46 -3.80 -13.83
N TYR B 263 62.67 -3.05 -12.76
CA TYR B 263 62.18 -1.69 -12.65
C TYR B 263 62.64 -0.83 -13.81
N GLU B 264 63.86 -1.09 -14.31
CA GLU B 264 64.35 -0.41 -15.51
C GLU B 264 63.51 -0.71 -16.73
N VAL B 265 63.14 -1.99 -16.87
CA VAL B 265 62.29 -2.45 -18.00
C VAL B 265 60.90 -1.79 -17.91
N ILE B 266 60.44 -1.65 -16.65
CA ILE B 266 59.19 -0.98 -16.34
C ILE B 266 59.22 0.46 -16.85
N LYS B 267 60.22 1.22 -16.45
CA LYS B 267 60.33 2.59 -16.91
C LYS B 267 60.33 2.65 -18.40
N ALA B 268 61.03 1.74 -19.04
CA ALA B 268 61.16 1.78 -20.50
C ALA B 268 59.83 1.48 -21.17
N ALA B 269 59.06 0.58 -20.55
CA ALA B 269 57.76 0.24 -21.06
C ALA B 269 56.82 1.44 -20.94
N ILE B 270 56.84 2.07 -19.78
CA ILE B 270 56.02 3.25 -19.54
C ILE B 270 56.27 4.28 -20.64
N GLU B 271 57.55 4.48 -20.91
CA GLU B 271 58.02 5.42 -21.92
C GLU B 271 57.36 5.16 -23.28
N LYS B 272 57.34 3.88 -23.68
CA LYS B 272 56.77 3.48 -24.96
C LYS B 272 55.28 3.79 -24.93
N LEU B 273 54.67 3.60 -23.75
CA LEU B 273 53.26 3.84 -23.55
C LEU B 273 52.93 5.30 -23.70
N LYS B 274 53.82 6.14 -23.21
CA LYS B 274 53.68 7.58 -23.35
C LYS B 274 53.53 8.00 -24.80
N LEU B 275 54.22 7.29 -25.67
CA LEU B 275 54.30 7.69 -27.06
C LEU B 275 53.07 7.24 -27.81
N ARG B 276 52.44 6.20 -27.30
CA ARG B 276 51.25 5.67 -27.96
C ARG B 276 49.96 5.88 -27.13
N HIS B 277 49.98 6.89 -26.29
CA HIS B 277 48.83 7.25 -25.51
C HIS B 277 47.67 7.50 -26.42
N LYS B 278 47.81 8.44 -27.36
CA LYS B 278 46.73 8.83 -28.26
C LYS B 278 45.92 7.65 -28.82
N GLU B 279 46.63 6.61 -29.27
CA GLU B 279 46.02 5.46 -29.95
C GLU B 279 45.54 4.38 -28.96
N HIS B 280 46.11 4.38 -27.77
CA HIS B 280 45.56 3.60 -26.69
C HIS B 280 44.19 4.13 -26.22
N ILE B 281 44.12 5.41 -25.93
CA ILE B 281 42.87 6.04 -25.56
C ILE B 281 41.75 5.64 -26.48
N ALA B 282 42.00 5.68 -27.78
CA ALA B 282 40.97 5.38 -28.79
C ALA B 282 40.30 3.97 -28.69
N ALA B 283 41.01 3.05 -28.06
CA ALA B 283 40.50 1.71 -27.93
C ALA B 283 40.28 1.36 -26.47
N TYR B 284 40.43 2.33 -25.60
CA TYR B 284 40.30 2.10 -24.17
C TYR B 284 38.87 2.27 -23.65
N GLY B 285 37.92 2.11 -24.56
CA GLY B 285 36.49 2.09 -24.23
C GLY B 285 35.82 3.44 -24.42
N GLU B 286 34.56 3.41 -24.82
CA GLU B 286 33.88 4.66 -25.19
C GLU B 286 33.18 5.31 -24.02
N GLY B 287 33.14 6.63 -24.08
CA GLY B 287 32.62 7.43 -23.00
C GLY B 287 33.74 7.85 -22.06
N ASN B 288 34.96 7.37 -22.32
CA ASN B 288 36.03 7.62 -21.39
C ASN B 288 36.26 9.12 -21.11
N GLU B 289 35.92 9.96 -22.09
CA GLU B 289 36.07 11.39 -21.96
C GLU B 289 35.35 11.90 -20.75
N ARG B 290 34.29 11.22 -20.36
CA ARG B 290 33.44 11.69 -19.26
C ARG B 290 34.02 11.31 -17.93
N ARG B 291 34.89 10.29 -17.95
CA ARG B 291 35.56 9.81 -16.72
C ARG B 291 36.87 10.49 -16.44
N LEU B 292 37.81 10.40 -17.39
CA LEU B 292 39.17 10.91 -17.27
C LEU B 292 39.21 12.44 -17.31
N THR B 293 39.13 13.05 -16.12
CA THR B 293 39.01 14.48 -16.02
C THR B 293 40.15 15.10 -15.25
N GLY B 294 40.90 14.26 -14.56
CA GLY B 294 42.00 14.76 -13.72
C GLY B 294 41.56 14.83 -12.26
N ARG B 295 40.24 14.82 -12.03
CA ARG B 295 39.62 14.71 -10.69
C ARG B 295 39.11 13.29 -10.44
N HIS B 296 38.78 13.00 -9.19
CA HIS B 296 38.22 11.70 -8.83
C HIS B 296 39.14 10.56 -9.18
N GLU B 297 40.44 10.72 -8.89
CA GLU B 297 41.45 9.66 -9.02
C GLU B 297 41.70 9.17 -10.46
N THR B 298 41.60 10.11 -11.39
CA THR B 298 41.94 9.84 -12.80
C THR B 298 43.03 10.83 -13.28
N ALA B 299 43.62 10.55 -14.44
CA ALA B 299 44.44 11.61 -15.07
C ALA B 299 43.70 12.10 -16.26
N ASP B 300 43.87 13.39 -16.57
CA ASP B 300 43.23 14.01 -17.75
C ASP B 300 43.51 13.20 -19.05
N ILE B 301 42.51 13.04 -19.93
CA ILE B 301 42.62 12.22 -21.14
C ILE B 301 43.73 12.74 -22.00
N ASN B 302 43.88 14.06 -22.01
CA ASN B 302 44.80 14.68 -22.90
C ASN B 302 46.29 14.62 -22.47
N THR B 303 46.58 14.62 -21.18
CA THR B 303 47.95 14.43 -20.77
C THR B 303 48.24 12.98 -20.51
N PHE B 304 49.51 12.58 -20.54
CA PHE B 304 49.93 11.30 -20.02
C PHE B 304 50.85 11.56 -18.88
N SER B 305 50.69 10.84 -17.79
CA SER B 305 51.59 10.97 -16.64
C SER B 305 51.83 9.67 -15.89
N TRP B 306 52.92 9.58 -15.15
CA TRP B 306 53.11 8.46 -14.28
C TRP B 306 53.81 8.94 -13.02
N GLY B 307 53.78 8.12 -11.98
CA GLY B 307 54.34 8.44 -10.64
C GLY B 307 54.30 7.25 -9.71
N VAL B 308 54.76 7.39 -8.47
CA VAL B 308 54.87 6.20 -7.68
C VAL B 308 53.58 5.80 -6.96
N ALA B 309 53.15 6.47 -5.92
CA ALA B 309 51.91 6.06 -5.30
C ALA B 309 50.78 6.96 -5.77
N ASN B 310 50.88 7.42 -6.99
CA ASN B 310 50.03 8.50 -7.45
C ASN B 310 48.78 8.10 -8.16
N ARG B 311 47.66 8.14 -7.46
CA ARG B 311 46.35 7.80 -8.04
C ARG B 311 45.81 8.90 -8.94
N GLY B 312 46.51 10.02 -9.00
CA GLY B 312 46.20 11.06 -9.99
C GLY B 312 46.91 10.96 -11.35
N ALA B 313 47.70 9.90 -11.54
CA ALA B 313 48.51 9.70 -12.76
C ALA B 313 47.94 8.68 -13.72
N SER B 314 48.46 8.67 -14.96
CA SER B 314 47.96 7.78 -16.01
C SER B 314 48.45 6.36 -15.77
N VAL B 315 49.67 6.22 -15.27
CA VAL B 315 50.15 4.93 -14.83
C VAL B 315 50.68 5.10 -13.42
N ARG B 316 50.59 4.05 -12.62
CA ARG B 316 51.04 4.08 -11.24
C ARG B 316 51.88 2.89 -10.96
N VAL B 317 52.95 3.08 -10.23
CA VAL B 317 53.82 1.99 -9.85
C VAL B 317 53.81 1.82 -8.36
N GLY B 318 53.41 0.63 -7.89
CA GLY B 318 53.36 0.34 -6.45
C GLY B 318 54.60 0.67 -5.64
N ARG B 319 54.41 1.16 -4.41
CA ARG B 319 55.52 1.35 -3.48
C ARG B 319 56.35 0.09 -3.38
N GLU B 320 55.65 -1.03 -3.24
CA GLU B 320 56.28 -2.36 -3.11
C GLU B 320 57.25 -2.72 -4.27
N THR B 321 56.79 -2.57 -5.51
CA THR B 321 57.65 -2.85 -6.65
C THR B 321 58.76 -1.81 -6.84
N GLU B 322 58.58 -0.58 -6.35
CA GLU B 322 59.66 0.42 -6.39
C GLU B 322 60.76 0.02 -5.45
N GLN B 323 60.35 -0.33 -4.24
CA GLN B 323 61.28 -0.66 -3.18
C GLN B 323 61.99 -1.98 -3.43
N ASN B 324 61.43 -2.82 -4.29
CA ASN B 324 62.05 -4.10 -4.64
C ASN B 324 62.79 -4.13 -5.97
N GLY B 325 62.79 -2.98 -6.66
CA GLY B 325 63.38 -2.84 -8.01
C GLY B 325 62.78 -3.76 -9.06
N LYS B 326 61.70 -4.45 -8.69
CA LYS B 326 60.97 -5.40 -9.56
C LYS B 326 59.49 -5.60 -9.20
N GLY B 327 58.63 -5.59 -10.22
CA GLY B 327 57.22 -5.93 -10.05
C GLY B 327 56.36 -5.68 -11.28
N TYR B 328 55.40 -4.78 -11.13
CA TYR B 328 54.40 -4.53 -12.14
C TYR B 328 53.90 -3.11 -12.01
N PHE B 329 53.31 -2.60 -13.08
CA PHE B 329 52.73 -1.29 -13.06
C PHE B 329 51.25 -1.36 -13.44
N GLU B 330 50.50 -0.32 -13.09
CA GLU B 330 49.06 -0.27 -13.26
C GLU B 330 48.70 0.78 -14.31
N ASP B 331 48.14 0.38 -15.44
CA ASP B 331 47.66 1.35 -16.41
C ASP B 331 46.27 1.74 -15.98
N ARG B 332 46.07 2.96 -15.50
CA ARG B 332 44.79 3.36 -14.97
C ARG B 332 43.89 3.96 -16.00
N ARG B 333 44.28 3.88 -17.27
CA ARG B 333 43.55 4.56 -18.32
C ARG B 333 42.27 3.86 -18.82
N PRO B 334 42.22 2.52 -18.85
CA PRO B 334 41.11 1.88 -19.48
C PRO B 334 39.80 2.06 -18.73
N ALA B 335 38.69 2.29 -19.44
CA ALA B 335 37.39 2.35 -18.77
C ALA B 335 36.81 0.99 -18.38
N SER B 336 35.84 1.02 -17.49
CA SER B 336 35.18 -0.17 -17.07
C SER B 336 34.52 -0.96 -18.18
N ASN B 337 34.20 -0.31 -19.31
CA ASN B 337 33.57 -0.96 -20.48
C ASN B 337 34.53 -1.36 -21.60
N MET B 338 35.80 -1.38 -21.21
CA MET B 338 36.90 -1.86 -22.01
C MET B 338 36.71 -3.31 -22.42
N ASP B 339 37.11 -3.64 -23.64
CA ASP B 339 37.16 -5.05 -24.03
C ASP B 339 38.50 -5.51 -23.62
N PRO B 340 38.59 -6.44 -22.68
CA PRO B 340 39.90 -6.84 -22.20
C PRO B 340 40.77 -7.46 -23.28
N TYR B 341 40.18 -8.14 -24.24
CA TYR B 341 40.97 -8.69 -25.35
C TYR B 341 41.80 -7.59 -26.01
N VAL B 342 41.13 -6.50 -26.36
CA VAL B 342 41.75 -5.36 -26.99
C VAL B 342 42.83 -4.72 -26.11
N VAL B 343 42.51 -4.37 -24.87
CA VAL B 343 43.44 -3.66 -24.01
C VAL B 343 44.61 -4.54 -23.65
N THR B 344 44.34 -5.81 -23.45
CA THR B 344 45.33 -6.67 -22.91
C THR B 344 46.41 -6.97 -23.89
N SER B 345 46.05 -7.18 -25.13
CA SER B 345 47.03 -7.46 -26.16
C SER B 345 47.69 -6.18 -26.66
N MET B 346 46.92 -5.12 -26.86
CA MET B 346 47.49 -3.84 -27.25
C MET B 346 48.62 -3.40 -26.33
N ILE B 347 48.49 -3.66 -25.03
CA ILE B 347 49.59 -3.35 -24.09
C ILE B 347 50.82 -4.22 -24.38
N ALA B 348 50.65 -5.53 -24.62
CA ALA B 348 51.78 -6.38 -24.96
C ALA B 348 52.43 -5.89 -26.23
N GLU B 349 51.62 -5.49 -27.21
CA GLU B 349 52.12 -5.10 -28.51
C GLU B 349 52.93 -3.84 -28.39
N THR B 350 52.41 -2.82 -27.71
CA THR B 350 53.12 -1.54 -27.56
C THR B 350 54.30 -1.67 -26.64
N THR B 351 54.39 -2.77 -25.94
CA THR B 351 55.38 -2.93 -24.92
C THR B 351 56.52 -3.88 -25.26
N ILE B 352 56.22 -4.86 -26.13
CA ILE B 352 57.24 -5.83 -26.60
C ILE B 352 57.57 -5.64 -28.09
N VAL B 353 56.61 -5.93 -28.97
CA VAL B 353 56.83 -5.88 -30.45
C VAL B 353 57.35 -4.53 -31.03
N TRP B 354 56.61 -3.46 -30.82
CA TRP B 354 56.85 -2.16 -31.42
C TRP B 354 58.12 -1.50 -30.85
N LYS B 355 58.83 -0.75 -31.70
CA LYS B 355 60.06 0.05 -31.33
C LYS B 355 60.22 1.52 -31.84
N CYS C 3 18.89 -19.96 -5.44
CA CYS C 3 19.17 -18.48 -5.61
C CYS C 3 20.38 -17.88 -4.80
N LEU C 4 20.16 -16.81 -3.99
CA LEU C 4 21.28 -15.95 -3.59
C LEU C 4 22.07 -16.46 -2.43
N THR C 5 21.38 -17.06 -1.49
CA THR C 5 22.08 -17.63 -0.34
C THR C 5 22.78 -18.98 -0.66
N ASP C 6 22.39 -19.63 -1.77
CA ASP C 6 23.10 -20.84 -2.23
C ASP C 6 24.52 -20.54 -2.66
N LEU C 7 24.68 -19.37 -3.28
CA LEU C 7 25.97 -18.90 -3.74
C LEU C 7 26.82 -18.34 -2.61
N VAL C 8 26.23 -17.52 -1.77
CA VAL C 8 26.99 -16.94 -0.67
C VAL C 8 27.49 -18.02 0.30
N ASN C 9 26.80 -19.14 0.33
CA ASN C 9 27.15 -20.19 1.25
C ASN C 9 27.82 -21.39 0.61
N LEU C 10 28.23 -21.24 -0.66
CA LEU C 10 29.03 -22.28 -1.33
C LEU C 10 30.19 -22.75 -0.49
N ASN C 11 30.32 -24.08 -0.35
CA ASN C 11 31.49 -24.64 0.33
C ASN C 11 32.67 -24.74 -0.67
N LEU C 12 33.74 -23.98 -0.43
CA LEU C 12 34.82 -23.93 -1.39
C LEU C 12 35.74 -25.14 -1.29
N SER C 13 35.88 -25.66 -0.05
CA SER C 13 36.72 -26.85 0.31
C SER C 13 36.64 -28.02 -0.69
N ASP C 14 35.46 -28.16 -1.31
CA ASP C 14 35.16 -29.24 -2.27
C ASP C 14 35.82 -29.00 -3.62
N THR C 15 36.43 -27.84 -3.81
CA THR C 15 36.87 -27.44 -5.13
C THR C 15 38.26 -26.84 -5.21
N THR C 16 38.65 -26.05 -4.20
CA THR C 16 40.09 -25.67 -4.03
C THR C 16 40.58 -25.57 -2.59
N GLU C 17 41.90 -25.43 -2.55
CA GLU C 17 42.61 -25.22 -1.33
C GLU C 17 42.61 -23.74 -0.99
N LYS C 18 42.28 -22.90 -1.97
CA LYS C 18 42.36 -21.43 -1.83
C LYS C 18 41.47 -20.84 -0.71
N ILE C 19 41.92 -19.69 -0.20
CA ILE C 19 41.38 -19.05 1.02
C ILE C 19 41.01 -17.61 0.75
N ILE C 20 40.00 -17.11 1.45
CA ILE C 20 39.70 -15.70 1.37
C ILE C 20 39.97 -15.03 2.70
N ALA C 21 40.84 -14.03 2.64
CA ALA C 21 41.19 -13.22 3.78
C ALA C 21 40.65 -11.79 3.64
N GLU C 22 39.95 -11.33 4.69
CA GLU C 22 39.32 -10.03 4.77
C GLU C 22 40.14 -9.19 5.68
N TYR C 23 40.90 -8.26 5.11
CA TYR C 23 41.78 -7.40 5.89
C TYR C 23 40.96 -6.25 6.44
N ILE C 24 40.97 -6.08 7.74
CA ILE C 24 40.21 -5.07 8.37
C ILE C 24 41.16 -4.00 8.87
N TRP C 25 40.82 -2.73 8.71
CA TRP C 25 41.58 -1.66 9.37
C TRP C 25 40.74 -0.51 9.87
N ILE C 26 41.38 0.46 10.53
CA ILE C 26 40.65 1.59 11.07
C ILE C 26 40.94 2.86 10.30
N GLY C 27 39.90 3.58 9.92
CA GLY C 27 40.01 4.63 8.94
C GLY C 27 40.34 5.99 9.49
N GLY C 28 40.26 6.99 8.62
CA GLY C 28 40.65 8.37 8.94
C GLY C 28 40.04 9.06 10.14
N SER C 29 38.84 8.64 10.51
CA SER C 29 38.20 9.28 11.63
C SER C 29 38.55 8.62 12.96
N GLY C 30 39.24 7.49 12.93
CA GLY C 30 39.60 6.75 14.16
C GLY C 30 38.43 5.98 14.75
N MET C 31 37.30 6.05 14.04
CA MET C 31 36.06 5.39 14.44
C MET C 31 35.39 4.59 13.32
N ASP C 32 35.94 4.63 12.11
CA ASP C 32 35.33 3.91 10.99
C ASP C 32 36.07 2.64 10.59
N LEU C 33 35.46 1.47 10.70
CA LEU C 33 36.11 0.28 10.22
C LEU C 33 36.04 0.14 8.70
N ARG C 34 37.10 -0.35 8.09
CA ARG C 34 37.14 -0.57 6.65
C ARG C 34 37.74 -1.93 6.38
N SER C 35 37.31 -2.58 5.29
CA SER C 35 37.84 -3.89 4.93
C SER C 35 37.78 -4.14 3.44
N LYS C 36 38.75 -4.94 2.98
CA LYS C 36 38.71 -5.56 1.67
C LYS C 36 39.25 -6.98 1.73
N ALA C 37 39.01 -7.75 0.67
CA ALA C 37 39.38 -9.16 0.65
C ALA C 37 40.29 -9.56 -0.50
N ARG C 38 41.14 -10.53 -0.20
CA ARG C 38 42.03 -11.13 -1.18
C ARG C 38 42.05 -12.63 -1.07
N THR C 39 42.42 -13.28 -2.16
CA THR C 39 42.59 -14.72 -2.22
C THR C 39 44.01 -15.10 -1.86
N LEU C 40 44.16 -16.11 -1.03
CA LEU C 40 45.48 -16.61 -0.64
C LEU C 40 45.57 -18.07 -1.01
N PRO C 41 46.79 -18.57 -1.30
CA PRO C 41 46.88 -19.91 -1.95
C PRO C 41 46.53 -21.12 -1.05
N GLY C 42 46.68 -20.99 0.28
CA GLY C 42 46.32 -22.08 1.19
C GLY C 42 46.01 -21.53 2.55
N PRO C 43 45.50 -22.39 3.47
CA PRO C 43 45.15 -21.99 4.85
C PRO C 43 46.34 -21.34 5.52
N VAL C 44 46.09 -20.37 6.41
CA VAL C 44 47.19 -19.79 7.20
C VAL C 44 46.73 -19.63 8.63
N THR C 45 47.62 -19.95 9.61
CA THR C 45 47.24 -19.81 11.07
C THR C 45 48.10 -18.83 11.82
N ASP C 46 49.21 -18.45 11.22
CA ASP C 46 50.06 -17.51 11.88
C ASP C 46 50.11 -16.15 11.15
N PRO C 47 49.78 -15.06 11.86
CA PRO C 47 49.79 -13.68 11.37
C PRO C 47 51.05 -13.29 10.56
N SER C 48 52.23 -13.71 11.02
CA SER C 48 53.49 -13.31 10.34
C SER C 48 53.71 -14.06 9.03
N LYS C 49 52.85 -15.01 8.74
CA LYS C 49 52.94 -15.74 7.50
C LYS C 49 51.99 -15.17 6.42
N LEU C 50 51.24 -14.13 6.79
CA LEU C 50 50.36 -13.44 5.86
C LEU C 50 51.14 -12.31 5.25
N PRO C 51 51.01 -12.10 3.93
CA PRO C 51 51.69 -10.96 3.26
C PRO C 51 51.08 -9.66 3.74
N LYS C 52 51.90 -8.62 3.77
CA LYS C 52 51.43 -7.27 4.05
C LYS C 52 50.67 -6.79 2.84
N TRP C 53 49.97 -5.70 2.99
CA TRP C 53 49.14 -5.22 1.93
C TRP C 53 49.02 -3.70 2.02
N ASN C 54 48.34 -3.09 1.05
CA ASN C 54 48.09 -1.65 1.05
C ASN C 54 46.70 -1.34 0.57
N TYR C 55 46.29 -0.08 0.75
CA TYR C 55 44.98 0.38 0.27
C TYR C 55 45.04 1.84 -0.04
N ASP C 56 43.97 2.38 -0.61
CA ASP C 56 43.98 3.76 -1.03
C ASP C 56 43.64 4.65 0.11
N GLY C 57 44.64 5.06 0.87
CA GLY C 57 44.49 6.03 1.94
C GLY C 57 43.85 7.35 1.54
N SER C 58 43.97 7.72 0.28
CA SER C 58 43.38 8.97 -0.15
C SER C 58 41.87 8.88 -0.07
N SER C 59 41.32 7.67 -0.02
CA SER C 59 39.86 7.51 0.07
C SER C 59 39.31 7.22 1.46
N THR C 60 40.19 7.21 2.46
CA THR C 60 39.80 7.00 3.84
C THR C 60 40.27 8.15 4.72
N GLY C 61 40.67 9.24 4.10
CA GLY C 61 41.24 10.41 4.77
C GLY C 61 42.53 10.21 5.57
N GLN C 62 43.47 9.45 5.01
CA GLN C 62 44.72 9.07 5.70
C GLN C 62 45.98 9.37 4.91
N ALA C 63 45.80 9.74 3.64
CA ALA C 63 46.88 10.04 2.69
C ALA C 63 46.42 11.00 1.58
N PRO C 64 47.36 11.72 0.96
CA PRO C 64 47.05 12.47 -0.24
C PRO C 64 46.95 11.62 -1.52
N GLY C 65 46.31 12.17 -2.56
CA GLY C 65 46.11 11.50 -3.84
C GLY C 65 47.38 11.10 -4.59
N GLU C 66 48.40 11.97 -4.47
CA GLU C 66 49.69 11.79 -5.18
C GLU C 66 50.65 10.87 -4.44
N ASP C 67 50.41 10.67 -3.16
CA ASP C 67 51.16 9.72 -2.36
C ASP C 67 50.18 8.81 -1.59
N SER C 68 49.33 8.10 -2.33
CA SER C 68 48.16 7.49 -1.77
C SER C 68 48.34 6.20 -1.00
N GLU C 69 49.44 5.50 -1.17
CA GLU C 69 49.56 4.16 -0.61
C GLU C 69 49.79 4.17 0.88
N VAL C 70 49.04 3.35 1.61
CA VAL C 70 49.18 3.11 3.05
C VAL C 70 49.24 1.61 3.33
N ILE C 71 50.08 1.22 4.28
CA ILE C 71 50.43 -0.19 4.41
C ILE C 71 49.72 -0.88 5.56
N LEU C 72 49.33 -2.13 5.34
CA LEU C 72 48.61 -2.91 6.32
C LEU C 72 49.45 -4.05 6.85
N TYR C 73 49.59 -4.07 8.16
CA TYR C 73 50.33 -5.12 8.82
C TYR C 73 49.34 -6.05 9.47
N PRO C 74 49.31 -7.29 9.04
CA PRO C 74 48.45 -8.24 9.70
C PRO C 74 48.88 -8.41 11.14
N GLN C 75 47.95 -8.41 12.10
CA GLN C 75 48.33 -8.58 13.51
C GLN C 75 47.60 -9.71 14.21
N ALA C 76 46.36 -9.96 13.83
CA ALA C 76 45.57 -11.05 14.43
C ALA C 76 44.63 -11.73 13.45
N ILE C 77 44.53 -13.05 13.55
CA ILE C 77 43.69 -13.84 12.68
C ILE C 77 42.49 -14.32 13.48
N PHE C 78 41.31 -14.30 12.85
CA PHE C 78 40.09 -14.94 13.39
C PHE C 78 39.34 -15.57 12.25
N LYS C 79 38.54 -16.59 12.55
CA LYS C 79 37.79 -17.27 11.50
C LYS C 79 36.67 -16.34 11.04
N ASP C 80 36.39 -16.32 9.74
CA ASP C 80 35.35 -15.47 9.18
C ASP C 80 34.03 -16.20 9.32
N PRO C 81 33.11 -15.66 10.12
CA PRO C 81 31.89 -16.33 10.41
C PRO C 81 30.94 -16.15 9.24
N PHE C 82 31.20 -15.19 8.38
CA PHE C 82 30.33 -15.00 7.22
C PHE C 82 30.66 -15.95 6.11
N ARG C 83 31.91 -15.92 5.66
CA ARG C 83 32.34 -16.78 4.58
C ARG C 83 32.55 -18.24 5.02
N ARG C 84 32.73 -18.43 6.33
CA ARG C 84 32.89 -19.77 6.88
C ARG C 84 34.02 -20.61 6.24
N GLY C 85 33.93 -21.93 6.35
CA GLY C 85 35.04 -22.81 5.96
C GLY C 85 36.40 -22.35 6.49
N ASN C 86 37.38 -22.23 5.60
CA ASN C 86 38.71 -21.88 6.09
C ASN C 86 39.04 -20.42 5.99
N ASN C 87 38.07 -19.63 5.57
CA ASN C 87 38.33 -18.22 5.33
C ASN C 87 38.48 -17.40 6.63
N ILE C 88 39.19 -16.27 6.55
CA ILE C 88 39.68 -15.61 7.74
C ILE C 88 39.47 -14.12 7.72
N LEU C 89 39.36 -13.54 8.91
CA LEU C 89 39.42 -12.11 9.14
C LEU C 89 40.82 -11.81 9.68
N VAL C 90 41.36 -10.66 9.30
CA VAL C 90 42.68 -10.29 9.66
C VAL C 90 42.67 -8.87 10.18
N MET C 91 42.91 -8.70 11.45
CA MET C 91 42.89 -7.39 12.02
C MET C 91 44.22 -6.69 11.71
N CYS C 92 44.16 -5.40 11.41
CA CYS C 92 45.34 -4.70 10.93
C CYS C 92 45.79 -3.41 11.59
N ASP C 93 46.99 -3.01 11.17
CA ASP C 93 47.77 -1.94 11.74
C ASP C 93 48.22 -1.06 10.62
N CYS C 94 48.30 0.24 10.82
CA CYS C 94 48.61 1.09 9.65
C CYS C 94 49.90 1.89 9.57
N TYR C 95 50.58 1.82 8.43
CA TYR C 95 51.93 2.40 8.34
C TYR C 95 52.18 3.12 7.02
N THR C 96 53.09 4.12 7.03
CA THR C 96 53.58 4.73 5.80
C THR C 96 54.48 3.73 5.07
N PRO C 97 54.80 4.00 3.81
CA PRO C 97 55.65 3.03 3.14
C PRO C 97 57.04 3.00 3.78
N ALA C 98 57.37 4.08 4.49
CA ALA C 98 58.64 4.24 5.20
C ALA C 98 58.69 3.50 6.56
N GLY C 99 57.62 2.78 6.89
CA GLY C 99 57.52 2.06 8.18
C GLY C 99 57.19 2.89 9.43
N GLU C 100 56.65 4.09 9.22
CA GLU C 100 56.12 4.93 10.26
C GLU C 100 54.67 4.58 10.55
N PRO C 101 54.28 4.46 11.82
CA PRO C 101 52.87 4.33 12.09
C PRO C 101 52.13 5.65 11.86
N ILE C 102 51.03 5.61 11.13
CA ILE C 102 50.27 6.83 10.85
C ILE C 102 49.55 7.34 12.09
N PRO C 103 49.16 8.63 12.09
CA PRO C 103 48.62 9.27 13.30
C PRO C 103 47.42 8.53 13.90
N THR C 104 46.66 7.81 13.06
CA THR C 104 45.39 7.19 13.48
C THR C 104 45.55 5.75 13.94
N ASN C 105 46.78 5.27 13.81
CA ASN C 105 47.18 3.98 14.35
C ASN C 105 47.49 4.10 15.85
N LYS C 106 46.58 3.60 16.68
CA LYS C 106 46.79 3.70 18.10
C LYS C 106 47.23 2.38 18.69
N ARG C 107 47.35 1.39 17.80
CA ARG C 107 47.81 0.05 18.21
C ARG C 107 49.29 0.05 18.52
N TYR C 108 50.06 0.76 17.71
CA TYR C 108 51.48 0.85 17.89
C TYR C 108 51.88 1.34 19.27
N SER C 109 51.34 2.48 19.72
CA SER C 109 51.61 3.00 21.07
C SER C 109 51.27 1.99 22.14
N ALA C 110 50.09 1.39 21.99
CA ALA C 110 49.59 0.45 22.98
C ALA C 110 50.46 -0.80 23.03
N ALA C 111 50.98 -1.20 21.87
CA ALA C 111 51.79 -2.40 21.81
C ALA C 111 53.03 -2.18 22.64
N LYS C 112 53.64 -1.00 22.49
CA LYS C 112 54.86 -0.62 23.24
C LYS C 112 54.61 -0.75 24.74
N ILE C 113 53.50 -0.20 25.21
CA ILE C 113 53.20 -0.26 26.62
C ILE C 113 52.99 -1.67 27.08
N PHE C 114 52.36 -2.50 26.28
CA PHE C 114 52.18 -3.89 26.70
C PHE C 114 53.39 -4.81 26.48
N SER C 115 54.41 -4.35 25.75
CA SER C 115 55.69 -5.07 25.61
C SER C 115 56.67 -4.75 26.73
N SER C 116 56.75 -3.45 27.07
CA SER C 116 57.49 -2.92 28.26
C SER C 116 57.34 -3.86 29.49
N PRO C 117 58.51 -4.39 29.96
CA PRO C 117 58.56 -5.66 30.76
C PRO C 117 57.92 -5.63 32.13
N GLU C 118 57.84 -4.44 32.75
CA GLU C 118 57.18 -4.29 34.07
C GLU C 118 55.64 -4.32 33.95
N VAL C 119 55.14 -4.05 32.76
CA VAL C 119 53.75 -4.17 32.48
C VAL C 119 53.48 -5.62 32.19
N ALA C 120 54.22 -6.17 31.22
CA ALA C 120 54.10 -7.58 30.81
C ALA C 120 54.05 -8.59 31.97
N ALA C 121 54.90 -8.33 32.97
CA ALA C 121 55.01 -9.16 34.16
C ALA C 121 53.77 -9.10 35.06
N GLU C 122 53.09 -7.94 35.03
CA GLU C 122 51.85 -7.72 35.78
C GLU C 122 50.66 -8.38 35.10
N GLU C 123 50.87 -8.66 33.81
CA GLU C 123 49.97 -9.42 32.94
C GLU C 123 48.52 -8.92 33.10
N PRO C 124 48.23 -7.71 32.57
CA PRO C 124 46.96 -7.11 32.86
C PRO C 124 45.84 -7.80 32.08
N TRP C 125 44.66 -7.74 32.66
CA TRP C 125 43.49 -8.39 32.14
C TRP C 125 42.44 -7.36 31.89
N TYR C 126 41.79 -7.43 30.75
CA TYR C 126 40.70 -6.54 30.52
C TYR C 126 39.46 -7.27 30.07
N GLY C 127 38.34 -6.93 30.69
CA GLY C 127 37.01 -7.27 30.20
C GLY C 127 36.30 -5.97 29.84
N ILE C 128 35.94 -5.81 28.56
CA ILE C 128 35.29 -4.57 28.20
C ILE C 128 33.82 -4.79 27.77
N GLU C 129 32.95 -3.92 28.23
CA GLU C 129 31.51 -4.06 28.06
C GLU C 129 31.08 -3.10 26.99
N GLN C 130 30.88 -3.62 25.79
CA GLN C 130 30.46 -2.77 24.70
C GLN C 130 28.96 -2.62 24.63
N GLU C 131 28.47 -1.42 24.88
CA GLU C 131 27.06 -1.12 24.74
C GLU C 131 26.92 -0.41 23.41
N TYR C 132 25.81 -0.60 22.73
CA TYR C 132 25.51 0.08 21.46
C TYR C 132 24.02 0.20 21.30
N THR C 133 23.61 0.94 20.28
CA THR C 133 22.17 1.19 20.06
C THR C 133 21.79 0.86 18.62
N LEU C 134 20.62 0.28 18.40
CA LEU C 134 20.24 -0.13 17.07
C LEU C 134 19.24 0.89 16.53
N LEU C 135 19.38 1.25 15.26
CA LEU C 135 18.58 2.32 14.69
C LEU C 135 18.02 1.93 13.37
N GLN C 136 16.82 2.42 13.08
CA GLN C 136 16.15 2.17 11.80
C GLN C 136 16.84 2.93 10.72
N LYS C 137 17.16 2.25 9.62
CA LYS C 137 17.88 2.84 8.49
C LYS C 137 17.14 4.09 8.01
N ASP C 138 17.88 5.12 7.62
CA ASP C 138 17.23 6.30 7.01
C ASP C 138 16.50 7.30 7.97
N THR C 139 15.67 6.83 8.90
CA THR C 139 15.01 7.74 9.85
C THR C 139 15.92 8.01 11.00
N ASN C 140 16.78 7.05 11.30
CA ASN C 140 17.81 7.15 12.34
C ASN C 140 17.28 7.24 13.74
N TRP C 141 16.12 6.61 13.88
CA TRP C 141 15.39 6.52 15.12
C TRP C 141 15.56 5.09 15.62
N PRO C 142 15.65 4.92 16.93
CA PRO C 142 16.00 3.64 17.52
C PRO C 142 15.05 2.53 17.17
N LEU C 143 15.59 1.36 16.91
CA LEU C 143 14.81 0.17 16.55
C LEU C 143 13.68 -0.12 17.53
N GLY C 144 12.47 -0.29 17.04
CA GLY C 144 11.35 -0.64 17.90
C GLY C 144 10.57 0.55 18.37
N TRP C 145 11.16 1.72 18.23
CA TRP C 145 10.50 2.99 18.53
C TRP C 145 9.60 3.36 17.37
N PRO C 146 8.44 3.90 17.65
CA PRO C 146 7.58 4.36 16.58
C PRO C 146 8.12 5.64 16.06
N ILE C 147 7.85 5.92 14.80
CA ILE C 147 8.48 7.09 14.21
C ILE C 147 7.85 8.38 14.71
N GLY C 148 8.70 9.32 15.12
CA GLY C 148 8.30 10.58 15.72
C GLY C 148 7.63 10.42 17.06
N GLY C 149 8.09 9.45 17.84
CA GLY C 149 7.45 9.09 19.11
C GLY C 149 8.36 8.24 19.96
N PHE C 150 7.87 7.79 21.09
CA PHE C 150 8.72 7.10 22.01
C PHE C 150 7.96 5.94 22.53
N PRO C 151 8.65 4.90 22.95
CA PRO C 151 8.05 3.77 23.62
C PRO C 151 7.76 4.11 25.04
N GLY C 152 7.24 3.13 25.77
CA GLY C 152 6.99 3.34 27.21
C GLY C 152 8.25 3.72 27.95
N PRO C 153 8.16 4.34 29.14
CA PRO C 153 9.37 4.78 29.84
C PRO C 153 10.21 3.57 30.23
N GLN C 154 11.50 3.84 30.47
CA GLN C 154 12.49 2.83 30.87
C GLN C 154 12.02 2.03 32.09
N GLY C 155 12.47 0.79 32.19
CA GLY C 155 12.00 -0.03 33.26
C GLY C 155 11.90 -1.46 32.85
N PRO C 156 10.98 -1.78 31.91
CA PRO C 156 10.85 -3.21 31.54
C PRO C 156 11.86 -3.75 30.50
N TYR C 157 12.74 -2.91 30.00
CA TYR C 157 13.58 -3.29 28.88
C TYR C 157 14.84 -4.04 29.23
N TYR C 158 15.53 -3.60 30.31
CA TYR C 158 16.77 -4.24 30.82
C TYR C 158 16.64 -5.77 30.99
N CYS C 159 17.39 -6.53 30.22
CA CYS C 159 17.35 -8.00 30.28
C CYS C 159 15.96 -8.61 30.08
N GLY C 160 15.11 -7.92 29.32
CA GLY C 160 13.72 -8.33 29.16
C GLY C 160 13.51 -9.35 28.07
N ILE C 161 12.30 -9.86 28.05
CA ILE C 161 11.88 -10.73 26.99
C ILE C 161 10.51 -10.36 26.56
N GLY C 162 10.23 -10.62 25.27
CA GLY C 162 8.91 -10.42 24.62
C GLY C 162 8.93 -9.39 23.51
N ALA C 163 7.94 -9.45 22.63
CA ALA C 163 7.95 -8.56 21.49
C ALA C 163 7.81 -7.05 21.75
N GLU C 164 7.14 -6.65 22.82
CA GLU C 164 6.98 -5.22 23.09
C GLU C 164 8.06 -4.65 23.93
N LYS C 165 8.98 -5.50 24.36
CA LYS C 165 10.11 -5.10 25.22
C LYS C 165 11.52 -5.23 24.54
N SER C 166 11.70 -6.21 23.70
CA SER C 166 13.02 -6.61 23.32
C SER C 166 13.16 -6.52 21.79
N PHE C 167 13.93 -5.53 21.35
CA PHE C 167 14.08 -5.29 19.91
C PHE C 167 15.42 -5.73 19.28
N GLY C 168 15.36 -6.73 18.43
CA GLY C 168 16.55 -7.12 17.65
C GLY C 168 17.43 -8.21 18.21
N ARG C 169 16.85 -9.07 19.05
CA ARG C 169 17.59 -10.18 19.68
C ARG C 169 18.27 -11.02 18.60
N ASP C 170 17.54 -11.21 17.51
CA ASP C 170 18.08 -11.68 16.28
C ASP C 170 19.53 -11.30 16.08
N ILE C 171 19.77 -10.00 15.98
CA ILE C 171 21.05 -9.49 15.68
C ILE C 171 21.98 -9.90 16.75
N VAL C 172 21.58 -9.64 17.97
CA VAL C 172 22.44 -9.93 19.09
C VAL C 172 22.89 -11.40 19.21
N ASP C 173 21.95 -12.36 19.23
CA ASP C 173 22.31 -13.79 19.34
C ASP C 173 23.16 -14.25 18.18
N ALA C 174 22.97 -13.64 17.01
CA ALA C 174 23.74 -13.93 15.83
C ALA C 174 25.16 -13.55 16.13
N HIS C 175 25.34 -12.33 16.57
CA HIS C 175 26.65 -11.83 16.86
C HIS C 175 27.37 -12.67 17.85
N TYR C 176 26.73 -12.97 18.96
CA TYR C 176 27.30 -13.82 19.98
C TYR C 176 27.89 -15.09 19.38
N LYS C 177 27.15 -15.85 18.60
CA LYS C 177 27.76 -17.07 18.05
C LYS C 177 28.85 -16.73 17.06
N ALA C 178 28.62 -15.75 16.18
CA ALA C 178 29.59 -15.34 15.19
C ALA C 178 30.90 -15.14 15.89
N CYS C 179 30.89 -14.34 16.94
CA CYS C 179 32.08 -14.04 17.70
C CYS C 179 32.75 -15.27 18.25
N LEU C 180 31.98 -16.11 18.92
CA LEU C 180 32.54 -17.38 19.43
C LEU C 180 33.21 -18.20 18.35
N TYR C 181 32.53 -18.31 17.21
CA TYR C 181 33.02 -19.11 16.12
C TYR C 181 34.34 -18.54 15.64
N ALA C 182 34.39 -17.22 15.55
CA ALA C 182 35.53 -16.49 15.04
C ALA C 182 36.76 -16.66 15.93
N GLY C 183 36.51 -16.84 17.23
CA GLY C 183 37.56 -17.03 18.22
C GLY C 183 37.75 -15.81 19.10
N ILE C 184 36.79 -14.89 19.08
CA ILE C 184 36.78 -13.79 20.03
C ILE C 184 36.39 -14.31 21.40
N ASN C 185 37.12 -13.89 22.41
CA ASN C 185 36.74 -14.25 23.75
C ASN C 185 35.56 -13.38 24.24
N ILE C 186 34.37 -13.81 23.87
CA ILE C 186 33.22 -13.04 24.22
C ILE C 186 32.58 -13.69 25.42
N SER C 187 32.37 -12.92 26.49
CA SER C 187 32.01 -13.52 27.76
C SER C 187 30.53 -13.55 28.01
N GLY C 188 29.79 -12.70 27.33
CA GLY C 188 28.36 -12.67 27.54
C GLY C 188 27.70 -11.46 26.94
N ILE C 189 26.37 -11.49 26.93
CA ILE C 189 25.54 -10.46 26.29
C ILE C 189 24.38 -10.16 27.24
N ASN C 190 23.67 -9.05 26.97
CA ASN C 190 22.43 -8.68 27.71
C ASN C 190 21.68 -7.55 27.07
N GLY C 191 20.36 -7.55 27.21
CA GLY C 191 19.56 -6.42 26.77
C GLY C 191 19.79 -5.27 27.74
N GLU C 192 20.00 -4.04 27.25
CA GLU C 192 20.25 -2.92 28.18
C GLU C 192 19.00 -2.12 28.49
N VAL C 193 19.20 -1.04 29.23
CA VAL C 193 18.12 -0.26 29.83
C VAL C 193 17.18 0.51 28.89
N MET C 194 17.75 1.13 27.86
CA MET C 194 16.97 1.85 26.87
C MET C 194 16.54 0.91 25.78
N PRO C 195 15.26 0.93 25.43
CA PRO C 195 14.75 -0.05 24.52
C PRO C 195 15.50 0.09 23.24
N GLY C 196 16.01 -1.03 22.75
CA GLY C 196 16.84 -1.00 21.55
C GLY C 196 18.35 -0.91 21.75
N GLN C 197 18.80 -0.90 23.00
CA GLN C 197 20.20 -0.80 23.33
C GLN C 197 20.64 -2.15 23.91
N TRP C 198 21.79 -2.61 23.43
CA TRP C 198 22.31 -3.92 23.82
C TRP C 198 23.77 -3.88 24.29
N GLU C 199 24.28 -5.02 24.69
CA GLU C 199 25.60 -5.05 25.23
C GLU C 199 26.18 -6.42 24.94
N PHE C 200 27.48 -6.45 24.63
CA PHE C 200 28.25 -7.66 24.73
C PHE C 200 29.56 -7.35 25.48
N GLN C 201 30.12 -8.39 26.11
CA GLN C 201 31.36 -8.25 26.84
C GLN C 201 32.47 -9.06 26.16
N VAL C 202 33.62 -8.43 25.92
CA VAL C 202 34.79 -9.18 25.49
C VAL C 202 35.59 -9.46 26.75
N GLY C 203 35.41 -10.73 27.16
CA GLY C 203 35.83 -11.35 28.45
C GLY C 203 37.31 -11.23 28.73
N PRO C 204 37.80 -11.91 29.80
CA PRO C 204 39.12 -11.44 30.27
C PRO C 204 40.26 -11.70 29.22
N SER C 205 40.74 -10.62 28.59
CA SER C 205 41.73 -10.71 27.55
C SER C 205 42.95 -9.89 27.91
N VAL C 206 44.12 -10.42 27.57
CA VAL C 206 45.43 -9.85 28.04
C VAL C 206 45.93 -8.74 27.13
N GLY C 207 46.19 -7.60 27.72
CA GLY C 207 46.88 -6.52 27.01
C GLY C 207 46.49 -6.19 25.59
N ILE C 208 47.41 -6.32 24.66
CA ILE C 208 47.11 -5.84 23.34
C ILE C 208 45.91 -6.56 22.73
N SER C 209 45.78 -7.86 22.94
CA SER C 209 44.70 -8.63 22.30
C SER C 209 43.30 -8.21 22.68
N SER C 210 43.15 -7.52 23.82
CA SER C 210 41.86 -6.99 24.19
C SER C 210 41.45 -6.02 23.11
N GLY C 211 42.26 -4.97 22.90
CA GLY C 211 42.00 -4.03 21.79
C GLY C 211 41.69 -4.65 20.44
N ASP C 212 42.48 -5.64 20.04
CA ASP C 212 42.28 -6.34 18.81
C ASP C 212 40.91 -7.00 18.76
N GLN C 213 40.55 -7.70 19.82
CA GLN C 213 39.26 -8.41 19.84
C GLN C 213 38.03 -7.48 19.89
N VAL C 214 38.10 -6.42 20.66
CA VAL C 214 37.00 -5.50 20.65
C VAL C 214 36.78 -4.96 19.23
N TRP C 215 37.83 -4.50 18.54
CA TRP C 215 37.66 -3.97 17.20
C TRP C 215 37.03 -5.01 16.29
N VAL C 216 37.56 -6.22 16.28
CA VAL C 216 37.00 -7.26 15.41
C VAL C 216 35.56 -7.62 15.76
N ALA C 217 35.24 -7.63 17.04
CA ALA C 217 33.87 -7.83 17.48
C ALA C 217 32.98 -6.73 16.95
N ARG C 218 33.43 -5.49 16.99
CA ARG C 218 32.64 -4.42 16.43
C ARG C 218 32.46 -4.58 14.92
N TYR C 219 33.52 -5.01 14.24
CA TYR C 219 33.45 -5.24 12.81
C TYR C 219 32.37 -6.29 12.54
N ILE C 220 32.40 -7.40 13.25
CA ILE C 220 31.35 -8.40 13.11
C ILE C 220 29.93 -7.86 13.41
N LEU C 221 29.79 -7.04 14.45
CA LEU C 221 28.47 -6.47 14.78
C LEU C 221 27.93 -5.67 13.63
N GLU C 222 28.73 -4.74 13.14
CA GLU C 222 28.24 -3.89 12.09
C GLU C 222 27.95 -4.67 10.83
N ARG C 223 28.72 -5.71 10.52
CA ARG C 223 28.47 -6.50 9.33
C ARG C 223 27.14 -7.20 9.49
N ILE C 224 26.83 -7.61 10.73
CA ILE C 224 25.59 -8.31 10.94
C ILE C 224 24.44 -7.35 10.77
N THR C 225 24.52 -6.20 11.44
CA THR C 225 23.47 -5.20 11.29
C THR C 225 23.28 -4.83 9.81
N GLU C 226 24.36 -4.71 9.07
CA GLU C 226 24.27 -4.49 7.64
C GLU C 226 23.39 -5.53 6.99
N ILE C 227 23.60 -6.81 7.32
CA ILE C 227 22.75 -7.87 6.77
C ILE C 227 21.27 -7.60 7.10
N ALA C 228 21.03 -7.20 8.34
CA ALA C 228 19.69 -7.01 8.85
C ALA C 228 18.98 -5.81 8.28
N GLY C 229 19.71 -4.92 7.63
CA GLY C 229 19.13 -3.67 7.16
C GLY C 229 18.87 -2.71 8.32
N VAL C 230 19.79 -2.71 9.29
CA VAL C 230 19.69 -1.87 10.47
C VAL C 230 21.01 -1.15 10.71
N VAL C 231 20.96 0.00 11.36
CA VAL C 231 22.16 0.80 11.61
C VAL C 231 22.55 0.76 13.08
N VAL C 232 23.85 0.69 13.39
CA VAL C 232 24.37 0.83 14.79
C VAL C 232 25.01 2.20 15.04
N THR C 233 24.80 2.79 16.22
CA THR C 233 25.66 3.90 16.69
C THR C 233 26.35 3.53 17.96
N PHE C 234 27.59 4.00 18.04
CA PHE C 234 28.32 3.93 19.27
C PHE C 234 28.33 5.28 19.95
N ASP C 235 27.50 6.18 19.44
CA ASP C 235 27.36 7.45 20.08
C ASP C 235 26.91 7.21 21.50
N PRO C 236 27.60 7.86 22.46
CA PRO C 236 27.41 7.62 23.89
C PRO C 236 26.07 8.10 24.39
N LYS C 237 25.42 9.04 23.69
CA LYS C 237 24.08 9.51 24.08
C LYS C 237 23.22 9.82 22.88
N PRO C 238 22.63 8.79 22.29
CA PRO C 238 21.97 8.91 21.00
C PRO C 238 20.64 9.64 21.10
N ILE C 239 19.95 9.50 22.21
CA ILE C 239 18.70 10.17 22.33
C ILE C 239 18.78 11.01 23.54
N PRO C 240 18.45 12.32 23.40
CA PRO C 240 18.46 13.28 24.53
C PRO C 240 17.31 13.02 25.46
N GLY C 241 17.52 13.35 26.75
CA GLY C 241 16.44 13.30 27.76
C GLY C 241 16.50 12.07 28.65
N ASP C 242 15.30 11.58 29.08
CA ASP C 242 15.17 10.49 30.08
C ASP C 242 15.37 9.07 29.48
N TRP C 243 16.56 8.83 28.92
CA TRP C 243 16.97 7.59 28.23
C TRP C 243 18.45 7.35 28.41
N ASN C 244 18.82 6.14 28.81
CA ASN C 244 20.24 5.84 29.02
C ASN C 244 21.23 6.19 27.90
N GLY C 245 22.43 6.56 28.32
CA GLY C 245 23.50 6.67 27.38
C GLY C 245 24.18 5.32 27.20
N ALA C 246 25.29 5.29 26.45
CA ALA C 246 25.96 4.05 26.20
C ALA C 246 27.42 4.22 26.46
N GLY C 247 27.95 3.26 27.21
CA GLY C 247 29.36 3.23 27.52
C GLY C 247 30.09 1.95 27.21
N ALA C 248 31.38 2.02 27.46
CA ALA C 248 32.28 0.93 27.25
C ALA C 248 33.04 0.67 28.55
N HIS C 249 32.32 0.21 29.56
CA HIS C 249 32.95 -0.06 30.86
C HIS C 249 34.20 -0.93 30.68
N THR C 250 35.31 -0.50 31.26
CA THR C 250 36.49 -1.34 31.28
C THR C 250 36.75 -1.96 32.65
N ASN C 251 36.68 -3.28 32.70
CA ASN C 251 37.07 -4.00 33.87
C ASN C 251 38.50 -4.36 33.71
N TYR C 252 39.20 -4.35 34.84
CA TYR C 252 40.65 -4.39 34.88
C TYR C 252 41.17 -5.14 36.07
N SER C 253 42.22 -5.91 35.86
CA SER C 253 42.97 -6.52 36.96
C SER C 253 44.43 -6.79 36.53
N THR C 254 45.34 -6.70 37.50
CA THR C 254 46.73 -7.11 37.33
C THR C 254 46.99 -8.37 38.11
N GLU C 255 48.07 -9.06 37.74
CA GLU C 255 48.53 -10.25 38.47
C GLU C 255 48.35 -10.03 39.99
N SER C 256 48.98 -8.95 40.48
CA SER C 256 48.97 -8.65 41.91
C SER C 256 47.57 -8.29 42.45
N MET C 257 46.65 -7.90 41.57
CA MET C 257 45.31 -7.61 42.03
C MET C 257 44.48 -8.85 42.31
N ARG C 258 44.71 -9.93 41.55
CA ARG C 258 43.87 -11.16 41.67
C ARG C 258 44.44 -12.25 42.60
N LYS C 259 45.60 -11.93 43.20
CA LYS C 259 46.28 -12.75 44.20
C LYS C 259 45.94 -12.26 45.63
N GLU C 260 46.38 -13.01 46.64
CA GLU C 260 46.07 -12.65 48.03
C GLU C 260 46.30 -11.17 48.40
N GLY C 261 45.32 -10.59 49.09
CA GLY C 261 45.30 -9.19 49.43
C GLY C 261 45.52 -8.23 48.25
N GLY C 262 44.90 -8.54 47.10
CA GLY C 262 44.96 -7.67 45.93
C GLY C 262 44.09 -6.42 46.09
N TYR C 263 43.09 -6.50 46.96
CA TYR C 263 42.18 -5.40 47.19
C TYR C 263 42.90 -4.12 47.58
N GLU C 264 44.00 -4.26 48.33
CA GLU C 264 44.87 -3.11 48.66
C GLU C 264 45.46 -2.47 47.41
N VAL C 265 45.92 -3.31 46.49
CA VAL C 265 46.52 -2.86 45.23
C VAL C 265 45.45 -2.13 44.42
N ILE C 266 44.23 -2.68 44.51
CA ILE C 266 43.07 -2.10 43.84
C ILE C 266 42.82 -0.66 44.33
N LYS C 267 42.69 -0.49 45.64
CA LYS C 267 42.48 0.83 46.16
C LYS C 267 43.56 1.75 45.70
N ALA C 268 44.80 1.28 45.68
CA ALA C 268 45.95 2.14 45.32
C ALA C 268 45.89 2.57 43.86
N ALA C 269 45.45 1.64 43.02
CA ALA C 269 45.29 1.90 41.62
C ALA C 269 44.18 2.96 41.42
N ILE C 270 43.05 2.76 42.09
CA ILE C 270 41.94 3.70 42.02
C ILE C 270 42.43 5.10 42.34
N GLU C 271 43.22 5.18 43.41
CA GLU C 271 43.81 6.42 43.88
C GLU C 271 44.58 7.15 42.77
N LYS C 272 45.42 6.40 42.04
CA LYS C 272 46.24 6.96 40.98
C LYS C 272 45.33 7.47 39.88
N LEU C 273 44.24 6.73 39.66
CA LEU C 273 43.24 7.07 38.65
C LEU C 273 42.52 8.36 38.97
N LYS C 274 42.23 8.56 40.26
CA LYS C 274 41.63 9.78 40.72
C LYS C 274 42.46 11.00 40.31
N LEU C 275 43.77 10.82 40.28
CA LEU C 275 44.66 11.94 40.09
C LEU C 275 44.75 12.27 38.62
N ARG C 276 44.52 11.26 37.80
CA ARG C 276 44.64 11.45 36.36
C ARG C 276 43.30 11.39 35.63
N HIS C 277 42.23 11.67 36.39
CA HIS C 277 40.89 11.71 35.83
C HIS C 277 40.83 12.66 34.66
N LYS C 278 41.19 13.92 34.90
CA LYS C 278 41.13 14.96 33.88
C LYS C 278 41.64 14.49 32.50
N GLU C 279 42.80 13.81 32.48
CA GLU C 279 43.50 13.43 31.24
C GLU C 279 42.98 12.12 30.68
N HIS C 280 42.39 11.31 31.54
CA HIS C 280 41.67 10.15 31.08
C HIS C 280 40.42 10.55 30.35
N ILE C 281 39.60 11.40 30.95
CA ILE C 281 38.38 11.89 30.32
C ILE C 281 38.63 12.31 28.89
N ALA C 282 39.73 13.07 28.69
CA ALA C 282 40.11 13.65 27.36
C ALA C 282 40.28 12.62 26.22
N ALA C 283 40.57 11.38 26.60
CA ALA C 283 40.79 10.36 25.62
C ALA C 283 39.75 9.25 25.75
N TYR C 284 38.76 9.49 26.60
CA TYR C 284 37.73 8.48 26.87
C TYR C 284 36.55 8.54 25.90
N GLY C 285 36.80 9.14 24.73
CA GLY C 285 35.82 9.19 23.65
C GLY C 285 35.05 10.49 23.63
N GLU C 286 34.71 10.95 22.43
CA GLU C 286 34.07 12.26 22.29
C GLU C 286 32.54 12.21 22.37
N GLY C 287 31.99 13.30 22.89
CA GLY C 287 30.58 13.36 23.15
C GLY C 287 30.27 12.94 24.58
N ASN C 288 31.30 12.50 25.32
CA ASN C 288 31.07 11.94 26.64
C ASN C 288 30.35 12.90 27.57
N GLU C 289 30.54 14.22 27.36
CA GLU C 289 29.88 15.25 28.15
C GLU C 289 28.39 15.06 28.16
N ARG C 290 27.87 14.52 27.08
CA ARG C 290 26.42 14.38 26.95
C ARG C 290 25.91 13.14 27.70
N ARG C 291 26.80 12.17 27.95
CA ARG C 291 26.45 10.97 28.69
C ARG C 291 26.62 11.09 30.19
N LEU C 292 27.86 11.43 30.62
CA LEU C 292 28.24 11.49 32.06
C LEU C 292 27.62 12.71 32.76
N THR C 293 26.44 12.49 33.35
CA THR C 293 25.69 13.59 33.91
C THR C 293 25.45 13.38 35.38
N GLY C 294 25.69 12.16 35.86
CA GLY C 294 25.41 11.87 37.28
C GLY C 294 24.07 11.16 37.42
N ARG C 295 23.23 11.29 36.39
CA ARG C 295 21.97 10.50 36.27
C ARG C 295 22.14 9.34 35.29
N HIS C 296 21.16 8.42 35.28
CA HIS C 296 21.16 7.28 34.34
C HIS C 296 22.42 6.43 34.49
N GLU C 297 22.81 6.17 35.74
CA GLU C 297 23.89 5.23 36.06
C GLU C 297 25.29 5.66 35.59
N THR C 298 25.51 6.96 35.64
CA THR C 298 26.81 7.49 35.35
C THR C 298 27.29 8.35 36.53
N ALA C 299 28.57 8.73 36.54
CA ALA C 299 29.02 9.77 37.47
C ALA C 299 29.30 11.00 36.66
N ASP C 300 29.05 12.18 37.28
CA ASP C 300 29.34 13.47 36.64
C ASP C 300 30.78 13.53 36.12
N ILE C 301 30.96 14.09 34.91
CA ILE C 301 32.30 14.16 34.24
C ILE C 301 33.33 14.88 35.15
N ASN C 302 32.85 15.90 35.88
CA ASN C 302 33.70 16.80 36.64
C ASN C 302 34.20 16.21 37.96
N THR C 303 33.39 15.40 38.64
CA THR C 303 33.86 14.72 39.85
C THR C 303 34.48 13.37 39.50
N PHE C 304 35.34 12.84 40.37
CA PHE C 304 35.70 11.44 40.34
C PHE C 304 35.18 10.77 41.59
N SER C 305 34.61 9.58 41.49
CA SER C 305 34.19 8.88 42.69
C SER C 305 34.32 7.39 42.54
N TRP C 306 34.36 6.69 43.67
CA TRP C 306 34.27 5.24 43.64
C TRP C 306 33.52 4.73 44.86
N GLY C 307 33.11 3.47 44.80
CA GLY C 307 32.25 2.82 45.83
C GLY C 307 32.06 1.35 45.53
N VAL C 308 31.31 0.67 46.37
CA VAL C 308 31.30 -0.77 46.20
C VAL C 308 30.31 -1.30 45.17
N ALA C 309 29.01 -1.33 45.47
CA ALA C 309 28.06 -1.77 44.45
C ALA C 309 27.41 -0.55 43.74
N ASN C 310 28.18 0.52 43.63
CA ASN C 310 27.63 1.79 43.26
C ASN C 310 27.72 2.11 41.79
N ARG C 311 26.59 1.93 41.09
CA ARG C 311 26.50 2.26 39.65
C ARG C 311 26.42 3.76 39.39
N GLY C 312 26.29 4.55 40.45
CA GLY C 312 26.43 6.01 40.35
C GLY C 312 27.84 6.60 40.44
N ALA C 313 28.86 5.73 40.58
CA ALA C 313 30.28 6.13 40.79
C ALA C 313 31.14 6.01 39.54
N SER C 314 32.30 6.65 39.56
CA SER C 314 33.18 6.68 38.40
C SER C 314 33.86 5.31 38.26
N VAL C 315 34.19 4.68 39.39
CA VAL C 315 34.69 3.31 39.38
C VAL C 315 33.85 2.52 40.34
N ARG C 316 33.66 1.25 40.05
CA ARG C 316 32.87 0.36 40.90
C ARG C 316 33.63 -0.89 41.19
N VAL C 317 33.54 -1.37 42.41
CA VAL C 317 34.20 -2.59 42.76
C VAL C 317 33.17 -3.61 43.15
N GLY C 318 33.14 -4.74 42.44
CA GLY C 318 32.18 -5.84 42.74
C GLY C 318 32.08 -6.28 44.21
N ARG C 319 30.85 -6.58 44.67
CA ARG C 319 30.65 -7.20 45.96
C ARG C 319 31.54 -8.41 46.11
N GLU C 320 31.56 -9.25 45.08
CA GLU C 320 32.37 -10.47 45.05
C GLU C 320 33.88 -10.24 45.32
N THR C 321 34.50 -9.30 44.60
CA THR C 321 35.94 -9.01 44.82
C THR C 321 36.21 -8.27 46.16
N GLU C 322 35.20 -7.58 46.72
CA GLU C 322 35.36 -6.96 48.07
C GLU C 322 35.41 -8.04 49.13
N GLN C 323 34.46 -8.95 49.05
CA GLN C 323 34.28 -10.01 50.02
C GLN C 323 35.44 -11.03 49.93
N ASN C 324 36.13 -11.09 48.79
CA ASN C 324 37.25 -12.03 48.62
C ASN C 324 38.62 -11.37 48.78
N GLY C 325 38.63 -10.06 49.08
CA GLY C 325 39.88 -9.28 49.22
C GLY C 325 40.75 -9.26 47.96
N LYS C 326 40.21 -9.81 46.86
CA LYS C 326 40.89 -9.91 45.56
C LYS C 326 39.92 -10.00 44.35
N GLY C 327 40.23 -9.22 43.32
CA GLY C 327 39.54 -9.33 42.04
C GLY C 327 39.91 -8.25 41.03
N TYR C 328 38.90 -7.45 40.66
CA TYR C 328 39.02 -6.45 39.60
C TYR C 328 38.04 -5.34 39.87
N PHE C 329 38.31 -4.22 39.26
CA PHE C 329 37.43 -3.08 39.36
C PHE C 329 37.00 -2.62 37.94
N GLU C 330 35.89 -1.86 37.89
CA GLU C 330 35.23 -1.46 36.66
C GLU C 330 35.36 0.05 36.50
N ASP C 331 36.09 0.50 35.49
CA ASP C 331 36.13 1.91 35.18
C ASP C 331 34.93 2.23 34.32
N ARG C 332 33.94 2.90 34.86
CA ARG C 332 32.73 3.15 34.10
C ARG C 332 32.79 4.40 33.27
N ARG C 333 33.95 5.01 33.17
CA ARG C 333 34.04 6.31 32.55
C ARG C 333 34.05 6.31 31.04
N PRO C 334 34.65 5.30 30.40
CA PRO C 334 34.81 5.38 28.93
C PRO C 334 33.49 5.30 28.17
N ALA C 335 33.34 6.08 27.11
CA ALA C 335 32.13 6.01 26.31
C ALA C 335 32.16 4.83 25.34
N SER C 336 30.98 4.50 24.82
CA SER C 336 30.84 3.43 23.87
C SER C 336 31.66 3.59 22.60
N ASN C 337 32.07 4.82 22.26
CA ASN C 337 32.88 5.12 21.05
C ASN C 337 34.38 5.27 21.32
N MET C 338 34.76 4.82 22.50
CA MET C 338 36.12 4.71 22.96
C MET C 338 36.96 3.85 22.02
N ASP C 339 38.20 4.25 21.81
CA ASP C 339 39.12 3.37 21.11
C ASP C 339 39.72 2.50 22.17
N PRO C 340 39.45 1.21 22.14
CA PRO C 340 39.95 0.38 23.21
C PRO C 340 41.49 0.38 23.32
N TYR C 341 42.19 0.51 22.20
CA TYR C 341 43.65 0.59 22.24
C TYR C 341 44.08 1.68 23.20
N VAL C 342 43.50 2.86 23.03
CA VAL C 342 43.83 4.02 23.86
C VAL C 342 43.47 3.81 25.32
N VAL C 343 42.24 3.38 25.60
CA VAL C 343 41.75 3.26 27.00
C VAL C 343 42.46 2.13 27.71
N THR C 344 42.69 1.07 26.98
CA THR C 344 43.19 -0.10 27.58
C THR C 344 44.63 0.07 28.07
N SER C 345 45.46 0.73 27.25
CA SER C 345 46.87 0.92 27.59
C SER C 345 47.02 2.06 28.57
N MET C 346 46.30 3.14 28.32
CA MET C 346 46.32 4.27 29.25
C MET C 346 46.00 3.86 30.69
N ILE C 347 45.08 2.92 30.87
CA ILE C 347 44.84 2.39 32.22
C ILE C 347 46.08 1.67 32.78
N ALA C 348 46.73 0.82 31.98
CA ALA C 348 47.94 0.15 32.43
C ALA C 348 49.00 1.17 32.76
N GLU C 349 49.13 2.19 31.93
CA GLU C 349 50.16 3.19 32.13
C GLU C 349 49.96 3.96 33.41
N THR C 350 48.74 4.45 33.64
CA THR C 350 48.45 5.22 34.85
C THR C 350 48.47 4.35 36.10
N THR C 351 48.48 3.06 35.91
CA THR C 351 48.29 2.16 37.01
C THR C 351 49.55 1.41 37.41
N ILE C 352 50.44 1.22 36.46
CA ILE C 352 51.70 0.55 36.71
C ILE C 352 52.90 1.53 36.59
N VAL C 353 53.19 2.00 35.37
CA VAL C 353 54.38 2.85 35.10
C VAL C 353 54.50 4.13 35.93
N TRP C 354 53.49 4.99 35.85
CA TRP C 354 53.48 6.34 36.46
C TRP C 354 53.41 6.29 38.01
N LYS C 355 54.09 7.26 38.65
CA LYS C 355 54.11 7.42 40.14
C LYS C 355 53.94 8.83 40.75
N CYS D 3 14.69 -19.61 13.40
CA CYS D 3 13.33 -19.12 13.90
C CYS D 3 12.19 -20.18 14.08
N LEU D 4 11.02 -19.98 13.46
CA LEU D 4 9.82 -20.67 13.96
C LEU D 4 9.65 -22.08 13.46
N THR D 5 10.01 -22.31 12.21
CA THR D 5 9.93 -23.67 11.70
C THR D 5 11.05 -24.58 12.19
N ASP D 6 12.12 -24.00 12.72
CA ASP D 6 13.18 -24.81 13.35
C ASP D 6 12.69 -25.50 14.62
N LEU D 7 11.84 -24.79 15.35
CA LEU D 7 11.25 -25.28 16.58
C LEU D 7 10.13 -26.26 16.30
N VAL D 8 9.23 -25.92 15.37
CA VAL D 8 8.11 -26.82 15.03
C VAL D 8 8.59 -28.17 14.46
N ASN D 9 9.78 -28.16 13.85
CA ASN D 9 10.30 -29.35 13.23
C ASN D 9 11.43 -30.01 14.00
N LEU D 10 11.64 -29.60 15.25
CA LEU D 10 12.58 -30.27 16.14
C LEU D 10 12.39 -31.77 16.12
N ASN D 11 13.49 -32.50 15.93
CA ASN D 11 13.45 -33.97 16.05
C ASN D 11 13.60 -34.35 17.56
N LEU D 12 12.53 -34.94 18.13
CA LEU D 12 12.54 -35.25 19.56
C LEU D 12 13.32 -36.51 19.90
N SER D 13 13.33 -37.48 18.95
CA SER D 13 14.05 -38.78 19.01
C SER D 13 15.47 -38.71 19.58
N ASP D 14 16.15 -37.59 19.30
CA ASP D 14 17.53 -37.30 19.76
C ASP D 14 17.63 -37.00 21.27
N THR D 15 16.49 -36.88 21.94
CA THR D 15 16.48 -36.32 23.28
C THR D 15 15.59 -37.06 24.27
N THR D 16 14.42 -37.54 23.81
CA THR D 16 13.63 -38.51 24.60
C THR D 16 12.88 -39.58 23.81
N GLU D 17 12.39 -40.51 24.60
CA GLU D 17 11.60 -41.59 24.12
C GLU D 17 10.16 -41.12 24.08
N LYS D 18 9.85 -39.99 24.73
CA LYS D 18 8.46 -39.53 24.86
C LYS D 18 7.75 -39.22 23.51
N ILE D 19 6.42 -39.30 23.56
CA ILE D 19 5.57 -39.25 22.36
C ILE D 19 4.49 -38.23 22.51
N ILE D 20 4.05 -37.66 21.40
CA ILE D 20 2.89 -36.77 21.45
C ILE D 20 1.74 -37.36 20.66
N ALA D 21 0.63 -37.53 21.37
CA ALA D 21 -0.60 -38.07 20.78
C ALA D 21 -1.67 -36.99 20.75
N GLU D 22 -2.26 -36.83 19.57
CA GLU D 22 -3.29 -35.83 19.32
C GLU D 22 -4.61 -36.56 19.22
N TYR D 23 -5.42 -36.44 20.26
CA TYR D 23 -6.70 -37.12 20.27
C TYR D 23 -7.72 -36.30 19.49
N ILE D 24 -8.33 -36.91 18.51
CA ILE D 24 -9.26 -36.21 17.67
C ILE D 24 -10.64 -36.74 17.96
N TRP D 25 -11.64 -35.86 18.02
CA TRP D 25 -13.04 -36.32 18.13
C TRP D 25 -14.02 -35.46 17.37
N ILE D 26 -15.28 -35.84 17.38
CA ILE D 26 -16.31 -35.10 16.66
C ILE D 26 -17.25 -34.38 17.60
N GLY D 27 -17.48 -33.11 17.34
CA GLY D 27 -18.11 -32.24 18.32
C GLY D 27 -19.60 -32.21 18.28
N GLY D 28 -20.17 -31.29 19.05
CA GLY D 28 -21.63 -31.14 19.22
C GLY D 28 -22.50 -31.02 17.97
N SER D 29 -21.96 -30.48 16.87
CA SER D 29 -22.76 -30.31 15.68
C SER D 29 -22.73 -31.52 14.80
N GLY D 30 -21.90 -32.50 15.12
CA GLY D 30 -21.75 -33.70 14.28
C GLY D 30 -20.95 -33.48 13.00
N MET D 31 -20.46 -32.24 12.85
CA MET D 31 -19.68 -31.82 11.69
C MET D 31 -18.37 -31.08 12.05
N ASP D 32 -18.13 -30.86 13.33
CA ASP D 32 -16.93 -30.13 13.76
C ASP D 32 -15.86 -31.04 14.37
N LEU D 33 -14.69 -31.13 13.75
CA LEU D 33 -13.63 -31.87 14.39
C LEU D 33 -12.93 -31.09 15.50
N ARG D 34 -12.55 -31.78 16.57
CA ARG D 34 -11.85 -31.16 17.69
C ARG D 34 -10.70 -32.05 18.09
N SER D 35 -9.63 -31.44 18.62
CA SER D 35 -8.48 -32.20 19.06
C SER D 35 -7.72 -31.50 20.15
N LYS D 36 -7.12 -32.31 21.02
CA LYS D 36 -6.07 -31.85 21.90
C LYS D 36 -4.93 -32.89 22.01
N ALA D 37 -3.80 -32.48 22.57
CA ALA D 37 -2.65 -33.37 22.63
C ALA D 37 -2.13 -33.65 24.05
N ARG D 38 -1.59 -34.86 24.20
CA ARG D 38 -0.92 -35.25 25.42
C ARG D 38 0.38 -35.95 25.14
N THR D 39 1.25 -35.91 26.15
CA THR D 39 2.52 -36.62 26.14
C THR D 39 2.32 -38.03 26.70
N LEU D 40 2.89 -39.01 26.00
CA LEU D 40 2.88 -40.42 26.44
C LEU D 40 4.32 -40.93 26.59
N PRO D 41 4.54 -41.91 27.51
CA PRO D 41 5.94 -42.19 27.92
C PRO D 41 6.79 -42.91 26.83
N GLY D 42 6.15 -43.64 25.93
CA GLY D 42 6.89 -44.30 24.87
C GLY D 42 5.97 -44.56 23.69
N PRO D 43 6.57 -45.02 22.54
CA PRO D 43 5.81 -45.30 21.29
C PRO D 43 4.67 -46.25 21.59
N VAL D 44 3.59 -46.12 20.87
CA VAL D 44 2.50 -47.08 21.01
C VAL D 44 1.95 -47.43 19.61
N THR D 45 1.64 -48.71 19.37
CA THR D 45 1.10 -49.11 18.04
C THR D 45 -0.28 -49.72 18.11
N ASP D 46 -0.70 -50.08 19.30
CA ASP D 46 -2.01 -50.65 19.43
C ASP D 46 -2.96 -49.75 20.20
N PRO D 47 -4.10 -49.39 19.58
CA PRO D 47 -5.16 -48.55 20.14
C PRO D 47 -5.57 -48.89 21.58
N SER D 48 -5.67 -50.19 21.90
CA SER D 48 -6.12 -50.62 23.25
C SER D 48 -5.04 -50.43 24.32
N LYS D 49 -3.84 -50.05 23.90
CA LYS D 49 -2.78 -49.79 24.84
C LYS D 49 -2.64 -48.29 25.17
N LEU D 50 -3.51 -47.47 24.56
CA LEU D 50 -3.59 -46.02 24.83
C LEU D 50 -4.58 -45.80 25.90
N PRO D 51 -4.25 -44.95 26.89
CA PRO D 51 -5.21 -44.63 27.96
C PRO D 51 -6.39 -43.88 27.38
N LYS D 52 -7.55 -44.04 28.01
CA LYS D 52 -8.74 -43.26 27.63
C LYS D 52 -8.53 -41.87 28.19
N TRP D 53 -9.38 -40.95 27.75
CA TRP D 53 -9.22 -39.58 28.12
C TRP D 53 -10.57 -38.89 28.18
N ASN D 54 -10.58 -37.64 28.60
CA ASN D 54 -11.81 -36.85 28.64
C ASN D 54 -11.56 -35.41 28.18
N TYR D 55 -12.64 -34.67 27.94
CA TYR D 55 -12.52 -33.25 27.59
C TYR D 55 -13.73 -32.52 28.08
N ASP D 56 -13.69 -31.20 28.00
CA ASP D 56 -14.81 -30.40 28.45
C ASP D 56 -15.94 -30.35 27.43
N GLY D 57 -16.85 -31.32 27.52
CA GLY D 57 -18.04 -31.33 26.68
C GLY D 57 -18.93 -30.09 26.77
N SER D 58 -18.86 -29.39 27.91
CA SER D 58 -19.65 -28.19 28.04
C SER D 58 -19.19 -27.15 27.01
N SER D 59 -17.95 -27.26 26.52
CA SER D 59 -17.45 -26.31 25.52
C SER D 59 -17.55 -26.75 24.06
N THR D 60 -18.17 -27.91 23.80
CA THR D 60 -18.34 -28.43 22.44
C THR D 60 -19.80 -28.71 22.19
N GLY D 61 -20.65 -28.24 23.10
CA GLY D 61 -22.11 -28.52 23.06
C GLY D 61 -22.60 -29.97 23.22
N GLN D 62 -21.94 -30.70 24.12
CA GLN D 62 -22.17 -32.14 24.28
C GLN D 62 -22.50 -32.54 25.75
N ALA D 63 -22.30 -31.59 26.69
CA ALA D 63 -22.52 -31.80 28.12
C ALA D 63 -22.83 -30.48 28.80
N PRO D 64 -23.54 -30.53 29.96
CA PRO D 64 -23.71 -29.34 30.82
C PRO D 64 -22.46 -28.99 31.65
N GLY D 65 -22.44 -27.75 32.14
CA GLY D 65 -21.29 -27.21 32.90
C GLY D 65 -21.01 -27.92 34.21
N GLU D 66 -22.10 -28.34 34.86
CA GLU D 66 -22.02 -29.02 36.19
C GLU D 66 -21.68 -30.53 36.08
N ASP D 67 -21.92 -31.09 34.89
CA ASP D 67 -21.57 -32.48 34.61
C ASP D 67 -20.81 -32.52 33.29
N SER D 68 -19.70 -31.80 33.27
CA SER D 68 -19.02 -31.49 32.03
C SER D 68 -18.16 -32.59 31.36
N GLU D 69 -17.77 -33.63 32.09
CA GLU D 69 -16.80 -34.59 31.57
C GLU D 69 -17.43 -35.51 30.55
N VAL D 70 -16.71 -35.70 29.44
CA VAL D 70 -17.05 -36.65 28.36
C VAL D 70 -15.83 -37.47 28.00
N ILE D 71 -16.05 -38.74 27.73
CA ILE D 71 -14.96 -39.67 27.67
C ILE D 71 -14.55 -40.02 26.23
N LEU D 72 -13.23 -40.13 26.01
CA LEU D 72 -12.67 -40.45 24.70
C LEU D 72 -12.09 -41.85 24.66
N TYR D 73 -12.60 -42.64 23.73
CA TYR D 73 -12.11 -44.00 23.52
C TYR D 73 -11.23 -44.00 22.28
N PRO D 74 -9.91 -44.29 22.46
CA PRO D 74 -9.06 -44.40 21.29
C PRO D 74 -9.54 -45.55 20.42
N GLN D 75 -9.64 -45.34 19.11
CA GLN D 75 -10.11 -46.42 18.21
C GLN D 75 -9.17 -46.73 17.06
N ALA D 76 -8.46 -45.72 16.57
CA ALA D 76 -7.49 -45.91 15.47
C ALA D 76 -6.27 -44.97 15.59
N ILE D 77 -5.11 -45.53 15.27
CA ILE D 77 -3.88 -44.78 15.34
C ILE D 77 -3.43 -44.51 13.90
N PHE D 78 -2.88 -43.31 13.68
CA PHE D 78 -2.17 -42.95 12.45
C PHE D 78 -1.00 -42.09 12.79
N LYS D 79 0.01 -42.09 11.94
CA LYS D 79 1.20 -41.27 12.19
C LYS D 79 0.84 -39.81 11.95
N ASP D 80 1.32 -38.93 12.82
CA ASP D 80 1.06 -37.49 12.72
C ASP D 80 2.04 -36.87 11.68
N PRO D 81 1.49 -36.40 10.57
CA PRO D 81 2.32 -35.94 9.52
C PRO D 81 2.86 -34.55 9.86
N PHE D 82 2.23 -33.88 10.81
CA PHE D 82 2.68 -32.55 11.20
C PHE D 82 3.85 -32.61 12.18
N ARG D 83 3.66 -33.29 13.30
CA ARG D 83 4.72 -33.42 14.29
C ARG D 83 5.78 -34.44 13.87
N ARG D 84 5.43 -35.35 12.96
CA ARG D 84 6.37 -36.33 12.42
C ARG D 84 7.04 -37.16 13.50
N GLY D 85 8.22 -37.73 13.20
CA GLY D 85 8.87 -38.75 14.08
C GLY D 85 7.90 -39.85 14.56
N ASN D 86 7.86 -40.07 15.89
CA ASN D 86 6.99 -41.16 16.38
C ASN D 86 5.62 -40.71 16.86
N ASN D 87 5.32 -39.42 16.69
CA ASN D 87 4.06 -38.87 17.22
C ASN D 87 2.87 -39.30 16.36
N ILE D 88 1.71 -39.30 17.01
CA ILE D 88 0.55 -40.01 16.48
C ILE D 88 -0.75 -39.20 16.58
N LEU D 89 -1.65 -39.48 15.64
CA LEU D 89 -3.03 -39.03 15.67
C LEU D 89 -3.87 -40.21 16.15
N VAL D 90 -4.89 -39.93 16.94
CA VAL D 90 -5.72 -40.95 17.55
C VAL D 90 -7.17 -40.60 17.32
N MET D 91 -7.84 -41.38 16.49
CA MET D 91 -9.22 -41.10 16.18
C MET D 91 -10.06 -41.59 17.32
N CYS D 92 -11.11 -40.86 17.67
CA CYS D 92 -11.89 -41.19 18.87
C CYS D 92 -13.40 -41.31 18.80
N ASP D 93 -13.92 -41.79 19.92
CA ASP D 93 -15.27 -42.25 20.09
C ASP D 93 -15.76 -41.60 21.36
N CYS D 94 -17.02 -41.21 21.41
CA CYS D 94 -17.49 -40.47 22.60
C CYS D 94 -18.54 -41.04 23.57
N TYR D 95 -18.27 -40.99 24.89
CA TYR D 95 -19.10 -41.69 25.84
C TYR D 95 -19.33 -40.90 27.06
N THR D 96 -20.46 -41.15 27.74
CA THR D 96 -20.69 -40.67 29.14
C THR D 96 -19.78 -41.39 30.13
N PRO D 97 -19.67 -40.85 31.35
CA PRO D 97 -18.76 -41.52 32.26
C PRO D 97 -19.35 -42.89 32.62
N ALA D 98 -20.66 -43.03 32.40
CA ALA D 98 -21.39 -44.27 32.65
C ALA D 98 -21.24 -45.33 31.53
N GLY D 99 -20.42 -45.02 30.51
CA GLY D 99 -20.18 -45.93 29.37
C GLY D 99 -21.30 -45.99 28.31
N GLU D 100 -22.15 -44.96 28.30
CA GLU D 100 -23.15 -44.74 27.27
C GLU D 100 -22.53 -43.97 26.10
N PRO D 101 -22.81 -44.41 24.85
CA PRO D 101 -22.38 -43.55 23.74
C PRO D 101 -23.29 -42.30 23.61
N ILE D 102 -22.69 -41.11 23.50
CA ILE D 102 -23.48 -39.89 23.43
C ILE D 102 -24.18 -39.78 22.09
N PRO D 103 -25.24 -38.96 22.01
CA PRO D 103 -26.11 -38.90 20.82
C PRO D 103 -25.36 -38.61 19.52
N THR D 104 -24.22 -37.90 19.62
CA THR D 104 -23.44 -37.46 18.42
C THR D 104 -22.34 -38.44 17.98
N ASN D 105 -22.21 -39.51 18.76
CA ASN D 105 -21.36 -40.65 18.44
C ASN D 105 -22.12 -41.57 17.49
N LYS D 106 -21.71 -41.55 16.23
CA LYS D 106 -22.37 -42.42 15.26
C LYS D 106 -21.49 -43.60 14.88
N ARG D 107 -20.30 -43.66 15.50
CA ARG D 107 -19.37 -44.77 15.32
C ARG D 107 -19.88 -46.03 16.00
N TYR D 108 -20.40 -45.88 17.22
CA TYR D 108 -20.97 -47.00 17.95
C TYR D 108 -22.02 -47.81 17.21
N SER D 109 -23.03 -47.14 16.66
CA SER D 109 -24.03 -47.81 15.82
C SER D 109 -23.43 -48.53 14.62
N ALA D 110 -22.53 -47.85 13.95
CA ALA D 110 -21.95 -48.39 12.77
C ALA D 110 -21.08 -49.58 13.12
N ALA D 111 -20.42 -49.54 14.27
CA ALA D 111 -19.54 -50.65 14.68
C ALA D 111 -20.33 -51.91 14.85
N LYS D 112 -21.50 -51.79 15.50
CA LYS D 112 -22.45 -52.91 15.70
C LYS D 112 -22.81 -53.56 14.36
N ILE D 113 -23.16 -52.73 13.37
CA ILE D 113 -23.54 -53.25 12.07
C ILE D 113 -22.40 -53.96 11.40
N PHE D 114 -21.20 -53.43 11.55
CA PHE D 114 -20.06 -54.09 10.92
C PHE D 114 -19.48 -55.29 11.72
N SER D 115 -19.91 -55.46 12.99
CA SER D 115 -19.54 -56.63 13.80
C SER D 115 -20.50 -57.80 13.57
N SER D 116 -21.80 -57.48 13.52
CA SER D 116 -22.89 -58.41 13.11
C SER D 116 -22.44 -59.36 11.94
N PRO D 117 -22.43 -60.69 12.23
CA PRO D 117 -21.62 -61.67 11.49
C PRO D 117 -21.97 -61.88 10.02
N GLU D 118 -23.23 -61.63 9.62
CA GLU D 118 -23.66 -61.78 8.20
C GLU D 118 -23.19 -60.61 7.32
N VAL D 119 -22.88 -59.49 7.99
CA VAL D 119 -22.28 -58.33 7.33
C VAL D 119 -20.78 -58.60 7.22
N ALA D 120 -20.14 -58.87 8.37
CA ALA D 120 -18.70 -59.19 8.43
C ALA D 120 -18.22 -60.21 7.38
N ALA D 121 -19.02 -61.25 7.16
CA ALA D 121 -18.75 -62.31 6.21
C ALA D 121 -18.79 -61.84 4.75
N GLU D 122 -19.64 -60.83 4.50
CA GLU D 122 -19.77 -60.21 3.16
C GLU D 122 -18.60 -59.24 2.89
N GLU D 123 -17.96 -58.83 3.99
CA GLU D 123 -16.72 -58.05 3.98
C GLU D 123 -16.84 -56.85 3.02
N PRO D 124 -17.66 -55.84 3.42
CA PRO D 124 -17.96 -54.80 2.48
C PRO D 124 -16.77 -53.86 2.33
N TRP D 125 -16.74 -53.26 1.14
CA TRP D 125 -15.66 -52.39 0.75
C TRP D 125 -16.24 -51.04 0.39
N TYR D 126 -15.58 -50.01 0.90
CA TYR D 126 -15.97 -48.67 0.53
C TYR D 126 -14.81 -47.83 0.04
N GLY D 127 -15.04 -47.19 -1.10
CA GLY D 127 -14.22 -46.10 -1.57
C GLY D 127 -15.07 -44.85 -1.57
N ILE D 128 -14.68 -43.84 -0.76
CA ILE D 128 -15.48 -42.63 -0.72
C ILE D 128 -14.71 -41.43 -1.31
N GLU D 129 -15.44 -40.65 -2.12
CA GLU D 129 -14.89 -39.55 -2.90
C GLU D 129 -15.24 -38.24 -2.22
N GLN D 130 -14.32 -37.68 -1.45
CA GLN D 130 -14.57 -36.45 -0.72
C GLN D 130 -14.27 -35.28 -1.58
N GLU D 131 -15.32 -34.55 -1.96
CA GLU D 131 -15.16 -33.26 -2.70
C GLU D 131 -15.27 -32.15 -1.65
N TYR D 132 -14.56 -31.05 -1.85
CA TYR D 132 -14.63 -29.91 -0.93
C TYR D 132 -14.28 -28.66 -1.73
N THR D 133 -14.47 -27.50 -1.09
CA THR D 133 -14.22 -26.24 -1.76
C THR D 133 -13.30 -25.37 -0.90
N LEU D 134 -12.40 -24.63 -1.53
CA LEU D 134 -11.46 -23.81 -0.80
C LEU D 134 -11.89 -22.35 -0.85
N LEU D 135 -11.81 -21.66 0.27
CA LEU D 135 -12.37 -20.32 0.35
C LEU D 135 -11.40 -19.40 0.98
N GLN D 136 -11.40 -18.14 0.50
CA GLN D 136 -10.56 -17.06 1.09
C GLN D 136 -11.05 -16.69 2.49
N LYS D 137 -10.12 -16.64 3.45
CA LYS D 137 -10.45 -16.36 4.83
C LYS D 137 -11.18 -15.04 4.91
N ASP D 138 -12.16 -14.93 5.80
CA ASP D 138 -12.83 -13.61 6.00
C ASP D 138 -13.85 -13.12 4.95
N THR D 139 -13.53 -13.21 3.66
CA THR D 139 -14.51 -12.83 2.63
C THR D 139 -15.42 -14.00 2.34
N ASN D 140 -14.88 -15.22 2.52
CA ASN D 140 -15.63 -16.47 2.35
C ASN D 140 -16.08 -16.77 0.91
N TRP D 141 -15.26 -16.26 -0.01
CA TRP D 141 -15.44 -16.37 -1.41
C TRP D 141 -14.39 -17.35 -1.84
N PRO D 142 -14.72 -18.18 -2.82
CA PRO D 142 -13.86 -19.28 -3.28
C PRO D 142 -12.47 -18.87 -3.75
N LEU D 143 -11.48 -19.63 -3.31
CA LEU D 143 -10.09 -19.38 -3.66
C LEU D 143 -9.88 -19.18 -5.17
N GLY D 144 -9.22 -18.10 -5.54
CA GLY D 144 -8.94 -17.87 -6.96
C GLY D 144 -9.98 -17.04 -7.68
N TRP D 145 -11.16 -16.92 -7.06
CA TRP D 145 -12.20 -16.05 -7.55
C TRP D 145 -11.86 -14.62 -7.15
N PRO D 146 -12.11 -13.66 -8.01
CA PRO D 146 -11.95 -12.27 -7.64
C PRO D 146 -13.07 -11.83 -6.73
N ILE D 147 -12.80 -10.89 -5.85
CA ILE D 147 -13.79 -10.58 -4.85
C ILE D 147 -14.93 -9.81 -5.50
N GLY D 148 -16.15 -10.25 -5.21
CA GLY D 148 -17.40 -9.69 -5.73
C GLY D 148 -17.53 -9.96 -7.21
N GLY D 149 -17.02 -11.10 -7.64
CA GLY D 149 -17.03 -11.45 -9.06
C GLY D 149 -16.80 -12.93 -9.27
N PHE D 150 -16.69 -13.33 -10.53
CA PHE D 150 -16.62 -14.73 -10.79
C PHE D 150 -15.56 -14.91 -11.81
N PRO D 151 -14.97 -16.11 -11.83
CA PRO D 151 -14.05 -16.49 -12.88
C PRO D 151 -14.79 -16.87 -14.13
N GLY D 152 -14.04 -17.24 -15.17
CA GLY D 152 -14.66 -17.71 -16.41
C GLY D 152 -15.60 -18.88 -16.14
N PRO D 153 -16.55 -19.17 -17.05
CA PRO D 153 -17.52 -20.27 -16.77
C PRO D 153 -16.81 -21.64 -16.71
N GLN D 154 -17.49 -22.59 -16.04
CA GLN D 154 -16.98 -23.94 -15.88
C GLN D 154 -16.60 -24.57 -17.21
N GLY D 155 -15.64 -25.50 -17.18
CA GLY D 155 -15.13 -26.08 -18.43
C GLY D 155 -13.66 -26.39 -18.34
N PRO D 156 -12.80 -25.35 -18.21
CA PRO D 156 -11.37 -25.67 -18.21
C PRO D 156 -10.79 -26.13 -16.84
N TYR D 157 -11.61 -26.17 -15.80
CA TYR D 157 -11.08 -26.35 -14.48
C TYR D 157 -10.86 -27.77 -14.07
N TYR D 158 -11.81 -28.64 -14.43
CA TYR D 158 -11.75 -30.08 -14.11
C TYR D 158 -10.42 -30.73 -14.52
N CYS D 159 -9.67 -31.25 -13.54
CA CYS D 159 -8.35 -31.87 -13.81
C CYS D 159 -7.36 -31.01 -14.61
N GLY D 160 -7.48 -29.68 -14.47
CA GLY D 160 -6.68 -28.73 -15.24
C GLY D 160 -5.32 -28.45 -14.63
N ILE D 161 -4.52 -27.78 -15.43
CA ILE D 161 -3.27 -27.27 -14.95
C ILE D 161 -3.09 -25.88 -15.42
N GLY D 162 -2.34 -25.11 -14.62
CA GLY D 162 -1.95 -23.72 -14.92
C GLY D 162 -2.47 -22.73 -13.92
N ALA D 163 -1.84 -21.58 -13.84
CA ALA D 163 -2.23 -20.63 -12.81
C ALA D 163 -3.65 -20.03 -12.91
N GLU D 164 -4.21 -19.93 -14.12
CA GLU D 164 -5.51 -19.31 -14.27
C GLU D 164 -6.59 -20.29 -14.16
N LYS D 165 -6.22 -21.54 -14.05
CA LYS D 165 -7.18 -22.64 -13.98
C LYS D 165 -7.23 -23.38 -12.61
N SER D 166 -6.09 -23.49 -11.96
CA SER D 166 -5.97 -24.47 -10.92
C SER D 166 -5.55 -23.77 -9.60
N PHE D 167 -6.49 -23.73 -8.65
CA PHE D 167 -6.25 -22.98 -7.41
C PHE D 167 -5.97 -23.81 -6.17
N GLY D 168 -4.76 -23.75 -5.68
CA GLY D 168 -4.48 -24.40 -4.41
C GLY D 168 -3.91 -25.82 -4.43
N ARG D 169 -3.27 -26.17 -5.54
CA ARG D 169 -2.68 -27.50 -5.70
C ARG D 169 -1.74 -27.79 -4.54
N ASP D 170 -0.96 -26.80 -4.19
CA ASP D 170 -0.25 -26.75 -2.95
C ASP D 170 -0.90 -27.55 -1.89
N ILE D 171 -2.10 -27.14 -1.51
CA ILE D 171 -2.79 -27.71 -0.39
C ILE D 171 -3.07 -29.14 -0.68
N VAL D 172 -3.60 -29.37 -1.84
CA VAL D 172 -3.98 -30.70 -2.26
C VAL D 172 -2.85 -31.72 -2.24
N ASP D 173 -1.75 -31.44 -2.94
CA ASP D 173 -0.61 -32.36 -3.00
C ASP D 173 -0.02 -32.59 -1.62
N ALA D 174 -0.08 -31.58 -0.76
CA ALA D 174 0.41 -31.68 0.62
C ALA D 174 -0.40 -32.72 1.34
N HIS D 175 -1.70 -32.55 1.25
CA HIS D 175 -2.61 -33.45 1.87
C HIS D 175 -2.39 -34.86 1.44
N TYR D 176 -2.41 -35.07 0.13
CA TYR D 176 -2.11 -36.38 -0.43
C TYR D 176 -0.92 -37.09 0.28
N LYS D 177 0.26 -36.45 0.31
CA LYS D 177 1.39 -37.13 0.95
C LYS D 177 1.14 -37.26 2.44
N ALA D 178 0.61 -36.21 3.05
CA ALA D 178 0.33 -36.27 4.48
C ALA D 178 -0.43 -37.54 4.79
N CYS D 179 -1.53 -37.74 4.06
CA CYS D 179 -2.40 -38.87 4.25
C CYS D 179 -1.65 -40.17 4.08
N LEU D 180 -0.98 -40.34 2.94
CA LEU D 180 -0.18 -41.54 2.75
C LEU D 180 0.77 -41.81 3.94
N TYR D 181 1.47 -40.77 4.40
CA TYR D 181 2.46 -40.90 5.43
C TYR D 181 1.78 -41.41 6.68
N ALA D 182 0.60 -40.85 6.94
CA ALA D 182 -0.18 -41.11 8.15
C ALA D 182 -0.67 -42.53 8.21
N GLY D 183 -0.88 -43.09 7.02
CA GLY D 183 -1.36 -44.47 6.87
C GLY D 183 -2.83 -44.55 6.44
N ILE D 184 -3.40 -43.44 5.99
CA ILE D 184 -4.73 -43.44 5.39
C ILE D 184 -4.63 -44.10 4.03
N ASN D 185 -5.55 -45.00 3.74
CA ASN D 185 -5.59 -45.56 2.41
C ASN D 185 -6.23 -44.55 1.41
N ILE D 186 -5.42 -43.67 0.87
CA ILE D 186 -5.94 -42.67 -0.01
C ILE D 186 -5.59 -43.07 -1.39
N SER D 187 -6.61 -43.13 -2.24
CA SER D 187 -6.43 -43.80 -3.53
C SER D 187 -6.10 -42.84 -4.64
N GLY D 188 -6.40 -41.57 -4.45
CA GLY D 188 -6.13 -40.60 -5.50
C GLY D 188 -6.83 -39.28 -5.28
N ILE D 189 -6.45 -38.31 -6.10
CA ILE D 189 -6.94 -36.94 -5.99
C ILE D 189 -7.25 -36.43 -7.41
N ASN D 190 -7.93 -35.29 -7.50
CA ASN D 190 -8.16 -34.61 -8.79
C ASN D 190 -8.74 -33.24 -8.61
N GLY D 191 -8.45 -32.34 -9.54
CA GLY D 191 -9.11 -31.02 -9.56
C GLY D 191 -10.56 -31.19 -10.04
N GLU D 192 -11.54 -30.60 -9.35
CA GLU D 192 -12.93 -30.77 -9.78
C GLU D 192 -13.44 -29.67 -10.68
N VAL D 193 -14.72 -29.75 -11.00
CA VAL D 193 -15.32 -28.91 -12.02
C VAL D 193 -15.41 -27.39 -11.78
N MET D 194 -15.77 -27.01 -10.55
CA MET D 194 -15.86 -25.61 -10.15
C MET D 194 -14.51 -25.13 -9.67
N PRO D 195 -14.06 -24.00 -10.20
CA PRO D 195 -12.71 -23.56 -9.94
C PRO D 195 -12.59 -23.42 -8.48
N GLY D 196 -11.56 -24.03 -7.92
CA GLY D 196 -11.38 -24.00 -6.47
C GLY D 196 -11.93 -25.16 -5.67
N GLN D 197 -12.51 -26.10 -6.39
CA GLN D 197 -13.07 -27.30 -5.79
C GLN D 197 -12.21 -28.53 -6.11
N TRP D 198 -11.94 -29.33 -5.07
CA TRP D 198 -11.04 -30.47 -5.20
C TRP D 198 -11.63 -31.76 -4.66
N GLU D 199 -10.89 -32.85 -4.79
CA GLU D 199 -11.39 -34.13 -4.45
C GLU D 199 -10.22 -34.97 -4.04
N PHE D 200 -10.44 -35.79 -3.03
CA PHE D 200 -9.60 -36.94 -2.77
C PHE D 200 -10.46 -38.17 -2.54
N GLN D 201 -9.91 -39.35 -2.80
CA GLN D 201 -10.61 -40.61 -2.55
C GLN D 201 -9.95 -41.42 -1.45
N VAL D 202 -10.75 -41.85 -0.49
CA VAL D 202 -10.24 -42.81 0.46
C VAL D 202 -10.64 -44.17 -0.05
N GLY D 203 -9.61 -44.81 -0.66
CA GLY D 203 -9.65 -46.06 -1.47
C GLY D 203 -10.23 -47.25 -0.74
N PRO D 204 -10.14 -48.46 -1.35
CA PRO D 204 -11.07 -49.48 -0.84
C PRO D 204 -10.76 -49.88 0.63
N SER D 205 -11.61 -49.45 1.57
CA SER D 205 -11.44 -49.70 3.00
C SER D 205 -12.65 -50.46 3.55
N VAL D 206 -12.36 -51.38 4.46
CA VAL D 206 -13.38 -52.32 4.94
C VAL D 206 -14.20 -51.75 6.11
N GLY D 207 -15.51 -51.75 5.97
CA GLY D 207 -16.38 -51.45 7.10
C GLY D 207 -16.07 -50.27 7.99
N ILE D 208 -15.88 -50.53 9.27
CA ILE D 208 -15.78 -49.42 10.17
C ILE D 208 -14.59 -48.52 9.84
N SER D 209 -13.46 -49.09 9.45
CA SER D 209 -12.23 -48.29 9.18
C SER D 209 -12.40 -47.28 8.03
N SER D 210 -13.37 -47.47 7.12
CA SER D 210 -13.64 -46.47 6.11
C SER D 210 -14.03 -45.18 6.82
N GLY D 211 -15.11 -45.22 7.60
CA GLY D 211 -15.47 -44.04 8.43
C GLY D 211 -14.34 -43.38 9.21
N ASP D 212 -13.53 -44.20 9.89
CA ASP D 212 -12.37 -43.71 10.63
C ASP D 212 -11.40 -42.93 9.75
N GLN D 213 -11.04 -43.50 8.61
CA GLN D 213 -10.08 -42.89 7.74
C GLN D 213 -10.62 -41.66 7.08
N VAL D 214 -11.88 -41.64 6.66
CA VAL D 214 -12.42 -40.39 6.12
C VAL D 214 -12.37 -39.25 7.13
N TRP D 215 -12.82 -39.50 8.34
CA TRP D 215 -12.73 -38.45 9.35
C TRP D 215 -11.31 -37.93 9.50
N VAL D 216 -10.35 -38.84 9.71
CA VAL D 216 -8.94 -38.43 9.92
C VAL D 216 -8.37 -37.69 8.71
N ALA D 217 -8.74 -38.13 7.53
CA ALA D 217 -8.37 -37.44 6.33
C ALA D 217 -8.90 -36.01 6.36
N ARG D 218 -10.14 -35.84 6.78
CA ARG D 218 -10.72 -34.51 6.86
C ARG D 218 -10.01 -33.66 7.88
N TYR D 219 -9.66 -34.27 9.01
CA TYR D 219 -8.91 -33.59 10.02
C TYR D 219 -7.57 -33.08 9.44
N ILE D 220 -6.84 -33.97 8.75
CA ILE D 220 -5.60 -33.56 8.07
C ILE D 220 -5.80 -32.42 7.06
N LEU D 221 -6.85 -32.53 6.23
CA LEU D 221 -7.16 -31.46 5.25
C LEU D 221 -7.32 -30.11 5.93
N GLU D 222 -8.20 -30.05 6.91
CA GLU D 222 -8.44 -28.77 7.53
C GLU D 222 -7.20 -28.24 8.25
N ARG D 223 -6.40 -29.12 8.83
CA ARG D 223 -5.19 -28.64 9.49
C ARG D 223 -4.25 -28.01 8.47
N ILE D 224 -4.26 -28.59 7.29
CA ILE D 224 -3.40 -28.09 6.25
C ILE D 224 -3.88 -26.73 5.80
N THR D 225 -5.16 -26.64 5.48
CA THR D 225 -5.71 -25.36 5.06
C THR D 225 -5.48 -24.32 6.12
N GLU D 226 -5.63 -24.69 7.39
CA GLU D 226 -5.28 -23.80 8.50
C GLU D 226 -3.86 -23.22 8.31
N ILE D 227 -2.90 -24.09 8.00
CA ILE D 227 -1.53 -23.62 7.79
C ILE D 227 -1.51 -22.59 6.68
N ALA D 228 -2.25 -22.89 5.62
CA ALA D 228 -2.23 -22.09 4.42
C ALA D 228 -2.93 -20.77 4.57
N GLY D 229 -3.69 -20.61 5.63
CA GLY D 229 -4.48 -19.40 5.81
C GLY D 229 -5.66 -19.40 4.86
N VAL D 230 -6.21 -20.59 4.64
CA VAL D 230 -7.39 -20.75 3.78
C VAL D 230 -8.48 -21.55 4.48
N VAL D 231 -9.74 -21.36 4.07
CA VAL D 231 -10.84 -22.01 4.73
C VAL D 231 -11.42 -23.06 3.84
N VAL D 232 -11.83 -24.22 4.40
CA VAL D 232 -12.62 -25.30 3.69
C VAL D 232 -14.09 -25.33 4.06
N THR D 233 -14.98 -25.55 3.08
CA THR D 233 -16.37 -25.96 3.37
C THR D 233 -16.69 -27.27 2.73
N PHE D 234 -17.46 -28.02 3.49
CA PHE D 234 -18.03 -29.24 2.99
C PHE D 234 -19.49 -28.99 2.65
N ASP D 235 -19.91 -27.73 2.68
CA ASP D 235 -21.24 -27.43 2.23
C ASP D 235 -21.42 -27.94 0.80
N PRO D 236 -22.50 -28.67 0.55
CA PRO D 236 -22.75 -29.35 -0.69
C PRO D 236 -23.00 -28.42 -1.84
N LYS D 237 -23.42 -27.19 -1.59
CA LYS D 237 -23.61 -26.21 -2.66
C LYS D 237 -23.23 -24.78 -2.21
N PRO D 238 -21.92 -24.48 -2.29
CA PRO D 238 -21.41 -23.28 -1.64
C PRO D 238 -21.74 -22.04 -2.42
N ILE D 239 -21.83 -22.19 -3.74
CA ILE D 239 -22.16 -21.03 -4.52
C ILE D 239 -23.39 -21.38 -5.27
N PRO D 240 -24.42 -20.51 -5.18
CA PRO D 240 -25.66 -20.65 -5.97
C PRO D 240 -25.44 -20.37 -7.47
N GLY D 241 -26.25 -21.06 -8.30
CA GLY D 241 -26.27 -20.79 -9.74
C GLY D 241 -25.51 -21.83 -10.53
N ASP D 242 -24.91 -21.39 -11.65
CA ASP D 242 -24.27 -22.27 -12.65
C ASP D 242 -22.83 -22.72 -12.26
N TRP D 243 -22.76 -23.45 -11.13
CA TRP D 243 -21.51 -23.89 -10.48
C TRP D 243 -21.76 -25.18 -9.75
N ASN D 244 -20.91 -26.17 -9.98
CA ASN D 244 -21.07 -27.47 -9.32
C ASN D 244 -21.22 -27.47 -7.79
N GLY D 245 -22.01 -28.43 -7.33
CA GLY D 245 -22.10 -28.69 -5.90
C GLY D 245 -21.04 -29.70 -5.54
N ALA D 246 -21.04 -30.15 -4.30
CA ALA D 246 -20.00 -31.03 -3.85
C ALA D 246 -20.63 -32.16 -3.14
N GLY D 247 -20.18 -33.35 -3.50
CA GLY D 247 -20.64 -34.57 -2.86
C GLY D 247 -19.58 -35.50 -2.35
N ALA D 248 -20.07 -36.56 -1.77
CA ALA D 248 -19.26 -37.55 -1.16
C ALA D 248 -19.68 -38.87 -1.76
N HIS D 249 -19.43 -39.09 -3.04
CA HIS D 249 -19.83 -40.35 -3.67
C HIS D 249 -19.32 -41.56 -2.90
N THR D 250 -20.23 -42.51 -2.61
CA THR D 250 -19.80 -43.75 -1.98
C THR D 250 -19.81 -44.90 -2.94
N ASN D 251 -18.61 -45.41 -3.18
CA ASN D 251 -18.45 -46.63 -3.95
C ASN D 251 -18.47 -47.78 -2.98
N TYR D 252 -19.07 -48.89 -3.43
CA TYR D 252 -19.42 -50.01 -2.57
C TYR D 252 -19.31 -51.30 -3.31
N SER D 253 -18.81 -52.28 -2.59
CA SER D 253 -18.87 -53.67 -3.05
C SER D 253 -18.86 -54.65 -1.84
N THR D 254 -19.53 -55.80 -2.04
CA THR D 254 -19.50 -56.94 -1.11
C THR D 254 -18.71 -58.08 -1.74
N GLU D 255 -18.24 -58.97 -0.87
CA GLU D 255 -17.57 -60.18 -1.31
C GLU D 255 -18.27 -60.73 -2.55
N SER D 256 -19.57 -61.00 -2.40
CA SER D 256 -20.32 -61.62 -3.48
C SER D 256 -20.47 -60.70 -4.73
N MET D 257 -20.24 -59.40 -4.57
CA MET D 257 -20.35 -58.52 -5.72
C MET D 257 -19.13 -58.57 -6.60
N ARG D 258 -17.96 -58.81 -6.00
CA ARG D 258 -16.65 -58.78 -6.74
C ARG D 258 -16.17 -60.16 -7.26
N LYS D 259 -16.99 -61.18 -6.96
CA LYS D 259 -16.78 -62.56 -7.43
C LYS D 259 -17.64 -62.82 -8.70
N GLU D 260 -17.45 -63.99 -9.33
CA GLU D 260 -18.17 -64.32 -10.56
C GLU D 260 -19.67 -64.06 -10.50
N GLY D 261 -20.17 -63.42 -11.58
CA GLY D 261 -21.58 -62.97 -11.69
C GLY D 261 -22.08 -62.13 -10.50
N GLY D 262 -21.23 -61.22 -10.02
CA GLY D 262 -21.60 -60.30 -8.95
C GLY D 262 -22.55 -59.23 -9.45
N TYR D 263 -22.52 -58.96 -10.76
CA TYR D 263 -23.35 -57.93 -11.37
C TYR D 263 -24.84 -58.13 -11.07
N GLU D 264 -25.28 -59.39 -10.99
CA GLU D 264 -26.64 -59.69 -10.59
C GLU D 264 -26.90 -59.22 -9.17
N VAL D 265 -25.94 -59.46 -8.25
CA VAL D 265 -26.06 -59.05 -6.84
C VAL D 265 -26.14 -57.52 -6.75
N ILE D 266 -25.36 -56.88 -7.62
CA ILE D 266 -25.33 -55.43 -7.75
C ILE D 266 -26.73 -54.89 -8.12
N LYS D 267 -27.33 -55.40 -9.22
CA LYS D 267 -28.64 -54.95 -9.60
C LYS D 267 -29.61 -55.12 -8.44
N ALA D 268 -29.49 -56.22 -7.72
CA ALA D 268 -30.45 -56.52 -6.64
C ALA D 268 -30.27 -55.55 -5.49
N ALA D 269 -29.01 -55.18 -5.23
CA ALA D 269 -28.69 -54.23 -4.19
C ALA D 269 -29.27 -52.85 -4.57
N ILE D 270 -29.06 -52.46 -5.83
CA ILE D 270 -29.58 -51.19 -6.34
C ILE D 270 -31.09 -51.12 -6.10
N GLU D 271 -31.75 -52.21 -6.46
CA GLU D 271 -33.19 -52.37 -6.29
C GLU D 271 -33.66 -52.07 -4.86
N LYS D 272 -32.97 -52.65 -3.87
CA LYS D 272 -33.28 -52.46 -2.45
C LYS D 272 -33.08 -51.00 -2.09
N LEU D 273 -32.05 -50.40 -2.69
CA LEU D 273 -31.72 -48.97 -2.50
C LEU D 273 -32.81 -48.03 -3.04
N LYS D 274 -33.37 -48.41 -4.20
CA LYS D 274 -34.49 -47.67 -4.76
C LYS D 274 -35.66 -47.56 -3.76
N LEU D 275 -35.87 -48.61 -2.98
CA LEU D 275 -37.02 -48.69 -2.11
C LEU D 275 -36.81 -47.86 -0.86
N ARG D 276 -35.55 -47.67 -0.48
CA ARG D 276 -35.23 -46.94 0.73
C ARG D 276 -34.54 -45.61 0.43
N HIS D 277 -34.77 -45.09 -0.75
CA HIS D 277 -34.24 -43.79 -1.16
C HIS D 277 -34.66 -42.74 -0.15
N LYS D 278 -35.97 -42.60 0.04
CA LYS D 278 -36.54 -41.56 0.93
C LYS D 278 -35.77 -41.41 2.27
N GLU D 279 -35.46 -42.55 2.90
CA GLU D 279 -34.87 -42.59 4.25
C GLU D 279 -33.34 -42.49 4.21
N HIS D 280 -32.79 -42.84 3.05
CA HIS D 280 -31.39 -42.57 2.80
C HIS D 280 -31.13 -41.08 2.63
N ILE D 281 -31.90 -40.44 1.75
CA ILE D 281 -31.79 -39.00 1.60
C ILE D 281 -31.74 -38.26 2.94
N ALA D 282 -32.63 -38.63 3.87
CA ALA D 282 -32.79 -37.98 5.19
C ALA D 282 -31.52 -37.98 6.06
N ALA D 283 -30.64 -38.95 5.79
CA ALA D 283 -29.38 -39.06 6.55
C ALA D 283 -28.15 -38.81 5.66
N TYR D 284 -28.38 -38.38 4.43
CA TYR D 284 -27.33 -38.19 3.47
C TYR D 284 -26.72 -36.78 3.50
N GLY D 285 -26.90 -36.11 4.64
CA GLY D 285 -26.30 -34.80 4.89
C GLY D 285 -27.27 -33.65 4.58
N GLU D 286 -27.18 -32.58 5.39
CA GLU D 286 -28.13 -31.47 5.27
C GLU D 286 -27.71 -30.41 4.28
N GLY D 287 -28.72 -29.81 3.65
CA GLY D 287 -28.50 -28.87 2.56
C GLY D 287 -28.55 -29.56 1.21
N ASN D 288 -28.72 -30.88 1.23
CA ASN D 288 -28.60 -31.65 0.00
C ASN D 288 -29.57 -31.17 -1.09
N GLU D 289 -30.69 -30.61 -0.64
CA GLU D 289 -31.75 -30.13 -1.53
C GLU D 289 -31.18 -29.12 -2.47
N ARG D 290 -30.15 -28.39 -2.02
CA ARG D 290 -29.60 -27.30 -2.82
C ARG D 290 -28.63 -27.83 -3.86
N ARG D 291 -28.12 -29.04 -3.64
CA ARG D 291 -27.21 -29.70 -4.60
C ARG D 291 -27.90 -30.54 -5.65
N LEU D 292 -28.68 -31.53 -5.18
CA LEU D 292 -29.36 -32.54 -6.04
C LEU D 292 -30.54 -31.96 -6.81
N THR D 293 -30.23 -31.48 -8.01
CA THR D 293 -31.22 -30.72 -8.77
C THR D 293 -31.51 -31.38 -10.11
N GLY D 294 -30.65 -32.30 -10.49
CA GLY D 294 -30.80 -32.98 -11.78
C GLY D 294 -29.84 -32.37 -12.80
N ARG D 295 -29.36 -31.15 -12.49
CA ARG D 295 -28.28 -30.48 -13.28
C ARG D 295 -26.95 -30.60 -12.57
N HIS D 296 -25.87 -30.26 -13.30
CA HIS D 296 -24.52 -30.26 -12.70
C HIS D 296 -24.14 -31.66 -12.15
N GLU D 297 -24.45 -32.70 -12.93
CA GLU D 297 -23.99 -34.08 -12.64
C GLU D 297 -24.59 -34.70 -11.34
N THR D 298 -25.83 -34.33 -11.07
CA THR D 298 -26.57 -34.91 -9.97
C THR D 298 -27.88 -35.52 -10.51
N ALA D 299 -28.56 -36.31 -9.68
CA ALA D 299 -29.95 -36.69 -10.00
C ALA D 299 -30.84 -35.94 -9.04
N ASP D 300 -32.03 -35.58 -9.53
CA ASP D 300 -33.05 -34.90 -8.69
C ASP D 300 -33.32 -35.67 -7.36
N ILE D 301 -33.45 -34.94 -6.24
CA ILE D 301 -33.63 -35.54 -4.91
C ILE D 301 -34.86 -36.47 -4.90
N ASN D 302 -35.87 -36.05 -5.65
CA ASN D 302 -37.15 -36.70 -5.58
C ASN D 302 -37.22 -38.00 -6.36
N THR D 303 -36.53 -38.08 -7.48
CA THR D 303 -36.51 -39.35 -8.22
C THR D 303 -35.36 -40.20 -7.73
N PHE D 304 -35.45 -41.51 -7.95
CA PHE D 304 -34.26 -42.38 -7.88
C PHE D 304 -33.96 -42.93 -9.27
N SER D 305 -32.70 -42.97 -9.70
CA SER D 305 -32.42 -43.56 -11.01
C SER D 305 -31.05 -44.22 -10.99
N TRP D 306 -30.84 -45.15 -11.93
CA TRP D 306 -29.49 -45.68 -12.11
C TRP D 306 -29.27 -45.94 -13.60
N GLY D 307 -27.99 -46.12 -13.97
CA GLY D 307 -27.55 -46.35 -15.37
C GLY D 307 -26.08 -46.70 -15.42
N VAL D 308 -25.56 -46.86 -16.63
CA VAL D 308 -24.20 -47.37 -16.69
C VAL D 308 -23.13 -46.31 -16.58
N ALA D 309 -22.87 -45.53 -17.62
CA ALA D 309 -21.85 -44.50 -17.46
C ALA D 309 -22.50 -43.15 -17.15
N ASN D 310 -23.62 -43.21 -16.43
CA ASN D 310 -24.49 -42.05 -16.33
C ASN D 310 -24.28 -41.20 -15.09
N ARG D 311 -23.56 -40.09 -15.26
CA ARG D 311 -23.32 -39.13 -14.17
C ARG D 311 -24.55 -38.29 -13.84
N GLY D 312 -25.61 -38.42 -14.65
CA GLY D 312 -26.92 -37.86 -14.31
C GLY D 312 -27.85 -38.72 -13.43
N ALA D 313 -27.41 -39.91 -13.04
CA ALA D 313 -28.22 -40.86 -12.29
C ALA D 313 -27.90 -40.90 -10.80
N SER D 314 -28.80 -41.49 -10.00
CA SER D 314 -28.62 -41.57 -8.51
C SER D 314 -27.53 -42.57 -8.14
N VAL D 315 -27.47 -43.68 -8.88
CA VAL D 315 -26.38 -44.63 -8.78
C VAL D 315 -25.78 -44.85 -10.16
N ARG D 316 -24.46 -45.06 -10.18
CA ARG D 316 -23.75 -45.29 -11.43
C ARG D 316 -22.93 -46.56 -11.34
N VAL D 317 -22.92 -47.35 -12.41
CA VAL D 317 -22.12 -48.56 -12.45
C VAL D 317 -21.09 -48.42 -13.54
N GLY D 318 -19.81 -48.47 -13.15
CA GLY D 318 -18.71 -48.40 -14.11
C GLY D 318 -18.82 -49.27 -15.36
N ARG D 319 -18.39 -48.74 -16.52
CA ARG D 319 -18.24 -49.52 -17.75
C ARG D 319 -17.44 -50.80 -17.47
N GLU D 320 -16.32 -50.64 -16.75
CA GLU D 320 -15.43 -51.73 -16.39
C GLU D 320 -16.13 -52.89 -15.63
N THR D 321 -16.87 -52.58 -14.56
CA THR D 321 -17.59 -53.63 -13.82
C THR D 321 -18.80 -54.19 -14.60
N GLU D 322 -19.35 -53.44 -15.56
CA GLU D 322 -20.42 -53.98 -16.45
C GLU D 322 -19.84 -55.02 -17.38
N GLN D 323 -18.74 -54.65 -18.01
CA GLN D 323 -18.09 -55.49 -18.98
C GLN D 323 -17.46 -56.73 -18.34
N ASN D 324 -17.20 -56.70 -17.05
CA ASN D 324 -16.62 -57.85 -16.35
C ASN D 324 -17.61 -58.67 -15.57
N GLY D 325 -18.88 -58.27 -15.60
CA GLY D 325 -19.95 -58.92 -14.85
C GLY D 325 -19.77 -58.91 -13.32
N LYS D 326 -18.74 -58.18 -12.88
CA LYS D 326 -18.38 -58.06 -11.46
C LYS D 326 -17.62 -56.74 -11.11
N GLY D 327 -18.04 -56.10 -10.01
CA GLY D 327 -17.28 -54.98 -9.48
C GLY D 327 -17.98 -54.28 -8.34
N TYR D 328 -18.30 -53.00 -8.58
CA TYR D 328 -18.83 -52.10 -7.53
C TYR D 328 -19.70 -51.04 -8.21
N PHE D 329 -20.54 -50.43 -7.40
CA PHE D 329 -21.34 -49.36 -7.89
C PHE D 329 -21.12 -48.12 -7.01
N GLU D 330 -21.48 -46.95 -7.54
CA GLU D 330 -21.22 -45.64 -6.93
C GLU D 330 -22.57 -45.00 -6.55
N ASP D 331 -22.80 -44.82 -5.26
CA ASP D 331 -24.00 -44.11 -4.82
C ASP D 331 -23.62 -42.64 -4.85
N ARG D 332 -24.18 -41.89 -5.79
CA ARG D 332 -23.82 -40.48 -5.95
C ARG D 332 -24.66 -39.54 -5.12
N ARG D 333 -25.46 -40.07 -4.23
CA ARG D 333 -26.44 -39.27 -3.50
C ARG D 333 -25.92 -38.51 -2.30
N PRO D 334 -24.93 -39.06 -1.57
CA PRO D 334 -24.53 -38.41 -0.33
C PRO D 334 -23.84 -37.07 -0.55
N ALA D 335 -24.12 -36.07 0.29
CA ALA D 335 -23.43 -34.78 0.17
C ALA D 335 -22.03 -34.80 0.79
N SER D 336 -21.23 -33.81 0.42
CA SER D 336 -19.90 -33.69 0.91
C SER D 336 -19.82 -33.57 2.40
N ASN D 337 -20.91 -33.16 3.06
CA ASN D 337 -20.96 -33.03 4.56
C ASN D 337 -21.59 -34.22 5.31
N MET D 338 -21.70 -35.29 4.54
CA MET D 338 -22.13 -36.58 5.00
C MET D 338 -21.25 -37.09 6.16
N ASP D 339 -21.87 -37.73 7.14
CA ASP D 339 -21.07 -38.41 8.15
C ASP D 339 -20.86 -39.77 7.57
N PRO D 340 -19.61 -40.12 7.29
CA PRO D 340 -19.36 -41.41 6.64
C PRO D 340 -19.81 -42.59 7.51
N TYR D 341 -19.70 -42.47 8.84
CA TYR D 341 -20.18 -43.53 9.70
C TYR D 341 -21.62 -43.88 9.36
N VAL D 342 -22.48 -42.87 9.32
CA VAL D 342 -23.89 -43.04 8.99
C VAL D 342 -24.14 -43.62 7.57
N VAL D 343 -23.54 -43.03 6.55
CA VAL D 343 -23.81 -43.45 5.19
C VAL D 343 -23.23 -44.82 4.94
N THR D 344 -22.08 -45.08 5.51
CA THR D 344 -21.36 -46.28 5.19
C THR D 344 -22.05 -47.51 5.74
N SER D 345 -22.55 -47.43 6.96
CA SER D 345 -23.22 -48.56 7.56
C SER D 345 -24.65 -48.68 7.05
N MET D 346 -25.36 -47.56 6.94
CA MET D 346 -26.71 -47.58 6.38
C MET D 346 -26.78 -48.26 5.00
N ILE D 347 -25.75 -48.10 4.18
CA ILE D 347 -25.69 -48.82 2.92
C ILE D 347 -25.57 -50.32 3.14
N ALA D 348 -24.68 -50.75 4.05
CA ALA D 348 -24.55 -52.19 4.38
C ALA D 348 -25.89 -52.74 4.89
N GLU D 349 -26.56 -51.97 5.75
CA GLU D 349 -27.81 -52.42 6.35
C GLU D 349 -28.89 -52.60 5.32
N THR D 350 -29.08 -51.62 4.46
CA THR D 350 -30.13 -51.68 3.46
C THR D 350 -29.80 -52.68 2.37
N THR D 351 -28.56 -53.14 2.38
CA THR D 351 -28.08 -53.95 1.29
C THR D 351 -27.89 -55.42 1.66
N ILE D 352 -27.64 -55.68 2.92
CA ILE D 352 -27.48 -57.03 3.41
C ILE D 352 -28.62 -57.44 4.36
N VAL D 353 -28.69 -56.83 5.54
CA VAL D 353 -29.66 -57.21 6.59
C VAL D 353 -31.15 -57.17 6.19
N TRP D 354 -31.62 -56.01 5.74
CA TRP D 354 -33.03 -55.74 5.44
C TRP D 354 -33.54 -56.52 4.19
N LYS D 355 -34.81 -56.96 4.22
CA LYS D 355 -35.49 -57.67 3.10
C LYS D 355 -36.92 -57.24 2.70
N CYS E 3 22.48 -15.80 5.18
CA CYS E 3 22.09 -14.61 6.03
C CYS E 3 21.85 -14.84 7.57
N LEU E 4 20.67 -14.46 8.12
CA LEU E 4 20.59 -14.25 9.56
C LEU E 4 20.36 -15.50 10.37
N THR E 5 19.57 -16.39 9.83
CA THR E 5 19.35 -17.63 10.53
C THR E 5 20.51 -18.62 10.40
N ASP E 6 21.40 -18.40 9.43
CA ASP E 6 22.65 -19.21 9.34
C ASP E 6 23.59 -18.96 10.54
N LEU E 7 23.64 -17.71 10.97
CA LEU E 7 24.43 -17.31 12.10
C LEU E 7 23.78 -17.69 13.42
N VAL E 8 22.49 -17.45 13.58
CA VAL E 8 21.81 -17.81 14.83
C VAL E 8 21.84 -19.33 15.10
N ASN E 9 21.94 -20.11 14.01
CA ASN E 9 21.93 -21.56 14.11
C ASN E 9 23.28 -22.23 13.94
N LEU E 10 24.34 -21.44 13.97
CA LEU E 10 25.68 -21.98 13.97
C LEU E 10 25.85 -23.06 14.99
N ASN E 11 26.40 -24.18 14.57
CA ASN E 11 26.78 -25.24 15.52
C ASN E 11 28.17 -24.94 16.11
N LEU E 12 28.20 -24.71 17.41
CA LEU E 12 29.45 -24.30 18.03
C LEU E 12 30.40 -25.48 18.32
N SER E 13 29.79 -26.65 18.60
CA SER E 13 30.47 -27.95 18.87
C SER E 13 31.67 -28.23 17.96
N ASP E 14 31.58 -27.76 16.70
CA ASP E 14 32.60 -27.96 15.66
C ASP E 14 33.85 -27.11 15.90
N THR E 15 33.79 -26.20 16.87
CA THR E 15 34.80 -25.18 16.98
C THR E 15 35.32 -24.94 18.38
N THR E 16 34.43 -25.01 19.37
CA THR E 16 34.88 -25.07 20.80
C THR E 16 34.04 -25.94 21.72
N GLU E 17 34.62 -26.10 22.89
CA GLU E 17 34.01 -26.79 23.98
C GLU E 17 33.11 -25.82 24.77
N LYS E 18 33.30 -24.50 24.53
CA LYS E 18 32.59 -23.46 25.29
C LYS E 18 31.04 -23.52 25.19
N ILE E 19 30.40 -23.00 26.22
CA ILE E 19 28.96 -23.13 26.45
C ILE E 19 28.35 -21.77 26.70
N ILE E 20 27.08 -21.64 26.31
CA ILE E 20 26.32 -20.43 26.65
C ILE E 20 25.20 -20.72 27.61
N ALA E 21 25.28 -20.05 28.77
CA ALA E 21 24.26 -20.19 29.79
C ALA E 21 23.46 -18.90 29.94
N GLU E 22 22.13 -19.07 29.89
CA GLU E 22 21.17 -17.97 29.98
C GLU E 22 20.54 -17.98 31.33
N TYR E 23 20.94 -17.04 32.18
CA TYR E 23 20.45 -17.02 33.54
C TYR E 23 19.14 -16.32 33.53
N ILE E 24 18.11 -16.98 34.02
CA ILE E 24 16.79 -16.42 34.07
C ILE E 24 16.42 -16.07 35.50
N TRP E 25 15.81 -14.91 35.73
CA TRP E 25 15.27 -14.59 37.06
C TRP E 25 13.95 -13.85 37.02
N ILE E 26 13.38 -13.60 38.19
CA ILE E 26 12.11 -12.90 38.26
C ILE E 26 12.26 -11.50 38.83
N GLY E 27 11.68 -10.53 38.16
CA GLY E 27 12.01 -9.13 38.42
C GLY E 27 11.19 -8.46 39.47
N GLY E 28 11.36 -7.13 39.56
CA GLY E 28 10.75 -6.32 40.59
C GLY E 28 9.23 -6.39 40.77
N SER E 29 8.50 -6.70 39.71
CA SER E 29 7.04 -6.77 39.85
C SER E 29 6.54 -8.16 40.26
N GLY E 30 7.43 -9.14 40.35
CA GLY E 30 7.02 -10.52 40.69
C GLY E 30 6.32 -11.26 39.56
N MET E 31 6.20 -10.58 38.42
CA MET E 31 5.58 -11.10 37.21
C MET E 31 6.41 -10.91 35.92
N ASP E 32 7.56 -10.28 36.02
CA ASP E 32 8.39 -10.06 34.84
C ASP E 32 9.64 -10.96 34.78
N LEU E 33 9.74 -11.83 33.76
CA LEU E 33 10.97 -12.59 33.61
C LEU E 33 12.11 -11.77 33.00
N ARG E 34 13.34 -11.98 33.48
CA ARG E 34 14.51 -11.29 32.95
C ARG E 34 15.61 -12.30 32.76
N SER E 35 16.46 -12.09 31.77
CA SER E 35 17.58 -12.99 31.53
C SER E 35 18.75 -12.28 30.89
N LYS E 36 19.93 -12.80 31.20
CA LYS E 36 21.15 -12.52 30.46
C LYS E 36 22.03 -13.76 30.29
N ALA E 37 23.01 -13.67 29.41
CA ALA E 37 23.83 -14.83 29.10
C ALA E 37 25.32 -14.63 29.33
N ARG E 38 25.95 -15.74 29.73
CA ARG E 38 27.39 -15.79 29.85
C ARG E 38 27.98 -17.04 29.22
N THR E 39 29.26 -16.95 28.86
CA THR E 39 30.01 -18.07 28.35
C THR E 39 30.66 -18.81 29.52
N LEU E 40 30.57 -20.13 29.46
CA LEU E 40 31.20 -21.01 30.44
C LEU E 40 32.15 -21.97 29.75
N PRO E 41 33.23 -22.41 30.45
CA PRO E 41 34.34 -23.09 29.72
C PRO E 41 34.03 -24.51 29.18
N GLY E 42 33.08 -25.20 29.79
CA GLY E 42 32.71 -26.51 29.29
C GLY E 42 31.30 -26.84 29.74
N PRO E 43 30.75 -27.96 29.23
CA PRO E 43 29.37 -28.40 29.56
C PRO E 43 29.22 -28.51 31.05
N VAL E 44 28.01 -28.27 31.54
CA VAL E 44 27.74 -28.49 32.97
C VAL E 44 26.38 -29.16 33.11
N THR E 45 26.25 -30.16 34.00
CA THR E 45 24.93 -30.84 34.23
C THR E 45 24.38 -30.68 35.63
N ASP E 46 25.22 -30.23 36.55
CA ASP E 46 24.78 -30.04 37.91
C ASP E 46 24.75 -28.56 38.34
N PRO E 47 23.57 -28.05 38.77
CA PRO E 47 23.32 -26.69 39.21
C PRO E 47 24.40 -26.15 40.18
N SER E 48 24.85 -26.97 41.13
CA SER E 48 25.83 -26.49 42.13
C SER E 48 27.23 -26.31 41.56
N LYS E 49 27.44 -26.74 40.32
CA LYS E 49 28.74 -26.57 39.67
C LYS E 49 28.79 -25.33 38.77
N LEU E 50 27.66 -24.59 38.72
CA LEU E 50 27.56 -23.30 38.02
C LEU E 50 27.89 -22.19 38.97
N PRO E 51 28.73 -21.24 38.51
CA PRO E 51 29.06 -20.10 39.36
C PRO E 51 27.82 -19.26 39.61
N LYS E 52 27.77 -18.62 40.78
CA LYS E 52 26.74 -17.63 41.09
C LYS E 52 27.03 -16.39 40.27
N TRP E 53 26.03 -15.51 40.22
CA TRP E 53 26.18 -14.34 39.39
C TRP E 53 25.41 -13.18 40.00
N ASN E 54 25.53 -11.99 39.39
CA ASN E 54 24.78 -10.84 39.82
C ASN E 54 24.25 -10.04 38.64
N TYR E 55 23.35 -9.10 38.89
CA TYR E 55 22.82 -8.21 37.87
C TYR E 55 22.48 -6.89 38.47
N ASP E 56 22.14 -5.94 37.62
CA ASP E 56 21.78 -4.62 38.11
C ASP E 56 20.35 -4.54 38.60
N GLY E 57 20.15 -4.85 39.87
CA GLY E 57 18.82 -4.72 40.49
C GLY E 57 18.23 -3.30 40.43
N SER E 58 19.08 -2.28 40.30
CA SER E 58 18.56 -0.93 40.22
C SER E 58 17.75 -0.79 38.96
N SER E 59 17.98 -1.65 37.97
CA SER E 59 17.21 -1.57 36.71
C SER E 59 16.02 -2.52 36.57
N THR E 60 15.72 -3.28 37.62
CA THR E 60 14.60 -4.22 37.63
C THR E 60 13.68 -3.92 38.80
N GLY E 61 13.89 -2.77 39.44
CA GLY E 61 13.16 -2.34 40.67
C GLY E 61 13.34 -3.20 41.93
N GLN E 62 14.58 -3.64 42.19
CA GLN E 62 14.89 -4.59 43.27
C GLN E 62 16.01 -4.13 44.22
N ALA E 63 16.67 -3.05 43.82
CA ALA E 63 17.79 -2.47 44.58
C ALA E 63 17.94 -1.00 44.24
N PRO E 64 18.58 -0.22 45.14
CA PRO E 64 19.00 1.15 44.83
C PRO E 64 20.28 1.26 43.96
N GLY E 65 20.44 2.43 43.34
CA GLY E 65 21.56 2.69 42.42
C GLY E 65 22.93 2.60 43.08
N GLU E 66 23.00 3.03 44.34
CA GLU E 66 24.28 3.09 45.11
C GLU E 66 24.63 1.74 45.75
N ASP E 67 23.62 0.87 45.87
CA ASP E 67 23.83 -0.48 46.35
C ASP E 67 23.15 -1.45 45.37
N SER E 68 23.57 -1.41 44.12
CA SER E 68 22.82 -2.01 43.03
C SER E 68 22.92 -3.53 42.83
N GLU E 69 23.95 -4.18 43.37
CA GLU E 69 24.19 -5.59 43.07
C GLU E 69 23.18 -6.50 43.75
N VAL E 70 22.63 -7.44 43.00
CA VAL E 70 21.76 -8.51 43.49
C VAL E 70 22.25 -9.87 42.97
N ILE E 71 22.15 -10.90 43.78
CA ILE E 71 22.86 -12.12 43.49
C ILE E 71 21.95 -13.21 42.94
N LEU E 72 22.46 -13.97 41.99
CA LEU E 72 21.71 -15.04 41.37
C LEU E 72 22.26 -16.40 41.76
N TYR E 73 21.38 -17.22 42.30
CA TYR E 73 21.72 -18.59 42.67
C TYR E 73 21.13 -19.54 41.63
N PRO E 74 21.99 -20.25 40.90
CA PRO E 74 21.49 -21.23 39.97
C PRO E 74 20.71 -22.29 40.74
N GLN E 75 19.54 -22.68 40.27
CA GLN E 75 18.76 -23.74 40.94
C GLN E 75 18.37 -24.90 40.07
N ALA E 76 18.09 -24.64 38.79
CA ALA E 76 17.74 -25.70 37.83
C ALA E 76 18.27 -25.46 36.42
N ILE E 77 18.72 -26.54 35.80
CA ILE E 77 19.28 -26.47 34.48
C ILE E 77 18.28 -27.10 33.51
N PHE E 78 18.14 -26.50 32.34
CA PHE E 78 17.41 -27.08 31.21
C PHE E 78 18.15 -26.76 29.93
N LYS E 79 17.94 -27.57 28.89
CA LYS E 79 18.60 -27.34 27.64
C LYS E 79 17.93 -26.15 26.95
N ASP E 80 18.73 -25.27 26.35
CA ASP E 80 18.23 -24.08 25.65
C ASP E 80 17.77 -24.52 24.25
N PRO E 81 16.47 -24.40 24.00
CA PRO E 81 15.94 -24.87 22.77
C PRO E 81 16.21 -23.86 21.68
N PHE E 82 16.57 -22.64 22.05
CA PHE E 82 16.89 -21.64 21.04
C PHE E 82 18.31 -21.79 20.51
N ARG E 83 19.27 -21.74 21.42
CA ARG E 83 20.66 -21.82 21.03
C ARG E 83 21.07 -23.26 20.72
N ARG E 84 20.29 -24.22 21.22
CA ARG E 84 20.53 -25.66 20.96
C ARG E 84 21.95 -26.16 21.33
N GLY E 85 22.42 -27.25 20.69
CA GLY E 85 23.68 -27.88 21.08
C GLY E 85 23.78 -28.08 22.59
N ASN E 86 24.89 -27.66 23.18
CA ASN E 86 25.05 -27.91 24.61
C ASN E 86 24.65 -26.76 25.51
N ASN E 87 24.08 -25.73 24.90
CA ASN E 87 23.80 -24.49 25.65
C ASN E 87 22.58 -24.67 26.54
N ILE E 88 22.51 -23.87 27.62
CA ILE E 88 21.61 -24.16 28.73
C ILE E 88 20.88 -22.94 29.22
N LEU E 89 19.68 -23.19 29.78
CA LEU E 89 18.91 -22.22 30.53
C LEU E 89 19.07 -22.55 31.99
N VAL E 90 19.13 -21.54 32.83
CA VAL E 90 19.42 -21.70 34.24
C VAL E 90 18.43 -20.90 35.04
N MET E 91 17.56 -21.59 35.74
CA MET E 91 16.53 -20.90 36.46
C MET E 91 17.14 -20.40 37.75
N CYS E 92 16.74 -19.21 38.19
CA CYS E 92 17.41 -18.60 39.34
C CYS E 92 16.58 -18.07 40.52
N ASP E 93 17.36 -17.73 41.56
CA ASP E 93 16.87 -17.40 42.86
C ASP E 93 17.54 -16.11 43.26
N CYS E 94 16.86 -15.22 43.96
CA CYS E 94 17.48 -13.91 44.24
C CYS E 94 17.86 -13.46 45.67
N TYR E 95 19.07 -12.95 45.85
CA TYR E 95 19.58 -12.71 47.20
C TYR E 95 20.36 -11.43 47.30
N THR E 96 20.39 -10.84 48.50
CA THR E 96 21.31 -9.72 48.78
C THR E 96 22.73 -10.24 48.83
N PRO E 97 23.71 -9.31 48.84
CA PRO E 97 25.07 -9.83 48.89
C PRO E 97 25.34 -10.50 50.26
N ALA E 98 24.52 -10.12 51.24
CA ALA E 98 24.56 -10.67 52.60
C ALA E 98 23.91 -12.06 52.76
N GLY E 99 23.44 -12.64 51.63
CA GLY E 99 22.77 -13.95 51.62
C GLY E 99 21.31 -13.98 52.13
N GLU E 100 20.68 -12.81 52.14
CA GLU E 100 19.26 -12.69 52.43
C GLU E 100 18.45 -12.87 51.15
N PRO E 101 17.36 -13.65 51.21
CA PRO E 101 16.49 -13.66 50.03
C PRO E 101 15.70 -12.35 49.94
N ILE E 102 15.67 -11.75 48.75
CA ILE E 102 14.95 -10.48 48.56
C ILE E 102 13.43 -10.69 48.59
N PRO E 103 12.67 -9.60 48.83
CA PRO E 103 11.23 -9.72 49.05
C PRO E 103 10.48 -10.40 47.92
N THR E 104 11.02 -10.32 46.72
CA THR E 104 10.36 -10.84 45.51
C THR E 104 10.74 -12.28 45.14
N ASN E 105 11.68 -12.81 45.91
CA ASN E 105 12.06 -14.20 45.85
C ASN E 105 11.04 -15.05 46.66
N LYS E 106 10.18 -15.78 45.94
CA LYS E 106 9.19 -16.58 46.64
C LYS E 106 9.57 -18.06 46.58
N ARG E 107 10.73 -18.34 45.96
CA ARG E 107 11.26 -19.72 45.87
C ARG E 107 11.80 -20.17 47.21
N TYR E 108 12.48 -19.27 47.92
CA TYR E 108 13.05 -19.57 49.22
C TYR E 108 12.04 -20.07 50.20
N SER E 109 10.93 -19.35 50.37
CA SER E 109 9.81 -19.82 51.25
C SER E 109 9.29 -21.18 50.86
N ALA E 110 9.06 -21.35 49.58
CA ALA E 110 8.49 -22.57 49.09
C ALA E 110 9.46 -23.70 49.25
N ALA E 111 10.75 -23.43 49.16
CA ALA E 111 11.75 -24.49 49.29
C ALA E 111 11.72 -25.07 50.69
N LYS E 112 11.66 -24.16 51.67
CA LYS E 112 11.53 -24.53 53.10
C LYS E 112 10.34 -25.49 53.32
N ILE E 113 9.16 -25.13 52.78
CA ILE E 113 7.99 -25.96 52.94
C ILE E 113 8.17 -27.32 52.29
N PHE E 114 8.81 -27.38 51.15
CA PHE E 114 8.99 -28.67 50.52
C PHE E 114 10.18 -29.49 51.04
N SER E 115 11.06 -28.87 51.84
CA SER E 115 12.15 -29.58 52.56
C SER E 115 11.70 -30.17 53.91
N SER E 116 10.92 -29.40 54.66
CA SER E 116 10.20 -29.81 55.89
C SER E 116 9.64 -31.25 55.73
N PRO E 117 10.13 -32.17 56.62
CA PRO E 117 10.13 -33.63 56.36
C PRO E 117 8.75 -34.31 56.26
N GLU E 118 7.71 -33.75 56.91
CA GLU E 118 6.34 -34.32 56.87
C GLU E 118 5.63 -34.01 55.55
N VAL E 119 6.13 -32.97 54.87
CA VAL E 119 5.68 -32.61 53.54
C VAL E 119 6.41 -33.52 52.56
N ALA E 120 7.75 -33.51 52.61
CA ALA E 120 8.62 -34.36 51.75
C ALA E 120 8.18 -35.82 51.64
N ALA E 121 7.78 -36.36 52.80
CA ALA E 121 7.31 -37.74 52.93
C ALA E 121 5.98 -38.00 52.22
N GLU E 122 5.14 -36.96 52.14
CA GLU E 122 3.85 -37.03 51.45
C GLU E 122 4.04 -36.89 49.95
N GLU E 123 5.21 -36.36 49.58
CA GLU E 123 5.71 -36.29 48.20
C GLU E 123 4.61 -35.75 47.28
N PRO E 124 4.32 -34.44 47.40
CA PRO E 124 3.19 -33.90 46.69
C PRO E 124 3.50 -33.75 45.21
N TRP E 125 2.41 -33.84 44.45
CA TRP E 125 2.47 -33.80 43.02
C TRP E 125 1.63 -32.64 42.52
N TYR E 126 2.20 -31.88 41.58
CA TYR E 126 1.43 -30.85 40.98
C TYR E 126 1.45 -30.92 39.46
N GLY E 127 0.25 -30.85 38.87
CA GLY E 127 0.06 -30.59 37.44
C GLY E 127 -0.61 -29.23 37.33
N ILE E 128 0.09 -28.25 36.71
CA ILE E 128 -0.53 -26.94 36.60
C ILE E 128 -0.88 -26.58 35.13
N GLU E 129 -2.08 -26.04 34.92
CA GLU E 129 -2.63 -25.78 33.60
C GLU E 129 -2.49 -24.32 33.32
N GLN E 130 -1.49 -23.94 32.53
CA GLN E 130 -1.25 -22.52 32.22
C GLN E 130 -2.03 -22.12 31.01
N GLU E 131 -3.01 -21.25 31.21
CA GLU E 131 -3.78 -20.68 30.12
C GLU E 131 -3.18 -19.31 29.89
N TYR E 132 -3.20 -18.83 28.64
CA TYR E 132 -2.70 -17.48 28.30
C TYR E 132 -3.39 -17.03 27.05
N THR E 133 -3.18 -15.75 26.71
CA THR E 133 -3.87 -15.17 25.56
C THR E 133 -2.85 -14.52 24.63
N LEU E 134 -3.06 -14.63 23.31
CA LEU E 134 -2.11 -14.06 22.37
C LEU E 134 -2.66 -12.77 21.81
N LEU E 135 -1.80 -11.75 21.72
CA LEU E 135 -2.25 -10.41 21.36
C LEU E 135 -1.40 -9.81 20.28
N GLN E 136 -2.04 -9.04 19.38
CA GLN E 136 -1.35 -8.33 18.29
C GLN E 136 -0.54 -7.21 18.87
N LYS E 137 0.73 -7.14 18.44
CA LYS E 137 1.67 -6.14 18.96
C LYS E 137 1.11 -4.75 18.75
N ASP E 138 1.30 -3.86 19.72
CA ASP E 138 0.91 -2.47 19.49
C ASP E 138 -0.59 -2.13 19.65
N THR E 139 -1.50 -2.89 19.04
CA THR E 139 -2.94 -2.63 19.20
C THR E 139 -3.42 -3.29 20.45
N ASN E 140 -2.76 -4.37 20.83
CA ASN E 140 -3.05 -5.08 22.08
C ASN E 140 -4.42 -5.74 22.11
N TRP E 141 -4.85 -6.10 20.92
CA TRP E 141 -6.10 -6.77 20.66
C TRP E 141 -5.76 -8.23 20.32
N PRO E 142 -6.59 -9.17 20.73
CA PRO E 142 -6.30 -10.59 20.64
C PRO E 142 -6.04 -11.06 19.24
N LEU E 143 -5.03 -11.91 19.10
CA LEU E 143 -4.63 -12.48 17.82
C LEU E 143 -5.80 -13.09 17.04
N GLY E 144 -5.96 -12.71 15.79
CA GLY E 144 -7.06 -13.29 15.03
C GLY E 144 -8.37 -12.50 15.05
N TRP E 145 -8.48 -11.62 16.04
CA TRP E 145 -9.61 -10.69 16.13
C TRP E 145 -9.37 -9.54 15.19
N PRO E 146 -10.41 -9.07 14.54
CA PRO E 146 -10.27 -7.90 13.66
C PRO E 146 -10.19 -6.67 14.52
N ILE E 147 -9.50 -5.66 14.01
CA ILE E 147 -9.23 -4.50 14.86
C ILE E 147 -10.50 -3.69 15.05
N GLY E 148 -10.80 -3.42 16.32
CA GLY E 148 -12.00 -2.69 16.74
C GLY E 148 -13.28 -3.49 16.56
N GLY E 149 -13.15 -4.80 16.72
CA GLY E 149 -14.27 -5.68 16.47
C GLY E 149 -14.03 -7.02 17.11
N PHE E 150 -14.95 -7.95 16.88
CA PHE E 150 -14.88 -9.20 17.57
C PHE E 150 -15.12 -10.28 16.58
N PRO E 151 -14.59 -11.48 16.86
CA PRO E 151 -14.92 -12.64 16.08
C PRO E 151 -16.29 -13.17 16.45
N GLY E 152 -16.69 -14.25 15.79
CA GLY E 152 -17.93 -14.93 16.12
C GLY E 152 -17.97 -15.32 17.60
N PRO E 153 -19.18 -15.55 18.19
CA PRO E 153 -19.26 -15.83 19.64
C PRO E 153 -18.60 -17.16 19.94
N GLN E 154 -18.19 -17.32 21.21
CA GLN E 154 -17.53 -18.52 21.70
C GLN E 154 -18.31 -19.80 21.36
N GLY E 155 -17.61 -20.90 21.20
CA GLY E 155 -18.29 -22.11 20.79
C GLY E 155 -17.39 -22.96 19.93
N PRO E 156 -17.03 -22.47 18.71
CA PRO E 156 -16.22 -23.36 17.83
C PRO E 156 -14.70 -23.34 18.11
N TYR E 157 -14.25 -22.56 19.10
CA TYR E 157 -12.84 -22.33 19.25
C TYR E 157 -12.14 -23.37 20.05
N TYR E 158 -12.77 -23.79 21.15
CA TYR E 158 -12.20 -24.81 22.06
C TYR E 158 -11.72 -26.10 21.31
N CYS E 159 -10.41 -26.39 21.39
CA CYS E 159 -9.83 -27.56 20.72
C CYS E 159 -10.14 -27.65 19.23
N GLY E 160 -10.34 -26.51 18.59
CA GLY E 160 -10.74 -26.48 17.21
C GLY E 160 -9.59 -26.57 16.23
N ILE E 161 -9.97 -26.73 14.97
CA ILE E 161 -9.02 -26.67 13.88
C ILE E 161 -9.59 -25.89 12.76
N GLY E 162 -8.67 -25.26 11.99
CA GLY E 162 -8.97 -24.49 10.80
C GLY E 162 -8.61 -23.03 10.91
N ALA E 163 -8.46 -22.36 9.78
CA ALA E 163 -8.00 -20.97 9.80
C ALA E 163 -8.92 -19.93 10.45
N GLU E 164 -10.22 -20.13 10.40
CA GLU E 164 -11.13 -19.14 11.00
C GLU E 164 -11.42 -19.42 12.43
N LYS E 165 -10.87 -20.50 12.94
CA LYS E 165 -11.12 -20.92 14.32
C LYS E 165 -9.85 -20.86 15.21
N SER E 166 -8.71 -21.17 14.63
CA SER E 166 -7.58 -21.50 15.45
C SER E 166 -6.41 -20.54 15.17
N PHE E 167 -6.11 -19.68 16.14
CA PHE E 167 -5.09 -18.65 15.91
C PHE E 167 -3.75 -18.85 16.62
N GLY E 168 -2.72 -19.10 15.85
CA GLY E 168 -1.37 -19.18 16.42
C GLY E 168 -0.81 -20.53 16.83
N ARG E 169 -1.33 -21.58 16.22
CA ARG E 169 -0.94 -22.94 16.57
C ARG E 169 0.55 -23.06 16.43
N ASP E 170 1.04 -22.43 15.37
CA ASP E 170 2.43 -22.19 15.20
C ASP E 170 3.17 -22.06 16.51
N ILE E 171 2.77 -21.03 17.25
CA ILE E 171 3.47 -20.68 18.44
C ILE E 171 3.35 -21.82 19.38
N VAL E 172 2.13 -22.30 19.54
CA VAL E 172 1.82 -23.35 20.50
C VAL E 172 2.64 -24.62 20.28
N ASP E 173 2.59 -25.17 19.06
CA ASP E 173 3.32 -26.42 18.76
C ASP E 173 4.82 -26.24 18.92
N ALA E 174 5.31 -25.04 18.63
CA ALA E 174 6.70 -24.73 18.77
C ALA E 174 7.06 -24.89 20.22
N HIS E 175 6.30 -24.23 21.04
CA HIS E 175 6.53 -24.23 22.47
C HIS E 175 6.57 -25.62 23.01
N TYR E 176 5.52 -26.39 22.69
CA TYR E 176 5.44 -27.77 23.11
C TYR E 176 6.78 -28.53 22.87
N LYS E 177 7.30 -28.52 21.65
CA LYS E 177 8.52 -29.24 21.42
C LYS E 177 9.64 -28.58 22.17
N ALA E 178 9.69 -27.25 22.15
CA ALA E 178 10.75 -26.52 22.84
C ALA E 178 10.89 -27.03 24.26
N CYS E 179 9.74 -27.04 24.92
CA CYS E 179 9.68 -27.47 26.29
C CYS E 179 10.16 -28.90 26.48
N LEU E 180 9.61 -29.82 25.70
CA LEU E 180 10.10 -31.19 25.76
C LEU E 180 11.63 -31.31 25.63
N TYR E 181 12.17 -30.57 24.66
CA TYR E 181 13.56 -30.65 24.33
C TYR E 181 14.36 -30.18 25.52
N ALA E 182 13.86 -29.09 26.12
CA ALA E 182 14.50 -28.42 27.24
C ALA E 182 14.57 -29.30 28.48
N GLY E 183 13.58 -30.19 28.59
CA GLY E 183 13.44 -31.12 29.71
C GLY E 183 12.35 -30.72 30.70
N ILE E 184 11.46 -29.82 30.29
CA ILE E 184 10.29 -29.51 31.10
C ILE E 184 9.34 -30.68 30.97
N ASN E 185 8.79 -31.11 32.11
CA ASN E 185 7.76 -32.12 32.06
C ASN E 185 6.41 -31.52 31.60
N ILE E 186 6.22 -31.42 30.28
CA ILE E 186 5.04 -30.81 29.77
C ILE E 186 4.12 -31.90 29.35
N SER E 187 2.89 -31.87 29.85
CA SER E 187 2.04 -33.04 29.72
C SER E 187 1.08 -32.95 28.56
N GLY E 188 0.85 -31.72 28.10
CA GLY E 188 -0.07 -31.57 26.98
C GLY E 188 -0.50 -30.15 26.78
N ILE E 189 -1.18 -29.94 25.65
CA ILE E 189 -1.59 -28.60 25.21
C ILE E 189 -3.02 -28.71 24.69
N ASN E 190 -3.69 -27.56 24.50
CA ASN E 190 -5.03 -27.49 23.84
C ASN E 190 -5.45 -26.08 23.53
N GLY E 191 -6.23 -25.93 22.47
CA GLY E 191 -6.81 -24.64 22.14
C GLY E 191 -7.91 -24.35 23.15
N GLU E 192 -7.97 -23.14 23.71
CA GLU E 192 -9.02 -22.87 24.73
C GLU E 192 -10.26 -22.20 24.16
N VAL E 193 -11.19 -21.84 25.06
CA VAL E 193 -12.52 -21.40 24.70
C VAL E 193 -12.63 -20.07 23.93
N MET E 194 -11.85 -19.05 24.36
CA MET E 194 -11.84 -17.73 23.70
C MET E 194 -10.85 -17.73 22.59
N PRO E 195 -11.27 -17.30 21.41
CA PRO E 195 -10.44 -17.43 20.23
C PRO E 195 -9.15 -16.71 20.50
N GLY E 196 -8.04 -17.37 20.27
CA GLY E 196 -6.76 -16.77 20.60
C GLY E 196 -6.16 -17.07 21.99
N GLN E 197 -6.87 -17.90 22.75
CA GLN E 197 -6.42 -18.31 24.07
C GLN E 197 -6.00 -19.79 24.03
N TRP E 198 -4.86 -20.06 24.65
CA TRP E 198 -4.30 -21.40 24.62
C TRP E 198 -3.92 -21.90 26.01
N GLU E 199 -3.44 -23.14 26.06
CA GLU E 199 -3.15 -23.76 27.32
C GLU E 199 -2.05 -24.76 27.08
N PHE E 200 -1.15 -24.85 28.07
CA PHE E 200 -0.26 -26.00 28.22
C PHE E 200 -0.29 -26.46 29.67
N GLN E 201 0.02 -27.73 29.87
CA GLN E 201 0.07 -28.29 31.20
C GLN E 201 1.48 -28.72 31.55
N VAL E 202 1.98 -28.30 32.72
CA VAL E 202 3.21 -28.84 33.24
C VAL E 202 2.86 -29.95 34.18
N GLY E 203 3.00 -31.17 33.61
CA GLY E 203 2.51 -32.49 34.10
C GLY E 203 3.03 -32.85 35.48
N PRO E 204 2.79 -34.08 35.95
CA PRO E 204 2.94 -34.25 37.41
C PRO E 204 4.44 -34.04 37.89
N SER E 205 4.67 -32.93 38.57
CA SER E 205 5.99 -32.56 39.01
C SER E 205 5.99 -32.36 40.52
N VAL E 206 7.07 -32.80 41.15
CA VAL E 206 7.15 -32.87 42.63
C VAL E 206 7.59 -31.54 43.25
N GLY E 207 6.79 -31.05 44.19
CA GLY E 207 7.21 -29.92 45.03
C GLY E 207 7.89 -28.75 44.37
N ILE E 208 9.12 -28.48 44.79
CA ILE E 208 9.72 -27.24 44.33
C ILE E 208 9.88 -27.20 42.80
N SER E 209 10.22 -28.33 42.18
CA SER E 209 10.49 -28.34 40.73
C SER E 209 9.26 -27.99 39.86
N SER E 210 8.04 -28.10 40.42
CA SER E 210 6.87 -27.64 39.70
C SER E 210 7.00 -26.18 39.43
N GLY E 211 7.10 -25.39 40.49
CA GLY E 211 7.39 -23.94 40.34
C GLY E 211 8.51 -23.55 39.36
N ASP E 212 9.66 -24.22 39.46
CA ASP E 212 10.77 -24.00 38.60
C ASP E 212 10.37 -24.23 37.17
N GLN E 213 9.72 -25.35 36.88
CA GLN E 213 9.36 -25.68 35.49
C GLN E 213 8.29 -24.78 34.90
N VAL E 214 7.29 -24.41 35.68
CA VAL E 214 6.33 -23.47 35.18
C VAL E 214 7.00 -22.14 34.79
N TRP E 215 7.81 -21.57 35.68
CA TRP E 215 8.49 -20.34 35.28
C TRP E 215 9.28 -20.50 33.97
N VAL E 216 10.09 -21.55 33.86
CA VAL E 216 10.93 -21.73 32.69
C VAL E 216 10.08 -21.96 31.46
N ALA E 217 8.96 -22.64 31.61
CA ALA E 217 8.02 -22.82 30.51
C ALA E 217 7.46 -21.49 30.07
N ARG E 218 7.13 -20.63 31.02
CA ARG E 218 6.67 -19.31 30.66
C ARG E 218 7.75 -18.49 29.94
N TYR E 219 8.98 -18.60 30.40
CA TYR E 219 10.10 -17.93 29.76
C TYR E 219 10.20 -18.38 28.30
N ILE E 220 10.17 -19.69 28.06
CA ILE E 220 10.19 -20.21 26.70
C ILE E 220 9.02 -19.71 25.86
N LEU E 221 7.81 -19.67 26.45
CA LEU E 221 6.63 -19.16 25.72
C LEU E 221 6.87 -17.75 25.25
N GLU E 222 7.24 -16.86 26.16
CA GLU E 222 7.36 -15.48 25.77
C GLU E 222 8.48 -15.28 24.80
N ARG E 223 9.55 -16.05 24.90
CA ARG E 223 10.65 -15.89 23.96
C ARG E 223 10.17 -16.27 22.56
N ILE E 224 9.27 -17.25 22.50
CA ILE E 224 8.78 -17.74 21.20
C ILE E 224 7.86 -16.68 20.61
N THR E 225 6.90 -16.21 21.40
CA THR E 225 6.03 -15.15 20.93
C THR E 225 6.86 -13.94 20.48
N GLU E 226 7.91 -13.59 21.22
CA GLU E 226 8.84 -12.55 20.80
C GLU E 226 9.30 -12.82 19.35
N ILE E 227 9.70 -14.06 19.05
CA ILE E 227 10.14 -14.38 17.71
C ILE E 227 9.04 -14.08 16.72
N ALA E 228 7.84 -14.47 17.09
CA ALA E 228 6.69 -14.40 16.21
C ALA E 228 6.21 -13.00 15.97
N GLY E 229 6.65 -12.04 16.78
CA GLY E 229 6.14 -10.68 16.71
C GLY E 229 4.74 -10.59 17.28
N VAL E 230 4.52 -11.34 18.33
CA VAL E 230 3.24 -11.37 19.01
C VAL E 230 3.42 -11.19 20.53
N VAL E 231 2.40 -10.69 21.20
CA VAL E 231 2.48 -10.43 22.64
C VAL E 231 1.62 -11.44 23.41
N VAL E 232 2.11 -11.91 24.57
CA VAL E 232 1.31 -12.71 25.55
C VAL E 232 0.85 -11.91 26.77
N THR E 233 -0.40 -12.10 27.22
CA THR E 233 -0.78 -11.68 28.59
C THR E 233 -1.21 -12.84 29.42
N PHE E 234 -0.82 -12.76 30.69
CA PHE E 234 -1.28 -13.69 31.65
C PHE E 234 -2.39 -13.03 32.48
N ASP E 235 -2.83 -11.87 32.01
CA ASP E 235 -3.98 -11.24 32.66
C ASP E 235 -5.17 -12.19 32.66
N PRO E 236 -5.77 -12.40 33.84
CA PRO E 236 -6.81 -13.39 34.04
C PRO E 236 -8.07 -13.07 33.28
N LYS E 237 -8.29 -11.82 32.93
CA LYS E 237 -9.48 -11.46 32.13
C LYS E 237 -9.19 -10.31 31.18
N PRO E 238 -8.59 -10.66 30.03
CA PRO E 238 -8.03 -9.67 29.15
C PRO E 238 -9.12 -8.92 28.38
N ILE E 239 -10.24 -9.56 28.11
CA ILE E 239 -11.28 -8.87 27.40
C ILE E 239 -12.48 -8.95 28.27
N PRO E 240 -13.12 -7.78 28.53
CA PRO E 240 -14.36 -7.70 29.30
C PRO E 240 -15.55 -8.25 28.50
N GLY E 241 -16.53 -8.81 29.24
CA GLY E 241 -17.81 -9.27 28.65
C GLY E 241 -17.89 -10.77 28.46
N ASP E 242 -18.62 -11.19 27.39
CA ASP E 242 -18.93 -12.61 27.12
C ASP E 242 -17.77 -13.39 26.43
N TRP E 243 -16.65 -13.48 27.16
CA TRP E 243 -15.38 -14.08 26.73
C TRP E 243 -14.66 -14.66 27.92
N ASN E 244 -14.21 -15.91 27.81
CA ASN E 244 -13.48 -16.55 28.90
C ASN E 244 -12.28 -15.81 29.51
N GLY E 245 -12.13 -16.00 30.82
CA GLY E 245 -10.94 -15.52 31.50
C GLY E 245 -9.91 -16.62 31.40
N ALA E 246 -8.76 -16.39 32.03
CA ALA E 246 -7.67 -17.34 31.96
C ALA E 246 -7.18 -17.64 33.36
N GLY E 247 -7.03 -18.94 33.61
CA GLY E 247 -6.54 -19.37 34.89
C GLY E 247 -5.40 -20.32 34.83
N ALA E 248 -4.94 -20.65 36.02
CA ALA E 248 -3.83 -21.53 36.21
C ALA E 248 -4.28 -22.63 37.14
N HIS E 249 -5.19 -23.49 36.66
CA HIS E 249 -5.68 -24.60 37.50
C HIS E 249 -4.53 -25.41 38.10
N THR E 250 -4.59 -25.64 39.41
CA THR E 250 -3.60 -26.49 40.01
C THR E 250 -4.20 -27.83 40.38
N ASN E 251 -3.69 -28.87 39.75
CA ASN E 251 -4.02 -30.20 40.14
C ASN E 251 -2.99 -30.66 41.13
N TYR E 252 -3.47 -31.45 42.10
CA TYR E 252 -2.72 -31.78 43.31
C TYR E 252 -3.02 -33.18 43.77
N SER E 253 -1.98 -33.85 44.25
CA SER E 253 -2.11 -35.12 44.95
C SER E 253 -0.92 -35.34 45.90
N THR E 254 -1.21 -36.01 47.02
CA THR E 254 -0.18 -36.50 47.94
C THR E 254 -0.07 -38.01 47.84
N GLU E 255 1.06 -38.54 48.32
CA GLU E 255 1.27 -39.99 48.42
C GLU E 255 -0.02 -40.69 48.86
N SER E 256 -0.53 -40.26 50.02
CA SER E 256 -1.71 -40.87 50.60
C SER E 256 -3.00 -40.66 49.76
N MET E 257 -3.01 -39.65 48.89
CA MET E 257 -4.18 -39.45 48.04
C MET E 257 -4.26 -40.42 46.88
N ARG E 258 -3.11 -40.85 46.37
CA ARG E 258 -3.07 -41.73 45.15
C ARG E 258 -3.00 -43.25 45.46
N LYS E 259 -2.98 -43.57 46.75
CA LYS E 259 -2.99 -44.94 47.25
C LYS E 259 -4.43 -45.35 47.63
N GLU E 260 -4.64 -46.62 48.00
CA GLU E 260 -5.97 -47.11 48.35
C GLU E 260 -6.76 -46.22 49.33
N GLY E 261 -8.02 -46.00 48.98
CA GLY E 261 -8.91 -45.10 49.72
C GLY E 261 -8.35 -43.67 49.96
N GLY E 262 -7.70 -43.11 48.93
CA GLY E 262 -7.19 -41.74 49.01
C GLY E 262 -8.29 -40.71 48.90
N TYR E 263 -9.41 -41.10 48.28
CA TYR E 263 -10.54 -40.21 48.07
C TYR E 263 -11.03 -39.60 49.38
N GLU E 264 -10.94 -40.34 50.49
CA GLU E 264 -11.25 -39.81 51.83
C GLU E 264 -10.31 -38.68 52.20
N VAL E 265 -9.00 -38.88 51.91
CA VAL E 265 -7.96 -37.89 52.21
C VAL E 265 -8.24 -36.62 51.39
N ILE E 266 -8.68 -36.86 50.14
CA ILE E 266 -9.05 -35.80 49.22
C ILE E 266 -10.18 -34.91 49.81
N LYS E 267 -11.29 -35.55 50.19
CA LYS E 267 -12.38 -34.80 50.79
C LYS E 267 -11.89 -33.99 51.97
N ALA E 268 -11.01 -34.59 52.78
CA ALA E 268 -10.55 -33.92 54.01
C ALA E 268 -9.70 -32.72 53.68
N ALA E 269 -8.92 -32.86 52.59
CA ALA E 269 -8.07 -31.79 52.13
C ALA E 269 -8.94 -30.63 51.61
N ILE E 270 -9.96 -30.99 50.81
CA ILE E 270 -10.88 -29.99 50.28
C ILE E 270 -11.47 -29.18 51.41
N GLU E 271 -11.87 -29.90 52.43
CA GLU E 271 -12.45 -29.33 53.65
C GLU E 271 -11.55 -28.23 54.27
N LYS E 272 -10.27 -28.54 54.40
CA LYS E 272 -9.30 -27.62 54.97
C LYS E 272 -9.19 -26.41 54.08
N LEU E 273 -9.28 -26.66 52.78
CA LEU E 273 -9.21 -25.60 51.77
C LEU E 273 -10.38 -24.64 51.83
N LYS E 274 -11.56 -25.21 52.10
CA LYS E 274 -12.76 -24.41 52.31
C LYS E 274 -12.58 -23.37 53.43
N LEU E 275 -11.82 -23.75 54.44
CA LEU E 275 -11.67 -22.90 55.61
C LEU E 275 -10.69 -21.79 55.36
N ARG E 276 -9.74 -22.03 54.47
CA ARG E 276 -8.72 -21.05 54.17
C ARG E 276 -8.87 -20.43 52.77
N HIS E 277 -10.10 -20.47 52.24
CA HIS E 277 -10.41 -19.87 50.96
C HIS E 277 -9.98 -18.40 50.97
N LYS E 278 -10.52 -17.62 51.91
CA LYS E 278 -10.26 -16.18 52.01
C LYS E 278 -8.77 -15.81 51.77
N GLU E 279 -7.86 -16.55 52.42
CA GLU E 279 -6.41 -16.24 52.44
C GLU E 279 -5.69 -16.84 51.25
N HIS E 280 -6.29 -17.87 50.67
CA HIS E 280 -5.84 -18.37 49.40
C HIS E 280 -6.12 -17.39 48.27
N ILE E 281 -7.36 -16.97 48.16
CA ILE E 281 -7.71 -15.97 47.17
C ILE E 281 -6.72 -14.80 47.14
N ALA E 282 -6.35 -14.30 48.32
CA ALA E 282 -5.45 -13.12 48.44
C ALA E 282 -4.06 -13.29 47.76
N ALA E 283 -3.64 -14.54 47.60
CA ALA E 283 -2.35 -14.81 47.01
C ALA E 283 -2.49 -15.55 45.68
N TYR E 284 -3.73 -15.67 45.22
CA TYR E 284 -4.02 -16.43 44.01
C TYR E 284 -3.95 -15.59 42.74
N GLY E 285 -3.22 -14.46 42.84
CA GLY E 285 -2.95 -13.57 41.68
C GLY E 285 -3.92 -12.41 41.60
N GLU E 286 -3.41 -11.27 41.15
CA GLU E 286 -4.21 -10.05 41.15
C GLU E 286 -5.02 -9.86 39.88
N GLY E 287 -6.16 -9.20 40.07
CA GLY E 287 -7.15 -9.05 39.02
C GLY E 287 -8.19 -10.18 39.05
N ASN E 288 -8.00 -11.15 39.95
CA ASN E 288 -8.83 -12.34 39.91
C ASN E 288 -10.31 -12.01 40.03
N GLU E 289 -10.61 -10.89 40.67
CA GLU E 289 -11.98 -10.45 40.88
C GLU E 289 -12.67 -10.33 39.55
N ARG E 290 -11.92 -10.01 38.51
CA ARG E 290 -12.52 -9.78 37.20
C ARG E 290 -12.82 -11.10 36.47
N ARG E 291 -12.12 -12.16 36.87
CA ARG E 291 -12.32 -13.49 36.28
C ARG E 291 -13.40 -14.31 36.95
N LEU E 292 -13.23 -14.56 38.25
CA LEU E 292 -14.08 -15.43 39.05
C LEU E 292 -15.42 -14.78 39.34
N THR E 293 -16.36 -15.07 38.44
CA THR E 293 -17.66 -14.41 38.48
C THR E 293 -18.80 -15.41 38.69
N GLY E 294 -18.51 -16.69 38.51
CA GLY E 294 -19.55 -17.72 38.59
C GLY E 294 -20.02 -18.12 37.20
N ARG E 295 -19.75 -17.24 36.20
CA ARG E 295 -19.97 -17.54 34.77
C ARG E 295 -18.66 -17.89 34.06
N HIS E 296 -18.76 -18.44 32.83
CA HIS E 296 -17.56 -18.75 32.00
C HIS E 296 -16.62 -19.74 32.72
N GLU E 297 -17.24 -20.76 33.34
CA GLU E 297 -16.49 -21.89 33.93
C GLU E 297 -15.62 -21.52 35.16
N THR E 298 -16.10 -20.58 35.93
CA THR E 298 -15.45 -20.23 37.16
C THR E 298 -16.46 -20.38 38.34
N ALA E 299 -15.98 -20.30 39.59
CA ALA E 299 -16.92 -20.13 40.72
C ALA E 299 -16.71 -18.75 41.23
N ASP E 300 -17.79 -18.16 41.73
CA ASP E 300 -17.74 -16.83 42.36
C ASP E 300 -16.61 -16.74 43.45
N ILE E 301 -15.89 -15.60 43.46
CA ILE E 301 -14.75 -15.40 44.38
C ILE E 301 -15.19 -15.57 45.81
N ASN E 302 -16.42 -15.13 46.10
CA ASN E 302 -16.93 -15.04 47.47
C ASN E 302 -17.40 -16.37 48.07
N THR E 303 -17.95 -17.26 47.23
CA THR E 303 -18.31 -18.60 47.70
C THR E 303 -17.13 -19.57 47.48
N PHE E 304 -17.11 -20.64 48.25
CA PHE E 304 -16.25 -21.77 47.94
C PHE E 304 -17.14 -22.94 47.62
N SER E 305 -16.85 -23.71 46.57
CA SER E 305 -17.66 -24.90 46.31
C SER E 305 -16.82 -26.00 45.71
N TRP E 306 -17.32 -27.23 45.82
CA TRP E 306 -16.71 -28.34 45.09
C TRP E 306 -17.79 -29.33 44.59
N GLY E 307 -17.40 -30.19 43.65
CA GLY E 307 -18.30 -31.14 43.03
C GLY E 307 -17.51 -32.07 42.11
N VAL E 308 -18.21 -32.98 41.44
CA VAL E 308 -17.47 -34.02 40.72
C VAL E 308 -17.01 -33.61 39.32
N ALA E 309 -17.90 -33.56 38.34
CA ALA E 309 -17.43 -33.14 37.03
C ALA E 309 -17.80 -31.67 36.81
N ASN E 310 -17.81 -30.93 37.91
CA ASN E 310 -18.35 -29.58 37.89
C ASN E 310 -17.34 -28.44 37.61
N ARG E 311 -17.35 -27.93 36.35
CA ARG E 311 -16.48 -26.80 35.95
C ARG E 311 -16.99 -25.47 36.47
N GLY E 312 -18.19 -25.46 37.06
CA GLY E 312 -18.67 -24.30 37.80
C GLY E 312 -18.28 -24.18 39.28
N ALA E 313 -17.49 -25.14 39.79
CA ALA E 313 -17.09 -25.20 41.23
C ALA E 313 -15.66 -24.72 41.49
N SER E 314 -15.34 -24.45 42.75
CA SER E 314 -14.03 -23.90 43.13
C SER E 314 -12.98 -24.98 43.05
N VAL E 315 -13.38 -26.20 43.40
CA VAL E 315 -12.53 -27.36 43.22
C VAL E 315 -13.32 -28.41 42.48
N ARG E 316 -12.63 -29.19 41.64
CA ARG E 316 -13.26 -30.23 40.84
C ARG E 316 -12.49 -31.52 41.01
N VAL E 317 -13.25 -32.61 41.14
CA VAL E 317 -12.64 -33.93 41.25
C VAL E 317 -13.02 -34.77 40.06
N GLY E 318 -12.02 -35.22 39.29
CA GLY E 318 -12.25 -36.07 38.11
C GLY E 318 -13.18 -37.27 38.30
N ARG E 319 -14.04 -37.53 37.30
CA ARG E 319 -14.83 -38.75 37.25
C ARG E 319 -13.94 -39.96 37.53
N GLU E 320 -12.80 -40.00 36.85
CA GLU E 320 -11.82 -41.10 36.98
C GLU E 320 -11.32 -41.34 38.41
N THR E 321 -10.90 -40.30 39.11
CA THR E 321 -10.45 -40.48 40.49
C THR E 321 -11.60 -40.74 41.47
N GLU E 322 -12.83 -40.33 41.14
CA GLU E 322 -14.01 -40.69 41.96
C GLU E 322 -14.30 -42.19 41.85
N GLN E 323 -14.34 -42.67 40.61
CA GLN E 323 -14.66 -44.04 40.33
C GLN E 323 -13.57 -45.01 40.80
N ASN E 324 -12.35 -44.51 41.00
CA ASN E 324 -11.23 -45.33 41.50
C ASN E 324 -10.94 -45.21 42.98
N GLY E 325 -11.72 -44.36 43.67
CA GLY E 325 -11.52 -44.03 45.10
C GLY E 325 -10.15 -43.43 45.43
N LYS E 326 -9.38 -43.09 44.39
CA LYS E 326 -8.02 -42.52 44.50
C LYS E 326 -7.60 -41.70 43.25
N GLY E 327 -7.01 -40.53 43.52
CA GLY E 327 -6.38 -39.73 42.47
C GLY E 327 -5.93 -38.35 42.93
N TYR E 328 -6.53 -37.31 42.32
CA TYR E 328 -6.12 -35.91 42.52
C TYR E 328 -7.32 -35.00 42.29
N PHE E 329 -7.23 -33.81 42.84
CA PHE E 329 -8.27 -32.85 42.61
C PHE E 329 -7.66 -31.59 42.00
N GLU E 330 -8.56 -30.77 41.42
CA GLU E 330 -8.16 -29.58 40.64
C GLU E 330 -8.63 -28.31 41.37
N ASP E 331 -7.70 -27.47 41.84
CA ASP E 331 -8.08 -26.22 42.42
C ASP E 331 -8.19 -25.27 41.29
N ARG E 332 -9.41 -24.87 40.96
CA ARG E 332 -9.64 -23.98 39.79
C ARG E 332 -9.56 -22.50 40.12
N ARG E 333 -9.13 -22.19 41.34
CA ARG E 333 -9.16 -20.84 41.79
C ARG E 333 -8.03 -19.92 41.33
N PRO E 334 -6.80 -20.46 41.14
CA PRO E 334 -5.66 -19.55 40.82
C PRO E 334 -5.76 -18.90 39.44
N ALA E 335 -5.43 -17.62 39.35
CA ALA E 335 -5.41 -16.98 38.04
C ALA E 335 -4.16 -17.32 37.22
N SER E 336 -4.24 -17.04 35.95
CA SER E 336 -3.15 -17.29 35.04
C SER E 336 -1.89 -16.56 35.40
N ASN E 337 -1.99 -15.47 36.17
CA ASN E 337 -0.81 -14.69 36.58
C ASN E 337 -0.29 -15.00 38.01
N MET E 338 -0.77 -16.14 38.49
CA MET E 338 -0.35 -16.75 39.73
C MET E 338 1.15 -17.01 39.74
N ASP E 339 1.80 -16.77 40.87
CA ASP E 339 3.18 -17.22 41.04
C ASP E 339 3.10 -18.67 41.51
N PRO E 340 3.57 -19.61 40.71
CA PRO E 340 3.39 -20.99 41.08
C PRO E 340 4.11 -21.32 42.37
N TYR E 341 5.24 -20.69 42.64
CA TYR E 341 5.91 -20.93 43.92
C TYR E 341 4.97 -20.73 45.10
N VAL E 342 4.29 -19.58 45.09
CA VAL E 342 3.30 -19.25 46.13
C VAL E 342 2.10 -20.23 46.21
N VAL E 343 1.43 -20.49 45.10
CA VAL E 343 0.24 -21.31 45.11
C VAL E 343 0.58 -22.74 45.41
N THR E 344 1.71 -23.19 44.92
CA THR E 344 2.03 -24.59 44.99
C THR E 344 2.37 -25.00 46.39
N SER E 345 3.12 -24.17 47.10
CA SER E 345 3.52 -24.48 48.47
C SER E 345 2.37 -24.17 49.44
N MET E 346 1.70 -23.02 49.26
CA MET E 346 0.52 -22.71 50.06
C MET E 346 -0.52 -23.85 50.08
N ILE E 347 -0.72 -24.54 48.95
CA ILE E 347 -1.60 -25.69 48.94
C ILE E 347 -1.05 -26.81 49.83
N ALA E 348 0.23 -27.13 49.72
CA ALA E 348 0.83 -28.14 50.59
C ALA E 348 0.67 -27.76 52.06
N GLU E 349 0.91 -26.48 52.37
CA GLU E 349 0.87 -26.01 53.74
C GLU E 349 -0.53 -26.15 54.33
N THR E 350 -1.54 -25.67 53.60
CA THR E 350 -2.91 -25.73 54.08
C THR E 350 -3.44 -27.15 54.10
N THR E 351 -2.72 -28.04 53.47
CA THR E 351 -3.22 -29.38 53.26
C THR E 351 -2.53 -30.45 54.10
N ILE E 352 -1.28 -30.18 54.45
CA ILE E 352 -0.53 -31.09 55.31
C ILE E 352 -0.26 -30.47 56.72
N VAL E 353 0.57 -29.42 56.78
CA VAL E 353 1.02 -28.83 58.05
C VAL E 353 -0.11 -28.34 58.99
N TRP E 354 -0.95 -27.45 58.50
CA TRP E 354 -1.97 -26.76 59.29
C TRP E 354 -3.11 -27.70 59.71
N LYS E 355 -3.65 -27.46 60.93
CA LYS E 355 -4.82 -28.23 61.49
C LYS E 355 -5.98 -27.45 62.20
N CYS F 3 -5.96 26.49 -6.65
CA CYS F 3 -5.14 25.60 -7.52
C CYS F 3 -5.66 25.38 -8.98
N LEU F 4 -5.83 24.11 -9.42
CA LEU F 4 -5.86 23.82 -10.87
C LEU F 4 -7.18 24.05 -11.54
N THR F 5 -8.24 23.72 -10.84
CA THR F 5 -9.56 24.00 -11.38
C THR F 5 -9.99 25.48 -11.30
N ASP F 6 -9.33 26.29 -10.46
CA ASP F 6 -9.53 27.74 -10.49
C ASP F 6 -9.07 28.39 -11.81
N LEU F 7 -7.98 27.86 -12.35
CA LEU F 7 -7.43 28.34 -13.60
C LEU F 7 -8.21 27.82 -14.78
N VAL F 8 -8.52 26.53 -14.79
CA VAL F 8 -9.28 25.94 -15.92
C VAL F 8 -10.68 26.57 -16.06
N ASN F 9 -11.21 27.07 -14.94
CA ASN F 9 -12.54 27.64 -14.95
C ASN F 9 -12.58 29.17 -14.89
N LEU F 10 -11.42 29.81 -15.08
CA LEU F 10 -11.38 31.26 -15.21
C LEU F 10 -12.43 31.77 -16.16
N ASN F 11 -13.18 32.78 -15.71
CA ASN F 11 -14.12 33.49 -16.60
C ASN F 11 -13.36 34.58 -17.40
N LEU F 12 -13.30 34.40 -18.72
CA LEU F 12 -12.50 35.31 -19.52
C LEU F 12 -13.24 36.63 -19.81
N SER F 13 -14.57 36.54 -19.92
CA SER F 13 -15.52 37.67 -20.16
C SER F 13 -15.19 38.96 -19.37
N ASP F 14 -14.63 38.78 -18.16
CA ASP F 14 -14.29 39.87 -17.25
C ASP F 14 -13.03 40.61 -17.69
N THR F 15 -12.36 40.11 -18.73
CA THR F 15 -11.03 40.62 -19.05
C THR F 15 -10.77 40.88 -20.54
N THR F 16 -11.30 40.00 -21.40
CA THR F 16 -11.38 40.32 -22.85
C THR F 16 -12.64 39.83 -23.59
N GLU F 17 -12.71 40.34 -24.81
CA GLU F 17 -13.72 39.97 -25.76
C GLU F 17 -13.27 38.72 -26.48
N LYS F 18 -11.99 38.37 -26.40
CA LYS F 18 -11.43 37.25 -27.13
C LYS F 18 -12.08 35.87 -26.83
N ILE F 19 -11.98 34.98 -27.83
CA ILE F 19 -12.71 33.71 -27.87
C ILE F 19 -11.75 32.56 -28.14
N ILE F 20 -12.08 31.37 -27.62
CA ILE F 20 -11.32 30.17 -27.98
C ILE F 20 -12.19 29.20 -28.74
N ALA F 21 -11.72 28.89 -29.93
CA ALA F 21 -12.37 27.95 -30.82
C ALA F 21 -11.52 26.68 -30.98
N GLU F 22 -12.17 25.53 -30.77
CA GLU F 22 -11.55 24.22 -30.82
C GLU F 22 -12.01 23.58 -32.07
N TYR F 23 -11.13 23.51 -33.05
CA TYR F 23 -11.46 22.92 -34.34
C TYR F 23 -11.34 21.41 -34.25
N ILE F 24 -12.42 20.70 -34.57
CA ILE F 24 -12.44 19.27 -34.45
C ILE F 24 -12.44 18.71 -35.84
N TRP F 25 -11.66 17.66 -36.09
CA TRP F 25 -11.78 16.92 -37.35
C TRP F 25 -11.61 15.42 -37.23
N ILE F 26 -11.77 14.70 -38.33
CA ILE F 26 -11.66 13.25 -38.30
C ILE F 26 -10.41 12.79 -39.00
N GLY F 27 -9.68 11.91 -38.33
CA GLY F 27 -8.31 11.60 -38.73
C GLY F 27 -8.15 10.49 -39.75
N GLY F 28 -6.90 10.10 -40.00
CA GLY F 28 -6.56 9.11 -41.02
C GLY F 28 -7.26 7.74 -40.99
N SER F 29 -7.69 7.29 -39.83
CA SER F 29 -8.33 5.99 -39.75
C SER F 29 -9.84 6.08 -39.98
N GLY F 30 -10.39 7.28 -40.05
CA GLY F 30 -11.83 7.46 -40.24
C GLY F 30 -12.64 7.25 -38.97
N MET F 31 -11.91 6.95 -37.90
CA MET F 31 -12.50 6.67 -36.58
C MET F 31 -11.85 7.44 -35.42
N ASP F 32 -10.82 8.22 -35.72
CA ASP F 32 -10.13 9.00 -34.67
C ASP F 32 -10.43 10.49 -34.69
N LEU F 33 -11.02 11.02 -33.63
CA LEU F 33 -11.22 12.45 -33.60
C LEU F 33 -9.95 13.19 -33.21
N ARG F 34 -9.72 14.36 -33.80
CA ARG F 34 -8.58 15.20 -33.48
C ARG F 34 -9.04 16.62 -33.35
N SER F 35 -8.37 17.39 -32.50
CA SER F 35 -8.71 18.80 -32.29
C SER F 35 -7.50 19.63 -31.89
N LYS F 36 -7.52 20.89 -32.31
CA LYS F 36 -6.66 21.94 -31.74
C LYS F 36 -7.42 23.26 -31.58
N ALA F 37 -6.86 24.18 -30.82
CA ALA F 37 -7.57 25.42 -30.50
C ALA F 37 -6.83 26.68 -30.94
N ARG F 38 -7.61 27.68 -31.32
CA ARG F 38 -7.08 29.01 -31.62
C ARG F 38 -7.89 30.12 -30.95
N THR F 39 -7.24 31.25 -30.77
CA THR F 39 -7.91 32.42 -30.29
C THR F 39 -8.49 33.23 -31.45
N LEU F 40 -9.72 33.70 -31.27
CA LEU F 40 -10.40 34.56 -32.27
C LEU F 40 -10.78 35.87 -31.62
N PRO F 41 -10.85 36.97 -32.42
CA PRO F 41 -10.92 38.31 -31.77
C PRO F 41 -12.28 38.65 -31.08
N GLY F 42 -13.38 38.03 -31.52
CA GLY F 42 -14.65 38.27 -30.86
C GLY F 42 -15.55 37.10 -31.08
N PRO F 43 -16.74 37.10 -30.41
CA PRO F 43 -17.73 36.00 -30.52
C PRO F 43 -18.10 35.78 -31.97
N VAL F 44 -18.42 34.55 -32.35
CA VAL F 44 -18.90 34.27 -33.72
C VAL F 44 -20.06 33.30 -33.63
N THR F 45 -21.12 33.54 -34.41
CA THR F 45 -22.28 32.60 -34.40
C THR F 45 -22.53 31.90 -35.74
N ASP F 46 -21.91 32.41 -36.81
CA ASP F 46 -22.10 31.81 -38.11
C ASP F 46 -20.81 31.16 -38.64
N PRO F 47 -20.89 29.86 -38.95
CA PRO F 47 -19.79 29.03 -39.48
C PRO F 47 -18.98 29.69 -40.59
N SER F 48 -19.66 30.36 -41.51
CA SER F 48 -18.98 30.98 -42.69
C SER F 48 -18.21 32.26 -42.32
N LYS F 49 -18.34 32.69 -41.08
CA LYS F 49 -17.61 33.84 -40.63
C LYS F 49 -16.36 33.45 -39.86
N LEU F 50 -16.12 32.13 -39.74
CA LEU F 50 -14.91 31.58 -39.12
C LEU F 50 -13.88 31.37 -40.18
N PRO F 51 -12.61 31.76 -39.93
CA PRO F 51 -11.53 31.53 -40.92
C PRO F 51 -11.30 30.03 -41.06
N LYS F 52 -10.88 29.62 -42.25
CA LYS F 52 -10.49 28.23 -42.49
C LYS F 52 -9.13 28.06 -41.84
N TRP F 53 -8.69 26.81 -41.73
CA TRP F 53 -7.45 26.52 -41.04
C TRP F 53 -6.82 25.29 -41.61
N ASN F 54 -5.65 24.96 -41.13
CA ASN F 54 -4.94 23.76 -41.57
C ASN F 54 -4.24 23.06 -40.40
N TYR F 55 -3.77 21.83 -40.63
CA TYR F 55 -3.05 21.07 -39.60
C TYR F 55 -2.09 20.14 -40.26
N ASP F 56 -1.23 19.53 -39.48
CA ASP F 56 -0.24 18.66 -40.04
C ASP F 56 -0.79 17.28 -40.36
N GLY F 57 -1.32 17.10 -41.56
CA GLY F 57 -1.83 15.81 -42.02
C GLY F 57 -0.79 14.70 -41.98
N SER F 58 0.49 15.06 -42.06
CA SER F 58 1.52 14.03 -42.01
C SER F 58 1.49 13.32 -40.66
N SER F 59 0.93 13.97 -39.65
CA SER F 59 0.87 13.36 -38.32
C SER F 59 -0.45 12.67 -37.97
N THR F 60 -1.39 12.64 -38.92
CA THR F 60 -2.70 12.00 -38.70
C THR F 60 -2.96 10.95 -39.78
N GLY F 61 -1.89 10.64 -40.54
CA GLY F 61 -1.93 9.70 -41.69
C GLY F 61 -2.80 10.09 -42.88
N GLN F 62 -2.77 11.38 -43.24
CA GLN F 62 -3.66 11.95 -44.26
C GLN F 62 -2.90 12.67 -45.39
N ALA F 63 -1.59 12.86 -45.16
CA ALA F 63 -0.69 13.61 -46.09
C ALA F 63 0.75 13.18 -45.90
N PRO F 64 1.57 13.37 -46.93
CA PRO F 64 3.02 13.17 -46.79
C PRO F 64 3.74 14.35 -46.12
N GLY F 65 4.94 14.09 -45.62
CA GLY F 65 5.76 15.09 -44.89
C GLY F 65 6.15 16.31 -45.67
N GLU F 66 6.41 16.10 -46.98
CA GLU F 66 6.87 17.18 -47.92
C GLU F 66 5.70 18.00 -48.49
N ASP F 67 4.50 17.44 -48.40
CA ASP F 67 3.27 18.16 -48.76
C ASP F 67 2.21 18.00 -47.63
N SER F 68 2.59 18.48 -46.46
CA SER F 68 1.91 18.12 -45.24
C SER F 68 0.62 18.86 -44.94
N GLU F 69 0.38 20.02 -45.56
CA GLU F 69 -0.79 20.83 -45.17
C GLU F 69 -2.12 20.26 -45.64
N VAL F 70 -3.10 20.19 -44.73
CA VAL F 70 -4.48 19.78 -44.99
C VAL F 70 -5.43 20.83 -44.44
N ILE F 71 -6.52 21.08 -45.14
CA ILE F 71 -7.31 22.26 -44.87
C ILE F 71 -8.61 21.91 -44.13
N LEU F 72 -8.97 22.76 -43.17
CA LEU F 72 -10.16 22.60 -42.38
C LEU F 72 -11.23 23.63 -42.71
N TYR F 73 -12.41 23.11 -43.06
CA TYR F 73 -13.56 23.96 -43.37
C TYR F 73 -14.50 23.89 -42.20
N PRO F 74 -14.70 25.04 -41.54
CA PRO F 74 -15.69 25.06 -40.47
C PRO F 74 -17.09 24.74 -41.02
N GLN F 75 -17.83 23.87 -40.36
CA GLN F 75 -19.16 23.53 -40.87
C GLN F 75 -20.26 23.72 -39.85
N ALA F 76 -19.96 23.49 -38.57
CA ALA F 76 -20.95 23.66 -37.49
C ALA F 76 -20.34 24.17 -36.18
N ILE F 77 -21.04 25.08 -35.55
CA ILE F 77 -20.59 25.64 -34.31
C ILE F 77 -21.46 25.07 -33.18
N PHE F 78 -20.81 24.76 -32.06
CA PHE F 78 -21.52 24.43 -30.79
C PHE F 78 -20.78 25.07 -29.62
N LYS F 79 -21.49 25.34 -28.53
CA LYS F 79 -20.83 25.96 -27.39
C LYS F 79 -19.90 24.92 -26.75
N ASP F 80 -18.72 25.33 -26.32
CA ASP F 80 -17.77 24.43 -25.67
C ASP F 80 -18.12 24.29 -24.19
N PRO F 81 -18.50 23.08 -23.79
CA PRO F 81 -19.01 22.89 -22.46
C PRO F 81 -17.84 22.81 -21.48
N PHE F 82 -16.65 22.59 -22.02
CA PHE F 82 -15.49 22.55 -21.13
C PHE F 82 -14.96 23.96 -20.79
N ARG F 83 -14.64 24.74 -21.81
CA ARG F 83 -14.12 26.08 -21.60
C ARG F 83 -15.25 27.07 -21.21
N ARG F 84 -16.50 26.72 -21.53
CA ARG F 84 -17.67 27.54 -21.16
C ARG F 84 -17.57 29.00 -21.65
N GLY F 85 -18.32 29.91 -21.00
CA GLY F 85 -18.46 31.29 -21.53
C GLY F 85 -18.80 31.34 -23.02
N ASN F 86 -18.01 32.11 -23.78
CA ASN F 86 -18.36 32.26 -25.18
C ASN F 86 -17.58 31.37 -26.09
N ASN F 87 -16.77 30.50 -25.52
CA ASN F 87 -15.89 29.66 -26.33
C ASN F 87 -16.67 28.54 -27.02
N ILE F 88 -16.11 28.07 -28.14
CA ILE F 88 -16.86 27.27 -29.11
C ILE F 88 -16.10 26.04 -29.62
N LEU F 89 -16.86 25.00 -29.98
CA LEU F 89 -16.39 23.85 -30.72
C LEU F 89 -16.83 24.04 -32.15
N VAL F 90 -15.97 23.63 -33.07
CA VAL F 90 -16.19 23.83 -34.50
C VAL F 90 -15.96 22.53 -35.22
N MET F 91 -17.03 21.95 -35.73
CA MET F 91 -16.91 20.69 -36.39
C MET F 91 -16.39 20.92 -37.78
N CYS F 92 -15.52 20.04 -38.25
CA CYS F 92 -14.83 20.31 -39.53
C CYS F 92 -14.82 19.26 -40.65
N ASP F 93 -14.32 19.74 -41.80
CA ASP F 93 -14.41 19.07 -43.06
C ASP F 93 -13.03 19.13 -43.61
N CYS F 94 -12.59 18.08 -44.32
CA CYS F 94 -11.18 18.06 -44.77
C CYS F 94 -10.82 18.12 -46.29
N TYR F 95 -9.90 19.01 -46.66
CA TYR F 95 -9.65 19.25 -48.07
C TYR F 95 -8.18 19.41 -48.36
N THR F 96 -7.77 19.10 -49.59
CA THR F 96 -6.42 19.45 -50.10
C THR F 96 -6.33 20.93 -50.29
N PRO F 97 -5.10 21.45 -50.50
CA PRO F 97 -5.02 22.89 -50.68
C PRO F 97 -5.68 23.30 -52.03
N ALA F 98 -5.81 22.32 -52.92
CA ALA F 98 -6.45 22.49 -54.22
C ALA F 98 -8.01 22.48 -54.16
N GLY F 99 -8.58 22.36 -52.96
CA GLY F 99 -10.05 22.28 -52.76
C GLY F 99 -10.72 20.93 -53.06
N GLU F 100 -9.90 19.87 -53.11
CA GLU F 100 -10.38 18.49 -53.22
C GLU F 100 -10.72 17.94 -51.82
N PRO F 101 -11.88 17.27 -51.69
CA PRO F 101 -12.09 16.58 -50.40
C PRO F 101 -11.19 15.33 -50.32
N ILE F 102 -10.46 15.18 -49.20
CA ILE F 102 -9.58 14.00 -49.03
C ILE F 102 -10.37 12.70 -48.83
N PRO F 103 -9.75 11.55 -49.08
CA PRO F 103 -10.47 10.27 -49.10
C PRO F 103 -11.26 9.97 -47.83
N THR F 104 -10.82 10.53 -46.71
CA THR F 104 -11.42 10.21 -45.39
C THR F 104 -12.54 11.18 -44.97
N ASN F 105 -12.75 12.19 -45.80
CA ASN F 105 -13.85 13.13 -45.66
C ASN F 105 -15.09 12.49 -46.25
N LYS F 106 -15.99 12.06 -45.38
CA LYS F 106 -17.23 11.45 -45.87
C LYS F 106 -18.43 12.39 -45.75
N ARG F 107 -18.12 13.60 -45.25
CA ARG F 107 -19.12 14.65 -45.12
C ARG F 107 -19.51 15.21 -46.51
N TYR F 108 -18.50 15.42 -47.35
CA TYR F 108 -18.72 15.95 -48.68
C TYR F 108 -19.71 15.15 -49.48
N SER F 109 -19.52 13.84 -49.58
CA SER F 109 -20.49 12.99 -50.29
C SER F 109 -21.90 13.09 -49.72
N ALA F 110 -21.98 13.03 -48.40
CA ALA F 110 -23.24 13.06 -47.72
C ALA F 110 -23.93 14.40 -47.92
N ALA F 111 -23.15 15.48 -48.00
CA ALA F 111 -23.72 16.81 -48.19
C ALA F 111 -24.42 16.89 -49.53
N LYS F 112 -23.78 16.36 -50.56
CA LYS F 112 -24.35 16.30 -51.90
C LYS F 112 -25.70 15.61 -51.88
N ILE F 113 -25.76 14.45 -51.26
CA ILE F 113 -27.00 13.72 -51.23
C ILE F 113 -28.08 14.49 -50.50
N PHE F 114 -27.74 15.17 -49.42
CA PHE F 114 -28.76 15.93 -48.69
C PHE F 114 -29.11 17.30 -49.31
N SER F 115 -28.29 17.78 -50.27
CA SER F 115 -28.59 19.00 -51.04
C SER F 115 -29.49 18.73 -52.25
N SER F 116 -29.18 17.64 -52.97
CA SER F 116 -30.02 17.04 -54.07
C SER F 116 -31.53 17.13 -53.73
N PRO F 117 -32.27 17.89 -54.57
CA PRO F 117 -33.57 18.51 -54.18
C PRO F 117 -34.74 17.54 -53.88
N GLU F 118 -34.71 16.33 -54.43
CA GLU F 118 -35.76 15.31 -54.18
C GLU F 118 -35.58 14.65 -52.81
N VAL F 119 -34.36 14.74 -52.29
CA VAL F 119 -34.06 14.29 -50.96
C VAL F 119 -34.47 15.40 -50.01
N ALA F 120 -33.92 16.61 -50.22
CA ALA F 120 -34.23 17.81 -49.41
C ALA F 120 -35.74 18.02 -49.13
N ALA F 121 -36.54 17.79 -50.16
CA ALA F 121 -38.00 17.94 -50.13
C ALA F 121 -38.68 16.88 -49.23
N GLU F 122 -38.05 15.69 -49.15
CA GLU F 122 -38.54 14.59 -48.29
C GLU F 122 -38.15 14.83 -46.84
N GLU F 123 -37.15 15.73 -46.67
CA GLU F 123 -36.69 16.27 -45.38
C GLU F 123 -36.52 15.12 -44.37
N PRO F 124 -35.46 14.30 -44.56
CA PRO F 124 -35.34 13.11 -43.77
C PRO F 124 -34.92 13.44 -42.34
N TRP F 125 -35.35 12.57 -41.43
CA TRP F 125 -35.10 12.74 -40.03
C TRP F 125 -34.33 11.54 -39.51
N TYR F 126 -33.30 11.80 -38.72
CA TYR F 126 -32.59 10.71 -38.12
C TYR F 126 -32.45 10.90 -36.64
N GLY F 127 -32.75 9.82 -35.93
CA GLY F 127 -32.39 9.65 -34.50
C GLY F 127 -31.44 8.48 -34.39
N ILE F 128 -30.22 8.76 -33.94
CA ILE F 128 -29.24 7.67 -33.87
C ILE F 128 -28.86 7.34 -32.41
N GLU F 129 -28.80 6.04 -32.13
CA GLU F 129 -28.64 5.54 -30.78
C GLU F 129 -27.23 5.08 -30.62
N GLN F 130 -26.39 5.90 -30.00
CA GLN F 130 -24.98 5.56 -29.86
C GLN F 130 -24.77 4.78 -28.60
N GLU F 131 -24.41 3.51 -28.76
CA GLU F 131 -24.03 2.68 -27.61
C GLU F 131 -22.49 2.68 -27.57
N TYR F 132 -21.92 2.56 -26.38
CA TYR F 132 -20.47 2.47 -26.22
C TYR F 132 -20.18 1.75 -24.92
N THR F 133 -18.89 1.45 -24.70
CA THR F 133 -18.48 0.71 -23.54
C THR F 133 -17.36 1.43 -22.82
N LEU F 134 -17.36 1.39 -21.48
CA LEU F 134 -16.37 2.08 -20.70
C LEU F 134 -15.34 1.10 -20.19
N LEU F 135 -14.08 1.47 -20.26
CA LEU F 135 -13.02 0.53 -19.97
C LEU F 135 -12.00 1.14 -19.06
N GLN F 136 -11.43 0.31 -18.16
CA GLN F 136 -10.37 0.75 -17.25
C GLN F 136 -9.11 1.01 -18.03
N LYS F 137 -8.50 2.17 -17.79
CA LYS F 137 -7.27 2.56 -18.48
C LYS F 137 -6.19 1.49 -18.29
N ASP F 138 -5.42 1.22 -19.34
CA ASP F 138 -4.28 0.29 -19.19
C ASP F 138 -4.57 -1.24 -19.18
N THR F 139 -5.54 -1.68 -18.39
CA THR F 139 -5.92 -3.11 -18.41
C THR F 139 -6.88 -3.40 -19.55
N ASN F 140 -7.65 -2.39 -19.92
CA ASN F 140 -8.57 -2.45 -21.03
C ASN F 140 -9.73 -3.40 -20.84
N TRP F 141 -10.07 -3.55 -19.57
CA TRP F 141 -11.15 -4.40 -19.12
C TRP F 141 -12.28 -3.45 -18.71
N PRO F 142 -13.53 -3.86 -18.94
CA PRO F 142 -14.69 -3.00 -18.74
C PRO F 142 -14.84 -2.45 -17.33
N LEU F 143 -15.16 -1.17 -17.25
CA LEU F 143 -15.36 -0.49 -16.01
C LEU F 143 -16.31 -1.25 -15.09
N GLY F 144 -15.87 -1.47 -13.87
CA GLY F 144 -16.74 -2.14 -12.88
C GLY F 144 -16.55 -3.65 -12.82
N TRP F 145 -15.88 -4.18 -13.85
CA TRP F 145 -15.54 -5.58 -13.86
C TRP F 145 -14.28 -5.74 -13.03
N PRO F 146 -14.18 -6.85 -12.28
CA PRO F 146 -12.96 -7.15 -11.56
C PRO F 146 -11.91 -7.65 -12.53
N ILE F 147 -10.66 -7.39 -12.21
CA ILE F 147 -9.62 -7.70 -13.18
C ILE F 147 -9.40 -9.20 -13.27
N GLY F 148 -9.43 -9.70 -14.52
CA GLY F 148 -9.29 -11.12 -14.87
C GLY F 148 -10.51 -11.92 -14.46
N GLY F 149 -11.67 -11.28 -14.54
CA GLY F 149 -12.90 -11.92 -14.08
C GLY F 149 -14.12 -11.20 -14.61
N PHE F 150 -15.29 -11.63 -14.18
CA PHE F 150 -16.48 -11.10 -14.77
C PHE F 150 -17.41 -10.81 -13.68
N PRO F 151 -18.32 -9.86 -13.92
CA PRO F 151 -19.43 -9.60 -12.98
C PRO F 151 -20.51 -10.66 -13.12
N GLY F 152 -21.56 -10.54 -12.30
CA GLY F 152 -22.72 -11.42 -12.44
C GLY F 152 -23.26 -11.42 -13.88
N PRO F 153 -24.02 -12.47 -14.29
CA PRO F 153 -24.50 -12.53 -15.67
C PRO F 153 -25.49 -11.39 -15.95
N GLN F 154 -25.63 -11.06 -17.23
CA GLN F 154 -26.51 -10.00 -17.69
C GLN F 154 -27.92 -10.17 -17.15
N GLY F 155 -28.62 -9.05 -17.00
CA GLY F 155 -29.96 -9.14 -16.43
C GLY F 155 -30.27 -7.91 -15.62
N PRO F 156 -29.52 -7.70 -14.50
CA PRO F 156 -29.90 -6.55 -13.67
C PRO F 156 -29.32 -5.19 -14.14
N TYR F 157 -28.51 -5.20 -15.22
CA TYR F 157 -27.76 -4.01 -15.60
C TYR F 157 -28.53 -2.98 -16.42
N TYR F 158 -29.32 -3.46 -17.37
CA TYR F 158 -30.13 -2.61 -18.25
C TYR F 158 -30.99 -1.60 -17.48
N CYS F 159 -30.75 -0.30 -17.69
CA CYS F 159 -31.50 0.76 -16.99
C CYS F 159 -31.54 0.66 -15.44
N GLY F 160 -30.48 0.07 -14.88
CA GLY F 160 -30.43 -0.23 -13.46
C GLY F 160 -29.95 0.94 -12.64
N ILE F 161 -30.10 0.77 -11.35
CA ILE F 161 -29.52 1.69 -10.42
C ILE F 161 -28.88 0.90 -9.29
N GLY F 162 -27.89 1.54 -8.69
CA GLY F 162 -27.14 1.01 -7.52
C GLY F 162 -25.67 0.75 -7.80
N ALA F 163 -24.87 0.73 -6.74
CA ALA F 163 -23.43 0.61 -6.96
C ALA F 163 -22.95 -0.70 -7.61
N GLU F 164 -23.66 -1.79 -7.39
CA GLU F 164 -23.19 -3.06 -7.92
C GLU F 164 -23.72 -3.34 -9.28
N LYS F 165 -24.52 -2.42 -9.75
CA LYS F 165 -25.20 -2.60 -11.03
C LYS F 165 -24.75 -1.56 -12.07
N SER F 166 -24.49 -0.35 -11.62
CA SER F 166 -24.45 0.73 -12.54
C SER F 166 -23.07 1.42 -12.50
N PHE F 167 -22.27 1.23 -13.58
CA PHE F 167 -20.90 1.76 -13.57
C PHE F 167 -20.66 3.02 -14.39
N GLY F 168 -20.41 4.13 -13.73
CA GLY F 168 -19.99 5.34 -14.45
C GLY F 168 -21.03 6.36 -14.85
N ARG F 169 -22.12 6.37 -14.09
CA ARG F 169 -23.26 7.27 -14.37
C ARG F 169 -22.78 8.69 -14.40
N ASP F 170 -21.85 8.96 -13.46
CA ASP F 170 -21.01 10.14 -13.50
C ASP F 170 -20.74 10.65 -14.89
N ILE F 171 -20.05 9.81 -15.66
CA ILE F 171 -19.65 10.19 -16.95
C ILE F 171 -20.86 10.47 -17.80
N VAL F 172 -21.80 9.52 -17.77
CA VAL F 172 -22.98 9.64 -18.59
C VAL F 172 -23.80 10.94 -18.35
N ASP F 173 -24.19 11.20 -17.10
CA ASP F 173 -25.00 12.38 -16.79
C ASP F 173 -24.26 13.66 -17.14
N ALA F 174 -22.93 13.62 -17.03
CA ALA F 174 -22.09 14.76 -17.35
C ALA F 174 -22.24 15.05 -18.81
N HIS F 175 -22.08 13.99 -19.60
CA HIS F 175 -22.18 14.10 -21.05
C HIS F 175 -23.52 14.64 -21.49
N TYR F 176 -24.59 14.04 -21.00
CA TYR F 176 -25.91 14.51 -21.27
C TYR F 176 -26.04 16.03 -21.12
N LYS F 177 -25.68 16.60 -19.96
CA LYS F 177 -25.78 18.07 -19.81
C LYS F 177 -24.80 18.81 -20.76
N ALA F 178 -23.56 18.32 -20.85
CA ALA F 178 -22.57 18.92 -21.73
C ALA F 178 -23.18 19.10 -23.09
N CYS F 179 -23.71 18.00 -23.62
CA CYS F 179 -24.33 18.02 -24.93
C CYS F 179 -25.46 19.02 -25.06
N LEU F 180 -26.43 18.96 -24.15
CA LEU F 180 -27.50 19.93 -24.15
C LEU F 180 -26.96 21.37 -24.20
N TYR F 181 -25.96 21.66 -23.37
CA TYR F 181 -25.43 22.99 -23.22
C TYR F 181 -24.83 23.42 -24.55
N ALA F 182 -24.10 22.47 -25.16
CA ALA F 182 -23.39 22.69 -26.38
C ALA F 182 -24.31 23.02 -27.54
N GLY F 183 -25.52 22.46 -27.47
CA GLY F 183 -26.57 22.63 -28.50
C GLY F 183 -26.80 21.40 -29.38
N ILE F 184 -26.29 20.25 -28.94
CA ILE F 184 -26.57 18.99 -29.59
C ILE F 184 -28.01 18.62 -29.25
N ASN F 185 -28.74 18.19 -30.26
CA ASN F 185 -30.07 17.69 -30.01
C ASN F 185 -30.00 16.25 -29.45
N ILE F 186 -29.81 16.17 -28.15
CA ILE F 186 -29.66 14.87 -27.53
C ILE F 186 -30.99 14.53 -26.89
N SER F 187 -31.53 13.37 -27.26
CA SER F 187 -32.92 13.09 -26.90
C SER F 187 -33.07 12.28 -25.60
N GLY F 188 -32.00 11.58 -25.23
CA GLY F 188 -32.07 10.75 -24.05
C GLY F 188 -30.88 9.80 -23.94
N ILE F 189 -30.81 9.19 -22.77
CA ILE F 189 -29.70 8.30 -22.38
C ILE F 189 -30.30 7.08 -21.65
N ASN F 190 -29.49 6.04 -21.49
CA ASN F 190 -29.91 4.87 -20.68
C ASN F 190 -28.77 3.93 -20.44
N GLY F 191 -28.81 3.22 -19.31
CA GLY F 191 -27.83 2.17 -19.03
C GLY F 191 -28.14 1.00 -19.91
N GLU F 192 -27.14 0.42 -20.56
CA GLU F 192 -27.44 -0.73 -21.42
C GLU F 192 -27.24 -2.10 -20.75
N VAL F 193 -27.42 -3.16 -21.54
CA VAL F 193 -27.50 -4.54 -21.06
C VAL F 193 -26.25 -5.16 -20.42
N MET F 194 -25.09 -4.90 -21.03
CA MET F 194 -23.80 -5.36 -20.50
C MET F 194 -23.26 -4.36 -19.51
N PRO F 195 -22.87 -4.82 -18.30
CA PRO F 195 -22.50 -3.93 -17.23
C PRO F 195 -21.35 -3.10 -17.76
N GLY F 196 -21.49 -1.78 -17.63
CA GLY F 196 -20.47 -0.87 -18.17
C GLY F 196 -20.70 -0.32 -19.57
N GLN F 197 -21.83 -0.68 -20.17
CA GLN F 197 -22.18 -0.22 -21.48
C GLN F 197 -23.35 0.77 -21.38
N TRP F 198 -23.20 1.88 -22.10
CA TRP F 198 -24.19 2.93 -22.05
C TRP F 198 -24.69 3.39 -23.43
N GLU F 199 -25.63 4.32 -23.43
CA GLU F 199 -26.22 4.75 -24.63
C GLU F 199 -26.69 6.17 -24.44
N PHE F 200 -26.52 6.95 -25.51
CA PHE F 200 -27.24 8.22 -25.69
C PHE F 200 -27.83 8.28 -27.12
N GLN F 201 -28.90 9.07 -27.27
CA GLN F 201 -29.54 9.21 -28.55
C GLN F 201 -29.42 10.64 -29.01
N VAL F 202 -28.95 10.80 -30.24
CA VAL F 202 -29.03 12.12 -30.88
C VAL F 202 -30.33 12.20 -31.67
N GLY F 203 -31.30 12.88 -31.00
CA GLY F 203 -32.74 12.95 -31.32
C GLY F 203 -33.03 13.44 -32.73
N PRO F 204 -34.32 13.72 -33.05
CA PRO F 204 -34.62 13.78 -34.52
C PRO F 204 -33.90 14.98 -35.19
N SER F 205 -32.83 14.67 -35.97
CA SER F 205 -32.00 15.69 -36.64
C SER F 205 -32.00 15.49 -38.15
N VAL F 206 -32.05 16.61 -38.86
CA VAL F 206 -32.31 16.59 -40.32
C VAL F 206 -31.01 16.40 -41.11
N GLY F 207 -31.01 15.40 -41.98
CA GLY F 207 -29.94 15.27 -42.94
C GLY F 207 -28.52 15.44 -42.49
N ILE F 208 -27.81 16.40 -43.06
CA ILE F 208 -26.37 16.48 -42.79
C ILE F 208 -26.06 16.72 -41.32
N SER F 209 -26.87 17.55 -40.66
CA SER F 209 -26.65 17.93 -39.23
C SER F 209 -26.70 16.73 -38.23
N SER F 210 -27.39 15.63 -38.61
CA SER F 210 -27.35 14.43 -37.81
C SER F 210 -25.89 13.97 -37.75
N GLY F 211 -25.26 13.67 -38.90
CA GLY F 211 -23.85 13.35 -38.92
C GLY F 211 -22.94 14.28 -38.10
N ASP F 212 -23.09 15.58 -38.30
CA ASP F 212 -22.30 16.57 -37.54
C ASP F 212 -22.48 16.44 -36.01
N GLN F 213 -23.72 16.34 -35.55
CA GLN F 213 -24.01 16.24 -34.12
C GLN F 213 -23.53 14.93 -33.47
N VAL F 214 -23.70 13.82 -34.16
CA VAL F 214 -23.15 12.59 -33.64
C VAL F 214 -21.65 12.68 -33.44
N TRP F 215 -20.92 13.12 -34.45
CA TRP F 215 -19.49 13.25 -34.26
C TRP F 215 -19.14 14.14 -33.07
N VAL F 216 -19.73 15.32 -33.00
CA VAL F 216 -19.43 16.25 -31.91
C VAL F 216 -19.83 15.66 -30.55
N ALA F 217 -20.95 14.93 -30.51
CA ALA F 217 -21.34 14.24 -29.30
C ALA F 217 -20.26 13.24 -28.90
N ARG F 218 -19.70 12.51 -29.87
CA ARG F 218 -18.65 11.57 -29.56
C ARG F 218 -17.41 12.25 -29.04
N TYR F 219 -17.10 13.39 -29.64
CA TYR F 219 -15.95 14.19 -29.19
C TYR F 219 -16.13 14.58 -27.76
N ILE F 220 -17.28 15.13 -27.41
CA ILE F 220 -17.57 15.44 -26.03
C ILE F 220 -17.48 14.21 -25.10
N LEU F 221 -18.03 13.06 -25.51
CA LEU F 221 -17.96 11.85 -24.68
C LEU F 221 -16.52 11.50 -24.35
N GLU F 222 -15.69 11.39 -25.37
CA GLU F 222 -14.31 10.99 -25.14
C GLU F 222 -13.53 12.00 -24.33
N ARG F 223 -13.79 13.29 -24.51
CA ARG F 223 -13.12 14.31 -23.69
C ARG F 223 -13.52 14.16 -22.22
N ILE F 224 -14.76 13.74 -21.98
CA ILE F 224 -15.24 13.58 -20.62
C ILE F 224 -14.59 12.35 -20.02
N THR F 225 -14.62 11.23 -20.72
CA THR F 225 -13.94 10.05 -20.22
C THR F 225 -12.46 10.31 -19.98
N GLU F 226 -11.82 11.06 -20.87
CA GLU F 226 -10.45 11.52 -20.62
C GLU F 226 -10.31 12.17 -19.22
N ILE F 227 -11.21 13.08 -18.87
CA ILE F 227 -11.15 13.74 -17.57
C ILE F 227 -11.21 12.71 -16.49
N ALA F 228 -12.08 11.73 -16.70
CA ALA F 228 -12.36 10.70 -15.69
C ALA F 228 -11.26 9.69 -15.49
N GLY F 229 -10.34 9.67 -16.42
CA GLY F 229 -9.30 8.67 -16.39
C GLY F 229 -9.85 7.31 -16.81
N VAL F 230 -10.77 7.33 -17.79
CA VAL F 230 -11.37 6.12 -18.29
C VAL F 230 -11.34 6.11 -19.81
N VAL F 231 -11.37 4.91 -20.39
CA VAL F 231 -11.28 4.76 -21.85
C VAL F 231 -12.61 4.30 -22.42
N VAL F 232 -13.00 4.83 -23.61
CA VAL F 232 -14.20 4.37 -24.40
C VAL F 232 -13.81 3.57 -25.59
N THR F 233 -14.54 2.47 -25.87
CA THR F 233 -14.48 1.83 -27.22
C THR F 233 -15.83 1.83 -27.90
N PHE F 234 -15.76 2.06 -29.20
CA PHE F 234 -16.93 1.93 -30.01
C PHE F 234 -16.86 0.60 -30.75
N ASP F 235 -15.90 -0.23 -30.34
CA ASP F 235 -15.86 -1.56 -30.90
C ASP F 235 -17.23 -2.25 -30.66
N PRO F 236 -17.82 -2.80 -31.72
CA PRO F 236 -19.15 -3.35 -31.68
C PRO F 236 -19.28 -4.59 -30.79
N LYS F 237 -18.17 -5.29 -30.55
CA LYS F 237 -18.21 -6.47 -29.65
C LYS F 237 -16.92 -6.59 -28.83
N PRO F 238 -16.86 -5.83 -27.72
CA PRO F 238 -15.62 -5.65 -26.99
C PRO F 238 -15.27 -6.88 -26.17
N ILE F 239 -16.27 -7.59 -25.72
CA ILE F 239 -15.98 -8.76 -24.95
C ILE F 239 -16.64 -9.91 -25.64
N PRO F 240 -15.86 -10.99 -25.92
CA PRO F 240 -16.40 -12.21 -26.53
C PRO F 240 -17.27 -12.98 -25.56
N GLY F 241 -18.26 -13.69 -26.12
CA GLY F 241 -19.11 -14.63 -25.34
C GLY F 241 -20.48 -14.09 -25.00
N ASP F 242 -21.01 -14.48 -23.82
CA ASP F 242 -22.38 -14.16 -23.39
C ASP F 242 -22.54 -12.71 -22.79
N TRP F 243 -22.26 -11.72 -23.65
CA TRP F 243 -22.26 -10.30 -23.33
C TRP F 243 -22.63 -9.51 -24.53
N ASN F 244 -23.57 -8.58 -24.38
CA ASN F 244 -24.00 -7.70 -25.51
C ASN F 244 -22.91 -6.98 -26.34
N GLY F 245 -23.20 -6.87 -27.63
CA GLY F 245 -22.36 -6.06 -28.50
C GLY F 245 -22.95 -4.68 -28.45
N ALA F 246 -22.38 -3.80 -29.25
CA ALA F 246 -22.79 -2.41 -29.23
C ALA F 246 -23.04 -1.95 -30.63
N GLY F 247 -24.20 -1.32 -30.79
CA GLY F 247 -24.54 -0.76 -32.08
C GLY F 247 -24.92 0.71 -32.09
N ALA F 248 -25.19 1.15 -33.29
CA ALA F 248 -25.59 2.50 -33.55
C ALA F 248 -26.92 2.49 -34.29
N HIS F 249 -28.00 2.03 -33.64
CA HIS F 249 -29.28 1.94 -34.32
C HIS F 249 -29.63 3.27 -35.00
N THR F 250 -30.04 3.21 -36.28
CA THR F 250 -30.49 4.41 -36.95
C THR F 250 -31.99 4.40 -37.12
N ASN F 251 -32.65 5.35 -36.47
CA ASN F 251 -34.05 5.58 -36.69
C ASN F 251 -34.18 6.62 -37.76
N TYR F 252 -35.22 6.43 -38.58
CA TYR F 252 -35.36 7.15 -39.85
C TYR F 252 -36.81 7.43 -40.15
N SER F 253 -37.04 8.62 -40.69
CA SER F 253 -38.33 8.94 -41.26
C SER F 253 -38.18 10.03 -42.35
N THR F 254 -39.05 9.96 -43.37
CA THR F 254 -39.22 11.01 -44.37
C THR F 254 -40.54 11.73 -44.17
N GLU F 255 -40.63 12.93 -44.75
CA GLU F 255 -41.85 13.70 -44.72
C GLU F 255 -43.07 12.79 -44.93
N SER F 256 -43.03 12.06 -46.04
CA SER F 256 -44.15 11.21 -46.42
C SER F 256 -44.37 10.03 -45.45
N MET F 257 -43.35 9.68 -44.66
CA MET F 257 -43.51 8.59 -43.71
C MET F 257 -44.28 8.99 -42.47
N ARG F 258 -44.14 10.26 -42.05
CA ARG F 258 -44.78 10.77 -40.79
C ARG F 258 -46.15 11.44 -40.98
N LYS F 259 -46.58 11.49 -42.24
CA LYS F 259 -47.91 12.00 -42.65
C LYS F 259 -48.91 10.82 -42.82
N GLU F 260 -50.19 11.12 -43.05
CA GLU F 260 -51.22 10.08 -43.18
C GLU F 260 -50.84 8.92 -44.11
N GLY F 261 -51.10 7.70 -43.60
CA GLY F 261 -50.72 6.46 -44.28
C GLY F 261 -49.25 6.38 -44.73
N GLY F 262 -48.36 6.82 -43.85
CA GLY F 262 -46.93 6.72 -44.10
C GLY F 262 -46.42 5.30 -43.94
N TYR F 263 -47.15 4.50 -43.19
CA TYR F 263 -46.76 3.12 -42.90
C TYR F 263 -46.54 2.33 -44.18
N GLU F 264 -47.33 2.64 -45.20
CA GLU F 264 -47.14 2.00 -46.53
C GLU F 264 -45.78 2.37 -47.12
N VAL F 265 -45.39 3.65 -46.98
CA VAL F 265 -44.12 4.15 -47.50
C VAL F 265 -42.99 3.46 -46.75
N ILE F 266 -43.22 3.26 -45.46
CA ILE F 266 -42.28 2.56 -44.58
C ILE F 266 -42.03 1.13 -45.06
N LYS F 267 -43.09 0.36 -45.25
CA LYS F 267 -42.93 -0.99 -45.77
C LYS F 267 -42.13 -0.97 -47.07
N ALA F 268 -42.42 0.00 -47.93
CA ALA F 268 -41.78 0.05 -49.27
C ALA F 268 -40.31 0.37 -49.15
N ALA F 269 -39.98 1.22 -48.20
CA ALA F 269 -38.61 1.58 -47.93
C ALA F 269 -37.85 0.36 -47.39
N ILE F 270 -38.46 -0.34 -46.42
CA ILE F 270 -37.89 -1.57 -45.85
C ILE F 270 -37.52 -2.56 -46.97
N GLU F 271 -38.48 -2.73 -47.87
CA GLU F 271 -38.34 -3.57 -49.05
C GLU F 271 -37.07 -3.22 -49.86
N LYS F 272 -36.85 -1.93 -50.13
CA LYS F 272 -35.70 -1.48 -50.90
C LYS F 272 -34.45 -1.79 -50.14
N LEU F 273 -34.55 -1.67 -48.82
CA LEU F 273 -33.41 -1.97 -47.91
C LEU F 273 -33.00 -3.44 -47.92
N LYS F 274 -34.02 -4.29 -48.01
CA LYS F 274 -33.81 -5.73 -48.13
C LYS F 274 -32.93 -6.08 -49.32
N LEU F 275 -33.10 -5.32 -50.38
CA LEU F 275 -32.45 -5.63 -51.63
C LEU F 275 -31.01 -5.18 -51.61
N ARG F 276 -30.74 -4.15 -50.81
CA ARG F 276 -29.40 -3.59 -50.73
C ARG F 276 -28.69 -3.88 -49.37
N HIS F 277 -29.16 -4.93 -48.68
CA HIS F 277 -28.59 -5.35 -47.43
C HIS F 277 -27.09 -5.56 -47.64
N LYS F 278 -26.72 -6.42 -48.57
CA LYS F 278 -25.32 -6.79 -48.79
C LYS F 278 -24.38 -5.59 -48.76
N GLU F 279 -24.77 -4.52 -49.46
CA GLU F 279 -23.91 -3.36 -49.70
C GLU F 279 -24.00 -2.35 -48.56
N HIS F 280 -25.11 -2.42 -47.84
CA HIS F 280 -25.22 -1.69 -46.60
C HIS F 280 -24.29 -2.25 -45.53
N ILE F 281 -24.36 -3.57 -45.32
CA ILE F 281 -23.47 -4.22 -44.35
C ILE F 281 -22.01 -3.79 -44.53
N ALA F 282 -21.55 -3.75 -45.79
CA ALA F 282 -20.15 -3.44 -46.13
C ALA F 282 -19.68 -2.05 -45.63
N ALA F 283 -20.62 -1.14 -45.42
CA ALA F 283 -20.26 0.19 -44.97
C ALA F 283 -20.84 0.49 -43.57
N TYR F 284 -21.42 -0.55 -42.94
CA TYR F 284 -22.06 -0.42 -41.64
C TYR F 284 -21.10 -0.60 -40.46
N GLY F 285 -19.80 -0.40 -40.75
CA GLY F 285 -18.73 -0.43 -39.75
C GLY F 285 -18.06 -1.80 -39.65
N GLU F 286 -16.75 -1.76 -39.36
CA GLU F 286 -15.94 -2.99 -39.35
C GLU F 286 -15.93 -3.71 -37.99
N GLY F 287 -15.83 -5.01 -38.09
CA GLY F 287 -15.95 -5.88 -36.92
C GLY F 287 -17.41 -6.35 -36.72
N ASN F 288 -18.33 -5.86 -37.55
CA ASN F 288 -19.75 -6.12 -37.33
C ASN F 288 -20.07 -7.61 -37.27
N GLU F 289 -19.25 -8.40 -37.96
CA GLU F 289 -19.43 -9.84 -38.03
C GLU F 289 -19.45 -10.42 -36.63
N ARG F 290 -18.72 -9.77 -35.74
CA ARG F 290 -18.53 -10.31 -34.39
C ARG F 290 -19.75 -10.00 -33.54
N ARG F 291 -20.48 -8.95 -33.93
CA ARG F 291 -21.69 -8.52 -33.22
C ARG F 291 -22.97 -9.22 -33.70
N LEU F 292 -23.26 -9.08 -35.00
CA LEU F 292 -24.51 -9.56 -35.60
C LEU F 292 -24.50 -11.08 -35.74
N THR F 293 -25.04 -11.74 -34.73
CA THR F 293 -24.96 -13.19 -34.66
C THR F 293 -26.35 -13.82 -34.63
N GLY F 294 -27.37 -13.01 -34.38
CA GLY F 294 -28.72 -13.54 -34.24
C GLY F 294 -29.09 -13.70 -32.76
N ARG F 295 -28.06 -13.71 -31.89
CA ARG F 295 -28.25 -13.68 -30.42
C ARG F 295 -27.95 -12.29 -29.88
N HIS F 296 -28.33 -12.07 -28.61
CA HIS F 296 -28.04 -10.80 -27.91
C HIS F 296 -28.68 -9.59 -28.63
N GLU F 297 -29.94 -9.78 -29.06
CA GLU F 297 -30.75 -8.69 -29.67
C GLU F 297 -30.21 -8.13 -31.02
N THR F 298 -29.63 -9.02 -31.83
CA THR F 298 -29.18 -8.69 -33.17
C THR F 298 -29.86 -9.63 -34.17
N ALA F 299 -29.77 -9.30 -35.45
CA ALA F 299 -30.13 -10.29 -36.45
C ALA F 299 -28.85 -10.73 -37.12
N ASP F 300 -28.82 -12.01 -37.53
CA ASP F 300 -27.68 -12.57 -38.28
C ASP F 300 -27.28 -11.67 -39.49
N ILE F 301 -25.97 -11.47 -39.68
CA ILE F 301 -25.43 -10.60 -40.76
C ILE F 301 -25.96 -11.07 -42.13
N ASN F 302 -26.07 -12.37 -42.29
CA ASN F 302 -26.38 -12.97 -43.57
C ASN F 302 -27.85 -12.88 -43.98
N THR F 303 -28.76 -12.96 -43.03
CA THR F 303 -30.18 -12.78 -43.34
C THR F 303 -30.56 -11.30 -43.19
N PHE F 304 -31.63 -10.89 -43.88
CA PHE F 304 -32.29 -9.63 -43.56
C PHE F 304 -33.67 -9.95 -43.04
N SER F 305 -34.11 -9.28 -42.00
CA SER F 305 -35.48 -9.50 -41.52
C SER F 305 -36.07 -8.22 -40.94
N TRP F 306 -37.39 -8.18 -40.87
CA TRP F 306 -38.06 -7.10 -40.14
C TRP F 306 -39.33 -7.66 -39.44
N GLY F 307 -39.82 -6.87 -38.48
CA GLY F 307 -40.97 -7.25 -37.64
C GLY F 307 -41.40 -6.06 -36.77
N VAL F 308 -42.43 -6.27 -35.96
CA VAL F 308 -42.97 -5.10 -35.27
C VAL F 308 -42.24 -4.74 -33.98
N ALA F 309 -42.45 -5.48 -32.89
CA ALA F 309 -41.69 -5.15 -31.67
C ALA F 309 -40.45 -6.06 -31.53
N ASN F 310 -39.90 -6.45 -32.67
CA ASN F 310 -38.92 -7.53 -32.71
C ASN F 310 -37.46 -7.05 -32.67
N ARG F 311 -36.87 -7.14 -31.45
CA ARG F 311 -35.44 -6.79 -31.26
C ARG F 311 -34.48 -7.87 -31.82
N GLY F 312 -35.03 -9.01 -32.26
CA GLY F 312 -34.27 -10.01 -33.02
C GLY F 312 -34.18 -9.82 -34.54
N ALA F 313 -34.79 -8.72 -35.05
CA ALA F 313 -34.88 -8.43 -36.50
C ALA F 313 -33.89 -7.36 -36.98
N SER F 314 -33.66 -7.28 -38.30
CA SER F 314 -32.68 -6.35 -38.91
C SER F 314 -33.25 -4.95 -38.87
N VAL F 315 -34.56 -4.84 -39.10
CA VAL F 315 -35.27 -3.57 -38.90
C VAL F 315 -36.47 -3.80 -37.96
N ARG F 316 -36.77 -2.78 -37.15
CA ARG F 316 -37.87 -2.88 -36.21
C ARG F 316 -38.74 -1.67 -36.37
N VAL F 317 -40.05 -1.90 -36.31
CA VAL F 317 -41.01 -0.81 -36.39
C VAL F 317 -41.78 -0.73 -35.08
N GLY F 318 -41.68 0.43 -34.43
CA GLY F 318 -42.40 0.65 -33.16
C GLY F 318 -43.89 0.26 -33.14
N ARG F 319 -44.35 -0.32 -32.03
CA ARG F 319 -45.78 -0.52 -31.79
C ARG F 319 -46.56 0.76 -32.04
N GLU F 320 -46.06 1.88 -31.48
CA GLU F 320 -46.66 3.21 -31.65
C GLU F 320 -46.90 3.66 -33.15
N THR F 321 -45.85 3.57 -33.98
CA THR F 321 -46.00 3.92 -35.40
C THR F 321 -46.84 2.90 -36.20
N GLU F 322 -46.92 1.65 -35.74
CA GLU F 322 -47.80 0.66 -36.38
C GLU F 322 -49.25 1.03 -36.12
N GLN F 323 -49.53 1.28 -34.84
CA GLN F 323 -50.88 1.58 -34.38
C GLN F 323 -51.39 2.94 -34.92
N ASN F 324 -50.45 3.82 -35.29
CA ASN F 324 -50.83 5.12 -35.85
C ASN F 324 -50.78 5.20 -37.37
N GLY F 325 -50.41 4.09 -38.02
CA GLY F 325 -50.22 4.03 -39.49
C GLY F 325 -49.17 5.00 -40.04
N LYS F 326 -48.43 5.64 -39.13
CA LYS F 326 -47.39 6.64 -39.46
C LYS F 326 -46.31 6.79 -38.36
N GLY F 327 -45.05 6.81 -38.79
CA GLY F 327 -43.95 7.15 -37.89
C GLY F 327 -42.57 6.94 -38.52
N TYR F 328 -41.80 6.01 -37.95
CA TYR F 328 -40.39 5.82 -38.30
C TYR F 328 -40.04 4.38 -38.02
N PHE F 329 -38.95 3.93 -38.64
CA PHE F 329 -38.45 2.60 -38.39
C PHE F 329 -36.99 2.68 -37.97
N GLU F 330 -36.54 1.61 -37.34
CA GLU F 330 -35.22 1.53 -36.73
C GLU F 330 -34.36 0.51 -37.49
N ASP F 331 -33.28 0.98 -38.14
CA ASP F 331 -32.34 0.05 -38.77
C ASP F 331 -31.35 -0.36 -37.71
N ARG F 332 -31.44 -1.61 -37.26
CA ARG F 332 -30.60 -2.08 -36.16
C ARG F 332 -29.28 -2.62 -36.60
N ARG F 333 -28.96 -2.46 -37.88
CA ARG F 333 -27.80 -3.10 -38.44
C ARG F 333 -26.47 -2.41 -38.22
N PRO F 334 -26.45 -1.06 -38.16
CA PRO F 334 -25.13 -0.38 -38.08
C PRO F 334 -24.37 -0.63 -36.73
N ALA F 335 -23.06 -0.83 -36.76
CA ALA F 335 -22.33 -1.00 -35.53
C ALA F 335 -22.06 0.34 -34.86
N SER F 336 -21.69 0.27 -33.60
CA SER F 336 -21.36 1.44 -32.80
C SER F 336 -20.21 2.28 -33.36
N ASN F 337 -19.36 1.68 -34.20
CA ASN F 337 -18.22 2.40 -34.84
C ASN F 337 -18.48 2.87 -36.31
N MET F 338 -19.77 2.84 -36.65
CA MET F 338 -20.32 3.39 -37.87
C MET F 338 -19.93 4.89 -38.04
N ASP F 339 -19.63 5.28 -39.27
CA ASP F 339 -19.50 6.69 -39.53
C ASP F 339 -20.88 7.15 -39.86
N PRO F 340 -21.46 8.03 -39.05
CA PRO F 340 -22.85 8.42 -39.29
C PRO F 340 -23.04 9.11 -40.64
N TYR F 341 -22.04 9.87 -41.12
CA TYR F 341 -22.13 10.47 -42.44
C TYR F 341 -22.49 9.41 -43.49
N VAL F 342 -21.73 8.32 -43.50
CA VAL F 342 -21.95 7.21 -44.42
C VAL F 342 -23.31 6.52 -44.28
N VAL F 343 -23.65 6.12 -43.06
CA VAL F 343 -24.89 5.37 -42.85
C VAL F 343 -26.09 6.26 -43.08
N THR F 344 -25.97 7.50 -42.66
CA THR F 344 -27.10 8.36 -42.68
C THR F 344 -27.54 8.71 -44.12
N SER F 345 -26.59 9.01 -44.99
CA SER F 345 -26.90 9.38 -46.37
C SER F 345 -27.22 8.12 -47.19
N MET F 346 -26.43 7.07 -47.01
CA MET F 346 -26.70 5.81 -47.69
C MET F 346 -28.14 5.33 -47.49
N ILE F 347 -28.68 5.52 -46.29
CA ILE F 347 -30.10 5.20 -46.07
C ILE F 347 -31.02 6.10 -46.91
N ALA F 348 -30.76 7.41 -46.95
CA ALA F 348 -31.57 8.28 -47.81
C ALA F 348 -31.47 7.88 -49.27
N GLU F 349 -30.26 7.53 -49.71
CA GLU F 349 -30.02 7.18 -51.09
C GLU F 349 -30.75 5.92 -51.49
N THR F 350 -30.62 4.86 -50.69
CA THR F 350 -31.29 3.61 -50.98
C THR F 350 -32.80 3.72 -50.82
N THR F 351 -33.25 4.80 -50.20
CA THR F 351 -34.63 4.89 -49.81
C THR F 351 -35.43 5.88 -50.66
N ILE F 352 -34.74 6.88 -51.21
CA ILE F 352 -35.38 7.87 -52.07
C ILE F 352 -34.89 7.74 -53.52
N VAL F 353 -33.63 8.07 -53.76
CA VAL F 353 -33.07 8.12 -55.13
C VAL F 353 -33.19 6.82 -55.95
N TRP F 354 -32.64 5.73 -55.42
CA TRP F 354 -32.53 4.46 -56.14
C TRP F 354 -33.90 3.80 -56.35
N LYS F 355 -34.07 3.12 -57.50
CA LYS F 355 -35.31 2.31 -57.86
C LYS F 355 -35.16 0.88 -58.48
N CYS G 3 -13.54 20.31 -13.48
CA CYS G 3 -13.71 18.86 -13.84
C CYS G 3 -15.16 18.25 -13.80
N LEU G 4 -15.37 17.14 -13.04
CA LEU G 4 -16.53 16.30 -13.31
C LEU G 4 -17.80 16.79 -12.69
N THR G 5 -17.70 17.32 -11.51
CA THR G 5 -18.90 17.83 -10.90
C THR G 5 -19.33 19.19 -11.45
N ASP G 6 -18.43 19.87 -12.16
CA ASP G 6 -18.83 21.11 -12.86
C ASP G 6 -19.82 20.85 -13.99
N LEU G 7 -19.61 19.73 -14.66
CA LEU G 7 -20.48 19.31 -15.75
C LEU G 7 -21.79 18.72 -15.25
N VAL G 8 -21.72 17.85 -14.23
CA VAL G 8 -22.93 17.22 -13.69
C VAL G 8 -23.87 18.25 -13.08
N ASN G 9 -23.30 19.37 -12.63
CA ASN G 9 -24.10 20.40 -12.00
C ASN G 9 -24.36 21.65 -12.86
N LEU G 10 -24.05 21.55 -14.15
CA LEU G 10 -24.39 22.62 -15.08
C LEU G 10 -25.84 23.07 -14.92
N ASN G 11 -26.03 24.38 -14.82
CA ASN G 11 -27.38 24.92 -14.83
C ASN G 11 -27.84 25.10 -16.30
N LEU G 12 -28.89 24.35 -16.67
CA LEU G 12 -29.35 24.36 -18.06
C LEU G 12 -30.19 25.59 -18.41
N SER G 13 -30.97 26.07 -17.40
CA SER G 13 -31.88 27.24 -17.44
C SER G 13 -31.31 28.43 -18.18
N ASP G 14 -29.96 28.59 -18.10
CA ASP G 14 -29.20 29.71 -18.73
C ASP G 14 -29.07 29.55 -20.25
N THR G 15 -29.49 28.39 -20.78
CA THR G 15 -29.18 28.04 -22.15
C THR G 15 -30.32 27.47 -22.97
N THR G 16 -31.18 26.65 -22.34
CA THR G 16 -32.48 26.29 -22.94
C THR G 16 -33.65 26.14 -21.98
N GLU G 17 -34.80 26.02 -22.63
CA GLU G 17 -36.05 25.75 -21.96
C GLU G 17 -36.22 24.25 -21.77
N LYS G 18 -35.40 23.45 -22.48
CA LYS G 18 -35.52 21.98 -22.46
C LYS G 18 -35.37 21.34 -21.07
N ILE G 19 -35.99 20.17 -20.93
CA ILE G 19 -36.14 19.47 -19.63
C ILE G 19 -35.66 18.05 -19.74
N ILE G 20 -35.18 17.50 -18.63
CA ILE G 20 -34.85 16.08 -18.57
C ILE G 20 -35.76 15.35 -17.61
N ALA G 21 -36.46 14.37 -18.17
CA ALA G 21 -37.36 13.53 -17.40
C ALA G 21 -36.79 12.12 -17.32
N GLU G 22 -36.75 11.61 -16.07
CA GLU G 22 -36.22 10.28 -15.77
C GLU G 22 -37.39 9.39 -15.45
N TYR G 23 -37.73 8.49 -16.37
CA TYR G 23 -38.89 7.62 -16.18
C TYR G 23 -38.45 6.44 -15.38
N ILE G 24 -39.14 6.23 -14.28
CA ILE G 24 -38.81 5.15 -13.36
C ILE G 24 -39.88 4.09 -13.44
N TRP G 25 -39.48 2.81 -13.46
CA TRP G 25 -40.47 1.74 -13.34
C TRP G 25 -39.98 0.55 -12.55
N ILE G 26 -40.85 -0.42 -12.34
CA ILE G 26 -40.49 -1.59 -11.57
C ILE G 26 -40.32 -2.81 -12.44
N GLY G 27 -39.23 -3.54 -12.26
CA GLY G 27 -38.81 -4.55 -13.22
C GLY G 27 -39.37 -5.93 -12.97
N GLY G 28 -38.85 -6.90 -13.73
CA GLY G 28 -39.32 -8.29 -13.74
C GLY G 28 -39.41 -9.04 -12.41
N SER G 29 -38.58 -8.68 -11.47
CA SER G 29 -38.64 -9.37 -10.19
C SER G 29 -39.62 -8.76 -9.20
N GLY G 30 -40.20 -7.60 -9.54
CA GLY G 30 -41.14 -6.91 -8.64
C GLY G 30 -40.46 -6.19 -7.47
N MET G 31 -39.12 -6.23 -7.50
CA MET G 31 -38.27 -5.62 -6.49
C MET G 31 -37.11 -4.78 -7.07
N ASP G 32 -36.98 -4.75 -8.38
CA ASP G 32 -35.88 -4.00 -9.00
C ASP G 32 -36.32 -2.69 -9.70
N LEU G 33 -35.84 -1.55 -9.22
CA LEU G 33 -36.18 -0.32 -9.92
C LEU G 33 -35.33 -0.14 -11.18
N ARG G 34 -35.94 0.40 -12.24
CA ARG G 34 -35.23 0.71 -13.45
C ARG G 34 -35.63 2.08 -13.92
N SER G 35 -34.71 2.76 -14.62
CA SER G 35 -35.02 4.09 -15.15
C SER G 35 -34.22 4.40 -16.37
N LYS G 36 -34.83 5.19 -17.25
CA LYS G 36 -34.09 5.90 -18.31
C LYS G 36 -34.58 7.37 -18.46
N ALA G 37 -33.81 8.17 -19.19
CA ALA G 37 -34.13 9.58 -19.33
C ALA G 37 -34.35 10.05 -20.78
N ARG G 38 -35.26 11.02 -20.93
CA ARG G 38 -35.49 11.67 -22.20
C ARG G 38 -35.55 13.17 -22.03
N THR G 39 -35.28 13.86 -23.13
CA THR G 39 -35.44 15.30 -23.17
C THR G 39 -36.87 15.68 -23.60
N LEU G 40 -37.44 16.67 -22.92
CA LEU G 40 -38.77 17.18 -23.25
C LEU G 40 -38.66 18.67 -23.55
N PRO G 41 -39.58 19.20 -24.40
CA PRO G 41 -39.34 20.57 -24.94
C PRO G 41 -39.49 21.72 -23.92
N GLY G 42 -40.32 21.53 -22.90
CA GLY G 42 -40.50 22.58 -21.88
C GLY G 42 -40.95 21.94 -20.58
N PRO G 43 -40.98 22.76 -19.50
CA PRO G 43 -41.38 22.29 -18.15
C PRO G 43 -42.74 21.64 -18.20
N VAL G 44 -42.98 20.66 -17.36
CA VAL G 44 -44.31 20.06 -17.28
C VAL G 44 -44.67 19.84 -15.82
N THR G 45 -45.93 20.11 -15.44
CA THR G 45 -46.34 19.89 -14.04
C THR G 45 -47.46 18.87 -13.86
N ASP G 46 -48.11 18.55 -14.96
CA ASP G 46 -49.18 17.59 -14.86
C ASP G 46 -48.84 16.27 -15.58
N PRO G 47 -48.92 15.14 -14.83
CA PRO G 47 -48.65 13.77 -15.32
C PRO G 47 -49.30 13.44 -16.70
N SER G 48 -50.56 13.85 -16.88
CA SER G 48 -51.28 13.54 -18.13
C SER G 48 -50.80 14.35 -19.35
N LYS G 49 -49.91 15.31 -19.12
CA LYS G 49 -49.34 16.09 -20.19
C LYS G 49 -47.99 15.57 -20.64
N LEU G 50 -47.53 14.48 -19.99
CA LEU G 50 -46.29 13.78 -20.36
C LEU G 50 -46.63 12.70 -21.35
N PRO G 51 -45.83 12.56 -22.44
CA PRO G 51 -46.04 11.48 -23.38
C PRO G 51 -45.77 10.13 -22.71
N LYS G 52 -46.48 9.09 -23.14
CA LYS G 52 -46.20 7.72 -22.72
C LYS G 52 -44.92 7.30 -23.38
N TRP G 53 -44.38 6.19 -22.93
CA TRP G 53 -43.12 5.73 -23.45
C TRP G 53 -43.07 4.20 -23.38
N ASN G 54 -41.98 3.64 -23.90
CA ASN G 54 -41.74 2.21 -23.85
C ASN G 54 -40.26 1.90 -23.55
N TYR G 55 -39.98 0.63 -23.21
CA TYR G 55 -38.61 0.18 -22.96
C TYR G 55 -38.51 -1.27 -23.34
N ASP G 56 -37.29 -1.80 -23.33
CA ASP G 56 -37.07 -3.18 -23.76
C ASP G 56 -37.37 -4.14 -22.64
N GLY G 57 -38.61 -4.57 -22.54
CA GLY G 57 -39.02 -5.58 -21.54
C GLY G 57 -38.26 -6.89 -21.63
N SER G 58 -37.72 -7.19 -22.81
CA SER G 58 -36.98 -8.40 -22.94
C SER G 58 -35.74 -8.33 -22.06
N SER G 59 -35.28 -7.14 -21.72
CA SER G 59 -34.09 -7.00 -20.87
C SER G 59 -34.33 -6.79 -19.36
N THR G 60 -35.60 -6.85 -18.95
CA THR G 60 -35.97 -6.69 -17.55
C THR G 60 -36.80 -7.87 -17.10
N GLY G 61 -36.82 -8.92 -17.94
CA GLY G 61 -37.66 -10.13 -17.71
C GLY G 61 -39.20 -9.98 -17.67
N GLN G 62 -39.71 -9.16 -18.58
CA GLN G 62 -41.14 -8.77 -18.59
C GLN G 62 -41.82 -9.05 -19.96
N ALA G 63 -40.98 -9.34 -20.96
CA ALA G 63 -41.43 -9.56 -22.34
C ALA G 63 -40.44 -10.46 -23.10
N PRO G 64 -40.92 -11.15 -24.17
CA PRO G 64 -40.02 -11.84 -25.10
C PRO G 64 -39.29 -10.94 -26.10
N GLY G 65 -38.23 -11.46 -26.69
CA GLY G 65 -37.38 -10.74 -27.62
C GLY G 65 -38.09 -10.30 -28.88
N GLU G 66 -38.99 -11.16 -29.35
CA GLU G 66 -39.73 -10.92 -30.63
C GLU G 66 -40.96 -9.99 -30.46
N ASP G 67 -41.41 -9.86 -29.22
CA ASP G 67 -42.49 -8.94 -28.87
C ASP G 67 -42.06 -8.10 -27.63
N SER G 68 -40.95 -7.39 -27.81
CA SER G 68 -40.22 -6.82 -26.68
C SER G 68 -40.79 -5.55 -26.05
N GLU G 69 -41.64 -4.81 -26.76
CA GLU G 69 -42.06 -3.49 -26.29
C GLU G 69 -43.03 -3.58 -25.12
N VAL G 70 -42.77 -2.77 -24.06
CA VAL G 70 -43.64 -2.62 -22.90
C VAL G 70 -43.85 -1.15 -22.62
N ILE G 71 -45.04 -0.79 -22.22
CA ILE G 71 -45.43 0.62 -22.24
C ILE G 71 -45.42 1.26 -20.86
N LEU G 72 -44.98 2.51 -20.82
CA LEU G 72 -44.90 3.25 -19.57
C LEU G 72 -45.92 4.35 -19.49
N TYR G 73 -46.74 4.30 -18.44
CA TYR G 73 -47.73 5.33 -18.18
C TYR G 73 -47.23 6.23 -17.06
N PRO G 74 -46.97 7.51 -17.38
CA PRO G 74 -46.58 8.44 -16.33
C PRO G 74 -47.71 8.54 -15.30
N GLN G 75 -47.39 8.48 -14.02
CA GLN G 75 -48.44 8.59 -12.99
C GLN G 75 -48.19 9.66 -11.96
N ALA G 76 -46.92 9.91 -11.62
CA ALA G 76 -46.59 10.95 -10.66
C ALA G 76 -45.27 11.67 -11.02
N ILE G 77 -45.27 12.98 -10.81
CA ILE G 77 -44.09 13.79 -11.09
C ILE G 77 -43.48 14.23 -9.76
N PHE G 78 -42.13 14.23 -9.68
CA PHE G 78 -41.40 14.82 -8.57
C PHE G 78 -40.18 15.47 -9.13
N LYS G 79 -39.67 16.48 -8.40
CA LYS G 79 -38.47 17.19 -8.87
C LYS G 79 -37.27 16.26 -8.70
N ASP G 80 -36.37 16.27 -9.69
CA ASP G 80 -35.16 15.44 -9.69
C ASP G 80 -34.09 16.16 -8.85
N PRO G 81 -33.72 15.57 -7.70
CA PRO G 81 -32.83 16.22 -6.79
C PRO G 81 -31.41 16.07 -7.29
N PHE G 82 -31.18 15.14 -8.21
CA PHE G 82 -29.85 14.98 -8.77
C PHE G 82 -29.57 15.99 -9.87
N ARG G 83 -30.41 16.01 -10.90
CA ARG G 83 -30.20 16.94 -12.00
C ARG G 83 -30.64 18.37 -11.66
N ARG G 84 -31.49 18.50 -10.63
CA ARG G 84 -31.93 19.80 -10.15
C ARG G 84 -32.57 20.68 -11.24
N GLY G 85 -32.56 22.01 -11.04
CA GLY G 85 -33.33 22.92 -11.91
C GLY G 85 -34.77 22.47 -12.16
N ASN G 86 -35.15 22.39 -13.43
CA ASN G 86 -36.53 22.02 -13.74
C ASN G 86 -36.75 20.56 -14.06
N ASN G 87 -35.68 19.78 -13.94
CA ASN G 87 -35.74 18.39 -14.37
C ASN G 87 -36.50 17.56 -13.38
N ILE G 88 -37.05 16.45 -13.88
CA ILE G 88 -38.11 15.72 -13.15
C ILE G 88 -37.93 14.19 -13.14
N LEU G 89 -38.46 13.59 -12.07
CA LEU G 89 -38.59 12.15 -11.97
C LEU G 89 -40.05 11.86 -12.22
N VAL G 90 -40.30 10.74 -12.89
CA VAL G 90 -41.65 10.35 -13.31
C VAL G 90 -41.90 8.89 -12.95
N MET G 91 -42.80 8.69 -11.99
CA MET G 91 -43.05 7.36 -11.52
C MET G 91 -43.97 6.72 -12.50
N CYS G 92 -43.74 5.44 -12.79
CA CYS G 92 -44.51 4.76 -13.84
C CYS G 92 -45.21 3.43 -13.56
N ASP G 93 -46.00 3.07 -14.58
CA ASP G 93 -46.97 2.01 -14.53
C ASP G 93 -46.75 1.20 -15.80
N CYS G 94 -46.91 -0.11 -15.71
CA CYS G 94 -46.57 -0.94 -16.88
C CYS G 94 -47.63 -1.72 -17.66
N TYR G 95 -47.64 -1.59 -18.98
CA TYR G 95 -48.75 -2.12 -19.76
C TYR G 95 -48.27 -2.76 -21.02
N THR G 96 -49.03 -3.74 -21.53
CA THR G 96 -48.85 -4.29 -22.92
C THR G 96 -49.24 -3.24 -23.96
N PRO G 97 -48.86 -3.47 -25.22
CA PRO G 97 -49.24 -2.45 -26.19
C PRO G 97 -50.75 -2.44 -26.35
N ALA G 98 -51.39 -3.55 -25.96
CA ALA G 98 -52.86 -3.72 -26.01
C ALA G 98 -53.62 -3.05 -24.84
N GLY G 99 -52.88 -2.34 -23.97
CA GLY G 99 -53.46 -1.67 -22.80
C GLY G 99 -53.82 -2.57 -21.61
N GLU G 100 -53.24 -3.78 -21.59
CA GLU G 100 -53.29 -4.69 -20.43
C GLU G 100 -52.19 -4.36 -19.39
N PRO G 101 -52.56 -4.29 -18.10
CA PRO G 101 -51.49 -4.17 -17.16
C PRO G 101 -50.72 -5.50 -17.06
N ILE G 102 -49.39 -5.45 -17.12
CA ILE G 102 -48.56 -6.68 -16.99
C ILE G 102 -48.59 -7.26 -15.56
N PRO G 103 -48.26 -8.57 -15.42
CA PRO G 103 -48.39 -9.26 -14.15
C PRO G 103 -47.67 -8.58 -12.96
N THR G 104 -46.59 -7.84 -13.26
CA THR G 104 -45.74 -7.24 -12.22
C THR G 104 -46.14 -5.81 -11.84
N ASN G 105 -47.13 -5.30 -12.55
CA ASN G 105 -47.76 -4.02 -12.26
C ASN G 105 -48.80 -4.24 -11.15
N LYS G 106 -48.46 -3.78 -9.95
CA LYS G 106 -49.39 -3.95 -8.85
C LYS G 106 -50.08 -2.63 -8.51
N ARG G 107 -49.75 -1.58 -9.27
CA ARG G 107 -50.36 -0.26 -9.10
C ARG G 107 -51.77 -0.25 -9.60
N TYR G 108 -52.00 -0.90 -10.73
CA TYR G 108 -53.31 -1.00 -11.32
C TYR G 108 -54.37 -1.55 -10.36
N SER G 109 -54.11 -2.71 -9.76
CA SER G 109 -55.04 -3.27 -8.75
C SER G 109 -55.31 -2.32 -7.61
N ALA G 110 -54.23 -1.73 -7.10
CA ALA G 110 -54.33 -0.85 -5.97
C ALA G 110 -55.10 0.40 -6.33
N ALA G 111 -54.95 0.86 -7.56
CA ALA G 111 -55.64 2.08 -7.98
C ALA G 111 -57.15 1.86 -7.95
N LYS G 112 -57.57 0.68 -8.44
CA LYS G 112 -58.98 0.29 -8.43
C LYS G 112 -59.54 0.35 -7.00
N ILE G 113 -58.81 -0.24 -6.06
CA ILE G 113 -59.30 -0.25 -4.70
C ILE G 113 -59.41 1.15 -4.13
N PHE G 114 -58.47 1.99 -4.45
CA PHE G 114 -58.52 3.35 -3.91
C PHE G 114 -59.47 4.30 -4.68
N SER G 115 -59.93 3.90 -5.86
CA SER G 115 -60.97 4.65 -6.62
C SER G 115 -62.40 4.27 -6.19
N SER G 116 -62.63 2.96 -5.99
CA SER G 116 -63.84 2.40 -5.38
C SER G 116 -64.37 3.28 -4.22
N PRO G 117 -65.61 3.82 -4.40
CA PRO G 117 -66.07 5.03 -3.68
C PRO G 117 -66.23 4.93 -2.15
N GLU G 118 -66.45 3.72 -1.63
CA GLU G 118 -66.61 3.51 -0.17
C GLU G 118 -65.25 3.53 0.53
N VAL G 119 -64.19 3.30 -0.25
CA VAL G 119 -62.82 3.42 0.23
C VAL G 119 -62.44 4.89 0.17
N ALA G 120 -62.55 5.50 -1.02
CA ALA G 120 -62.28 6.91 -1.23
C ALA G 120 -62.85 7.86 -0.17
N ALA G 121 -64.09 7.58 0.23
CA ALA G 121 -64.84 8.36 1.23
C ALA G 121 -64.25 8.22 2.66
N GLU G 122 -63.65 7.07 2.94
CA GLU G 122 -62.98 6.80 4.22
C GLU G 122 -61.60 7.45 4.25
N GLU G 123 -61.10 7.78 3.03
CA GLU G 123 -59.88 8.58 2.79
C GLU G 123 -58.72 8.07 3.67
N PRO G 124 -58.20 6.88 3.31
CA PRO G 124 -57.25 6.26 4.20
C PRO G 124 -55.89 6.96 4.13
N TRP G 125 -55.20 6.84 5.24
CA TRP G 125 -53.94 7.47 5.42
C TRP G 125 -52.90 6.43 5.73
N TYR G 126 -51.75 6.54 5.08
CA TYR G 126 -50.67 5.65 5.40
C TYR G 126 -49.40 6.38 5.67
N GLY G 127 -48.76 5.99 6.78
CA GLY G 127 -47.37 6.35 7.05
C GLY G 127 -46.56 5.05 7.06
N ILE G 128 -45.60 4.94 6.13
CA ILE G 128 -44.83 3.71 6.10
C ILE G 128 -43.36 3.92 6.48
N GLU G 129 -42.83 3.01 7.29
CA GLU G 129 -41.53 3.13 7.91
C GLU G 129 -40.61 2.21 7.18
N GLN G 130 -39.84 2.75 6.26
CA GLN G 130 -38.90 1.96 5.49
C GLN G 130 -37.58 1.80 6.22
N GLU G 131 -37.29 0.58 6.66
CA GLU G 131 -35.97 0.26 7.27
C GLU G 131 -35.15 -0.40 6.17
N TYR G 132 -33.84 -0.20 6.19
CA TYR G 132 -32.94 -0.80 5.20
C TYR G 132 -31.57 -0.93 5.83
N THR G 133 -30.68 -1.63 5.14
CA THR G 133 -29.33 -1.88 5.67
C THR G 133 -28.26 -1.49 4.63
N LEU G 134 -27.16 -0.90 5.08
CA LEU G 134 -26.12 -0.44 4.17
C LEU G 134 -24.98 -1.42 4.16
N LEU G 135 -24.45 -1.73 2.99
CA LEU G 135 -23.48 -2.81 2.86
C LEU G 135 -22.34 -2.37 2.06
N GLN G 136 -21.14 -2.86 2.41
CA GLN G 136 -19.90 -2.57 1.67
C GLN G 136 -19.94 -3.27 0.37
N LYS G 137 -19.62 -2.53 -0.70
CA LYS G 137 -19.66 -3.06 -2.08
C LYS G 137 -18.77 -4.32 -2.18
N ASP G 138 -19.19 -5.34 -2.94
CA ASP G 138 -18.28 -6.50 -3.18
C ASP G 138 -18.14 -7.53 -2.05
N THR G 139 -17.91 -7.11 -0.81
CA THR G 139 -17.85 -8.05 0.33
C THR G 139 -19.24 -8.36 0.83
N ASN G 140 -20.15 -7.39 0.68
CA ASN G 140 -21.56 -7.54 1.03
C ASN G 140 -21.82 -7.69 2.51
N TRP G 141 -20.91 -7.09 3.26
CA TRP G 141 -20.92 -7.09 4.70
C TRP G 141 -21.35 -5.68 5.10
N PRO G 142 -22.11 -5.55 6.20
CA PRO G 142 -22.71 -4.31 6.61
C PRO G 142 -21.70 -3.19 6.85
N LEU G 143 -22.03 -2.00 6.36
CA LEU G 143 -21.21 -0.81 6.50
C LEU G 143 -20.76 -0.56 7.94
N GLY G 144 -19.48 -0.40 8.13
CA GLY G 144 -18.99 -0.11 9.48
C GLY G 144 -18.55 -1.34 10.24
N TRP G 145 -18.97 -2.51 9.73
CA TRP G 145 -18.55 -3.79 10.32
C TRP G 145 -17.18 -4.10 9.77
N PRO G 146 -16.30 -4.65 10.60
CA PRO G 146 -15.00 -5.09 10.11
C PRO G 146 -15.18 -6.36 9.32
N ILE G 147 -14.31 -6.58 8.33
CA ILE G 147 -14.55 -7.71 7.44
C ILE G 147 -14.23 -9.02 8.14
N GLY G 148 -15.18 -9.97 8.04
CA GLY G 148 -15.13 -11.28 8.72
C GLY G 148 -15.24 -11.17 10.23
N GLY G 149 -16.03 -10.20 10.70
CA GLY G 149 -16.16 -9.96 12.10
C GLY G 149 -17.38 -9.13 12.38
N PHE G 150 -17.56 -8.76 13.64
CA PHE G 150 -18.75 -8.08 14.03
C PHE G 150 -18.38 -6.96 14.92
N PRO G 151 -19.22 -5.92 14.93
CA PRO G 151 -19.08 -4.83 15.88
C PRO G 151 -19.55 -5.26 17.25
N GLY G 152 -19.46 -4.35 18.21
CA GLY G 152 -19.98 -4.61 19.53
C GLY G 152 -21.46 -4.99 19.48
N PRO G 153 -22.01 -5.64 20.54
CA PRO G 153 -23.40 -6.09 20.49
C PRO G 153 -24.36 -4.91 20.47
N GLN G 154 -25.56 -5.15 19.95
CA GLN G 154 -26.62 -4.13 19.83
C GLN G 154 -26.85 -3.40 21.12
N GLY G 155 -27.28 -2.17 21.02
CA GLY G 155 -27.45 -1.39 22.23
C GLY G 155 -27.18 0.07 21.98
N PRO G 156 -25.91 0.40 21.66
CA PRO G 156 -25.63 1.83 21.53
C PRO G 156 -25.97 2.41 20.16
N TYR G 157 -26.44 1.59 19.22
CA TYR G 157 -26.58 2.07 17.86
C TYR G 157 -27.85 2.83 17.56
N TYR G 158 -28.98 2.37 18.10
CA TYR G 158 -30.29 3.01 17.89
C TYR G 158 -30.27 4.51 18.19
N CYS G 159 -30.58 5.32 17.19
CA CYS G 159 -30.58 6.79 17.33
C CYS G 159 -29.31 7.37 17.91
N GLY G 160 -28.18 6.71 17.66
CA GLY G 160 -26.90 7.11 18.24
C GLY G 160 -26.17 8.18 17.44
N ILE G 161 -25.12 8.67 18.09
CA ILE G 161 -24.21 9.55 17.45
C ILE G 161 -22.82 9.18 17.80
N GLY G 162 -21.93 9.47 16.84
CA GLY G 162 -20.47 9.29 16.97
C GLY G 162 -19.90 8.34 15.96
N ALA G 163 -18.61 8.44 15.70
CA ALA G 163 -18.02 7.59 14.65
C ALA G 163 -18.02 6.06 14.86
N GLU G 164 -18.00 5.60 16.12
CA GLU G 164 -17.97 4.17 16.39
C GLU G 164 -19.34 3.56 16.52
N LYS G 165 -20.33 4.43 16.45
CA LYS G 165 -21.72 4.00 16.61
C LYS G 165 -22.57 4.17 15.32
N SER G 166 -22.28 5.21 14.53
CA SER G 166 -23.25 5.65 13.54
C SER G 166 -22.62 5.61 12.14
N PHE G 167 -23.07 4.64 11.34
CA PHE G 167 -22.45 4.46 10.01
C PHE G 167 -23.25 4.95 8.80
N GLY G 168 -22.76 6.00 8.15
CA GLY G 168 -23.39 6.45 6.90
C GLY G 168 -24.44 7.55 6.95
N ARG G 169 -24.37 8.36 8.01
CA ARG G 169 -25.35 9.42 8.21
C ARG G 169 -25.36 10.30 6.98
N ASP G 170 -24.19 10.54 6.43
CA ASP G 170 -24.02 11.09 5.13
C ASP G 170 -25.15 10.74 4.22
N ILE G 171 -25.29 9.44 3.99
CA ILE G 171 -26.22 8.98 3.02
C ILE G 171 -27.58 9.35 3.47
N VAL G 172 -27.87 9.05 4.71
CA VAL G 172 -29.19 9.29 5.22
C VAL G 172 -29.65 10.74 5.15
N ASP G 173 -28.86 11.68 5.66
CA ASP G 173 -29.23 13.12 5.66
C ASP G 173 -29.36 13.65 4.24
N ALA G 174 -28.58 13.10 3.32
CA ALA G 174 -28.66 13.46 1.91
C ALA G 174 -29.99 13.11 1.40
N HIS G 175 -30.37 11.87 1.63
CA HIS G 175 -31.66 11.36 1.21
C HIS G 175 -32.81 12.17 1.73
N TYR G 176 -32.83 12.36 3.03
CA TYR G 176 -33.83 13.20 3.63
C TYR G 176 -34.06 14.50 2.86
N LYS G 177 -33.02 15.29 2.62
CA LYS G 177 -33.25 16.55 1.90
C LYS G 177 -33.67 16.26 0.47
N ALA G 178 -33.01 15.29 -0.19
CA ALA G 178 -33.33 14.92 -1.58
C ALA G 178 -34.81 14.74 -1.67
N CYS G 179 -35.32 13.89 -0.80
CA CYS G 179 -36.75 13.59 -0.76
C CYS G 179 -37.63 14.81 -0.57
N LEU G 180 -37.35 15.61 0.46
CA LEU G 180 -38.09 16.83 0.65
C LEU G 180 -38.10 17.72 -0.62
N TYR G 181 -36.95 17.86 -1.26
CA TYR G 181 -36.80 18.74 -2.39
C TYR G 181 -37.66 18.23 -3.50
N ALA G 182 -37.65 16.91 -3.67
CA ALA G 182 -38.37 16.22 -4.76
C ALA G 182 -39.88 16.36 -4.66
N GLY G 183 -40.34 16.48 -3.40
CA GLY G 183 -41.76 16.62 -3.03
C GLY G 183 -42.37 15.38 -2.39
N ILE G 184 -41.52 14.45 -1.94
CA ILE G 184 -41.98 13.27 -1.21
C ILE G 184 -42.35 13.75 0.17
N ASN G 185 -43.49 13.31 0.65
CA ASN G 185 -43.88 13.61 2.00
C ASN G 185 -43.10 12.70 2.99
N ILE G 186 -41.91 13.12 3.32
CA ILE G 186 -41.09 12.30 4.17
C ILE G 186 -41.18 12.88 5.55
N SER G 187 -41.53 12.05 6.52
CA SER G 187 -41.90 12.61 7.83
C SER G 187 -40.72 12.61 8.82
N GLY G 188 -39.72 11.78 8.55
CA GLY G 188 -38.63 11.73 9.48
C GLY G 188 -37.76 10.57 9.25
N ILE G 189 -36.63 10.55 9.95
CA ILE G 189 -35.58 9.53 9.79
C ILE G 189 -35.08 9.15 11.18
N ASN G 190 -34.32 8.03 11.27
CA ASN G 190 -33.63 7.65 12.52
C ASN G 190 -32.67 6.50 12.33
N GLY G 191 -31.62 6.49 13.15
CA GLY G 191 -30.66 5.38 13.12
C GLY G 191 -31.36 4.21 13.76
N GLU G 192 -31.28 3.02 13.14
CA GLU G 192 -31.94 1.85 13.78
C GLU G 192 -31.02 0.99 14.66
N VAL G 193 -31.58 -0.12 15.14
CA VAL G 193 -30.94 -0.93 16.19
C VAL G 193 -29.63 -1.67 15.84
N MET G 194 -29.57 -2.22 14.64
CA MET G 194 -28.40 -2.91 14.16
C MET G 194 -27.49 -1.94 13.48
N PRO G 195 -26.20 -1.98 13.82
CA PRO G 195 -25.29 -0.95 13.36
C PRO G 195 -25.29 -1.01 11.87
N GLY G 196 -25.48 0.13 11.24
CA GLY G 196 -25.57 0.14 9.78
C GLY G 196 -26.96 0.08 9.18
N GLN G 197 -27.96 0.05 10.03
CA GLN G 197 -29.33 -0.03 9.60
C GLN G 197 -30.01 1.29 9.91
N TRP G 198 -30.75 1.78 8.92
CA TRP G 198 -31.45 3.06 9.01
C TRP G 198 -32.94 3.02 8.65
N GLU G 199 -33.60 4.14 8.78
CA GLU G 199 -35.02 4.18 8.59
C GLU G 199 -35.35 5.58 8.12
N PHE G 200 -36.32 5.64 7.22
CA PHE G 200 -37.06 6.86 6.94
C PHE G 200 -38.56 6.55 6.90
N GLN G 201 -39.37 7.55 7.17
CA GLN G 201 -40.81 7.39 7.14
C GLN G 201 -41.41 8.25 6.04
N VAL G 202 -42.26 7.64 5.21
CA VAL G 202 -43.06 8.42 4.29
C VAL G 202 -44.38 8.68 4.94
N GLY G 203 -44.46 9.93 5.44
CA GLY G 203 -45.48 10.48 6.37
C GLY G 203 -46.90 10.37 5.84
N PRO G 204 -47.89 11.00 6.52
CA PRO G 204 -49.27 10.54 6.22
C PRO G 204 -49.70 10.87 4.76
N SER G 205 -49.77 9.83 3.92
CA SER G 205 -50.05 9.98 2.52
C SER G 205 -51.30 9.16 2.18
N VAL G 206 -52.15 9.73 1.31
CA VAL G 206 -53.49 9.16 0.99
C VAL G 206 -53.44 8.09 -0.09
N GLY G 207 -53.94 6.92 0.23
CA GLY G 207 -54.16 5.92 -0.78
C GLY G 207 -53.07 5.64 -1.80
N ILE G 208 -53.39 5.81 -3.09
CA ILE G 208 -52.44 5.37 -4.10
C ILE G 208 -51.10 6.11 -3.99
N SER G 209 -51.12 7.41 -3.67
CA SER G 209 -49.87 8.20 -3.62
C SER G 209 -48.88 7.74 -2.56
N SER G 210 -49.33 7.01 -1.55
CA SER G 210 -48.40 6.41 -0.60
C SER G 210 -47.49 5.47 -1.35
N GLY G 211 -48.07 4.44 -1.98
CA GLY G 211 -47.28 3.54 -2.84
C GLY G 211 -46.31 4.24 -3.80
N ASP G 212 -46.79 5.26 -4.52
CA ASP G 212 -45.97 6.03 -5.44
C ASP G 212 -44.76 6.66 -4.75
N GLN G 213 -45.00 7.29 -3.62
CA GLN G 213 -43.95 7.97 -2.90
C GLN G 213 -42.92 7.03 -2.28
N VAL G 214 -43.37 5.93 -1.71
CA VAL G 214 -42.40 5.00 -1.21
C VAL G 214 -41.48 4.51 -2.31
N TRP G 215 -42.02 4.09 -3.44
CA TRP G 215 -41.16 3.64 -4.52
C TRP G 215 -40.16 4.72 -4.91
N VAL G 216 -40.64 5.92 -5.14
CA VAL G 216 -39.76 6.98 -5.58
C VAL G 216 -38.71 7.28 -4.51
N ALA G 217 -39.12 7.24 -3.23
CA ALA G 217 -38.16 7.40 -2.13
C ALA G 217 -37.07 6.33 -2.19
N ARG G 218 -37.46 5.09 -2.48
CA ARG G 218 -36.48 4.02 -2.64
C ARG G 218 -35.57 4.25 -3.82
N TYR G 219 -36.13 4.73 -4.90
CA TYR G 219 -35.31 5.05 -6.04
C TYR G 219 -34.25 6.04 -5.65
N ILE G 220 -34.65 7.13 -5.00
CA ILE G 220 -33.70 8.15 -4.54
C ILE G 220 -32.63 7.57 -3.62
N LEU G 221 -33.04 6.71 -2.69
CA LEU G 221 -32.09 6.09 -1.75
C LEU G 221 -31.02 5.35 -2.48
N GLU G 222 -31.44 4.48 -3.37
CA GLU G 222 -30.45 3.65 -4.05
C GLU G 222 -29.54 4.48 -4.97
N ARG G 223 -30.07 5.53 -5.57
CA ARG G 223 -29.23 6.35 -6.42
C ARG G 223 -28.19 7.04 -5.56
N ILE G 224 -28.57 7.40 -4.33
CA ILE G 224 -27.65 8.08 -3.47
C ILE G 224 -26.57 7.09 -3.07
N THR G 225 -26.96 5.92 -2.58
CA THR G 225 -25.97 4.92 -2.20
C THR G 225 -25.05 4.62 -3.38
N GLU G 226 -25.61 4.52 -4.59
CA GLU G 226 -24.78 4.37 -5.79
C GLU G 226 -23.67 5.45 -5.83
N ILE G 227 -24.02 6.70 -5.56
CA ILE G 227 -23.04 7.77 -5.57
C ILE G 227 -21.97 7.45 -4.55
N ALA G 228 -22.41 7.00 -3.39
CA ALA G 228 -21.51 6.75 -2.27
C ALA G 228 -20.57 5.58 -2.43
N GLY G 229 -20.83 4.74 -3.40
CA GLY G 229 -20.07 3.51 -3.54
C GLY G 229 -20.45 2.49 -2.47
N VAL G 230 -21.73 2.47 -2.14
CA VAL G 230 -22.28 1.58 -1.14
C VAL G 230 -23.57 0.85 -1.63
N VAL G 231 -23.85 -0.31 -1.08
CA VAL G 231 -24.97 -1.08 -1.52
C VAL G 231 -26.04 -1.10 -0.46
N VAL G 232 -27.31 -1.02 -0.86
CA VAL G 232 -28.50 -1.25 0.05
C VAL G 232 -29.17 -2.61 -0.14
N THR G 233 -29.61 -3.25 0.95
CA THR G 233 -30.58 -4.39 0.83
C THR G 233 -31.81 -4.07 1.62
N PHE G 234 -32.91 -4.51 1.03
CA PHE G 234 -34.18 -4.47 1.71
C PHE G 234 -34.52 -5.87 2.20
N ASP G 235 -33.54 -6.77 2.15
CA ASP G 235 -33.73 -8.09 2.71
C ASP G 235 -34.09 -7.93 4.16
N PRO G 236 -35.18 -8.57 4.61
CA PRO G 236 -35.75 -8.40 5.94
C PRO G 236 -34.87 -8.92 7.05
N LYS G 237 -33.94 -9.84 6.75
CA LYS G 237 -32.98 -10.34 7.76
C LYS G 237 -31.60 -10.61 7.14
N PRO G 238 -30.79 -9.55 6.98
CA PRO G 238 -29.58 -9.63 6.19
C PRO G 238 -28.49 -10.39 6.95
N ILE G 239 -28.48 -10.33 8.27
CA ILE G 239 -27.46 -11.02 8.98
C ILE G 239 -28.16 -11.89 9.92
N PRO G 240 -27.78 -13.20 9.90
CA PRO G 240 -28.35 -14.21 10.85
C PRO G 240 -27.85 -14.02 12.27
N GLY G 241 -28.70 -14.41 13.25
CA GLY G 241 -28.33 -14.40 14.66
C GLY G 241 -28.85 -13.21 15.46
N ASP G 242 -28.06 -12.74 16.44
CA ASP G 242 -28.48 -11.71 17.42
C ASP G 242 -28.34 -10.26 16.88
N TRP G 243 -29.09 -9.98 15.82
CA TRP G 243 -29.07 -8.72 15.04
C TRP G 243 -30.43 -8.46 14.45
N ASN G 244 -30.95 -7.26 14.64
CA ASN G 244 -32.28 -6.94 14.11
C ASN G 244 -32.52 -7.21 12.62
N GLY G 245 -33.78 -7.57 12.33
CA GLY G 245 -34.22 -7.66 10.97
C GLY G 245 -34.73 -6.30 10.57
N ALA G 246 -35.26 -6.21 9.36
CA ALA G 246 -35.72 -4.93 8.85
C ALA G 246 -37.12 -5.11 8.29
N GLY G 247 -37.98 -4.18 8.72
CA GLY G 247 -39.34 -4.15 8.23
C GLY G 247 -39.81 -2.84 7.65
N ALA G 248 -41.04 -2.89 7.21
CA ALA G 248 -41.71 -1.79 6.62
C ALA G 248 -43.03 -1.57 7.37
N HIS G 249 -42.95 -1.18 8.63
CA HIS G 249 -44.18 -0.99 9.40
C HIS G 249 -45.17 -0.09 8.65
N THR G 250 -46.44 -0.53 8.58
CA THR G 250 -47.45 0.33 8.00
C THR G 250 -48.39 0.89 9.03
N ASN G 251 -48.36 2.21 9.15
CA ASN G 251 -49.27 2.91 9.99
C ASN G 251 -50.41 3.29 9.13
N TYR G 252 -51.61 3.24 9.74
CA TYR G 252 -52.88 3.31 9.04
C TYR G 252 -53.93 4.02 9.83
N SER G 253 -54.73 4.82 9.12
CA SER G 253 -55.94 5.40 9.68
C SER G 253 -56.97 5.71 8.56
N THR G 254 -58.25 5.59 8.93
CA THR G 254 -59.37 6.03 8.09
C THR G 254 -60.02 7.25 8.71
N GLU G 255 -60.77 7.96 7.86
CA GLU G 255 -61.53 9.13 8.31
C GLU G 255 -62.16 8.83 9.70
N SER G 256 -62.94 7.76 9.75
CA SER G 256 -63.67 7.42 10.95
C SER G 256 -62.74 7.02 12.12
N MET G 257 -61.49 6.64 11.83
CA MET G 257 -60.59 6.30 12.89
C MET G 257 -60.01 7.51 13.61
N ARG G 258 -59.84 8.63 12.90
CA ARG G 258 -59.21 9.84 13.48
C ARG G 258 -60.19 10.89 14.04
N LYS G 259 -61.49 10.56 13.92
CA LYS G 259 -62.59 11.36 14.49
C LYS G 259 -63.03 10.79 15.86
N GLU G 260 -63.94 11.49 16.54
CA GLU G 260 -64.38 11.07 17.88
C GLU G 260 -64.75 9.61 17.99
N GLY G 261 -64.23 8.99 19.05
CA GLY G 261 -64.39 7.54 19.31
C GLY G 261 -63.97 6.64 18.14
N GLY G 262 -62.85 6.99 17.50
CA GLY G 262 -62.31 6.17 16.43
C GLY G 262 -61.65 4.91 16.94
N TYR G 263 -61.24 4.93 18.21
CA TYR G 263 -60.55 3.81 18.84
C TYR G 263 -61.37 2.53 18.74
N GLU G 264 -62.70 2.65 18.82
CA GLU G 264 -63.58 1.50 18.61
C GLU G 264 -63.44 0.93 17.18
N VAL G 265 -63.37 1.82 16.19
CA VAL G 265 -63.23 1.41 14.80
C VAL G 265 -61.89 0.72 14.61
N ILE G 266 -60.89 1.23 15.33
CA ILE G 266 -59.56 0.67 15.32
C ILE G 266 -59.57 -0.77 15.82
N LYS G 267 -60.14 -1.01 17.00
CA LYS G 267 -60.22 -2.36 17.52
C LYS G 267 -60.92 -3.27 16.52
N ALA G 268 -61.99 -2.77 15.90
CA ALA G 268 -62.77 -3.60 14.97
C ALA G 268 -61.94 -3.95 13.72
N ALA G 269 -61.12 -3.01 13.26
CA ALA G 269 -60.26 -3.21 12.10
C ALA G 269 -59.20 -4.25 12.46
N ILE G 270 -58.59 -4.10 13.63
CA ILE G 270 -57.59 -5.05 14.13
C ILE G 270 -58.17 -6.45 14.09
N GLU G 271 -59.40 -6.57 14.60
CA GLU G 271 -60.13 -7.82 14.63
C GLU G 271 -60.22 -8.49 13.23
N LYS G 272 -60.57 -7.70 12.22
CA LYS G 272 -60.69 -8.20 10.85
C LYS G 272 -59.34 -8.67 10.36
N LEU G 273 -58.30 -7.94 10.76
CA LEU G 273 -56.93 -8.25 10.40
C LEU G 273 -56.45 -9.56 10.99
N LYS G 274 -56.88 -9.83 12.22
CA LYS G 274 -56.58 -11.09 12.90
C LYS G 274 -57.09 -12.28 12.08
N LEU G 275 -58.21 -12.08 11.39
CA LEU G 275 -58.86 -13.17 10.69
C LEU G 275 -58.18 -13.43 9.36
N ARG G 276 -57.57 -12.38 8.81
CA ARG G 276 -56.90 -12.50 7.53
C ARG G 276 -55.37 -12.42 7.61
N HIS G 277 -54.85 -12.74 8.77
CA HIS G 277 -53.41 -12.79 9.01
C HIS G 277 -52.75 -13.69 7.96
N LYS G 278 -53.18 -14.95 7.93
CA LYS G 278 -52.59 -15.97 7.05
C LYS G 278 -52.31 -15.43 5.62
N GLU G 279 -53.31 -14.73 5.05
CA GLU G 279 -53.27 -14.29 3.65
C GLU G 279 -52.54 -12.94 3.50
N HIS G 280 -52.49 -12.19 4.60
CA HIS G 280 -51.65 -11.03 4.62
C HIS G 280 -50.17 -11.41 4.62
N ILE G 281 -49.78 -12.29 5.54
CA ILE G 281 -48.41 -12.78 5.59
C ILE G 281 -47.89 -13.14 4.20
N ALA G 282 -48.72 -13.88 3.42
CA ALA G 282 -48.34 -14.38 2.07
C ALA G 282 -47.93 -13.30 1.06
N ALA G 283 -48.40 -12.09 1.29
CA ALA G 283 -48.08 -11.00 0.38
C ALA G 283 -47.25 -9.89 1.06
N TYR G 284 -46.81 -10.19 2.30
CA TYR G 284 -46.11 -9.20 3.12
C TYR G 284 -44.58 -9.25 2.89
N GLY G 285 -44.19 -9.80 1.72
CA GLY G 285 -42.78 -9.83 1.29
C GLY G 285 -42.10 -11.13 1.65
N GLU G 286 -41.21 -11.55 0.75
CA GLU G 286 -40.59 -12.84 0.91
C GLU G 286 -39.31 -12.83 1.77
N GLY G 287 -39.09 -13.95 2.45
CA GLY G 287 -38.01 -14.06 3.43
C GLY G 287 -38.49 -13.70 4.83
N ASN G 288 -39.75 -13.28 4.94
CA ASN G 288 -40.26 -12.77 6.21
C ASN G 288 -40.11 -13.78 7.34
N GLU G 289 -40.13 -15.07 7.01
CA GLU G 289 -40.00 -16.16 7.97
C GLU G 289 -38.71 -15.99 8.75
N ARG G 290 -37.69 -15.40 8.12
CA ARG G 290 -36.39 -15.29 8.76
C ARG G 290 -36.35 -14.11 9.72
N ARG G 291 -37.24 -13.14 9.51
CA ARG G 291 -37.35 -11.96 10.40
C ARG G 291 -38.30 -12.17 11.61
N LEU G 292 -39.57 -12.52 11.34
CA LEU G 292 -40.63 -12.60 12.34
C LEU G 292 -40.45 -13.84 13.17
N THR G 293 -39.76 -13.69 14.28
CA THR G 293 -39.39 -14.82 15.11
C THR G 293 -39.96 -14.71 16.54
N GLY G 294 -40.42 -13.51 16.89
CA GLY G 294 -40.90 -13.28 18.26
C GLY G 294 -39.84 -12.57 19.09
N ARG G 295 -38.59 -12.66 18.64
CA ARG G 295 -37.46 -11.89 19.22
C ARG G 295 -37.09 -10.68 18.34
N HIS G 296 -36.25 -9.78 18.90
CA HIS G 296 -35.76 -8.61 18.14
C HIS G 296 -36.93 -7.73 17.66
N GLU G 297 -37.92 -7.52 18.55
CA GLU G 297 -39.05 -6.57 18.32
C GLU G 297 -40.01 -6.97 17.17
N THR G 298 -40.22 -8.27 17.03
CA THR G 298 -41.17 -8.79 16.06
C THR G 298 -42.19 -9.67 16.79
N ALA G 299 -43.28 -10.03 16.13
CA ALA G 299 -44.12 -11.10 16.65
C ALA G 299 -43.92 -12.30 15.74
N ASP G 300 -44.01 -13.49 16.35
CA ASP G 300 -43.91 -14.75 15.58
C ASP G 300 -44.88 -14.77 14.35
N ILE G 301 -44.41 -15.31 13.22
CA ILE G 301 -45.20 -15.32 11.98
C ILE G 301 -46.52 -16.05 12.20
N ASN G 302 -46.48 -17.11 13.01
CA ASN G 302 -47.63 -18.00 13.18
C ASN G 302 -48.76 -17.48 14.08
N THR G 303 -48.41 -16.72 15.11
CA THR G 303 -49.44 -16.10 15.93
C THR G 303 -49.79 -14.71 15.38
N PHE G 304 -50.97 -14.21 15.71
CA PHE G 304 -51.28 -12.80 15.54
C PHE G 304 -51.51 -12.20 16.91
N SER G 305 -50.97 -11.02 17.19
CA SER G 305 -51.23 -10.39 18.49
C SER G 305 -51.30 -8.89 18.36
N TRP G 306 -51.94 -8.23 19.31
CA TRP G 306 -51.87 -6.78 19.40
C TRP G 306 -51.83 -6.36 20.87
N GLY G 307 -51.41 -5.11 21.08
CA GLY G 307 -51.25 -4.49 22.42
C GLY G 307 -50.96 -2.98 22.33
N VAL G 308 -50.79 -2.34 23.48
CA VAL G 308 -50.69 -0.92 23.41
C VAL G 308 -49.30 -0.39 23.05
N ALA G 309 -48.36 -0.40 23.98
CA ALA G 309 -47.01 0.08 23.60
C ALA G 309 -46.10 -1.10 23.28
N ASN G 310 -46.69 -2.15 22.73
CA ASN G 310 -46.00 -3.41 22.65
C ASN G 310 -45.32 -3.66 21.33
N ARG G 311 -43.99 -3.48 21.32
CA ARG G 311 -43.16 -3.74 20.12
C ARG G 311 -42.93 -5.23 19.87
N GLY G 312 -43.38 -6.07 20.82
CA GLY G 312 -43.43 -7.54 20.61
C GLY G 312 -44.70 -8.10 19.95
N ALA G 313 -45.66 -7.22 19.62
CA ALA G 313 -46.95 -7.62 19.03
C ALA G 313 -47.05 -7.42 17.50
N SER G 314 -48.05 -8.05 16.88
CA SER G 314 -48.20 -7.98 15.41
C SER G 314 -48.74 -6.61 15.00
N VAL G 315 -49.61 -6.04 15.82
CA VAL G 315 -50.04 -4.66 15.61
C VAL G 315 -49.83 -3.93 16.91
N ARG G 316 -49.52 -2.64 16.81
CA ARG G 316 -49.28 -1.81 17.97
C ARG G 316 -50.09 -0.54 17.87
N VAL G 317 -50.68 -0.15 18.99
CA VAL G 317 -51.43 1.09 19.03
C VAL G 317 -50.74 2.08 19.95
N GLY G 318 -50.34 3.24 19.43
CA GLY G 318 -49.70 4.31 20.24
C GLY G 318 -50.38 4.68 21.56
N ARG G 319 -49.58 4.90 22.58
CA ARG G 319 -50.07 5.46 23.82
C ARG G 319 -50.94 6.68 23.53
N GLU G 320 -50.44 7.58 22.68
CA GLU G 320 -51.12 8.83 22.30
C GLU G 320 -52.55 8.62 21.73
N THR G 321 -52.70 7.71 20.76
CA THR G 321 -54.03 7.43 20.20
C THR G 321 -54.92 6.63 21.15
N GLU G 322 -54.35 5.89 22.11
CA GLU G 322 -55.17 5.22 23.16
C GLU G 322 -55.78 6.26 24.10
N GLN G 323 -54.92 7.16 24.58
CA GLN G 323 -55.29 8.19 25.54
C GLN G 323 -56.26 9.23 24.93
N ASN G 324 -56.28 9.35 23.60
CA ASN G 324 -57.16 10.29 22.91
C ASN G 324 -58.42 9.66 22.31
N GLY G 325 -58.56 8.35 22.49
CA GLY G 325 -59.69 7.60 21.93
C GLY G 325 -59.78 7.64 20.40
N LYS G 326 -58.76 8.21 19.77
CA LYS G 326 -58.68 8.37 18.32
C LYS G 326 -57.21 8.47 17.78
N GLY G 327 -56.92 7.74 16.70
CA GLY G 327 -55.68 7.92 15.96
C GLY G 327 -55.45 6.91 14.85
N TYR G 328 -54.41 6.11 15.04
CA TYR G 328 -53.95 5.16 14.03
C TYR G 328 -53.25 3.99 14.72
N PHE G 329 -53.14 2.91 13.99
CA PHE G 329 -52.40 1.79 14.49
C PHE G 329 -51.31 1.40 13.49
N GLU G 330 -50.35 0.63 14.00
CA GLU G 330 -49.14 0.26 13.24
C GLU G 330 -49.15 -1.26 12.95
N ASP G 331 -49.22 -1.65 11.68
CA ASP G 331 -49.11 -3.06 11.37
C ASP G 331 -47.63 -3.33 11.24
N ARG G 332 -47.06 -4.09 12.19
CA ARG G 332 -45.61 -4.32 12.20
C ARG G 332 -45.21 -5.52 11.42
N ARG G 333 -46.14 -6.10 10.67
CA ARG G 333 -45.91 -7.38 9.97
C ARG G 333 -45.14 -7.31 8.65
N PRO G 334 -45.32 -6.25 7.86
CA PRO G 334 -44.70 -6.25 6.53
C PRO G 334 -43.18 -6.18 6.55
N ALA G 335 -42.50 -6.91 5.69
CA ALA G 335 -41.05 -6.82 5.62
C ALA G 335 -40.58 -5.60 4.84
N SER G 336 -39.33 -5.24 5.03
CA SER G 336 -38.73 -4.14 4.35
C SER G 336 -38.80 -4.23 2.83
N ASN G 337 -38.94 -5.44 2.30
CA ASN G 337 -38.98 -5.67 0.83
C ASN G 337 -40.41 -5.82 0.27
N MET G 338 -41.35 -5.42 1.12
CA MET G 338 -42.77 -5.31 0.80
C MET G 338 -43.01 -4.41 -0.40
N ASP G 339 -43.97 -4.77 -1.25
CA ASP G 339 -44.37 -3.85 -2.30
C ASP G 339 -45.45 -3.03 -1.66
N PRO G 340 -45.23 -1.73 -1.50
CA PRO G 340 -46.22 -0.92 -0.78
C PRO G 340 -47.59 -0.90 -1.48
N TYR G 341 -47.59 -0.96 -2.81
CA TYR G 341 -48.86 -1.01 -3.52
C TYR G 341 -49.70 -2.15 -2.96
N VAL G 342 -49.11 -3.34 -2.89
CA VAL G 342 -49.80 -4.52 -2.39
C VAL G 342 -50.26 -4.37 -0.92
N VAL G 343 -49.35 -3.99 -0.03
CA VAL G 343 -49.67 -3.97 1.37
C VAL G 343 -50.66 -2.89 1.64
N THR G 344 -50.48 -1.79 0.94
CA THR G 344 -51.23 -0.59 1.27
C THR G 344 -52.72 -0.76 0.93
N SER G 345 -53.01 -1.35 -0.22
CA SER G 345 -54.38 -1.53 -0.64
C SER G 345 -54.99 -2.75 0.06
N MET G 346 -54.25 -3.84 0.16
CA MET G 346 -54.71 -5.00 0.88
C MET G 346 -55.20 -4.64 2.31
N ILE G 347 -54.52 -3.72 2.99
CA ILE G 347 -55.02 -3.26 4.29
C ILE G 347 -56.37 -2.54 4.17
N ALA G 348 -56.51 -1.64 3.21
CA ALA G 348 -57.78 -0.97 2.99
C ALA G 348 -58.88 -2.00 2.70
N GLU G 349 -58.58 -2.99 1.86
CA GLU G 349 -59.55 -3.99 1.44
C GLU G 349 -60.02 -4.83 2.61
N THR G 350 -59.08 -5.34 3.40
CA THR G 350 -59.43 -6.16 4.55
C THR G 350 -60.10 -5.36 5.66
N THR G 351 -60.01 -4.05 5.55
CA THR G 351 -60.44 -3.17 6.62
C THR G 351 -61.74 -2.42 6.36
N ILE G 352 -62.02 -2.16 5.09
CA ILE G 352 -63.26 -1.51 4.69
C ILE G 352 -64.22 -2.46 3.92
N VAL G 353 -63.84 -2.88 2.70
CA VAL G 353 -64.70 -3.70 1.83
C VAL G 353 -65.19 -5.03 2.43
N TRP G 354 -64.27 -5.90 2.84
CA TRP G 354 -64.58 -7.26 3.27
C TRP G 354 -65.32 -7.27 4.62
N LYS G 355 -66.22 -8.27 4.78
CA LYS G 355 -66.99 -8.49 6.04
C LYS G 355 -67.14 -9.95 6.58
N CYS H 3 -22.15 15.62 -6.42
CA CYS H 3 -22.27 14.39 -5.56
C CYS H 3 -22.84 14.58 -4.12
N LEU H 4 -22.11 14.16 -3.07
CA LEU H 4 -22.78 13.90 -1.78
C LEU H 4 -23.01 15.11 -0.92
N THR H 5 -22.05 16.03 -0.92
CA THR H 5 -22.24 17.23 -0.16
C THR H 5 -23.17 18.25 -0.84
N ASP H 6 -23.44 18.08 -2.13
CA ASP H 6 -24.48 18.90 -2.81
C ASP H 6 -25.88 18.61 -2.28
N LEU H 7 -26.14 17.34 -1.96
CA LEU H 7 -27.41 16.90 -1.43
C LEU H 7 -27.55 17.24 0.06
N VAL H 8 -26.49 16.98 0.84
CA VAL H 8 -26.54 17.27 2.27
C VAL H 8 -26.73 18.75 2.55
N ASN H 9 -26.27 19.57 1.61
CA ASN H 9 -26.32 21.01 1.77
C ASN H 9 -27.42 21.70 0.95
N LEU H 10 -28.34 20.92 0.38
CA LEU H 10 -29.48 21.49 -0.31
C LEU H 10 -30.15 22.56 0.54
N ASN H 11 -30.40 23.72 -0.05
CA ASN H 11 -31.22 24.75 0.62
C ASN H 11 -32.75 24.44 0.42
N LEU H 12 -33.44 24.13 1.51
CA LEU H 12 -34.81 23.71 1.38
C LEU H 12 -35.76 24.91 1.20
N SER H 13 -35.40 26.04 1.80
CA SER H 13 -36.15 27.33 1.72
C SER H 13 -36.71 27.71 0.35
N ASP H 14 -35.98 27.30 -0.70
CA ASP H 14 -36.33 27.54 -2.12
C ASP H 14 -37.51 26.67 -2.59
N THR H 15 -37.95 25.72 -1.77
CA THR H 15 -38.88 24.70 -2.24
C THR H 15 -40.05 24.42 -1.32
N THR H 16 -39.81 24.44 0.01
CA THR H 16 -40.90 24.44 1.01
C THR H 16 -40.66 25.24 2.26
N GLU H 17 -41.76 25.37 2.97
CA GLU H 17 -41.79 26.01 4.25
C GLU H 17 -41.41 25.01 5.34
N LYS H 18 -41.43 23.71 4.99
CA LYS H 18 -41.23 22.64 5.97
C LYS H 18 -39.88 22.70 6.66
N ILE H 19 -39.85 22.12 7.86
CA ILE H 19 -38.71 22.21 8.80
C ILE H 19 -38.28 20.83 9.28
N ILE H 20 -36.98 20.67 9.57
CA ILE H 20 -36.52 19.44 10.19
C ILE H 20 -36.04 19.68 11.62
N ALA H 21 -36.68 18.98 12.54
CA ALA H 21 -36.33 19.06 13.95
C ALA H 21 -35.71 17.76 14.41
N GLU H 22 -34.56 17.87 15.06
CA GLU H 22 -33.77 16.76 15.59
C GLU H 22 -33.94 16.72 17.07
N TYR H 23 -34.73 15.78 17.56
CA TYR H 23 -34.99 15.69 18.98
C TYR H 23 -33.85 14.97 19.65
N ILE H 24 -33.24 15.58 20.65
CA ILE H 24 -32.12 14.98 21.29
C ILE H 24 -32.53 14.57 22.65
N TRP H 25 -32.10 13.42 23.12
CA TRP H 25 -32.30 13.06 24.56
C TRP H 25 -31.15 12.29 25.16
N ILE H 26 -31.25 11.98 26.45
CA ILE H 26 -30.17 11.26 27.13
C ILE H 26 -30.59 9.85 27.46
N GLY H 27 -29.74 8.89 27.12
CA GLY H 27 -30.14 7.49 27.12
C GLY H 27 -29.98 6.75 28.43
N GLY H 28 -30.16 5.44 28.39
CA GLY H 28 -30.16 4.60 29.60
C GLY H 28 -28.96 4.62 30.52
N SER H 29 -27.79 4.96 29.99
CA SER H 29 -26.59 5.00 30.82
C SER H 29 -26.41 6.35 31.51
N GLY H 30 -27.20 7.36 31.15
CA GLY H 30 -27.04 8.71 31.72
C GLY H 30 -25.88 9.50 31.12
N MET H 31 -25.20 8.87 30.15
CA MET H 31 -24.02 9.42 29.47
C MET H 31 -24.06 9.30 27.94
N ASP H 32 -25.09 8.68 27.40
CA ASP H 32 -25.21 8.51 25.95
C ASP H 32 -26.28 9.40 25.31
N LEU H 33 -25.86 10.30 24.43
CA LEU H 33 -26.85 11.10 23.72
C LEU H 33 -27.49 10.34 22.56
N ARG H 34 -28.78 10.57 22.36
CA ARG H 34 -29.52 9.93 21.27
C ARG H 34 -30.39 10.96 20.60
N SER H 35 -30.61 10.79 19.30
CA SER H 35 -31.44 11.70 18.56
C SER H 35 -32.11 11.04 17.37
N LYS H 36 -33.30 11.55 17.05
CA LYS H 36 -33.95 11.29 15.76
C LYS H 36 -34.61 12.54 15.23
N ALA H 37 -35.00 12.52 13.95
CA ALA H 37 -35.56 13.72 13.28
C ALA H 37 -36.95 13.53 12.72
N ARG H 38 -37.71 14.63 12.77
CA ARG H 38 -39.03 14.68 12.17
C ARG H 38 -39.23 15.98 11.39
N THR H 39 -40.14 15.92 10.44
CA THR H 39 -40.52 17.08 9.68
C THR H 39 -41.68 17.80 10.37
N LEU H 40 -41.59 19.12 10.43
CA LEU H 40 -42.64 19.94 10.98
C LEU H 40 -43.11 20.93 9.91
N PRO H 41 -44.40 21.38 10.00
CA PRO H 41 -44.99 22.11 8.85
C PRO H 41 -44.44 23.53 8.60
N GLY H 42 -43.96 24.20 9.65
CA GLY H 42 -43.39 25.53 9.48
C GLY H 42 -42.41 25.82 10.59
N PRO H 43 -41.68 26.96 10.46
CA PRO H 43 -40.67 27.36 11.46
C PRO H 43 -41.32 27.41 12.83
N VAL H 44 -40.54 27.12 13.87
CA VAL H 44 -41.04 27.27 15.24
C VAL H 44 -39.94 27.92 16.09
N THR H 45 -40.31 28.88 16.96
CA THR H 45 -39.30 29.51 17.84
C THR H 45 -39.56 29.28 19.34
N ASP H 46 -40.76 28.82 19.67
CA ASP H 46 -41.04 28.58 21.05
C ASP H 46 -41.20 27.10 21.34
N PRO H 47 -40.42 26.55 22.30
CA PRO H 47 -40.44 25.17 22.76
C PRO H 47 -41.85 24.60 23.03
N SER H 48 -42.72 25.39 23.65
CA SER H 48 -44.05 24.89 23.99
C SER H 48 -44.98 24.76 22.77
N LYS H 49 -44.53 25.23 21.63
CA LYS H 49 -45.32 25.10 20.43
C LYS H 49 -44.89 23.87 19.59
N LEU H 50 -43.90 23.12 20.09
CA LEU H 50 -43.44 21.89 19.45
C LEU H 50 -44.21 20.76 20.03
N PRO H 51 -44.67 19.82 19.19
CA PRO H 51 -45.38 18.66 19.71
C PRO H 51 -44.43 17.78 20.50
N LYS H 52 -44.98 17.08 21.50
CA LYS H 52 -44.24 16.08 22.25
C LYS H 52 -44.04 14.89 21.34
N TRP H 53 -43.18 13.98 21.75
CA TRP H 53 -42.88 12.84 20.92
C TRP H 53 -42.50 11.66 21.82
N ASN H 54 -42.27 10.51 21.19
CA ASN H 54 -41.82 9.32 21.88
C ASN H 54 -40.77 8.55 21.09
N TYR H 55 -40.14 7.57 21.74
CA TYR H 55 -39.16 6.73 21.09
C TYR H 55 -39.14 5.39 21.75
N ASP H 56 -38.42 4.45 21.18
CA ASP H 56 -38.39 3.12 21.72
C ASP H 56 -37.43 2.99 22.85
N GLY H 57 -37.89 3.24 24.06
CA GLY H 57 -37.07 3.07 25.25
C GLY H 57 -36.49 1.69 25.44
N SER H 58 -37.14 0.69 24.87
CA SER H 58 -36.63 -0.65 25.01
C SER H 58 -35.27 -0.77 24.32
N SER H 59 -34.98 0.12 23.38
CA SER H 59 -33.68 0.08 22.69
C SER H 59 -32.57 1.02 23.23
N THR H 60 -32.85 1.71 24.35
CA THR H 60 -31.93 2.64 24.97
C THR H 60 -31.75 2.28 26.40
N GLY H 61 -32.25 1.11 26.78
CA GLY H 61 -32.26 0.63 28.19
C GLY H 61 -33.05 1.43 29.24
N GLN H 62 -34.24 1.89 28.85
CA GLN H 62 -35.06 2.82 29.68
C GLN H 62 -36.49 2.30 29.90
N ALA H 63 -36.85 1.26 29.16
CA ALA H 63 -38.20 0.64 29.19
C ALA H 63 -38.16 -0.82 28.75
N PRO H 64 -39.15 -1.60 29.17
CA PRO H 64 -39.32 -2.95 28.64
C PRO H 64 -39.96 -3.01 27.24
N GLY H 65 -39.80 -4.15 26.57
CA GLY H 65 -40.31 -4.36 25.21
C GLY H 65 -41.82 -4.26 25.08
N GLU H 66 -42.53 -4.76 26.10
CA GLU H 66 -44.01 -4.82 26.09
C GLU H 66 -44.65 -3.48 26.49
N ASP H 67 -43.87 -2.62 27.14
CA ASP H 67 -44.33 -1.28 27.51
C ASP H 67 -43.24 -0.29 27.07
N SER H 68 -42.95 -0.29 25.77
CA SER H 68 -41.74 0.33 25.25
C SER H 68 -41.75 1.87 25.11
N GLU H 69 -42.91 2.51 25.09
CA GLU H 69 -42.95 3.93 24.76
C GLU H 69 -42.46 4.80 25.89
N VAL H 70 -41.60 5.77 25.55
CA VAL H 70 -41.10 6.82 26.47
C VAL H 70 -41.28 8.18 25.83
N ILE H 71 -41.63 9.17 26.64
CA ILE H 71 -42.10 10.42 26.08
C ILE H 71 -41.07 11.54 26.13
N LEU H 72 -41.03 12.34 25.07
CA LEU H 72 -40.06 13.42 24.97
C LEU H 72 -40.72 14.76 25.10
N TYR H 73 -40.25 15.56 26.02
CA TYR H 73 -40.76 16.90 26.21
C TYR H 73 -39.73 17.88 25.68
N PRO H 74 -40.11 18.65 24.66
CA PRO H 74 -39.20 19.65 24.15
C PRO H 74 -38.94 20.67 25.26
N GLN H 75 -37.68 21.06 25.48
CA GLN H 75 -37.37 22.05 26.50
C GLN H 75 -36.59 23.23 25.99
N ALA H 76 -35.72 23.02 24.99
CA ALA H 76 -34.94 24.12 24.40
C ALA H 76 -34.71 23.95 22.91
N ILE H 77 -34.76 25.06 22.20
CA ILE H 77 -34.53 25.06 20.78
C ILE H 77 -33.17 25.73 20.49
N PHE H 78 -32.43 25.18 19.53
CA PHE H 78 -31.23 25.79 18.96
C PHE H 78 -31.20 25.55 17.46
N LYS H 79 -30.52 26.40 16.72
CA LYS H 79 -30.46 26.23 15.28
C LYS H 79 -29.57 25.06 14.99
N ASP H 80 -29.92 24.23 13.99
CA ASP H 80 -29.11 23.06 13.63
C ASP H 80 -27.99 23.51 12.70
N PRO H 81 -26.74 23.37 13.14
CA PRO H 81 -25.65 23.89 12.37
C PRO H 81 -25.31 22.93 11.24
N PHE H 82 -25.78 21.70 11.33
CA PHE H 82 -25.53 20.75 10.26
C PHE H 82 -26.50 20.94 9.10
N ARG H 83 -27.79 20.87 9.38
CA ARG H 83 -28.79 21.01 8.34
C ARG H 83 -28.98 22.45 7.92
N ARG H 84 -28.55 23.38 8.77
CA ARG H 84 -28.66 24.80 8.48
C ARG H 84 -30.07 25.30 8.09
N GLY H 85 -30.17 26.42 7.37
CA GLY H 85 -31.46 27.09 7.10
C GLY H 85 -32.32 27.25 8.35
N ASN H 86 -33.57 26.81 8.27
CA ASN H 86 -34.45 26.98 9.43
C ASN H 86 -34.56 25.75 10.33
N ASN H 87 -33.77 24.73 10.06
CA ASN H 87 -33.89 23.52 10.81
C ASN H 87 -33.28 23.65 12.20
N ILE H 88 -33.77 22.82 13.12
CA ILE H 88 -33.56 23.04 14.54
C ILE H 88 -33.15 21.79 15.31
N LEU H 89 -32.41 21.99 16.41
CA LEU H 89 -32.13 20.96 17.42
C LEU H 89 -33.04 21.24 18.57
N VAL H 90 -33.53 20.20 19.20
CA VAL H 90 -34.48 20.31 20.30
C VAL H 90 -34.02 19.46 21.47
N MET H 91 -33.66 20.11 22.55
CA MET H 91 -33.13 19.39 23.66
C MET H 91 -34.31 18.87 24.44
N CYS H 92 -34.21 17.64 24.96
CA CYS H 92 -35.35 16.96 25.59
C CYS H 92 -35.21 16.34 26.99
N ASP H 93 -36.39 15.99 27.49
CA ASP H 93 -36.66 15.63 28.85
C ASP H 93 -37.44 14.33 28.77
N CYS H 94 -37.21 13.40 29.67
CA CYS H 94 -37.89 12.10 29.53
C CYS H 94 -38.93 11.61 30.54
N TYR H 95 -40.05 11.12 30.04
CA TYR H 95 -41.17 10.83 30.93
C TYR H 95 -41.86 9.56 30.57
N THR H 96 -42.49 8.90 31.57
CA THR H 96 -43.44 7.78 31.32
C THR H 96 -44.71 8.32 30.65
N PRO H 97 -45.55 7.41 30.10
CA PRO H 97 -46.74 7.95 29.48
C PRO H 97 -47.67 8.55 30.54
N ALA H 98 -47.46 8.12 31.81
CA ALA H 98 -48.19 8.62 32.96
C ALA H 98 -47.75 10.00 33.49
N GLY H 99 -46.78 10.61 32.81
CA GLY H 99 -46.21 11.93 33.20
C GLY H 99 -45.21 11.92 34.37
N GLU H 100 -44.64 10.73 34.64
CA GLU H 100 -43.55 10.55 35.61
C GLU H 100 -42.21 10.77 34.93
N PRO H 101 -41.32 11.52 35.56
CA PRO H 101 -39.99 11.57 35.00
C PRO H 101 -39.25 10.27 35.27
N ILE H 102 -38.61 9.72 34.24
CA ILE H 102 -37.88 8.46 34.40
C ILE H 102 -36.61 8.63 35.19
N PRO H 103 -36.08 7.53 35.78
CA PRO H 103 -34.94 7.61 36.71
C PRO H 103 -33.71 8.35 36.14
N THR H 104 -33.55 8.35 34.80
CA THR H 104 -32.36 8.90 34.13
C THR H 104 -32.51 10.34 33.70
N ASN H 105 -33.72 10.86 33.90
CA ASN H 105 -34.03 12.27 33.71
C ASN H 105 -33.56 13.05 34.96
N LYS H 106 -32.48 13.80 34.82
CA LYS H 106 -32.02 14.57 35.96
C LYS H 106 -32.31 16.04 35.77
N ARG H 107 -32.96 16.36 34.67
CA ARG H 107 -33.41 17.73 34.39
C ARG H 107 -34.57 18.15 35.28
N TYR H 108 -35.51 17.24 35.48
CA TYR H 108 -36.65 17.47 36.33
C TYR H 108 -36.28 17.95 37.72
N SER H 109 -35.42 17.22 38.40
CA SER H 109 -34.96 17.63 39.74
C SER H 109 -34.32 18.97 39.72
N ALA H 110 -33.47 19.19 38.74
CA ALA H 110 -32.72 20.41 38.66
C ALA H 110 -33.65 21.56 38.37
N ALA H 111 -34.69 21.31 37.61
CA ALA H 111 -35.62 22.39 37.27
C ALA H 111 -36.30 22.90 38.51
N LYS H 112 -36.73 21.96 39.35
CA LYS H 112 -37.36 22.28 40.63
C LYS H 112 -36.46 23.20 41.46
N ILE H 113 -35.19 22.85 41.59
CA ILE H 113 -34.28 23.64 42.37
C ILE H 113 -34.12 25.01 41.77
N PHE H 114 -34.08 25.13 40.47
CA PHE H 114 -33.92 26.45 39.88
C PHE H 114 -35.21 27.26 39.77
N SER H 115 -36.38 26.63 40.00
CA SER H 115 -37.68 27.34 40.09
C SER H 115 -37.98 27.88 41.51
N SER H 116 -37.68 27.05 42.53
CA SER H 116 -37.70 27.42 43.95
C SER H 116 -37.17 28.87 44.16
N PRO H 117 -38.02 29.74 44.67
CA PRO H 117 -37.90 31.17 44.52
C PRO H 117 -36.70 31.82 45.19
N GLU H 118 -36.13 31.20 46.23
CA GLU H 118 -34.96 31.75 46.92
C GLU H 118 -33.69 31.48 46.16
N VAL H 119 -33.76 30.49 45.28
CA VAL H 119 -32.69 30.22 44.34
C VAL H 119 -32.82 31.18 43.15
N ALA H 120 -33.98 31.18 42.51
CA ALA H 120 -34.26 32.08 41.40
C ALA H 120 -33.85 33.53 41.60
N ALA H 121 -34.10 34.04 42.80
CA ALA H 121 -33.78 35.42 43.21
C ALA H 121 -32.27 35.69 43.30
N GLU H 122 -31.50 34.65 43.62
CA GLU H 122 -30.04 34.71 43.70
C GLU H 122 -29.43 34.63 42.30
N GLU H 123 -30.24 34.15 41.37
CA GLU H 123 -29.94 34.15 39.94
C GLU H 123 -28.55 33.61 39.68
N PRO H 124 -28.35 32.28 39.85
CA PRO H 124 -27.03 31.78 39.79
C PRO H 124 -26.51 31.69 38.38
N TRP H 125 -25.21 31.78 38.26
CA TRP H 125 -24.53 31.81 37.00
C TRP H 125 -23.54 30.69 36.94
N TYR H 126 -23.53 29.99 35.84
CA TYR H 126 -22.54 28.96 35.66
C TYR H 126 -21.80 29.07 34.36
N GLY H 127 -20.48 28.97 34.47
CA GLY H 127 -19.61 28.75 33.34
C GLY H 127 -18.95 27.41 33.51
N ILE H 128 -19.21 26.48 32.60
CA ILE H 128 -18.59 25.17 32.76
C ILE H 128 -17.55 24.87 31.65
N GLU H 129 -16.45 24.29 32.07
CA GLU H 129 -15.28 24.07 31.23
C GLU H 129 -15.23 22.62 30.83
N GLN H 130 -15.66 22.31 29.63
CA GLN H 130 -15.69 20.93 29.19
C GLN H 130 -14.41 20.56 28.55
N GLU H 131 -13.67 19.68 29.19
CA GLU H 131 -12.47 19.13 28.61
C GLU H 131 -12.85 17.77 28.03
N TYR H 132 -12.19 17.33 26.95
CA TYR H 132 -12.42 16.02 26.35
C TYR H 132 -11.19 15.60 25.63
N THR H 133 -11.18 14.37 25.14
CA THR H 133 -9.99 13.80 24.48
C THR H 133 -10.38 13.21 23.16
N LEU H 134 -9.53 13.37 22.16
CA LEU H 134 -9.84 12.86 20.84
C LEU H 134 -9.07 11.56 20.57
N LEU H 135 -9.75 10.56 20.01
CA LEU H 135 -9.18 9.25 19.87
C LEU H 135 -9.34 8.73 18.49
N GLN H 136 -8.32 7.99 18.01
CA GLN H 136 -8.37 7.33 16.70
C GLN H 136 -9.38 6.20 16.73
N LYS H 137 -10.25 6.17 15.72
CA LYS H 137 -11.30 5.16 15.63
C LYS H 137 -10.69 3.77 15.69
N ASP H 138 -11.36 2.82 16.38
CA ASP H 138 -10.88 1.43 16.33
C ASP H 138 -9.63 1.05 17.20
N THR H 139 -8.55 1.84 17.15
CA THR H 139 -7.42 1.55 18.03
C THR H 139 -7.64 2.13 19.40
N ASN H 140 -8.39 3.23 19.45
CA ASN H 140 -8.81 3.90 20.69
C ASN H 140 -7.68 4.56 21.42
N TRP H 141 -6.70 4.97 20.63
CA TRP H 141 -5.51 5.61 21.10
C TRP H 141 -5.63 7.05 20.69
N PRO H 142 -5.13 7.98 21.52
CA PRO H 142 -5.33 9.40 21.34
C PRO H 142 -4.84 9.95 20.02
N LEU H 143 -5.65 10.82 19.42
CA LEU H 143 -5.34 11.42 18.14
C LEU H 143 -3.94 12.03 18.11
N GLY H 144 -3.13 11.68 17.12
CA GLY H 144 -1.81 12.30 17.01
C GLY H 144 -0.71 11.51 17.68
N TRP H 145 -1.11 10.58 18.52
CA TRP H 145 -0.18 9.66 19.16
C TRP H 145 0.12 8.55 18.17
N PRO H 146 1.36 8.11 18.12
CA PRO H 146 1.68 6.96 17.27
C PRO H 146 1.13 5.68 17.91
N ILE H 147 0.81 4.70 17.09
CA ILE H 147 0.16 3.54 17.65
C ILE H 147 1.18 2.68 18.41
N GLY H 148 0.79 2.34 19.66
CA GLY H 148 1.62 1.57 20.58
C GLY H 148 2.79 2.38 21.09
N GLY H 149 2.57 3.67 21.25
CA GLY H 149 3.65 4.56 21.63
C GLY H 149 3.13 5.89 22.11
N PHE H 150 4.01 6.82 22.39
CA PHE H 150 3.59 8.02 23.01
C PHE H 150 4.30 9.12 22.34
N PRO H 151 3.73 10.32 22.37
CA PRO H 151 4.40 11.51 21.93
C PRO H 151 5.35 11.99 22.96
N GLY H 152 6.03 13.09 22.66
CA GLY H 152 6.93 13.73 23.63
C GLY H 152 6.20 14.10 24.91
N PRO H 153 6.92 14.26 26.05
CA PRO H 153 6.26 14.48 27.31
C PRO H 153 5.52 15.80 27.30
N GLN H 154 4.54 15.94 28.19
CA GLN H 154 3.72 17.13 28.28
C GLN H 154 4.56 18.38 28.44
N GLY H 155 4.01 19.49 27.99
CA GLY H 155 4.77 20.70 28.05
C GLY H 155 4.44 21.61 26.91
N PRO H 156 4.77 21.21 25.67
CA PRO H 156 4.54 22.14 24.56
C PRO H 156 3.10 22.15 24.02
N TYR H 157 2.20 21.32 24.59
CA TYR H 157 0.87 21.10 24.00
C TYR H 157 -0.16 22.10 24.36
N TYR H 158 -0.17 22.47 25.64
CA TYR H 158 -1.11 23.45 26.17
C TYR H 158 -1.18 24.76 25.36
N CYS H 159 -2.34 25.09 24.76
CA CYS H 159 -2.52 26.28 23.93
C CYS H 159 -1.47 26.43 22.79
N GLY H 160 -0.98 25.31 22.27
CA GLY H 160 0.09 25.33 21.30
C GLY H 160 -0.38 25.49 19.90
N ILE H 161 0.58 25.69 19.02
CA ILE H 161 0.32 25.70 17.62
C ILE H 161 1.40 24.95 16.94
N GLY H 162 1.01 24.38 15.80
CA GLY H 162 1.90 23.63 14.88
C GLY H 162 1.55 22.16 14.72
N ALA H 163 2.01 21.55 13.64
CA ALA H 163 1.56 20.19 13.39
C ALA H 163 2.05 19.13 14.37
N GLU H 164 3.18 19.32 15.02
CA GLU H 164 3.67 18.29 15.91
C GLU H 164 3.23 18.49 17.28
N LYS H 165 2.49 19.56 17.48
CA LYS H 165 1.95 19.91 18.81
C LYS H 165 0.41 19.83 18.95
N SER H 166 -0.30 20.19 17.90
CA SER H 166 -1.68 20.50 18.02
C SER H 166 -2.53 19.60 17.14
N PHE H 167 -3.25 18.67 17.78
CA PHE H 167 -4.01 17.65 17.02
C PHE H 167 -5.52 17.85 16.93
N GLY H 168 -6.01 18.17 15.73
CA GLY H 168 -7.46 18.23 15.53
C GLY H 168 -8.16 19.56 15.67
N ARG H 169 -7.40 20.62 15.47
CA ARG H 169 -7.93 21.98 15.62
C ARG H 169 -9.16 22.14 14.73
N ASP H 170 -9.07 21.54 13.54
CA ASP H 170 -10.16 21.32 12.66
C ASP H 170 -11.43 21.13 13.41
N ILE H 171 -11.46 20.09 14.22
CA ILE H 171 -12.66 19.70 14.88
C ILE H 171 -13.06 20.81 15.80
N VAL H 172 -12.09 21.25 16.59
CA VAL H 172 -12.34 22.26 17.59
C VAL H 172 -12.94 23.55 17.03
N ASP H 173 -12.29 24.17 16.05
CA ASP H 173 -12.76 25.43 15.48
C ASP H 173 -14.10 25.26 14.82
N ALA H 174 -14.37 24.07 14.30
CA ALA H 174 -15.66 23.78 13.70
C ALA H 174 -16.74 23.86 14.72
N HIS H 175 -16.51 23.13 15.79
CA HIS H 175 -17.40 23.13 16.92
C HIS H 175 -17.71 24.50 17.45
N TYR H 176 -16.68 25.26 17.78
CA TYR H 176 -16.84 26.62 18.19
C TYR H 176 -17.83 27.41 17.32
N LYS H 177 -17.67 27.46 16.00
CA LYS H 177 -18.63 28.22 15.22
C LYS H 177 -19.97 27.54 15.23
N ALA H 178 -20.00 26.23 15.09
CA ALA H 178 -21.25 25.48 15.13
C ALA H 178 -22.09 25.94 16.31
N CYS H 179 -21.49 25.85 17.49
CA CYS H 179 -22.12 26.26 18.73
C CYS H 179 -22.63 27.69 18.69
N LEU H 180 -21.78 28.65 18.34
CA LEU H 180 -22.21 30.02 18.21
C LEU H 180 -23.43 30.15 17.30
N TYR H 181 -23.39 29.46 16.17
CA TYR H 181 -24.43 29.57 15.18
C TYR H 181 -25.72 29.04 15.76
N ALA H 182 -25.59 27.93 16.48
CA ALA H 182 -26.73 27.25 17.09
C ALA H 182 -27.42 28.08 18.16
N GLY H 183 -26.65 28.93 18.83
CA GLY H 183 -27.13 29.82 19.89
C GLY H 183 -26.68 29.39 21.27
N ILE H 184 -25.71 28.48 21.36
CA ILE H 184 -25.09 28.13 22.62
C ILE H 184 -24.23 29.28 23.06
N ASN H 185 -24.31 29.66 24.31
CA ASN H 185 -23.42 30.66 24.83
C ASN H 185 -22.04 30.04 25.13
N ILE H 186 -21.21 29.98 24.10
CA ILE H 186 -19.91 29.36 24.23
C ILE H 186 -18.90 30.47 24.35
N SER H 187 -18.12 30.42 25.43
CA SER H 187 -17.31 31.61 25.82
C SER H 187 -15.89 31.53 25.29
N GLY H 188 -15.44 30.33 24.95
CA GLY H 188 -14.09 30.20 24.44
C GLY H 188 -13.61 28.79 24.39
N ILE H 189 -12.46 28.58 23.77
CA ILE H 189 -11.87 27.26 23.59
C ILE H 189 -10.40 27.35 23.90
N ASN H 190 -9.71 26.23 24.01
CA ASN H 190 -8.24 26.19 24.14
C ASN H 190 -7.67 24.79 24.01
N GLY H 191 -6.45 24.66 23.52
CA GLY H 191 -5.78 23.35 23.51
C GLY H 191 -5.37 23.02 24.93
N GLU H 192 -5.60 21.78 25.39
CA GLU H 192 -5.21 21.47 26.76
C GLU H 192 -3.86 20.77 26.88
N VAL H 193 -3.52 20.36 28.10
CA VAL H 193 -2.18 19.91 28.43
C VAL H 193 -1.67 18.62 27.81
N MET H 194 -2.53 17.62 27.71
CA MET H 194 -2.19 16.36 27.12
C MET H 194 -2.47 16.41 25.66
N PRO H 195 -1.51 15.98 24.82
CA PRO H 195 -1.63 16.16 23.38
C PRO H 195 -2.87 15.44 22.93
N GLY H 196 -3.71 16.14 22.20
CA GLY H 196 -4.96 15.57 21.82
C GLY H 196 -6.17 15.85 22.69
N GLN H 197 -5.98 16.64 23.72
CA GLN H 197 -7.02 16.98 24.65
C GLN H 197 -7.37 18.45 24.46
N TRP H 198 -8.68 18.72 24.40
CA TRP H 198 -9.18 20.07 24.18
C TRP H 198 -10.23 20.55 25.19
N GLU H 199 -10.70 21.76 25.05
CA GLU H 199 -11.59 22.31 26.01
C GLU H 199 -12.41 23.33 25.29
N PHE H 200 -13.68 23.38 25.68
CA PHE H 200 -14.53 24.54 25.41
C PHE H 200 -15.27 24.95 26.69
N GLN H 201 -15.66 26.22 26.77
CA GLN H 201 -16.37 26.72 27.92
C GLN H 201 -17.75 27.15 27.49
N VAL H 202 -18.77 26.67 28.20
CA VAL H 202 -20.11 27.23 28.05
C VAL H 202 -20.31 28.33 29.08
N GLY H 203 -20.15 29.57 28.57
CA GLY H 203 -19.99 30.88 29.28
C GLY H 203 -21.15 31.16 30.20
N PRO H 204 -21.20 32.40 30.76
CA PRO H 204 -22.07 32.50 31.96
C PRO H 204 -23.56 32.30 31.63
N SER H 205 -24.10 31.14 32.04
CA SER H 205 -25.47 30.76 31.74
C SER H 205 -26.24 30.51 33.01
N VAL H 206 -27.52 30.93 33.03
CA VAL H 206 -28.35 30.96 34.25
C VAL H 206 -29.02 29.63 34.50
N GLY H 207 -28.81 29.09 35.68
CA GLY H 207 -29.56 27.92 36.11
C GLY H 207 -29.81 26.76 35.16
N ILE H 208 -31.07 26.49 34.89
CA ILE H 208 -31.33 25.30 34.15
C ILE H 208 -30.70 25.35 32.78
N SER H 209 -30.69 26.51 32.12
CA SER H 209 -30.19 26.57 30.74
C SER H 209 -28.70 26.23 30.60
N SER H 210 -27.94 26.30 31.68
CA SER H 210 -26.56 25.86 31.64
C SER H 210 -26.54 24.39 31.29
N GLY H 211 -27.15 23.57 32.11
CA GLY H 211 -27.29 22.16 31.79
C GLY H 211 -27.75 21.85 30.36
N ASP H 212 -28.79 22.54 29.90
CA ASP H 212 -29.28 22.34 28.58
C ASP H 212 -28.21 22.62 27.54
N GLN H 213 -27.51 23.73 27.68
CA GLN H 213 -26.51 24.12 26.69
C GLN H 213 -25.30 23.20 26.70
N VAL H 214 -24.82 22.78 27.86
CA VAL H 214 -23.72 21.84 27.89
C VAL H 214 -24.08 20.56 27.17
N TRP H 215 -25.23 19.99 27.44
CA TRP H 215 -25.61 18.77 26.72
C TRP H 215 -25.64 19.00 25.21
N VAL H 216 -26.29 20.06 24.76
CA VAL H 216 -26.39 20.31 23.33
C VAL H 216 -25.04 20.58 22.71
N ALA H 217 -24.16 21.27 23.44
CA ALA H 217 -22.81 21.45 22.98
C ALA H 217 -22.10 20.10 22.83
N ARG H 218 -22.30 19.19 23.75
CA ARG H 218 -21.70 17.87 23.64
C ARG H 218 -22.23 17.13 22.45
N TYR H 219 -23.53 17.25 22.23
CA TYR H 219 -24.14 16.61 21.08
C TYR H 219 -23.51 17.13 19.79
N ILE H 220 -23.37 18.43 19.65
CA ILE H 220 -22.69 19.00 18.50
C ILE H 220 -21.24 18.51 18.37
N LEU H 221 -20.48 18.42 19.47
CA LEU H 221 -19.11 17.94 19.44
C LEU H 221 -19.06 16.54 18.88
N GLU H 222 -19.82 15.64 19.44
CA GLU H 222 -19.72 14.29 18.98
C GLU H 222 -20.18 14.14 17.55
N ARG H 223 -21.18 14.91 17.11
CA ARG H 223 -21.63 14.81 15.72
C ARG H 223 -20.50 15.25 14.81
N ILE H 224 -19.72 16.24 15.25
CA ILE H 224 -18.62 16.75 14.43
C ILE H 224 -17.55 15.68 14.35
N THR H 225 -17.13 15.15 15.50
CA THR H 225 -16.13 14.12 15.48
C THR H 225 -16.58 12.98 14.63
N GLU H 226 -17.86 12.60 14.71
CA GLU H 226 -18.41 11.58 13.79
C GLU H 226 -18.10 11.89 12.32
N ILE H 227 -18.30 13.15 11.92
CA ILE H 227 -17.99 13.54 10.55
C ILE H 227 -16.51 13.29 10.27
N ALA H 228 -15.69 13.62 11.23
CA ALA H 228 -14.27 13.56 11.06
C ALA H 228 -13.71 12.14 11.03
N GLY H 229 -14.51 11.18 11.42
CA GLY H 229 -14.01 9.83 11.56
C GLY H 229 -13.09 9.69 12.78
N VAL H 230 -13.43 10.41 13.83
CA VAL H 230 -12.71 10.39 15.09
C VAL H 230 -13.66 10.15 16.31
N VAL H 231 -13.12 9.61 17.39
CA VAL H 231 -13.92 9.30 18.53
C VAL H 231 -13.57 10.21 19.68
N VAL H 232 -14.57 10.68 20.44
CA VAL H 232 -14.41 11.42 21.74
C VAL H 232 -14.63 10.57 23.00
N THR H 233 -13.80 10.74 24.05
CA THR H 233 -14.18 10.23 25.39
C THR H 233 -14.24 11.37 26.37
N PHE H 234 -15.19 11.25 27.26
CA PHE H 234 -15.27 12.15 28.36
C PHE H 234 -14.76 11.43 29.58
N ASP H 235 -14.13 10.28 29.37
CA ASP H 235 -13.51 9.60 30.50
C ASP H 235 -12.49 10.52 31.14
N PRO H 236 -12.56 10.66 32.47
CA PRO H 236 -11.78 11.62 33.21
C PRO H 236 -10.31 11.34 33.21
N LYS H 237 -9.93 10.10 33.00
CA LYS H 237 -8.49 9.75 32.90
C LYS H 237 -8.22 8.65 31.85
N PRO H 238 -8.11 9.06 30.55
CA PRO H 238 -8.14 8.12 29.47
C PRO H 238 -6.85 7.39 29.34
N ILE H 239 -5.76 8.02 29.71
CA ILE H 239 -4.50 7.33 29.61
C ILE H 239 -3.91 7.36 30.96
N PRO H 240 -3.50 6.18 31.48
CA PRO H 240 -2.82 6.07 32.78
C PRO H 240 -1.40 6.63 32.76
N GLY H 241 -0.94 7.14 33.91
CA GLY H 241 0.46 7.59 34.03
C GLY H 241 0.66 9.09 33.96
N ASP H 242 1.80 9.55 33.45
CA ASP H 242 2.17 10.95 33.45
C ASP H 242 1.52 11.77 32.31
N TRP H 243 0.19 11.83 32.35
CA TRP H 243 -0.69 12.48 31.36
C TRP H 243 -1.94 13.03 32.00
N ASN H 244 -2.27 14.28 31.74
CA ASN H 244 -3.44 14.90 32.34
C ASN H 244 -4.76 14.15 32.24
N GLY H 245 -5.58 14.33 33.27
CA GLY H 245 -6.93 13.81 33.23
C GLY H 245 -7.79 14.91 32.68
N ALA H 246 -9.10 14.69 32.62
CA ALA H 246 -10.02 15.64 32.06
C ALA H 246 -11.13 15.90 32.99
N GLY H 247 -11.40 17.18 33.22
CA GLY H 247 -12.49 17.57 34.05
C GLY H 247 -13.47 18.54 33.45
N ALA H 248 -14.47 18.82 34.24
CA ALA H 248 -15.52 19.73 33.89
C ALA H 248 -15.60 20.83 34.95
N HIS H 249 -14.59 21.67 35.08
CA HIS H 249 -14.62 22.70 36.08
C HIS H 249 -15.92 23.50 36.03
N THR H 250 -16.55 23.68 37.18
CA THR H 250 -17.71 24.53 37.24
C THR H 250 -17.42 25.83 37.94
N ASN H 251 -17.54 26.91 37.20
CA ASN H 251 -17.45 28.25 37.74
C ASN H 251 -18.83 28.68 38.09
N TYR H 252 -18.93 29.41 39.17
CA TYR H 252 -20.21 29.71 39.85
C TYR H 252 -20.22 31.08 40.46
N SER H 253 -21.35 31.74 40.35
CA SER H 253 -21.58 32.96 41.08
C SER H 253 -23.07 33.19 41.30
N THR H 254 -23.40 33.83 42.42
CA THR H 254 -24.76 34.28 42.72
C THR H 254 -24.82 35.80 42.67
N GLU H 255 -26.04 36.32 42.52
CA GLU H 255 -26.27 37.77 42.54
C GLU H 255 -25.39 38.41 43.61
N SER H 256 -25.54 37.94 44.82
CA SER H 256 -24.85 38.53 45.95
C SER H 256 -23.33 38.31 45.87
N MET H 257 -22.89 37.35 45.07
CA MET H 257 -21.46 37.14 44.96
C MET H 257 -20.81 38.16 44.05
N ARG H 258 -21.52 38.64 43.04
CA ARG H 258 -20.93 39.56 42.03
C ARG H 258 -21.16 41.06 42.30
N LYS H 259 -21.84 41.33 43.42
CA LYS H 259 -22.09 42.70 43.94
C LYS H 259 -21.07 43.06 45.02
N GLU H 260 -21.08 44.31 45.48
CA GLU H 260 -20.11 44.76 46.49
C GLU H 260 -19.92 43.82 47.68
N GLY H 261 -18.65 43.58 48.02
CA GLY H 261 -18.25 42.63 49.07
C GLY H 261 -18.84 41.22 48.94
N GLY H 262 -18.87 40.73 47.72
CA GLY H 262 -19.34 39.39 47.46
C GLY H 262 -18.32 38.34 47.88
N TYR H 263 -17.07 38.75 47.96
CA TYR H 263 -15.99 37.83 48.31
C TYR H 263 -16.24 37.15 49.65
N GLU H 264 -16.87 37.87 50.57
CA GLU H 264 -17.30 37.26 51.85
C GLU H 264 -18.30 36.13 51.65
N VAL H 265 -19.27 36.34 50.75
CA VAL H 265 -20.29 35.35 50.44
C VAL H 265 -19.60 34.13 49.81
N ILE H 266 -18.59 34.40 48.99
CA ILE H 266 -17.81 33.38 48.33
C ILE H 266 -17.15 32.48 49.37
N LYS H 267 -16.42 33.07 50.29
CA LYS H 267 -15.78 32.28 51.32
C LYS H 267 -16.79 31.43 52.04
N ALA H 268 -17.96 32.00 52.32
CA ALA H 268 -18.97 31.29 53.10
C ALA H 268 -19.52 30.12 52.33
N ALA H 269 -19.65 30.31 51.03
CA ALA H 269 -20.11 29.25 50.16
C ALA H 269 -19.07 28.11 50.09
N ILE H 270 -17.82 28.48 49.94
CA ILE H 270 -16.75 27.52 49.92
C ILE H 270 -16.83 26.66 51.16
N GLU H 271 -17.00 27.32 52.29
CA GLU H 271 -17.09 26.69 53.60
C GLU H 271 -18.16 25.62 53.62
N LYS H 272 -19.34 25.93 53.08
CA LYS H 272 -20.47 24.98 53.03
C LYS H 272 -20.11 23.79 52.15
N LEU H 273 -19.37 24.08 51.07
CA LEU H 273 -18.91 23.07 50.14
C LEU H 273 -17.93 22.11 50.77
N LYS H 274 -17.06 22.63 51.63
CA LYS H 274 -16.13 21.81 52.39
C LYS H 274 -16.86 20.74 53.19
N LEU H 275 -18.03 21.08 53.70
CA LEU H 275 -18.73 20.22 54.61
C LEU H 275 -19.43 19.13 53.84
N ARG H 276 -19.76 19.41 52.60
CA ARG H 276 -20.50 18.44 51.77
C ARG H 276 -19.67 17.88 50.64
N HIS H 277 -18.34 17.91 50.82
CA HIS H 277 -17.42 17.35 49.84
C HIS H 277 -17.78 15.91 49.57
N LYS H 278 -17.80 15.10 50.62
CA LYS H 278 -18.05 13.67 50.50
C LYS H 278 -19.19 13.31 49.53
N GLU H 279 -20.30 14.04 49.65
CA GLU H 279 -21.55 13.76 48.92
C GLU H 279 -21.56 14.42 47.54
N HIS H 280 -20.77 15.46 47.40
CA HIS H 280 -20.54 16.01 46.10
C HIS H 280 -19.71 15.06 45.24
N ILE H 281 -18.59 14.60 45.76
CA ILE H 281 -17.76 13.64 45.06
C ILE H 281 -18.59 12.50 44.47
N ALA H 282 -19.51 11.96 45.26
CA ALA H 282 -20.32 10.80 44.86
C ALA H 282 -21.15 11.02 43.58
N ALA H 283 -21.42 12.28 43.27
CA ALA H 283 -22.23 12.59 42.10
C ALA H 283 -21.46 13.39 41.07
N TYR H 284 -20.16 13.53 41.31
CA TYR H 284 -19.32 14.33 40.44
C TYR H 284 -18.72 13.52 39.31
N GLY H 285 -19.37 12.41 38.97
CA GLY H 285 -19.00 11.58 37.80
C GLY H 285 -18.13 10.41 38.18
N GLU H 286 -18.31 9.30 37.47
CA GLU H 286 -17.63 8.07 37.84
C GLU H 286 -16.28 7.93 37.17
N GLY H 287 -15.38 7.27 37.90
CA GLY H 287 -13.99 7.15 37.48
C GLY H 287 -13.12 8.25 38.06
N ASN H 288 -13.75 9.15 38.79
CA ASN H 288 -13.05 10.34 39.26
C ASN H 288 -11.83 9.98 40.08
N GLU H 289 -11.89 8.82 40.73
CA GLU H 289 -10.81 8.36 41.58
C GLU H 289 -9.53 8.29 40.79
N ARG H 290 -9.64 8.05 39.50
CA ARG H 290 -8.46 7.84 38.69
C ARG H 290 -7.85 9.16 38.29
N ARG H 291 -8.66 10.22 38.31
CA ARG H 291 -8.20 11.56 37.95
C ARG H 291 -7.63 12.34 39.12
N LEU H 292 -8.45 12.52 40.15
CA LEU H 292 -8.14 13.33 41.33
C LEU H 292 -7.09 12.66 42.22
N THR H 293 -5.83 12.96 41.96
CA THR H 293 -4.74 12.30 42.62
C THR H 293 -3.87 13.27 43.41
N GLY H 294 -4.03 14.56 43.16
CA GLY H 294 -3.20 15.58 43.80
C GLY H 294 -2.09 16.04 42.85
N ARG H 295 -1.81 15.21 41.84
CA ARG H 295 -0.90 15.56 40.73
C ARG H 295 -1.67 15.95 39.46
N HIS H 296 -0.97 16.52 38.48
CA HIS H 296 -1.58 16.90 37.20
C HIS H 296 -2.74 17.88 37.39
N GLU H 297 -2.55 18.87 38.25
CA GLU H 297 -3.49 20.01 38.43
C GLU H 297 -4.85 19.63 39.02
N THR H 298 -4.85 18.63 39.89
CA THR H 298 -6.04 18.22 40.62
C THR H 298 -5.77 18.30 42.13
N ALA H 299 -6.82 18.20 42.93
CA ALA H 299 -6.60 17.97 44.36
C ALA H 299 -7.01 16.57 44.68
N ASP H 300 -6.35 15.94 45.65
CA ASP H 300 -6.70 14.58 46.08
C ASP H 300 -8.19 14.46 46.44
N ILE H 301 -8.82 13.33 46.06
CA ILE H 301 -10.28 13.10 46.25
C ILE H 301 -10.62 13.21 47.71
N ASN H 302 -9.71 12.74 48.56
CA ASN H 302 -9.97 12.60 49.98
C ASN H 302 -9.88 13.89 50.78
N THR H 303 -9.00 14.80 50.40
CA THR H 303 -8.95 16.12 51.06
C THR H 303 -9.85 17.12 50.31
N PHE H 304 -10.27 18.18 51.01
CA PHE H 304 -10.84 19.34 50.34
C PHE H 304 -9.94 20.51 50.58
N SER H 305 -9.68 21.32 49.57
CA SER H 305 -8.85 22.49 49.78
C SER H 305 -9.26 23.63 48.87
N TRP H 306 -8.91 24.86 49.26
CA TRP H 306 -9.08 25.99 48.38
C TRP H 306 -7.93 26.99 48.56
N GLY H 307 -7.79 27.89 47.59
CA GLY H 307 -6.68 28.85 47.52
C GLY H 307 -6.89 29.85 46.38
N VAL H 308 -5.95 30.76 46.20
CA VAL H 308 -6.23 31.82 45.27
C VAL H 308 -5.90 31.47 43.84
N ALA H 309 -4.63 31.43 43.45
CA ALA H 309 -4.37 31.07 42.06
C ALA H 309 -3.95 29.62 41.96
N ASN H 310 -4.51 28.83 42.85
CA ASN H 310 -4.00 27.50 43.08
C ASN H 310 -4.68 26.40 42.30
N ARG H 311 -4.05 25.95 41.21
CA ARG H 311 -4.58 24.84 40.39
C ARG H 311 -4.40 23.46 41.02
N GLY H 312 -3.67 23.41 42.13
CA GLY H 312 -3.61 22.21 42.97
C GLY H 312 -4.70 22.03 44.04
N ALA H 313 -5.65 22.97 44.10
CA ALA H 313 -6.71 22.98 45.12
C ALA H 313 -8.06 22.50 44.62
N SER H 314 -9.00 22.19 45.54
CA SER H 314 -10.32 21.67 45.16
C SER H 314 -11.19 22.77 44.58
N VAL H 315 -11.06 23.97 45.13
CA VAL H 315 -11.70 25.16 44.56
C VAL H 315 -10.66 26.22 44.39
N ARG H 316 -10.82 27.05 43.35
CA ARG H 316 -9.87 28.11 43.05
C ARG H 316 -10.59 29.40 42.86
N VAL H 317 -10.05 30.48 43.40
CA VAL H 317 -10.65 31.79 43.25
C VAL H 317 -9.71 32.65 42.45
N GLY H 318 -10.16 33.15 41.31
CA GLY H 318 -9.35 34.04 40.43
C GLY H 318 -8.67 35.22 41.11
N ARG H 319 -7.45 35.53 40.68
CA ARG H 319 -6.76 36.73 41.14
C ARG H 319 -7.67 37.94 40.97
N GLU H 320 -8.30 38.02 39.81
CA GLU H 320 -9.20 39.12 39.46
C GLU H 320 -10.37 39.34 40.46
N THR H 321 -11.09 38.28 40.80
CA THR H 321 -12.19 38.40 41.76
C THR H 321 -11.68 38.60 43.20
N GLU H 322 -10.44 38.19 43.52
CA GLU H 322 -9.85 38.49 44.85
C GLU H 322 -9.57 39.98 44.95
N GLN H 323 -8.93 40.51 43.93
CA GLN H 323 -8.50 41.89 43.91
C GLN H 323 -9.70 42.84 43.80
N ASN H 324 -10.85 42.35 43.33
CA ASN H 324 -12.06 43.18 43.20
C ASN H 324 -13.08 42.99 44.32
N GLY H 325 -12.76 42.10 45.25
CA GLY H 325 -13.66 41.74 46.37
C GLY H 325 -14.99 41.14 45.93
N LYS H 326 -15.11 40.86 44.62
CA LYS H 326 -16.30 40.32 44.02
C LYS H 326 -16.04 39.53 42.72
N GLY H 327 -16.67 38.37 42.60
CA GLY H 327 -16.66 37.62 41.35
C GLY H 327 -17.28 36.23 41.43
N TYR H 328 -16.45 35.22 41.19
CA TYR H 328 -16.90 33.84 41.08
C TYR H 328 -15.76 32.92 41.48
N PHE H 329 -16.10 31.68 41.82
CA PHE H 329 -15.11 30.70 42.12
C PHE H 329 -15.29 29.47 41.25
N GLU H 330 -14.23 28.66 41.16
CA GLU H 330 -14.16 27.54 40.26
C GLU H 330 -14.12 26.26 41.07
N ASP H 331 -15.15 25.42 40.97
CA ASP H 331 -15.09 24.12 41.59
C ASP H 331 -14.40 23.18 40.65
N ARG H 332 -13.17 22.76 40.97
CA ARG H 332 -12.39 21.94 40.05
C ARG H 332 -12.60 20.48 40.22
N ARG H 333 -13.58 20.10 41.01
CA ARG H 333 -13.77 18.71 41.37
C ARG H 333 -14.52 17.84 40.35
N PRO H 334 -15.48 18.39 39.60
CA PRO H 334 -16.26 17.54 38.73
C PRO H 334 -15.48 16.94 37.56
N ALA H 335 -15.70 15.68 37.23
CA ALA H 335 -15.04 15.08 36.07
C ALA H 335 -15.71 15.48 34.76
N SER H 336 -14.99 15.25 33.68
CA SER H 336 -15.44 15.56 32.35
C SER H 336 -16.70 14.84 31.96
N ASN H 337 -17.02 13.72 32.64
CA ASN H 337 -18.25 12.92 32.38
C ASN H 337 -19.43 13.17 33.32
N MET H 338 -19.30 14.30 34.02
CA MET H 338 -20.29 14.87 34.91
C MET H 338 -21.58 15.16 34.18
N ASP H 339 -22.70 14.91 34.83
CA ASP H 339 -23.95 15.35 34.24
C ASP H 339 -24.13 16.75 34.75
N PRO H 340 -24.13 17.73 33.87
CA PRO H 340 -24.20 19.07 34.34
C PRO H 340 -25.49 19.38 35.12
N TYR H 341 -26.60 18.75 34.77
CA TYR H 341 -27.83 18.96 35.50
C TYR H 341 -27.61 18.69 36.97
N VAL H 342 -27.01 17.55 37.27
CA VAL H 342 -26.70 17.16 38.64
C VAL H 342 -25.74 18.10 39.35
N VAL H 343 -24.58 18.40 38.74
CA VAL H 343 -23.55 19.21 39.40
C VAL H 343 -24.02 20.62 39.55
N THR H 344 -24.73 21.11 38.54
CA THR H 344 -25.10 22.50 38.49
C THR H 344 -26.10 22.87 39.58
N SER H 345 -27.11 22.02 39.81
CA SER H 345 -28.12 22.26 40.81
C SER H 345 -27.62 21.91 42.17
N MET H 346 -26.95 20.78 42.32
CA MET H 346 -26.35 20.40 43.58
C MET H 346 -25.49 21.51 44.19
N ILE H 347 -24.77 22.25 43.36
CA ILE H 347 -24.01 23.42 43.86
C ILE H 347 -24.93 24.52 44.38
N ALA H 348 -26.01 24.83 43.66
CA ALA H 348 -26.97 25.82 44.12
C ALA H 348 -27.58 25.38 45.42
N GLU H 349 -27.93 24.11 45.54
CA GLU H 349 -28.58 23.59 46.73
C GLU H 349 -27.68 23.65 47.94
N THR H 350 -26.44 23.18 47.83
CA THR H 350 -25.51 23.21 48.94
C THR H 350 -25.07 24.61 49.29
N THR H 351 -25.36 25.55 48.41
CA THR H 351 -24.83 26.89 48.55
C THR H 351 -25.85 27.94 48.95
N ILE H 352 -27.11 27.71 48.60
CA ILE H 352 -28.23 28.57 48.99
C ILE H 352 -29.20 27.89 50.03
N VAL H 353 -29.93 26.87 49.62
CA VAL H 353 -30.93 26.23 50.47
C VAL H 353 -30.40 25.71 51.80
N TRP H 354 -29.42 24.83 51.77
CA TRP H 354 -28.93 24.10 52.96
C TRP H 354 -28.19 25.00 53.94
N LYS H 355 -28.29 24.70 55.23
CA LYS H 355 -27.59 25.47 56.34
C LYS H 355 -26.95 24.65 57.48
N CYS I 3 -9.65 25.65 4.68
CA CYS I 3 -8.17 25.34 4.69
C CYS I 3 -7.26 26.13 3.67
N LEU I 4 -6.49 25.42 2.82
CA LEU I 4 -5.32 26.06 2.21
C LEU I 4 -5.62 26.90 1.03
N THR I 5 -6.53 26.43 0.20
CA THR I 5 -6.93 27.22 -0.95
C THR I 5 -7.85 28.43 -0.61
N ASP I 6 -8.46 28.43 0.58
CA ASP I 6 -9.21 29.62 1.05
C ASP I 6 -8.28 30.81 1.28
N LEU I 7 -7.08 30.51 1.76
CA LEU I 7 -6.09 31.53 2.05
C LEU I 7 -5.41 31.99 0.80
N VAL I 8 -5.02 31.05 -0.07
CA VAL I 8 -4.31 31.41 -1.33
C VAL I 8 -5.20 32.23 -2.25
N ASN I 9 -6.51 32.05 -2.10
CA ASN I 9 -7.46 32.76 -2.94
C ASN I 9 -8.20 33.93 -2.28
N LEU I 10 -7.74 34.33 -1.10
CA LEU I 10 -8.26 35.52 -0.44
C LEU I 10 -8.33 36.69 -1.41
N ASN I 11 -9.48 37.34 -1.45
CA ASN I 11 -9.62 38.60 -2.20
C ASN I 11 -9.09 39.79 -1.35
N LEU I 12 -7.99 40.42 -1.78
CA LEU I 12 -7.40 41.45 -0.97
C LEU I 12 -8.14 42.80 -1.08
N SER I 13 -8.71 43.07 -2.27
CA SER I 13 -9.53 44.28 -2.61
C SER I 13 -10.50 44.75 -1.53
N ASP I 14 -11.04 43.79 -0.76
CA ASP I 14 -12.01 44.02 0.35
C ASP I 14 -11.34 44.64 1.60
N THR I 15 -10.01 44.74 1.59
CA THR I 15 -9.31 45.06 2.81
C THR I 15 -8.19 46.08 2.65
N THR I 16 -7.44 46.03 1.55
CA THR I 16 -6.55 47.15 1.16
C THR I 16 -6.43 47.45 -0.32
N GLU I 17 -5.80 48.59 -0.55
CA GLU I 17 -5.49 49.05 -1.87
C GLU I 17 -4.19 48.43 -2.30
N LYS I 18 -3.43 47.85 -1.36
CA LYS I 18 -2.10 47.31 -1.63
C LYS I 18 -2.06 46.19 -2.70
N ILE I 19 -0.89 46.06 -3.34
CA ILE I 19 -0.67 45.22 -4.55
C ILE I 19 0.51 44.32 -4.36
N ILE I 20 0.46 43.15 -4.99
CA ILE I 20 1.63 42.30 -5.01
C ILE I 20 2.18 42.14 -6.38
N ALA I 21 3.44 42.52 -6.51
CA ALA I 21 4.16 42.44 -7.77
C ALA I 21 5.27 41.40 -7.69
N GLU I 22 5.27 40.51 -8.68
CA GLU I 22 6.21 39.38 -8.79
C GLU I 22 7.20 39.70 -9.86
N TYR I 23 8.40 40.07 -9.47
CA TYR I 23 9.41 40.44 -10.43
C TYR I 23 10.06 39.19 -10.95
N ILE I 24 10.02 39.01 -12.26
CA ILE I 24 10.58 37.84 -12.89
C ILE I 24 11.85 38.21 -13.62
N TRP I 25 12.90 37.39 -13.54
CA TRP I 25 14.08 37.61 -14.38
C TRP I 25 14.72 36.35 -14.87
N ILE I 26 15.76 36.47 -15.68
CA ILE I 26 16.43 35.30 -16.20
C ILE I 26 17.80 35.09 -15.59
N GLY I 27 18.08 33.88 -15.15
CA GLY I 27 19.24 33.63 -14.29
C GLY I 27 20.54 33.34 -15.00
N GLY I 28 21.52 32.91 -14.21
CA GLY I 28 22.87 32.69 -14.68
C GLY I 28 23.10 31.76 -15.82
N SER I 29 22.22 30.81 -16.01
CA SER I 29 22.38 29.86 -17.13
C SER I 29 21.75 30.35 -18.45
N GLY I 30 21.03 31.46 -18.40
CA GLY I 30 20.32 31.97 -19.59
C GLY I 30 19.06 31.17 -19.96
N MET I 31 18.76 30.18 -19.13
CA MET I 31 17.63 29.29 -19.29
C MET I 31 16.77 29.10 -18.02
N ASP I 32 17.17 29.68 -16.91
CA ASP I 32 16.43 29.52 -15.68
C ASP I 32 15.64 30.76 -15.24
N LEU I 33 14.32 30.66 -15.18
CA LEU I 33 13.56 31.78 -14.68
C LEU I 33 13.62 31.91 -13.18
N ARG I 34 13.66 33.14 -12.65
CA ARG I 34 13.65 33.37 -11.21
C ARG I 34 12.68 34.49 -10.90
N SER I 35 12.07 34.45 -9.72
CA SER I 35 11.15 35.49 -9.30
C SER I 35 11.10 35.65 -7.82
N LYS I 36 10.86 36.88 -7.41
CA LYS I 36 10.43 37.20 -6.06
C LYS I 36 9.32 38.29 -6.04
N ALA I 37 8.65 38.44 -4.90
CA ALA I 37 7.53 39.38 -4.80
C ALA I 37 7.68 40.47 -3.76
N ARG I 38 7.09 41.61 -4.08
CA ARG I 38 7.04 42.73 -3.17
C ARG I 38 5.66 43.34 -3.14
N THR I 39 5.37 44.04 -2.04
CA THR I 39 4.14 44.78 -1.91
C THR I 39 4.34 46.21 -2.39
N LEU I 40 3.36 46.71 -3.12
CA LEU I 40 3.39 48.10 -3.63
C LEU I 40 2.15 48.80 -3.15
N PRO I 41 2.22 50.13 -2.97
CA PRO I 41 1.13 50.82 -2.25
C PRO I 41 -0.24 50.92 -2.98
N GLY I 42 -0.24 50.89 -4.33
CA GLY I 42 -1.48 50.94 -5.09
C GLY I 42 -1.27 50.36 -6.44
N PRO I 43 -2.37 50.20 -7.21
CA PRO I 43 -2.34 49.59 -8.56
C PRO I 43 -1.37 50.34 -9.43
N VAL I 44 -0.72 49.66 -10.35
CA VAL I 44 0.15 50.34 -11.30
C VAL I 44 -0.10 49.75 -12.69
N THR I 45 -0.16 50.60 -13.73
CA THR I 45 -0.36 50.09 -15.13
C THR I 45 0.80 50.39 -16.08
N ASP I 46 1.67 51.29 -15.66
CA ASP I 46 2.79 51.64 -16.51
C ASP I 46 4.12 51.19 -15.91
N PRO I 47 4.89 50.39 -16.65
CA PRO I 47 6.20 49.86 -16.27
C PRO I 47 7.16 50.90 -15.68
N SER I 48 7.19 52.10 -16.23
CA SER I 48 8.14 53.13 -15.77
C SER I 48 7.74 53.75 -14.44
N LYS I 49 6.55 53.40 -13.97
CA LYS I 49 6.09 53.88 -12.68
C LYS I 49 6.36 52.88 -11.56
N LEU I 50 6.97 51.73 -11.91
CA LEU I 50 7.39 50.68 -10.94
C LEU I 50 8.81 50.96 -10.54
N PRO I 51 9.11 50.87 -9.23
CA PRO I 51 10.47 51.08 -8.76
C PRO I 51 11.33 49.96 -9.28
N LYS I 52 12.61 50.27 -9.49
CA LYS I 52 13.62 49.29 -9.83
C LYS I 52 13.93 48.51 -8.57
N TRP I 53 14.62 47.39 -8.73
CA TRP I 53 14.85 46.50 -7.62
C TRP I 53 16.16 45.77 -7.83
N ASN I 54 16.56 44.97 -6.85
CA ASN I 54 17.77 44.18 -6.94
C ASN I 54 17.56 42.82 -6.31
N TYR I 55 18.51 41.91 -6.55
CA TYR I 55 18.49 40.56 -5.96
C TYR I 55 19.88 40.05 -5.77
N ASP I 56 20.02 38.94 -5.09
CA ASP I 56 21.31 38.41 -4.83
C ASP I 56 21.85 37.64 -6.01
N GLY I 57 22.55 38.31 -6.91
CA GLY I 57 23.19 37.63 -8.05
C GLY I 57 24.18 36.57 -7.68
N SER I 58 24.75 36.65 -6.49
CA SER I 58 25.68 35.64 -6.09
C SER I 58 25.00 34.28 -5.99
N SER I 59 23.68 34.28 -5.85
CA SER I 59 22.94 33.02 -5.73
C SER I 59 22.27 32.52 -7.04
N THR I 60 22.50 33.23 -8.13
CA THR I 60 21.94 32.87 -9.42
C THR I 60 23.06 32.76 -10.44
N GLY I 61 24.30 32.76 -9.95
CA GLY I 61 25.50 32.72 -10.79
C GLY I 61 25.77 33.91 -11.73
N GLN I 62 25.50 35.11 -11.25
CA GLN I 62 25.56 36.33 -12.06
C GLN I 62 26.47 37.42 -11.44
N ALA I 63 26.88 37.21 -10.20
CA ALA I 63 27.69 38.14 -9.43
C ALA I 63 28.51 37.41 -8.36
N PRO I 64 29.63 38.01 -7.92
CA PRO I 64 30.35 37.51 -6.74
C PRO I 64 29.71 37.89 -5.39
N GLY I 65 30.08 37.15 -4.33
CA GLY I 65 29.54 37.36 -2.98
C GLY I 65 29.81 38.73 -2.38
N GLU I 66 30.98 39.29 -2.68
CA GLU I 66 31.42 40.56 -2.13
C GLU I 66 30.86 41.75 -2.91
N ASP I 67 30.41 41.50 -4.12
CA ASP I 67 29.76 42.54 -4.93
C ASP I 67 28.45 41.96 -5.49
N SER I 68 27.57 41.55 -4.58
CA SER I 68 26.47 40.68 -4.94
C SER I 68 25.26 41.31 -5.60
N GLU I 69 25.10 42.62 -5.51
CA GLU I 69 23.84 43.24 -5.96
C GLU I 69 23.74 43.32 -7.48
N VAL I 70 22.58 42.94 -8.05
CA VAL I 70 22.26 43.05 -9.48
C VAL I 70 20.91 43.71 -9.60
N ILE I 71 20.76 44.55 -10.59
CA ILE I 71 19.60 45.42 -10.64
C ILE I 71 18.54 44.96 -11.64
N LEU I 72 17.28 45.14 -11.26
CA LEU I 72 16.16 44.74 -12.09
C LEU I 72 15.39 45.94 -12.65
N TYR I 73 15.26 45.99 -13.95
CA TYR I 73 14.53 47.04 -14.60
C TYR I 73 13.21 46.47 -15.04
N PRO I 74 12.11 46.99 -14.50
CA PRO I 74 10.81 46.55 -14.95
C PRO I 74 10.66 46.89 -16.45
N GLN I 75 10.18 45.96 -17.28
CA GLN I 75 9.97 46.27 -18.69
C GLN I 75 8.57 46.02 -19.18
N ALA I 76 7.89 45.02 -18.63
CA ALA I 76 6.51 44.71 -19.02
C ALA I 76 5.65 44.21 -17.86
N ILE I 77 4.40 44.65 -17.84
CA ILE I 77 3.46 44.28 -16.82
C ILE I 77 2.43 43.32 -17.43
N PHE I 78 2.06 42.29 -16.65
CA PHE I 78 0.93 41.43 -16.96
C PHE I 78 0.20 41.10 -15.68
N LYS I 79 -1.09 40.78 -15.80
CA LYS I 79 -1.88 40.44 -14.62
C LYS I 79 -1.41 39.05 -14.13
N ASP I 80 -1.31 38.90 -12.80
CA ASP I 80 -0.89 37.64 -12.22
C ASP I 80 -2.13 36.73 -12.13
N PRO I 81 -2.09 35.62 -12.84
CA PRO I 81 -3.23 34.78 -12.90
C PRO I 81 -3.32 33.91 -11.65
N PHE I 82 -2.20 33.80 -10.93
CA PHE I 82 -2.22 33.04 -9.69
C PHE I 82 -2.83 33.84 -8.52
N ARG I 83 -2.23 34.99 -8.23
CA ARG I 83 -2.71 35.82 -7.13
C ARG I 83 -4.00 36.57 -7.48
N ARG I 84 -4.27 36.73 -8.78
CA ARG I 84 -5.50 37.37 -9.29
C ARG I 84 -5.71 38.78 -8.73
N GLY I 85 -6.98 39.24 -8.71
CA GLY I 85 -7.29 40.63 -8.36
C GLY I 85 -6.40 41.65 -9.09
N ASN I 86 -5.77 42.57 -8.35
CA ASN I 86 -4.96 43.59 -9.01
C ASN I 86 -3.49 43.28 -9.07
N ASN I 87 -3.10 42.09 -8.60
CA ASN I 87 -1.70 41.76 -8.52
C ASN I 87 -1.11 41.46 -9.89
N ILE I 88 0.21 41.67 -9.99
CA ILE I 88 0.87 41.77 -11.29
C ILE I 88 2.18 40.96 -11.38
N LEU I 89 2.50 40.53 -12.60
CA LEU I 89 3.78 39.96 -12.95
C LEU I 89 4.53 41.02 -13.70
N VAL I 90 5.83 41.09 -13.48
CA VAL I 90 6.69 42.16 -14.01
C VAL I 90 7.91 41.52 -14.66
N MET I 91 7.99 41.59 -15.97
CA MET I 91 9.08 40.98 -16.63
C MET I 91 10.25 41.90 -16.54
N CYS I 92 11.45 41.35 -16.37
CA CYS I 92 12.63 42.19 -16.09
C CYS I 92 13.92 41.99 -16.91
N ASP I 93 14.80 42.93 -16.65
CA ASP I 93 15.99 43.16 -17.43
C ASP I 93 17.11 43.28 -16.45
N CYS I 94 18.30 42.79 -16.76
CA CYS I 94 19.35 42.82 -15.74
C CYS I 94 20.62 43.70 -15.91
N TYR I 95 21.01 44.43 -14.86
CA TYR I 95 22.08 45.41 -14.99
C TYR I 95 22.98 45.43 -13.78
N THR I 96 24.23 45.88 -13.98
CA THR I 96 25.14 46.20 -12.86
C THR I 96 24.67 47.47 -12.18
N PRO I 97 25.23 47.74 -11.01
CA PRO I 97 24.75 48.95 -10.37
C PRO I 97 25.19 50.17 -11.16
N ALA I 98 26.24 49.97 -11.99
CA ALA I 98 26.81 51.01 -12.86
C ALA I 98 26.00 51.26 -14.15
N GLY I 99 24.85 50.56 -14.29
CA GLY I 99 23.98 50.68 -15.48
C GLY I 99 24.45 49.94 -16.74
N GLU I 100 25.35 48.97 -16.55
CA GLU I 100 25.79 48.03 -17.60
C GLU I 100 24.85 46.83 -17.68
N PRO I 101 24.46 46.44 -18.89
CA PRO I 101 23.70 45.20 -18.95
C PRO I 101 24.63 44.02 -18.73
N ILE I 102 24.25 43.08 -17.88
CA ILE I 102 25.09 41.90 -17.61
C ILE I 102 25.10 40.94 -18.79
N PRO I 103 26.11 40.06 -18.86
CA PRO I 103 26.31 39.20 -20.03
C PRO I 103 25.10 38.36 -20.41
N THR I 104 24.25 38.02 -19.44
CA THR I 104 23.10 37.12 -19.66
C THR I 104 21.80 37.81 -20.02
N ASN I 105 21.86 39.14 -20.03
CA ASN I 105 20.80 40.00 -20.47
C ASN I 105 20.87 40.11 -21.98
N LYS I 106 19.95 39.43 -22.64
CA LYS I 106 19.93 39.48 -24.10
C LYS I 106 18.79 40.36 -24.61
N ARG I 107 18.06 40.98 -23.67
CA ARG I 107 16.98 41.91 -24.01
C ARG I 107 17.53 43.21 -24.51
N TYR I 108 18.60 43.68 -23.87
CA TYR I 108 19.25 44.92 -24.22
C TYR I 108 19.66 44.99 -25.66
N SER I 109 20.40 44.00 -26.12
CA SER I 109 20.79 43.91 -27.55
C SER I 109 19.58 43.93 -28.49
N ALA I 110 18.60 43.13 -28.15
CA ALA I 110 17.44 42.98 -28.98
C ALA I 110 16.65 44.26 -29.00
N ALA I 111 16.65 44.98 -27.90
CA ALA I 111 15.91 46.24 -27.85
C ALA I 111 16.50 47.23 -28.83
N LYS I 112 17.83 47.30 -28.86
CA LYS I 112 18.54 48.18 -29.79
C LYS I 112 18.14 47.88 -31.23
N ILE I 113 18.15 46.63 -31.60
CA ILE I 113 17.79 46.28 -32.95
C ILE I 113 16.35 46.65 -33.28
N PHE I 114 15.44 46.48 -32.33
CA PHE I 114 14.06 46.82 -32.61
C PHE I 114 13.73 48.32 -32.47
N SER I 115 14.65 49.10 -31.90
CA SER I 115 14.53 50.59 -31.85
C SER I 115 15.07 51.26 -33.12
N SER I 116 16.23 50.77 -33.58
CA SER I 116 16.86 51.13 -34.88
C SER I 116 15.79 51.30 -36.00
N PRO I 117 15.71 52.54 -36.56
CA PRO I 117 14.47 53.03 -37.22
C PRO I 117 14.08 52.32 -38.51
N GLU I 118 15.03 51.69 -39.21
CA GLU I 118 14.74 50.93 -40.46
C GLU I 118 14.11 49.58 -40.17
N VAL I 119 14.32 49.11 -38.95
CA VAL I 119 13.68 47.91 -38.47
C VAL I 119 12.28 48.27 -38.03
N ALA I 120 12.20 49.24 -37.12
CA ALA I 120 10.92 49.75 -36.56
C ALA I 120 9.85 50.04 -37.63
N ALA I 121 10.30 50.62 -38.75
CA ALA I 121 9.43 51.00 -39.89
C ALA I 121 8.87 49.78 -40.63
N GLU I 122 9.65 48.69 -40.61
CA GLU I 122 9.24 47.42 -41.22
C GLU I 122 8.27 46.65 -40.32
N GLU I 123 8.27 47.06 -39.04
CA GLU I 123 7.32 46.62 -38.03
C GLU I 123 7.17 45.07 -38.05
N PRO I 124 8.24 44.35 -37.58
CA PRO I 124 8.24 42.91 -37.75
C PRO I 124 7.28 42.25 -36.79
N TRP I 125 6.78 41.13 -37.23
CA TRP I 125 5.79 40.37 -36.52
C TRP I 125 6.33 39.00 -36.24
N TYR I 126 6.16 38.52 -35.02
CA TYR I 126 6.56 37.17 -34.73
C TYR I 126 5.46 36.41 -34.07
N GLY I 127 5.25 35.23 -34.59
CA GLY I 127 4.48 34.17 -33.89
C GLY I 127 5.41 33.01 -33.54
N ILE I 128 5.60 32.73 -32.25
CA ILE I 128 6.51 31.66 -31.93
C ILE I 128 5.78 30.45 -31.30
N GLU I 129 6.19 29.25 -31.70
CA GLU I 129 5.49 28.01 -31.38
C GLU I 129 6.32 27.31 -30.36
N GLN I 130 5.94 27.44 -29.11
CA GLN I 130 6.70 26.79 -28.03
C GLN I 130 6.21 25.36 -27.82
N GLU I 131 7.08 24.40 -28.13
CA GLU I 131 6.80 23.03 -27.83
C GLU I 131 7.59 22.69 -26.57
N TYR I 132 7.05 21.81 -25.70
CA TYR I 132 7.70 21.37 -24.45
C TYR I 132 7.23 19.99 -24.13
N THR I 133 7.88 19.38 -23.15
CA THR I 133 7.55 17.99 -22.76
C THR I 133 7.26 17.88 -21.26
N LEU I 134 6.28 17.08 -20.87
CA LEU I 134 5.93 16.99 -19.50
C LEU I 134 6.53 15.71 -18.91
N LEU I 135 7.08 15.79 -17.69
CA LEU I 135 7.81 14.68 -17.11
C LEU I 135 7.38 14.43 -15.72
N GLN I 136 7.39 13.16 -15.34
CA GLN I 136 7.09 12.76 -13.96
C GLN I 136 8.21 13.18 -13.02
N LYS I 137 7.85 13.81 -11.91
CA LYS I 137 8.81 14.30 -10.95
C LYS I 137 9.71 13.17 -10.48
N ASP I 138 11.01 13.43 -10.28
CA ASP I 138 11.89 12.39 -9.69
C ASP I 138 12.38 11.24 -10.61
N THR I 139 11.50 10.61 -11.39
CA THR I 139 11.94 9.57 -12.35
C THR I 139 12.41 10.23 -13.65
N ASN I 140 11.83 11.38 -13.97
CA ASN I 140 12.23 12.19 -15.11
C ASN I 140 11.88 11.56 -16.43
N TRP I 141 10.82 10.76 -16.38
CA TRP I 141 10.30 10.03 -17.50
C TRP I 141 9.01 10.72 -17.88
N PRO I 142 8.71 10.79 -19.19
CA PRO I 142 7.59 11.55 -19.72
C PRO I 142 6.26 11.18 -19.16
N LEU I 143 5.46 12.18 -18.85
CA LEU I 143 4.13 12.01 -18.28
C LEU I 143 3.27 11.02 -19.07
N GLY I 144 2.67 10.04 -18.40
CA GLY I 144 1.82 9.09 -19.12
C GLY I 144 2.53 7.84 -19.64
N TRP I 145 3.86 7.91 -19.67
CA TRP I 145 4.69 6.76 -20.01
C TRP I 145 4.82 5.90 -18.76
N PRO I 146 4.80 4.59 -18.95
CA PRO I 146 5.03 3.70 -17.83
C PRO I 146 6.51 3.70 -17.50
N ILE I 147 6.83 3.45 -16.24
CA ILE I 147 8.20 3.60 -15.82
C ILE I 147 9.00 2.44 -16.34
N GLY I 148 10.13 2.82 -16.96
CA GLY I 148 11.06 1.87 -17.60
C GLY I 148 10.47 1.22 -18.84
N GLY I 149 9.64 1.97 -19.56
CA GLY I 149 8.97 1.46 -20.71
C GLY I 149 8.41 2.55 -21.57
N PHE I 150 7.68 2.20 -22.59
CA PHE I 150 7.26 3.18 -23.53
C PHE I 150 5.84 2.93 -23.83
N PRO I 151 5.12 3.97 -24.24
CA PRO I 151 3.76 3.83 -24.74
C PRO I 151 3.78 3.30 -26.18
N GLY I 152 2.58 3.13 -26.74
CA GLY I 152 2.50 2.73 -28.16
C GLY I 152 3.27 3.69 -29.07
N PRO I 153 3.63 3.27 -30.30
CA PRO I 153 4.43 4.13 -31.17
C PRO I 153 3.62 5.36 -31.58
N GLN I 154 4.34 6.42 -31.95
CA GLN I 154 3.74 7.69 -32.37
C GLN I 154 2.69 7.51 -33.44
N GLY I 155 1.74 8.42 -33.48
CA GLY I 155 0.66 8.26 -34.45
C GLY I 155 -0.65 8.78 -33.90
N PRO I 156 -1.18 8.15 -32.83
CA PRO I 156 -2.48 8.63 -32.36
C PRO I 156 -2.44 9.86 -31.41
N TYR I 157 -1.24 10.36 -31.10
CA TYR I 157 -1.08 11.35 -30.06
C TYR I 157 -1.34 12.78 -30.50
N TYR I 158 -0.83 13.11 -31.69
CA TYR I 158 -0.98 14.46 -32.24
C TYR I 158 -2.44 14.94 -32.27
N CYS I 159 -2.74 16.02 -31.56
CA CYS I 159 -4.08 16.60 -31.46
C CYS I 159 -5.14 15.61 -31.04
N GLY I 160 -4.75 14.64 -30.23
CA GLY I 160 -5.64 13.55 -29.87
C GLY I 160 -6.51 13.87 -28.69
N ILE I 161 -7.47 12.97 -28.48
CA ILE I 161 -8.28 13.02 -27.30
C ILE I 161 -8.42 11.62 -26.73
N GLY I 162 -8.58 11.58 -25.41
CA GLY I 162 -8.85 10.36 -24.66
C GLY I 162 -7.79 10.06 -23.64
N ALA I 163 -8.12 9.25 -22.65
CA ALA I 163 -7.18 8.98 -21.57
C ALA I 163 -5.89 8.23 -21.94
N GLU I 164 -5.94 7.37 -22.96
CA GLU I 164 -4.75 6.60 -23.34
C GLU I 164 -3.88 7.32 -24.36
N LYS I 165 -4.37 8.46 -24.81
CA LYS I 165 -3.69 9.23 -25.82
C LYS I 165 -3.14 10.57 -25.31
N SER I 166 -3.85 11.20 -24.39
CA SER I 166 -3.63 12.60 -24.16
C SER I 166 -3.28 12.84 -22.71
N PHE I 167 -2.00 13.19 -22.48
CA PHE I 167 -1.51 13.34 -21.09
C PHE I 167 -1.31 14.76 -20.57
N GLY I 168 -2.15 15.20 -19.63
CA GLY I 168 -1.94 16.49 -18.97
C GLY I 168 -2.66 17.71 -19.52
N ARG I 169 -3.78 17.46 -20.22
CA ARG I 169 -4.56 18.55 -20.84
C ARG I 169 -4.90 19.59 -19.78
N ASP I 170 -5.22 19.09 -18.59
CA ASP I 170 -5.28 19.86 -17.40
C ASP I 170 -4.34 21.01 -17.42
N ILE I 171 -3.07 20.69 -17.49
CA ILE I 171 -2.05 21.67 -17.40
C ILE I 171 -2.20 22.63 -18.54
N VAL I 172 -2.30 22.07 -19.72
CA VAL I 172 -2.35 22.87 -20.88
C VAL I 172 -3.49 23.89 -20.90
N ASP I 173 -4.72 23.43 -20.73
CA ASP I 173 -5.90 24.34 -20.78
C ASP I 173 -5.83 25.41 -19.71
N ALA I 174 -5.20 25.07 -18.57
CA ALA I 174 -5.02 25.98 -17.45
C ALA I 174 -4.14 27.08 -17.94
N HIS I 175 -3.03 26.70 -18.52
CA HIS I 175 -2.09 27.65 -19.04
C HIS I 175 -2.68 28.59 -20.04
N TYR I 176 -3.34 28.01 -21.02
CA TYR I 176 -4.01 28.81 -22.01
C TYR I 176 -4.84 29.95 -21.38
N LYS I 177 -5.76 29.64 -20.46
CA LYS I 177 -6.57 30.74 -19.86
C LYS I 177 -5.68 31.67 -19.05
N ALA I 178 -4.77 31.11 -18.26
CA ALA I 178 -3.87 31.89 -17.46
C ALA I 178 -3.27 32.96 -18.31
N CYS I 179 -2.67 32.53 -19.40
CA CYS I 179 -2.03 33.43 -20.32
C CYS I 179 -2.96 34.50 -20.84
N LEU I 180 -4.09 34.09 -21.38
CA LEU I 180 -5.06 35.07 -21.84
C LEU I 180 -5.37 36.13 -20.76
N TYR I 181 -5.60 35.65 -19.53
CA TYR I 181 -6.02 36.50 -18.44
C TYR I 181 -4.93 37.51 -18.19
N ALA I 182 -3.69 37.02 -18.24
CA ALA I 182 -2.50 37.80 -17.92
C ALA I 182 -2.29 38.91 -18.91
N GLY I 183 -2.75 38.67 -20.13
CA GLY I 183 -2.60 39.61 -21.24
C GLY I 183 -1.53 39.20 -22.27
N ILE I 184 -1.09 37.96 -22.23
CA ILE I 184 -0.20 37.43 -23.26
C ILE I 184 -1.04 37.22 -24.50
N ASN I 185 -0.48 37.62 -25.63
CA ASN I 185 -1.15 37.32 -26.88
C ASN I 185 -0.88 35.83 -27.29
N ILE I 186 -1.72 34.95 -26.77
CA ILE I 186 -1.51 33.54 -27.01
C ILE I 186 -2.51 33.14 -28.04
N SER I 187 -2.02 32.54 -29.12
CA SER I 187 -2.86 32.37 -30.30
C SER I 187 -3.56 31.02 -30.35
N GLY I 188 -2.98 30.07 -29.62
CA GLY I 188 -3.54 28.74 -29.69
C GLY I 188 -2.60 27.69 -29.15
N ILE I 189 -3.14 26.47 -29.01
CA ILE I 189 -2.48 25.35 -28.37
C ILE I 189 -2.77 24.11 -29.17
N ASN I 190 -2.02 23.05 -28.91
CA ASN I 190 -2.32 21.73 -29.49
C ASN I 190 -1.50 20.62 -28.86
N GLY I 191 -2.07 19.39 -28.82
CA GLY I 191 -1.29 18.21 -28.41
C GLY I 191 -0.26 17.90 -29.51
N GLU I 192 1.00 17.65 -29.16
CA GLU I 192 1.96 17.32 -30.21
C GLU I 192 2.18 15.84 -30.44
N VAL I 193 3.13 15.51 -31.29
CA VAL I 193 3.31 14.16 -31.80
C VAL I 193 3.77 13.05 -30.83
N MET I 194 4.73 13.38 -29.96
CA MET I 194 5.20 12.47 -28.94
C MET I 194 4.30 12.55 -27.72
N PRO I 195 3.83 11.39 -27.21
CA PRO I 195 2.86 11.40 -26.14
C PRO I 195 3.44 12.13 -24.98
N GLY I 196 2.71 13.10 -24.47
CA GLY I 196 3.25 13.93 -23.39
C GLY I 196 3.91 15.25 -23.78
N GLN I 197 3.91 15.54 -25.08
CA GLN I 197 4.51 16.75 -25.60
C GLN I 197 3.39 17.67 -26.07
N TRP I 198 3.52 18.96 -25.73
CA TRP I 198 2.50 19.95 -26.05
C TRP I 198 3.08 21.21 -26.70
N GLU I 199 2.20 22.11 -27.05
CA GLU I 199 2.59 23.28 -27.75
C GLU I 199 1.60 24.38 -27.44
N PHE I 200 2.13 25.58 -27.31
CA PHE I 200 1.35 26.79 -27.38
C PHE I 200 2.03 27.80 -28.34
N GLN I 201 1.25 28.69 -28.93
CA GLN I 201 1.77 29.70 -29.80
C GLN I 201 1.55 31.08 -29.18
N VAL I 202 2.61 31.87 -29.13
CA VAL I 202 2.46 33.30 -28.80
C VAL I 202 2.35 34.05 -30.11
N GLY I 203 1.08 34.38 -30.40
CA GLY I 203 0.53 34.89 -31.67
C GLY I 203 1.21 36.17 -32.15
N PRO I 204 0.67 36.81 -33.20
CA PRO I 204 1.55 37.80 -33.86
C PRO I 204 1.89 39.01 -32.95
N SER I 205 3.13 39.04 -32.47
CA SER I 205 3.59 40.07 -31.55
C SER I 205 4.77 40.82 -32.13
N VAL I 206 4.79 42.13 -31.91
CA VAL I 206 5.75 43.02 -32.57
C VAL I 206 7.09 43.08 -31.83
N GLY I 207 8.17 42.81 -32.53
CA GLY I 207 9.50 43.08 -32.02
C GLY I 207 9.82 42.66 -30.60
N ILE I 208 10.20 43.64 -29.78
CA ILE I 208 10.70 43.27 -28.47
C ILE I 208 9.66 42.54 -27.65
N SER I 209 8.39 42.93 -27.74
CA SER I 209 7.34 42.35 -26.90
C SER I 209 7.10 40.84 -27.16
N SER I 210 7.52 40.34 -28.32
CA SER I 210 7.43 38.91 -28.57
C SER I 210 8.30 38.21 -27.54
N GLY I 211 9.59 38.53 -27.52
CA GLY I 211 10.51 38.01 -26.49
C GLY I 211 9.98 38.09 -25.05
N ASP I 212 9.47 39.25 -24.68
CA ASP I 212 8.89 39.43 -23.37
C ASP I 212 7.75 38.47 -23.09
N GLN I 213 6.82 38.36 -24.03
CA GLN I 213 5.69 37.49 -23.85
C GLN I 213 6.01 36.00 -23.83
N VAL I 214 6.91 35.56 -24.68
CA VAL I 214 7.33 34.17 -24.59
C VAL I 214 7.95 33.86 -23.23
N TRP I 215 8.88 34.67 -22.74
CA TRP I 215 9.42 34.37 -21.42
C TRP I 215 8.36 34.30 -20.33
N VAL I 216 7.48 35.29 -20.27
CA VAL I 216 6.41 35.30 -19.25
C VAL I 216 5.45 34.10 -19.41
N ALA I 217 5.17 33.72 -20.65
CA ALA I 217 4.39 32.53 -20.89
C ALA I 217 5.09 31.30 -20.32
N ARG I 218 6.40 31.21 -20.52
CA ARG I 218 7.14 30.08 -19.98
C ARG I 218 7.09 30.10 -18.47
N TYR I 219 7.22 31.29 -17.89
CA TYR I 219 7.13 31.43 -16.44
C TYR I 219 5.78 30.89 -15.96
N ILE I 220 4.70 31.31 -16.60
CA ILE I 220 3.39 30.80 -16.24
C ILE I 220 3.28 29.28 -16.39
N LEU I 221 3.84 28.73 -17.46
CA LEU I 221 3.81 27.28 -17.67
C LEU I 221 4.48 26.56 -16.55
N GLU I 222 5.70 26.92 -16.23
CA GLU I 222 6.38 26.19 -15.22
C GLU I 222 5.74 26.34 -13.85
N ARG I 223 5.16 27.52 -13.55
CA ARG I 223 4.47 27.68 -12.26
C ARG I 223 3.28 26.73 -12.19
N ILE I 224 2.61 26.52 -13.31
CA ILE I 224 1.46 25.70 -13.33
C ILE I 224 1.92 24.28 -13.13
N THR I 225 2.90 23.83 -13.86
CA THR I 225 3.39 22.47 -13.69
C THR I 225 3.83 22.25 -12.28
N GLU I 226 4.47 23.26 -11.70
CA GLU I 226 4.82 23.20 -10.27
C GLU I 226 3.59 22.84 -9.42
N ILE I 227 2.45 23.49 -9.67
CA ILE I 227 1.26 23.23 -8.89
C ILE I 227 0.90 21.81 -9.06
N ALA I 228 1.03 21.32 -10.28
CA ALA I 228 0.59 19.96 -10.65
C ALA I 228 1.45 18.84 -10.11
N GLY I 229 2.63 19.21 -9.66
CA GLY I 229 3.59 18.22 -9.21
C GLY I 229 4.20 17.51 -10.42
N VAL I 230 4.39 18.28 -11.48
CA VAL I 230 4.98 17.76 -12.72
C VAL I 230 6.14 18.64 -13.21
N VAL I 231 7.09 18.06 -13.97
CA VAL I 231 8.26 18.80 -14.40
C VAL I 231 8.19 19.04 -15.86
N VAL I 232 8.63 20.23 -16.32
CA VAL I 232 8.80 20.57 -17.77
C VAL I 232 10.25 20.57 -18.23
N THR I 233 10.57 20.05 -19.43
CA THR I 233 11.86 20.33 -20.09
C THR I 233 11.63 20.98 -21.42
N PHE I 234 12.52 21.91 -21.69
CA PHE I 234 12.57 22.53 -22.99
C PHE I 234 13.70 21.92 -23.76
N ASP I 235 14.27 20.83 -23.23
CA ASP I 235 15.30 20.12 -23.96
C ASP I 235 14.71 19.69 -25.32
N PRO I 236 15.44 20.00 -26.41
CA PRO I 236 14.97 19.81 -27.77
C PRO I 236 14.80 18.34 -28.14
N LYS I 237 15.48 17.43 -27.46
CA LYS I 237 15.31 16.01 -27.72
C LYS I 237 15.43 15.19 -26.44
N PRO I 238 14.33 15.11 -25.68
CA PRO I 238 14.35 14.56 -24.33
C PRO I 238 14.45 13.05 -24.33
N ILE I 239 13.90 12.40 -25.33
CA ILE I 239 14.02 10.99 -25.35
C ILE I 239 14.68 10.66 -26.64
N PRO I 240 15.76 9.82 -26.57
CA PRO I 240 16.46 9.31 -27.77
C PRO I 240 15.64 8.27 -28.55
N GLY I 241 15.85 8.22 -29.89
CA GLY I 241 15.22 7.21 -30.74
C GLY I 241 14.03 7.71 -31.54
N ASP I 242 13.06 6.80 -31.78
CA ASP I 242 11.89 7.05 -32.65
C ASP I 242 10.74 7.85 -31.94
N TRP I 243 11.08 9.10 -31.54
CA TRP I 243 10.22 10.02 -30.78
C TRP I 243 10.56 11.44 -31.11
N ASN I 244 9.55 12.24 -31.43
CA ASN I 244 9.80 13.63 -31.78
C ASN I 244 10.65 14.47 -30.82
N GLY I 245 11.41 15.40 -31.41
CA GLY I 245 12.10 16.41 -30.65
C GLY I 245 11.17 17.58 -30.47
N ALA I 246 11.67 18.65 -29.86
CA ALA I 246 10.84 19.79 -29.59
C ALA I 246 11.54 21.03 -30.06
N GLY I 247 10.79 21.85 -30.78
CA GLY I 247 11.31 23.10 -31.22
C GLY I 247 10.48 24.32 -30.89
N ALA I 248 11.03 25.44 -31.32
CA ALA I 248 10.44 26.72 -31.13
C ALA I 248 10.32 27.40 -32.45
N HIS I 249 9.46 26.87 -33.32
CA HIS I 249 9.30 27.47 -34.65
C HIS I 249 9.02 28.99 -34.55
N THR I 250 9.78 29.76 -35.33
CA THR I 250 9.50 31.18 -35.42
C THR I 250 8.87 31.56 -36.75
N ASN I 251 7.64 32.01 -36.66
CA ASN I 251 6.99 32.58 -37.80
C ASN I 251 7.27 34.06 -37.77
N TYR I 252 7.43 34.60 -38.98
CA TYR I 252 7.96 35.95 -39.22
C TYR I 252 7.33 36.62 -40.40
N SER I 253 7.08 37.91 -40.24
CA SER I 253 6.66 38.76 -41.34
C SER I 253 7.06 40.22 -41.07
N THR I 254 7.38 40.94 -42.15
CA THR I 254 7.58 42.39 -42.14
C THR I 254 6.43 43.08 -42.84
N GLU I 255 6.27 44.37 -42.54
CA GLU I 255 5.28 45.20 -43.23
C GLU I 255 5.23 44.83 -44.73
N SER I 256 6.39 44.93 -45.38
CA SER I 256 6.47 44.70 -46.80
C SER I 256 6.16 43.23 -47.20
N MET I 257 6.26 42.30 -46.26
CA MET I 257 5.93 40.92 -46.57
C MET I 257 4.44 40.65 -46.64
N ARG I 258 3.66 41.36 -45.83
CA ARG I 258 2.19 41.10 -45.72
C ARG I 258 1.31 42.01 -46.62
N LYS I 259 2.00 42.87 -47.38
CA LYS I 259 1.39 43.77 -48.41
C LYS I 259 1.51 43.14 -49.81
N GLU I 260 0.88 43.77 -50.81
CA GLU I 260 0.90 43.23 -52.17
C GLU I 260 2.28 42.82 -52.67
N GLY I 261 2.31 41.61 -53.27
CA GLY I 261 3.55 40.96 -53.74
C GLY I 261 4.67 40.87 -52.70
N GLY I 262 4.29 40.54 -51.47
CA GLY I 262 5.26 40.33 -50.41
C GLY I 262 6.02 39.04 -50.58
N TYR I 263 5.42 38.09 -51.30
CA TYR I 263 6.03 36.78 -51.50
C TYR I 263 7.42 36.87 -52.08
N GLU I 264 7.64 37.88 -52.92
CA GLU I 264 8.98 38.17 -53.47
C GLU I 264 9.96 38.55 -52.37
N VAL I 265 9.51 39.38 -51.43
CA VAL I 265 10.34 39.84 -50.29
C VAL I 265 10.68 38.64 -49.41
N ILE I 266 9.71 37.75 -49.30
CA ILE I 266 9.85 36.51 -48.56
C ILE I 266 10.97 35.65 -49.13
N LYS I 267 10.89 35.36 -50.42
CA LYS I 267 11.94 34.57 -51.04
C LYS I 267 13.29 35.22 -50.81
N ALA I 268 13.36 36.55 -50.90
CA ALA I 268 14.64 37.24 -50.79
C ALA I 268 15.18 37.15 -49.38
N ALA I 269 14.26 37.19 -48.41
CA ALA I 269 14.61 37.02 -47.00
C ALA I 269 15.15 35.59 -46.74
N ILE I 270 14.42 34.59 -47.23
CA ILE I 270 14.85 33.22 -47.12
C ILE I 270 16.29 33.09 -47.63
N GLU I 271 16.54 33.67 -48.79
CA GLU I 271 17.84 33.68 -49.44
C GLU I 271 18.96 34.17 -48.52
N LYS I 272 18.70 35.29 -47.84
CA LYS I 272 19.67 35.88 -46.93
C LYS I 272 19.91 34.92 -45.76
N LEU I 273 18.83 34.26 -45.35
CA LEU I 273 18.88 33.30 -44.25
C LEU I 273 19.72 32.10 -44.59
N LYS I 274 19.64 31.65 -45.86
CA LYS I 274 20.45 30.53 -46.35
C LYS I 274 21.92 30.82 -46.18
N LEU I 275 22.29 32.09 -46.31
CA LEU I 275 23.69 32.47 -46.31
C LEU I 275 24.22 32.54 -44.90
N ARG I 276 23.33 32.80 -43.95
CA ARG I 276 23.72 32.92 -42.54
C ARG I 276 23.20 31.78 -41.67
N HIS I 277 22.95 30.64 -42.29
CA HIS I 277 22.51 29.45 -41.59
C HIS I 277 23.51 29.10 -40.52
N LYS I 278 24.76 28.88 -40.90
CA LYS I 278 25.82 28.49 -39.96
C LYS I 278 25.79 29.25 -38.61
N GLU I 279 25.64 30.58 -38.68
CA GLU I 279 25.74 31.47 -37.51
C GLU I 279 24.41 31.59 -36.79
N HIS I 280 23.32 31.32 -37.50
CA HIS I 280 22.01 31.17 -36.87
C HIS I 280 21.96 29.91 -36.01
N ILE I 281 22.33 28.78 -36.59
CA ILE I 281 22.41 27.52 -35.85
C ILE I 281 23.11 27.68 -34.50
N ALA I 282 24.25 28.36 -34.50
CA ALA I 282 25.06 28.56 -33.30
C ALA I 282 24.34 29.27 -32.11
N ALA I 283 23.31 30.05 -32.41
CA ALA I 283 22.57 30.74 -31.37
C ALA I 283 21.13 30.23 -31.26
N TYR I 284 20.83 29.17 -31.99
CA TYR I 284 19.47 28.62 -32.04
C TYR I 284 19.19 27.59 -30.96
N GLY I 285 19.99 27.66 -29.89
CA GLY I 285 19.81 26.82 -28.71
C GLY I 285 20.68 25.58 -28.71
N GLU I 286 21.13 25.19 -27.53
CA GLU I 286 22.07 24.08 -27.39
C GLU I 286 21.39 22.72 -27.25
N GLY I 287 22.08 21.72 -27.80
CA GLY I 287 21.56 20.38 -27.93
C GLY I 287 20.88 20.19 -29.28
N ASN I 288 20.82 21.24 -30.10
CA ASN I 288 20.03 21.18 -31.32
C ASN I 288 20.49 20.06 -32.26
N GLU I 289 21.77 19.70 -32.16
CA GLU I 289 22.32 18.63 -32.95
C GLU I 289 21.52 17.33 -32.77
N ARG I 290 20.97 17.11 -31.57
CA ARG I 290 20.29 15.87 -31.24
C ARG I 290 18.88 15.85 -31.82
N ARG I 291 18.33 17.03 -32.11
CA ARG I 291 16.98 17.17 -32.69
C ARG I 291 16.99 17.14 -34.21
N LEU I 292 17.73 18.10 -34.81
CA LEU I 292 17.76 18.34 -36.27
C LEU I 292 18.53 17.23 -37.02
N THR I 293 17.79 16.21 -37.42
CA THR I 293 18.41 15.03 -37.97
C THR I 293 17.93 14.78 -39.40
N GLY I 294 16.86 15.46 -39.80
CA GLY I 294 16.28 15.21 -41.12
C GLY I 294 15.07 14.29 -41.03
N ARG I 295 14.97 13.56 -39.90
CA ARG I 295 13.79 12.74 -39.57
C ARG I 295 12.95 13.44 -38.52
N HIS I 296 11.74 12.93 -38.30
CA HIS I 296 10.82 13.47 -37.27
C HIS I 296 10.50 14.95 -37.50
N GLU I 297 10.25 15.30 -38.76
CA GLU I 297 9.78 16.65 -39.14
C GLU I 297 10.81 17.78 -38.90
N THR I 298 12.09 17.45 -39.09
CA THR I 298 13.15 18.46 -38.98
C THR I 298 13.94 18.44 -40.29
N ALA I 299 14.77 19.45 -40.49
CA ALA I 299 15.78 19.34 -41.57
C ALA I 299 17.13 19.15 -40.92
N ASP I 300 18.01 18.40 -41.60
CA ASP I 300 19.39 18.18 -41.11
C ASP I 300 20.09 19.52 -40.77
N ILE I 301 20.85 19.53 -39.67
CA ILE I 301 21.52 20.76 -39.19
C ILE I 301 22.44 21.33 -40.26
N ASN I 302 23.07 20.42 -41.00
CA ASN I 302 24.14 20.79 -41.95
C ASN I 302 23.65 21.38 -43.28
N THR I 303 22.51 20.92 -43.77
CA THR I 303 21.93 21.53 -44.97
C THR I 303 20.98 22.66 -44.57
N PHE I 304 20.75 23.59 -45.50
CA PHE I 304 19.61 24.51 -45.36
C PHE I 304 18.63 24.21 -46.47
N SER I 305 17.33 24.20 -46.19
CA SER I 305 16.38 23.99 -47.27
C SER I 305 15.09 24.75 -47.03
N TRP I 306 14.34 25.00 -48.10
CA TRP I 306 12.98 25.51 -47.94
C TRP I 306 12.06 24.93 -49.00
N GLY I 307 10.76 25.06 -48.76
CA GLY I 307 9.71 24.50 -49.62
C GLY I 307 8.33 24.97 -49.18
N VAL I 308 7.30 24.50 -49.85
CA VAL I 308 5.99 25.07 -49.57
C VAL I 308 5.25 24.44 -48.35
N ALA I 309 4.69 23.25 -48.50
CA ALA I 309 4.02 22.69 -47.35
C ALA I 309 4.96 21.67 -46.69
N ASN I 310 6.26 21.94 -46.77
CA ASN I 310 7.26 20.94 -46.43
C ASN I 310 7.77 20.99 -45.01
N ARG I 311 7.24 20.09 -44.17
CA ARG I 311 7.69 19.99 -42.76
C ARG I 311 9.05 19.31 -42.63
N GLY I 312 9.60 18.80 -43.74
CA GLY I 312 10.99 18.30 -43.79
C GLY I 312 12.06 19.35 -44.13
N ALA I 313 11.66 20.61 -44.31
CA ALA I 313 12.57 21.71 -44.71
C ALA I 313 12.98 22.64 -43.56
N SER I 314 14.03 23.42 -43.78
CA SER I 314 14.53 24.33 -42.75
C SER I 314 13.60 25.52 -42.56
N VAL I 315 13.03 25.99 -43.66
CA VAL I 315 11.97 27.01 -43.60
C VAL I 315 10.77 26.49 -44.38
N ARG I 316 9.57 26.86 -43.93
CA ARG I 316 8.35 26.44 -44.60
C ARG I 316 7.48 27.64 -44.87
N VAL I 317 6.89 27.69 -46.05
CA VAL I 317 5.96 28.76 -46.37
C VAL I 317 4.54 28.19 -46.53
N GLY I 318 3.59 28.65 -45.71
CA GLY I 318 2.19 28.22 -45.79
C GLY I 318 1.59 28.20 -47.21
N ARG I 319 0.79 27.17 -47.49
CA ARG I 319 -0.04 27.14 -48.71
C ARG I 319 -0.80 28.45 -48.87
N GLU I 320 -1.43 28.89 -47.78
CA GLU I 320 -2.21 30.14 -47.73
C GLU I 320 -1.44 31.42 -48.20
N THR I 321 -0.25 31.65 -47.65
CA THR I 321 0.54 32.79 -48.08
C THR I 321 1.15 32.61 -49.49
N GLU I 322 1.33 31.38 -49.97
CA GLU I 322 1.78 31.17 -51.36
C GLU I 322 0.67 31.57 -52.31
N GLN I 323 -0.53 31.07 -52.04
CA GLN I 323 -1.70 31.27 -52.88
C GLN I 323 -2.15 32.74 -52.87
N ASN I 324 -1.76 33.50 -51.83
CA ASN I 324 -2.12 34.93 -51.70
C ASN I 324 -1.01 35.89 -52.09
N GLY I 325 0.13 35.34 -52.50
CA GLY I 325 1.33 36.12 -52.87
C GLY I 325 1.86 37.01 -51.75
N LYS I 326 1.28 36.83 -50.56
CA LYS I 326 1.64 37.60 -49.34
C LYS I 326 1.34 36.85 -48.01
N GLY I 327 2.31 36.89 -47.10
CA GLY I 327 2.11 36.41 -45.74
C GLY I 327 3.37 36.38 -44.87
N TYR I 328 3.74 35.16 -44.47
CA TYR I 328 4.81 34.94 -43.50
C TYR I 328 5.41 33.58 -43.74
N PHE I 329 6.61 33.40 -43.26
CA PHE I 329 7.24 32.12 -43.34
C PHE I 329 7.67 31.65 -41.96
N GLU I 330 7.94 30.36 -41.85
CA GLU I 330 8.18 29.67 -40.58
C GLU I 330 9.63 29.17 -40.57
N ASP I 331 10.46 29.74 -39.69
CA ASP I 331 11.82 29.21 -39.50
C ASP I 331 11.73 28.08 -38.51
N ARG I 332 11.89 26.85 -39.01
CA ARG I 332 11.70 25.68 -38.15
C ARG I 332 12.97 25.26 -37.44
N ARG I 333 14.01 26.08 -37.54
CA ARG I 333 15.32 25.69 -37.03
C ARG I 333 15.55 25.85 -35.51
N PRO I 334 14.93 26.85 -34.87
CA PRO I 334 15.25 27.07 -33.46
C PRO I 334 14.75 25.97 -32.54
N ALA I 335 15.55 25.58 -31.57
CA ALA I 335 15.09 24.58 -30.58
C ALA I 335 14.14 25.15 -29.54
N SER I 336 13.43 24.27 -28.85
CA SER I 336 12.53 24.68 -27.81
C SER I 336 13.19 25.45 -26.66
N ASN I 337 14.51 25.33 -26.49
CA ASN I 337 15.25 26.02 -25.43
C ASN I 337 15.95 27.29 -25.91
N MET I 338 15.55 27.74 -27.07
CA MET I 338 15.94 29.00 -27.67
C MET I 338 15.64 30.18 -26.77
N ASP I 339 16.52 31.16 -26.74
CA ASP I 339 16.15 32.40 -26.08
C ASP I 339 15.47 33.22 -27.13
N PRO I 340 14.20 33.54 -26.95
CA PRO I 340 13.49 34.24 -28.02
C PRO I 340 14.08 35.63 -28.32
N TYR I 341 14.62 36.30 -27.31
CA TYR I 341 15.26 37.58 -27.54
C TYR I 341 16.31 37.44 -28.64
N VAL I 342 17.19 36.46 -28.50
CA VAL I 342 18.25 36.21 -29.46
C VAL I 342 17.73 35.84 -30.83
N VAL I 343 16.82 34.87 -30.92
CA VAL I 343 16.36 34.38 -32.21
C VAL I 343 15.53 35.45 -32.89
N THR I 344 14.76 36.16 -32.10
CA THR I 344 13.80 37.04 -32.68
C THR I 344 14.47 38.24 -33.36
N SER I 345 15.50 38.78 -32.74
CA SER I 345 16.17 39.95 -33.25
C SER I 345 17.15 39.55 -34.31
N MET I 346 17.89 38.48 -34.08
CA MET I 346 18.80 37.95 -35.09
C MET I 346 18.11 37.72 -36.44
N ILE I 347 16.86 37.26 -36.45
CA ILE I 347 16.10 37.14 -37.70
C ILE I 347 15.87 38.52 -38.33
N ALA I 348 15.45 39.51 -37.55
CA ALA I 348 15.28 40.86 -38.08
C ALA I 348 16.60 41.38 -38.67
N GLU I 349 17.70 41.13 -37.97
CA GLU I 349 18.98 41.66 -38.37
C GLU I 349 19.43 41.06 -39.67
N THR I 350 19.37 39.75 -39.78
CA THR I 350 19.80 39.08 -40.99
C THR I 350 18.85 39.37 -42.13
N THR I 351 17.68 39.91 -41.82
CA THR I 351 16.63 40.02 -42.81
C THR I 351 16.40 41.44 -43.30
N ILE I 352 16.72 42.41 -42.46
CA ILE I 352 16.59 43.81 -42.82
C ILE I 352 17.96 44.48 -42.93
N VAL I 353 18.66 44.64 -41.80
CA VAL I 353 19.95 45.39 -41.76
C VAL I 353 21.05 44.91 -42.71
N TRP I 354 21.43 43.64 -42.57
CA TRP I 354 22.56 43.05 -43.29
C TRP I 354 22.29 42.90 -44.81
N LYS I 355 23.36 43.08 -45.61
CA LYS I 355 23.34 42.92 -47.13
C LYS I 355 24.50 42.14 -47.83
N CYS J 3 -19.70 19.11 4.80
CA CYS J 3 -18.79 18.58 5.89
C CYS J 3 -17.93 19.62 6.69
N LEU J 4 -16.61 19.42 6.75
CA LEU J 4 -15.83 20.07 7.81
C LEU J 4 -15.45 21.53 7.54
N THR J 5 -15.11 21.83 6.30
CA THR J 5 -14.80 23.19 5.95
C THR J 5 -16.04 24.09 5.83
N ASP J 6 -17.24 23.52 5.70
CA ASP J 6 -18.47 24.31 5.75
C ASP J 6 -18.70 24.92 7.11
N LEU J 7 -18.32 24.17 8.16
CA LEU J 7 -18.45 24.60 9.54
C LEU J 7 -17.36 25.57 9.90
N VAL J 8 -16.11 25.27 9.53
CA VAL J 8 -14.99 26.16 9.88
C VAL J 8 -15.14 27.54 9.22
N ASN J 9 -15.85 27.57 8.10
CA ASN J 9 -15.99 28.79 7.36
C ASN J 9 -17.35 29.46 7.47
N LEU J 10 -18.16 28.99 8.42
CA LEU J 10 -19.44 29.62 8.70
C LEU J 10 -19.27 31.12 8.84
N ASN J 11 -20.12 31.88 8.16
CA ASN J 11 -20.19 33.34 8.38
C ASN J 11 -21.08 33.67 9.61
N LEU J 12 -20.47 34.20 10.67
CA LEU J 12 -21.19 34.44 11.90
C LEU J 12 -22.06 35.70 11.85
N SER J 13 -21.59 36.70 11.10
CA SER J 13 -22.28 37.99 10.84
C SER J 13 -23.79 37.91 10.60
N ASP J 14 -24.22 36.81 9.97
CA ASP J 14 -25.62 36.54 9.61
C ASP J 14 -26.47 36.17 10.82
N THR J 15 -25.83 35.98 11.98
CA THR J 15 -26.52 35.39 13.11
C THR J 15 -26.27 36.06 14.44
N THR J 16 -25.04 36.54 14.69
CA THR J 16 -24.79 37.47 15.81
C THR J 16 -23.76 38.58 15.56
N GLU J 17 -23.76 39.49 16.53
CA GLU J 17 -22.82 40.56 16.58
C GLU J 17 -21.55 40.06 17.24
N LYS J 18 -21.61 38.90 17.90
CA LYS J 18 -20.49 38.39 18.72
C LYS J 18 -19.20 38.15 17.92
N ILE J 19 -18.07 38.20 18.63
CA ILE J 19 -16.72 38.19 18.03
C ILE J 19 -15.86 37.13 18.68
N ILE J 20 -14.91 36.61 17.93
CA ILE J 20 -13.93 35.75 18.53
C ILE J 20 -12.54 36.34 18.49
N ALA J 21 -11.95 36.47 19.67
CA ALA J 21 -10.62 36.99 19.82
C ALA J 21 -9.66 35.90 20.29
N GLU J 22 -8.55 35.77 19.57
CA GLU J 22 -7.52 34.79 19.83
C GLU J 22 -6.34 35.48 20.46
N TYR J 23 -6.14 35.31 21.77
CA TYR J 23 -5.07 35.98 22.49
C TYR J 23 -3.82 35.20 22.31
N ILE J 24 -2.81 35.86 21.79
CA ILE J 24 -1.54 35.21 21.53
C ILE J 24 -0.51 35.68 22.51
N TRP J 25 0.33 34.78 23.03
CA TRP J 25 1.46 35.22 23.86
C TRP J 25 2.70 34.39 23.69
N ILE J 26 3.78 34.75 24.37
CA ILE J 26 5.02 34.01 24.20
C ILE J 26 5.35 33.26 25.45
N GLY J 27 5.72 32.00 25.28
CA GLY J 27 5.77 31.06 26.41
C GLY J 27 7.06 30.98 27.15
N GLY J 28 7.18 30.00 28.04
CA GLY J 28 8.32 29.84 28.91
C GLY J 28 9.72 29.77 28.31
N SER J 29 9.81 29.28 27.10
CA SER J 29 11.12 29.18 26.49
C SER J 29 11.56 30.45 25.76
N GLY J 30 10.66 31.43 25.64
CA GLY J 30 10.95 32.67 24.89
C GLY J 30 10.93 32.52 23.37
N MET J 31 10.60 31.29 22.93
CA MET J 31 10.51 30.91 21.52
C MET J 31 9.21 30.17 21.12
N ASP J 32 8.35 29.91 22.08
CA ASP J 32 7.11 29.21 21.81
C ASP J 32 5.86 30.06 21.84
N LEU J 33 5.16 30.18 20.74
CA LEU J 33 3.92 30.92 20.74
C LEU J 33 2.79 30.09 21.30
N ARG J 34 1.87 30.72 22.05
CA ARG J 34 0.69 30.07 22.61
C ARG J 34 -0.48 30.97 22.42
N SER J 35 -1.64 30.36 22.25
CA SER J 35 -2.88 31.12 22.08
C SER J 35 -4.11 30.38 22.60
N LYS J 36 -5.08 31.15 23.09
CA LYS J 36 -6.43 30.66 23.30
C LYS J 36 -7.45 31.69 22.88
N ALA J 37 -8.71 31.28 22.73
CA ALA J 37 -9.77 32.17 22.22
C ALA J 37 -10.94 32.41 23.16
N ARG J 38 -11.49 33.62 23.09
CA ARG J 38 -12.67 33.98 23.84
C ARG J 38 -13.66 34.73 22.97
N THR J 39 -14.93 34.67 23.38
CA THR J 39 -16.01 35.39 22.74
C THR J 39 -16.16 36.76 23.38
N LEU J 40 -16.34 37.77 22.55
CA LEU J 40 -16.54 39.14 23.01
C LEU J 40 -17.83 39.65 22.42
N PRO J 41 -18.49 40.60 23.14
CA PRO J 41 -19.90 40.89 22.76
C PRO J 41 -20.12 41.66 21.47
N GLY J 42 -19.11 42.43 21.05
CA GLY J 42 -19.18 43.16 19.76
C GLY J 42 -17.81 43.46 19.22
N PRO J 43 -17.73 43.98 17.98
CA PRO J 43 -16.47 44.30 17.32
C PRO J 43 -15.66 45.19 18.19
N VAL J 44 -14.34 45.06 18.14
CA VAL J 44 -13.49 46.01 18.84
C VAL J 44 -12.32 46.45 17.95
N THR J 45 -11.95 47.76 17.94
CA THR J 45 -10.81 48.21 17.11
C THR J 45 -9.66 48.78 17.91
N ASP J 46 -9.91 49.07 19.17
CA ASP J 46 -8.84 49.62 19.97
C ASP J 46 -8.40 48.68 21.08
N PRO J 47 -7.12 48.34 21.11
CA PRO J 47 -6.48 47.46 22.12
C PRO J 47 -6.86 47.73 23.56
N SER J 48 -6.94 48.99 23.93
CA SER J 48 -7.28 49.36 25.34
C SER J 48 -8.77 49.13 25.72
N LYS J 49 -9.58 48.78 24.73
CA LYS J 49 -10.97 48.49 24.96
C LYS J 49 -11.23 46.97 25.10
N LEU J 50 -10.17 46.19 25.00
CA LEU J 50 -10.22 44.72 25.18
C LEU J 50 -9.93 44.44 26.61
N PRO J 51 -10.68 43.54 27.24
CA PRO J 51 -10.39 43.16 28.62
C PRO J 51 -9.09 42.40 28.69
N LYS J 52 -8.40 42.53 29.83
CA LYS J 52 -7.20 41.78 30.11
C LYS J 52 -7.65 40.35 30.41
N TRP J 53 -6.70 39.44 30.45
CA TRP J 53 -7.03 38.03 30.63
C TRP J 53 -5.87 37.33 31.35
N ASN J 54 -6.05 36.06 31.66
CA ASN J 54 -5.01 35.26 32.25
C ASN J 54 -4.99 33.85 31.67
N TYR J 55 -3.93 33.10 31.97
CA TYR J 55 -3.81 31.70 31.53
C TYR J 55 -3.01 30.92 32.52
N ASP J 56 -2.94 29.62 32.35
CA ASP J 56 -2.25 28.79 33.30
C ASP J 56 -0.78 28.77 33.02
N GLY J 57 -0.05 29.70 33.62
CA GLY J 57 1.43 29.76 33.54
C GLY J 57 2.13 28.51 34.00
N SER J 58 1.50 27.75 34.86
CA SER J 58 2.13 26.54 35.32
C SER J 58 2.27 25.56 34.19
N SER J 59 1.48 25.72 33.13
CA SER J 59 1.57 24.82 31.98
C SER J 59 2.41 25.32 30.78
N THR J 60 3.04 26.49 30.93
CA THR J 60 3.89 27.06 29.90
C THR J 60 5.25 27.37 30.45
N GLY J 61 5.54 26.84 31.64
CA GLY J 61 6.81 27.07 32.39
C GLY J 61 7.12 28.49 32.83
N GLN J 62 6.09 29.20 33.28
CA GLN J 62 6.19 30.62 33.62
C GLN J 62 5.71 30.96 35.05
N ALA J 63 5.07 29.97 35.69
CA ALA J 63 4.51 30.10 37.07
C ALA J 63 4.45 28.75 37.77
N PRO J 64 4.44 28.76 39.09
CA PRO J 64 4.16 27.53 39.85
C PRO J 64 2.69 27.15 39.91
N GLY J 65 2.42 25.88 40.25
CA GLY J 65 1.07 25.32 40.32
C GLY J 65 0.16 26.00 41.33
N GLU J 66 0.75 26.39 42.46
CA GLU J 66 -0.01 26.98 43.58
C GLU J 66 -0.24 28.47 43.42
N ASP J 67 0.55 29.08 42.55
CA ASP J 67 0.38 30.50 42.18
C ASP J 67 0.38 30.62 40.65
N SER J 68 -0.56 29.92 40.01
CA SER J 68 -0.50 29.66 38.60
C SER J 68 -0.93 30.78 37.66
N GLU J 69 -1.67 31.77 38.13
CA GLU J 69 -2.21 32.78 37.21
C GLU J 69 -1.16 33.78 36.70
N VAL J 70 -1.16 34.03 35.38
CA VAL J 70 -0.32 35.02 34.68
C VAL J 70 -1.21 35.87 33.79
N ILE J 71 -0.90 37.14 33.71
CA ILE J 71 -1.85 38.08 33.14
C ILE J 71 -1.48 38.51 31.75
N LEU J 72 -2.49 38.67 30.90
CA LEU J 72 -2.29 39.05 29.52
C LEU J 72 -2.77 40.45 29.24
N TYR J 73 -1.89 41.31 28.72
CA TYR J 73 -2.24 42.66 28.35
C TYR J 73 -2.35 42.73 26.87
N PRO J 74 -3.53 43.03 26.36
CA PRO J 74 -3.66 43.20 24.93
C PRO J 74 -2.81 44.37 24.48
N GLN J 75 -2.03 44.22 23.39
CA GLN J 75 -1.22 45.33 22.90
C GLN J 75 -1.45 45.70 21.44
N ALA J 76 -1.78 44.72 20.60
CA ALA J 76 -2.06 44.98 19.19
C ALA J 76 -3.14 44.06 18.62
N ILE J 77 -4.00 44.65 17.79
CA ILE J 77 -5.07 43.91 17.17
C ILE J 77 -4.76 43.73 15.69
N PHE J 78 -5.06 42.53 15.16
CA PHE J 78 -5.04 42.26 13.73
C PHE J 78 -6.20 41.41 13.36
N LYS J 79 -6.64 41.47 12.11
CA LYS J 79 -7.78 40.65 11.69
C LYS J 79 -7.34 39.19 11.62
N ASP J 80 -8.21 38.27 12.05
CA ASP J 80 -7.88 36.85 12.03
C ASP J 80 -8.18 36.28 10.63
N PRO J 81 -7.15 35.84 9.93
CA PRO J 81 -7.32 35.44 8.58
C PRO J 81 -7.89 34.05 8.52
N PHE J 82 -7.83 33.34 9.64
CA PHE J 82 -8.42 32.00 9.67
C PHE J 82 -9.93 32.03 9.92
N ARG J 83 -10.34 32.67 11.00
CA ARG J 83 -11.76 32.74 11.31
C ARG J 83 -12.49 33.78 10.43
N ARG J 84 -11.73 34.72 9.86
CA ARG J 84 -12.29 35.74 8.99
C ARG J 84 -13.43 36.57 9.61
N GLY J 85 -14.27 37.16 8.76
CA GLY J 85 -15.27 38.15 9.24
C GLY J 85 -14.72 39.20 10.22
N ASN J 86 -15.34 39.35 11.40
CA ASN J 86 -14.89 40.38 12.30
C ASN J 86 -13.99 39.89 13.38
N ASN J 87 -13.62 38.62 13.29
CA ASN J 87 -12.80 38.04 14.35
C ASN J 87 -11.32 38.49 14.29
N ILE J 88 -10.66 38.46 15.44
CA ILE J 88 -9.40 39.16 15.63
C ILE J 88 -8.32 38.34 16.35
N LEU J 89 -7.07 38.66 16.05
CA LEU J 89 -5.91 38.17 16.76
C LEU J 89 -5.46 39.31 17.63
N VAL J 90 -4.96 38.98 18.80
CA VAL J 90 -4.59 39.96 19.80
C VAL J 90 -3.22 39.61 20.34
N MET J 91 -2.23 40.44 20.03
CA MET J 91 -0.89 40.16 20.45
C MET J 91 -0.75 40.59 21.88
N CYS J 92 -0.06 39.80 22.69
CA CYS J 92 0.02 40.05 24.13
C CYS J 92 1.38 40.15 24.88
N ASP J 93 1.25 40.59 26.10
CA ASP J 93 2.32 41.01 26.93
C ASP J 93 2.08 40.31 28.25
N CYS J 94 3.12 39.88 28.95
CA CYS J 94 2.91 39.08 30.19
C CYS J 94 3.31 39.62 31.55
N TYR J 95 2.39 39.54 32.49
CA TYR J 95 2.62 40.17 33.79
C TYR J 95 2.19 39.29 34.98
N THR J 96 2.80 39.50 36.17
CA THR J 96 2.31 38.91 37.41
C THR J 96 1.02 39.60 37.82
N PRO J 97 0.29 39.02 38.77
CA PRO J 97 -0.96 39.69 39.14
C PRO J 97 -0.67 41.03 39.82
N ALA J 98 0.55 41.17 40.32
CA ALA J 98 1.04 42.40 40.98
C ALA J 98 1.47 43.50 40.00
N GLY J 99 1.32 43.25 38.68
CA GLY J 99 1.72 44.21 37.62
C GLY J 99 3.21 44.30 37.26
N GLU J 100 3.95 43.25 37.65
CA GLU J 100 5.33 43.05 37.26
C GLU J 100 5.43 42.33 35.90
N PRO J 101 6.29 42.79 34.98
CA PRO J 101 6.47 42.01 33.79
C PRO J 101 7.31 40.80 34.11
N ILE J 102 6.88 39.62 33.63
CA ILE J 102 7.62 38.38 33.89
C ILE J 102 8.94 38.29 33.11
N PRO J 103 9.90 37.47 33.56
CA PRO J 103 11.21 37.47 32.99
C PRO J 103 11.25 37.26 31.48
N THR J 104 10.24 36.59 30.94
CA THR J 104 10.21 36.21 29.50
C THR J 104 9.49 37.22 28.60
N ASN J 105 8.95 38.25 29.24
CA ASN J 105 8.37 39.39 28.57
C ASN J 105 9.48 40.35 28.18
N LYS J 106 9.79 40.40 26.90
CA LYS J 106 10.84 41.29 26.47
C LYS J 106 10.26 42.49 25.76
N ARG J 107 8.93 42.55 25.69
CA ARG J 107 8.24 43.70 25.10
C ARG J 107 8.31 44.93 26.01
N TYR J 108 8.15 44.72 27.31
CA TYR J 108 8.22 45.78 28.28
C TYR J 108 9.48 46.58 28.17
N SER J 109 10.64 45.93 28.20
CA SER J 109 11.94 46.64 28.04
C SER J 109 12.00 47.44 26.77
N ALA J 110 11.59 46.80 25.69
CA ALA J 110 11.67 47.41 24.39
C ALA J 110 10.74 48.57 24.29
N ALA J 111 9.62 48.51 24.98
CA ALA J 111 8.65 49.60 24.93
C ALA J 111 9.23 50.84 25.53
N LYS J 112 9.89 50.66 26.66
CA LYS J 112 10.59 51.75 27.36
C LYS J 112 11.57 52.46 26.41
N ILE J 113 12.41 51.69 25.71
CA ILE J 113 13.38 52.27 24.85
C ILE J 113 12.70 53.01 23.73
N PHE J 114 11.63 52.49 23.19
CA PHE J 114 10.98 53.20 22.11
C PHE J 114 10.06 54.36 22.54
N SER J 115 9.77 54.47 23.84
CA SER J 115 9.01 55.63 24.42
C SER J 115 9.93 56.79 24.78
N SER J 116 11.09 56.47 25.39
CA SER J 116 12.22 57.39 25.65
C SER J 116 12.42 58.39 24.46
N PRO J 117 12.26 59.70 24.76
CA PRO J 117 11.92 60.72 23.75
C PRO J 117 12.97 60.99 22.67
N GLU J 118 14.26 60.74 22.97
CA GLU J 118 15.36 60.95 21.98
C GLU J 118 15.40 59.84 20.95
N VAL J 119 14.82 58.69 21.30
CA VAL J 119 14.66 57.59 20.38
C VAL J 119 13.43 57.87 19.54
N ALA J 120 12.29 58.11 20.18
CA ALA J 120 11.02 58.44 19.51
C ALA J 120 11.14 59.49 18.41
N ALA J 121 11.92 60.53 18.69
CA ALA J 121 12.17 61.65 17.77
C ALA J 121 12.96 61.25 16.54
N GLU J 122 13.84 60.25 16.71
CA GLU J 122 14.62 59.68 15.61
C GLU J 122 13.80 58.73 14.75
N GLU J 123 12.67 58.28 15.34
CA GLU J 123 11.62 57.50 14.66
C GLU J 123 12.20 56.35 13.85
N PRO J 124 12.73 55.32 14.54
CA PRO J 124 13.48 54.32 13.85
C PRO J 124 12.57 53.42 13.07
N TRP J 125 13.13 52.88 11.99
CA TRP J 125 12.42 52.05 11.06
C TRP J 125 13.08 50.69 10.98
N TYR J 126 12.29 49.63 11.03
CA TYR J 126 12.86 48.34 10.87
C TYR J 126 12.13 47.57 9.82
N GLY J 127 12.92 46.96 8.95
CA GLY J 127 12.46 45.88 8.06
C GLY J 127 13.20 44.59 8.43
N ILE J 128 12.45 43.57 8.85
CA ILE J 128 13.14 42.36 9.24
C ILE J 128 12.83 41.19 8.29
N GLU J 129 13.86 40.43 7.96
CA GLU J 129 13.80 39.40 6.95
C GLU J 129 13.78 38.08 7.64
N GLN J 130 12.59 37.49 7.77
CA GLN J 130 12.43 36.19 8.47
C GLN J 130 12.65 35.04 7.52
N GLU J 131 13.72 34.32 7.72
CA GLU J 131 13.96 33.12 6.96
C GLU J 131 13.56 31.99 7.85
N TYR J 132 13.06 30.89 7.28
CA TYR J 132 12.66 29.66 8.05
C TYR J 132 12.78 28.47 7.14
N THR J 133 12.63 27.28 7.72
CA THR J 133 12.80 26.05 6.94
C THR J 133 11.60 25.14 7.15
N LEU J 134 11.16 24.45 6.12
CA LEU J 134 9.97 23.63 6.22
C LEU J 134 10.37 22.18 6.35
N LEU J 135 9.74 21.44 7.25
CA LEU J 135 10.17 20.09 7.55
C LEU J 135 9.02 19.13 7.54
N GLN J 136 9.28 17.89 7.10
CA GLN J 136 8.28 16.80 7.08
C GLN J 136 8.00 16.37 8.47
N LYS J 137 6.72 16.30 8.80
CA LYS J 137 6.30 15.92 10.15
C LYS J 137 6.90 14.58 10.56
N ASP J 138 7.31 14.42 11.80
CA ASP J 138 7.77 13.09 12.26
C ASP J 138 9.20 12.65 11.89
N THR J 139 9.60 12.80 10.65
CA THR J 139 10.98 12.47 10.24
C THR J 139 11.89 13.63 10.50
N ASN J 140 11.33 14.84 10.44
CA ASN J 140 12.03 16.08 10.74
C ASN J 140 13.11 16.41 9.75
N TRP J 141 12.89 15.96 8.52
CA TRP J 141 13.79 16.16 7.40
C TRP J 141 13.12 17.17 6.51
N PRO J 142 13.89 18.06 5.87
CA PRO J 142 13.37 19.18 5.10
C PRO J 142 12.41 18.81 3.99
N LEU J 143 11.32 19.56 3.88
CA LEU J 143 10.31 19.35 2.89
C LEU J 143 10.89 19.22 1.47
N GLY J 144 10.53 18.19 0.75
CA GLY J 144 11.02 18.05 -0.63
C GLY J 144 12.31 17.23 -0.74
N TRP J 145 12.99 17.05 0.40
CA TRP J 145 14.15 16.17 0.46
C TRP J 145 13.68 14.73 0.57
N PRO J 146 14.37 13.81 -0.10
CA PRO J 146 14.04 12.41 0.07
C PRO J 146 14.53 11.90 1.40
N ILE J 147 13.85 10.92 1.96
CA ILE J 147 14.20 10.55 3.32
C ILE J 147 15.52 9.79 3.32
N GLY J 148 16.41 10.23 4.21
CA GLY J 148 17.76 9.68 4.38
C GLY J 148 18.63 10.04 3.21
N GLY J 149 18.42 11.21 2.65
CA GLY J 149 19.13 11.61 1.45
C GLY J 149 19.02 13.08 1.19
N PHE J 150 19.58 13.55 0.09
CA PHE J 150 19.65 14.96 -0.13
C PHE J 150 19.27 15.22 -1.53
N PRO J 151 18.75 16.40 -1.80
CA PRO J 151 18.48 16.85 -3.14
C PRO J 151 19.76 17.28 -3.79
N GLY J 152 19.67 17.73 -5.03
CA GLY J 152 20.83 18.26 -5.75
C GLY J 152 21.46 19.39 -5.02
N PRO J 153 22.72 19.71 -5.29
CA PRO J 153 23.40 20.74 -4.52
C PRO J 153 22.77 22.09 -4.77
N GLN J 154 23.00 23.03 -3.83
CA GLN J 154 22.45 24.39 -3.88
C GLN J 154 22.77 25.09 -5.17
N GLY J 155 21.91 25.99 -5.57
CA GLY J 155 22.12 26.64 -6.85
C GLY J 155 20.81 26.98 -7.55
N PRO J 156 20.01 25.94 -7.93
CA PRO J 156 18.79 26.31 -8.66
C PRO J 156 17.61 26.69 -7.79
N TYR J 157 17.77 26.66 -6.45
CA TYR J 157 16.64 26.81 -5.54
C TYR J 157 16.22 28.24 -5.26
N TYR J 158 17.22 29.09 -5.03
CA TYR J 158 16.98 30.51 -4.75
C TYR J 158 16.04 31.18 -5.75
N CYS J 159 14.88 31.67 -5.30
CA CYS J 159 13.87 32.34 -6.15
C CYS J 159 13.42 31.51 -7.34
N GLY J 160 13.46 30.18 -7.20
CA GLY J 160 13.20 29.29 -8.31
C GLY J 160 11.75 29.01 -8.54
N ILE J 161 11.48 28.38 -9.68
CA ILE J 161 10.17 27.86 -9.94
C ILE J 161 10.28 26.48 -10.50
N GLY J 162 9.24 25.69 -10.25
CA GLY J 162 9.08 24.34 -10.77
C GLY J 162 9.01 23.28 -9.68
N ALA J 163 8.43 22.13 -9.98
CA ALA J 163 8.24 21.13 -8.94
C ALA J 163 9.52 20.52 -8.36
N GLU J 164 10.61 20.46 -9.09
CA GLU J 164 11.81 19.83 -8.58
C GLU J 164 12.68 20.81 -7.88
N LYS J 165 12.27 22.07 -7.91
CA LYS J 165 13.07 23.13 -7.31
C LYS J 165 12.39 23.80 -6.10
N SER J 166 11.08 23.92 -6.12
CA SER J 166 10.44 24.84 -5.23
C SER J 166 9.41 24.09 -4.35
N PHE J 167 9.73 23.96 -3.06
CA PHE J 167 8.89 23.16 -2.15
C PHE J 167 8.02 23.95 -1.19
N GLY J 168 6.72 23.88 -1.40
CA GLY J 168 5.79 24.47 -0.44
C GLY J 168 5.29 25.88 -0.69
N ARG J 169 5.30 26.30 -1.95
CA ARG J 169 4.90 27.65 -2.31
C ARG J 169 3.52 27.93 -1.78
N ASP J 170 2.69 26.90 -1.88
CA ASP J 170 1.41 26.81 -1.20
C ASP J 170 1.39 27.55 0.08
N ILE J 171 2.24 27.09 1.00
CA ILE J 171 2.24 27.61 2.33
C ILE J 171 2.64 29.07 2.25
N VAL J 172 3.71 29.35 1.52
CA VAL J 172 4.23 30.68 1.47
C VAL J 172 3.21 31.68 0.97
N ASP J 173 2.62 31.45 -0.20
CA ASP J 173 1.66 32.41 -0.82
C ASP J 173 0.45 32.59 0.06
N ALA J 174 0.09 31.54 0.79
CA ALA J 174 -1.03 31.59 1.72
C ALA J 174 -0.71 32.58 2.80
N HIS J 175 0.45 32.41 3.37
CA HIS J 175 0.89 33.27 4.44
C HIS J 175 0.90 34.69 4.03
N TYR J 176 1.56 34.96 2.91
CA TYR J 176 1.60 36.30 2.34
C TYR J 176 0.22 36.97 2.35
N LYS J 177 -0.81 36.36 1.77
CA LYS J 177 -2.11 37.02 1.77
C LYS J 177 -2.67 37.07 3.18
N ALA J 178 -2.53 36.00 3.94
CA ALA J 178 -3.01 35.98 5.30
C ALA J 178 -2.53 37.22 6.02
N CYS J 179 -1.22 37.41 5.99
CA CYS J 179 -0.60 38.55 6.64
C CYS J 179 -1.16 39.88 6.15
N LEU J 180 -1.18 40.10 4.85
CA LEU J 180 -1.78 41.33 4.32
C LEU J 180 -3.18 41.56 4.86
N TYR J 181 -4.00 40.51 4.87
CA TYR J 181 -5.38 40.61 5.24
C TYR J 181 -5.44 41.03 6.68
N ALA J 182 -4.57 40.43 7.47
CA ALA J 182 -4.52 40.64 8.91
C ALA J 182 -4.15 42.07 9.29
N GLY J 183 -3.37 42.69 8.43
CA GLY J 183 -2.88 44.05 8.65
C GLY J 183 -1.41 44.14 8.99
N ILE J 184 -0.66 43.03 8.81
CA ILE J 184 0.78 43.03 8.98
C ILE J 184 1.37 43.74 7.79
N ASN J 185 2.30 44.65 8.06
CA ASN J 185 3.03 45.29 6.98
C ASN J 185 4.09 44.32 6.43
N ILE J 186 3.66 43.47 5.52
CA ILE J 186 4.57 42.48 4.97
C ILE J 186 5.02 42.97 3.63
N SER J 187 6.33 43.06 3.40
CA SER J 187 6.82 43.79 2.25
C SER J 187 7.10 42.90 1.07
N GLY J 188 7.28 41.63 1.32
CA GLY J 188 7.63 40.71 0.25
C GLY J 188 8.10 39.36 0.72
N ILE J 189 8.22 38.45 -0.22
CA ILE J 189 8.58 37.06 0.06
C ILE J 189 9.59 36.60 -0.99
N ASN J 190 10.25 35.45 -0.76
CA ASN J 190 11.11 34.85 -1.78
C ASN J 190 11.54 33.45 -1.40
N GLY J 191 11.79 32.61 -2.39
CA GLY J 191 12.36 31.28 -2.13
C GLY J 191 13.82 31.46 -1.77
N GLU J 192 14.32 30.80 -0.71
CA GLU J 192 15.73 30.97 -0.35
C GLU J 192 16.65 29.89 -0.91
N VAL J 193 17.93 29.97 -0.53
CA VAL J 193 19.00 29.19 -1.15
C VAL J 193 18.98 27.68 -0.97
N MET J 194 18.63 27.22 0.22
CA MET J 194 18.52 25.80 0.55
C MET J 194 17.12 25.32 0.28
N PRO J 195 17.00 24.21 -0.46
CA PRO J 195 15.75 23.78 -0.95
C PRO J 195 14.91 23.57 0.24
N GLY J 196 13.73 24.19 0.21
CA GLY J 196 12.81 24.10 1.35
C GLY J 196 12.85 25.23 2.34
N GLN J 197 13.67 26.21 2.07
CA GLN J 197 13.85 27.34 2.95
C GLN J 197 13.26 28.55 2.28
N TRP J 198 12.50 29.32 3.04
CA TRP J 198 11.81 30.49 2.53
C TRP J 198 12.02 31.77 3.37
N GLU J 199 11.42 32.86 2.93
CA GLU J 199 11.65 34.10 3.57
C GLU J 199 10.45 34.95 3.32
N PHE J 200 10.07 35.72 4.33
CA PHE J 200 9.19 36.87 4.19
C PHE J 200 9.81 38.07 4.89
N GLN J 201 9.45 39.26 4.45
CA GLN J 201 9.95 40.48 5.08
C GLN J 201 8.79 41.26 5.72
N VAL J 202 8.96 41.65 6.99
CA VAL J 202 8.03 42.58 7.62
C VAL J 202 8.63 43.95 7.43
N GLY J 203 8.07 44.62 6.39
CA GLY J 203 8.49 45.91 5.77
C GLY J 203 8.62 47.06 6.74
N PRO J 204 8.83 48.30 6.25
CA PRO J 204 9.37 49.27 7.21
C PRO J 204 8.33 49.59 8.33
N SER J 205 8.60 49.12 9.56
CA SER J 205 7.71 49.31 10.69
C SER J 205 8.43 50.00 11.83
N VAL J 206 7.71 50.89 12.50
CA VAL J 206 8.30 51.81 13.49
C VAL J 206 8.41 51.19 14.87
N GLY J 207 9.61 51.20 15.42
CA GLY J 207 9.80 50.82 16.82
C GLY J 207 9.10 49.57 17.37
N ILE J 208 8.26 49.78 18.38
CA ILE J 208 7.71 48.63 19.04
C ILE J 208 6.88 47.78 18.10
N SER J 209 6.14 48.38 17.17
CA SER J 209 5.22 47.62 16.30
C SER J 209 5.94 46.65 15.35
N SER J 210 7.23 46.85 15.13
CA SER J 210 8.01 45.89 14.36
C SER J 210 8.00 44.57 15.10
N GLY J 211 8.53 44.56 16.32
CA GLY J 211 8.43 43.36 17.18
C GLY J 211 7.04 42.70 17.23
N ASP J 212 5.98 43.47 17.43
CA ASP J 212 4.64 42.97 17.46
C ASP J 212 4.28 42.27 16.18
N GLN J 213 4.55 42.90 15.04
CA GLN J 213 4.19 42.32 13.74
C GLN J 213 4.99 41.07 13.36
N VAL J 214 6.27 41.04 13.66
CA VAL J 214 7.03 39.84 13.41
C VAL J 214 6.47 38.67 14.22
N TRP J 215 6.22 38.83 15.50
CA TRP J 215 5.69 37.73 16.26
C TRP J 215 4.35 37.24 15.66
N VAL J 216 3.41 38.15 15.39
CA VAL J 216 2.13 37.77 14.84
C VAL J 216 2.27 37.11 13.47
N ALA J 217 3.19 37.59 12.66
CA ALA J 217 3.50 36.95 11.40
C ALA J 217 3.98 35.54 11.61
N ARG J 218 4.83 35.31 12.61
CA ARG J 218 5.29 33.96 12.91
C ARG J 218 4.14 33.08 13.39
N TYR J 219 3.26 33.65 14.19
CA TYR J 219 2.09 32.93 14.62
C TYR J 219 1.29 32.48 13.41
N ILE J 220 0.98 33.39 12.49
CA ILE J 220 0.27 33.03 11.30
C ILE J 220 1.00 31.96 10.50
N LEU J 221 2.31 32.05 10.36
CA LEU J 221 3.07 31.05 9.60
C LEU J 221 2.86 29.67 10.20
N GLU J 222 3.06 29.55 11.48
CA GLU J 222 3.02 28.23 12.06
C GLU J 222 1.63 27.69 12.01
N ARG J 223 0.62 28.52 12.13
CA ARG J 223 -0.74 28.04 12.09
C ARG J 223 -1.03 27.50 10.71
N ILE J 224 -0.42 28.11 9.68
CA ILE J 224 -0.65 27.69 8.30
C ILE J 224 0.06 26.36 8.10
N THR J 225 1.32 26.25 8.50
CA THR J 225 2.01 25.00 8.37
C THR J 225 1.29 23.91 9.12
N GLU J 226 0.77 24.21 10.31
CA GLU J 226 -0.09 23.27 11.01
C GLU J 226 -1.20 22.74 10.10
N ILE J 227 -1.91 23.62 9.39
CA ILE J 227 -2.98 23.18 8.49
C ILE J 227 -2.42 22.19 7.47
N ALA J 228 -1.24 22.52 6.98
CA ALA J 228 -0.61 21.77 5.91
C ALA J 228 -0.08 20.43 6.32
N GLY J 229 0.03 20.21 7.61
CA GLY J 229 0.64 19.00 8.11
C GLY J 229 2.13 19.02 7.86
N VAL J 230 2.71 20.21 8.03
CA VAL J 230 4.15 20.42 7.91
C VAL J 230 4.72 21.18 9.13
N VAL J 231 6.00 20.98 9.43
CA VAL J 231 6.61 21.60 10.61
C VAL J 231 7.58 22.67 10.19
N VAL J 232 7.63 23.80 10.91
CA VAL J 232 8.63 24.88 10.74
C VAL J 232 9.72 24.86 11.80
N THR J 233 11.00 25.10 11.44
CA THR J 233 12.05 25.48 12.43
C THR J 233 12.62 26.81 12.12
N PHE J 234 12.89 27.53 13.21
CA PHE J 234 13.59 28.76 13.12
C PHE J 234 15.02 28.52 13.54
N ASP J 235 15.39 27.25 13.69
CA ASP J 235 16.76 26.95 13.99
C ASP J 235 17.63 27.52 12.90
N PRO J 236 18.67 28.25 13.29
CA PRO J 236 19.52 29.00 12.38
C PRO J 236 20.34 28.12 11.47
N LYS J 237 20.59 26.88 11.85
CA LYS J 237 21.31 25.93 10.98
C LYS J 237 20.79 24.51 11.11
N PRO J 238 19.68 24.21 10.39
CA PRO J 238 18.93 22.99 10.59
C PRO J 238 19.64 21.78 10.01
N ILE J 239 20.40 21.98 8.95
CA ILE J 239 21.09 20.85 8.40
C ILE J 239 22.51 21.22 8.37
N PRO J 240 23.37 20.33 8.92
CA PRO J 240 24.83 20.51 8.93
C PRO J 240 25.43 20.33 7.54
N GLY J 241 26.54 21.03 7.27
CA GLY J 241 27.30 20.84 6.02
C GLY J 241 27.06 21.92 5.00
N ASP J 242 27.14 21.53 3.71
CA ASP J 242 27.07 22.49 2.57
C ASP J 242 25.62 22.94 2.20
N TRP J 243 24.97 23.60 3.15
CA TRP J 243 23.57 24.02 3.08
C TRP J 243 23.38 25.28 3.91
N ASN J 244 22.74 26.29 3.34
CA ASN J 244 22.53 27.55 4.03
C ASN J 244 21.89 27.46 5.41
N GLY J 245 22.32 28.36 6.28
CA GLY J 245 21.66 28.57 7.56
C GLY J 245 20.54 29.59 7.36
N ALA J 246 19.91 29.98 8.44
CA ALA J 246 18.77 30.87 8.33
C ALA J 246 18.92 31.95 9.33
N GLY J 247 18.69 33.15 8.86
CA GLY J 247 18.75 34.33 9.71
C GLY J 247 17.58 35.26 9.65
N ALA J 248 17.70 36.27 10.46
CA ALA J 248 16.71 37.27 10.57
C ALA J 248 17.35 38.62 10.37
N HIS J 249 17.76 38.90 9.15
CA HIS J 249 18.41 40.16 8.88
C HIS J 249 17.55 41.33 9.36
N THR J 250 18.15 42.26 10.09
CA THR J 250 17.45 43.48 10.45
C THR J 250 17.95 44.67 9.69
N ASN J 251 17.04 45.22 8.91
CA ASN J 251 17.32 46.47 8.22
C ASN J 251 16.83 47.57 9.09
N TYR J 252 17.57 48.68 9.08
CA TYR J 252 17.42 49.76 10.04
C TYR J 252 17.66 51.10 9.44
N SER J 253 16.88 52.07 9.86
CA SER J 253 17.13 53.45 9.54
C SER J 253 16.51 54.39 10.60
N THR J 254 17.16 55.52 10.84
CA THR J 254 16.62 56.59 11.66
C THR J 254 16.24 57.78 10.77
N GLU J 255 15.40 58.66 11.31
CA GLU J 255 15.02 59.90 10.63
C GLU J 255 16.24 60.50 9.97
N SER J 256 17.29 60.74 10.76
CA SER J 256 18.51 61.39 10.27
C SER J 256 19.27 60.53 9.24
N MET J 257 19.03 59.22 9.20
CA MET J 257 19.69 58.39 8.22
C MET J 257 19.07 58.50 6.85
N ARG J 258 17.77 58.73 6.76
CA ARG J 258 17.05 58.76 5.45
C ARG J 258 16.88 60.16 4.82
N LYS J 259 17.41 61.16 5.54
CA LYS J 259 17.47 62.58 5.09
C LYS J 259 18.83 62.89 4.47
N GLU J 260 18.99 64.09 3.89
CA GLU J 260 20.25 64.47 3.24
C GLU J 260 21.52 64.19 4.06
N GLY J 261 22.50 63.59 3.36
CA GLY J 261 23.76 63.14 3.98
C GLY J 261 23.60 62.23 5.19
N GLY J 262 22.66 61.31 5.11
CA GLY J 262 22.44 60.34 6.16
C GLY J 262 23.52 59.27 6.17
N TYR J 263 24.15 59.07 5.02
CA TYR J 263 25.18 58.04 4.88
C TYR J 263 26.30 58.20 5.88
N GLU J 264 26.60 59.44 6.24
CA GLU J 264 27.56 59.72 7.32
C GLU J 264 27.07 59.16 8.67
N VAL J 265 25.78 59.36 8.97
CA VAL J 265 25.18 58.89 10.22
C VAL J 265 25.23 57.37 10.25
N ILE J 266 25.03 56.78 9.08
CA ILE J 266 25.08 55.34 8.88
C ILE J 266 26.44 54.79 9.25
N LYS J 267 27.48 55.34 8.65
CA LYS J 267 28.82 54.90 8.98
C LYS J 267 29.07 55.01 10.49
N ALA J 268 28.60 56.10 11.10
CA ALA J 268 28.88 56.32 12.51
C ALA J 268 28.16 55.28 13.35
N ALA J 269 26.95 54.91 12.92
CA ALA J 269 26.17 53.93 13.61
C ALA J 269 26.85 52.57 13.50
N ILE J 270 27.31 52.24 12.30
CA ILE J 270 28.03 50.99 12.06
C ILE J 270 29.20 50.89 13.05
N GLU J 271 29.92 51.99 13.15
CA GLU J 271 31.07 52.11 14.02
C GLU J 271 30.72 51.72 15.46
N LYS J 272 29.62 52.26 15.97
CA LYS J 272 29.21 52.00 17.33
C LYS J 272 28.88 50.53 17.47
N LEU J 273 28.32 49.96 16.40
CA LEU J 273 27.93 48.57 16.37
C LEU J 273 29.13 47.66 16.44
N LYS J 274 30.21 48.08 15.78
CA LYS J 274 31.47 47.36 15.81
C LYS J 274 31.97 47.17 17.22
N LEU J 275 31.72 48.17 18.03
CA LEU J 275 32.27 48.20 19.37
C LEU J 275 31.46 47.31 20.31
N ARG J 276 30.19 47.13 19.97
CA ARG J 276 29.30 46.32 20.81
C ARG J 276 28.88 45.01 20.16
N HIS J 277 29.70 44.55 19.22
CA HIS J 277 29.47 43.28 18.57
C HIS J 277 29.33 42.20 19.61
N LYS J 278 30.36 42.02 20.43
CA LYS J 278 30.39 40.95 21.43
C LYS J 278 29.03 40.76 22.16
N GLU J 279 28.43 41.87 22.58
CA GLU J 279 27.25 41.82 23.43
C GLU J 279 25.99 41.75 22.60
N HIS J 280 26.08 42.15 21.35
CA HIS J 280 25.00 41.93 20.42
C HIS J 280 24.88 40.46 20.10
N ILE J 281 25.99 39.83 19.72
CA ILE J 281 26.01 38.39 19.44
C ILE J 281 25.29 37.60 20.54
N ALA J 282 25.57 37.93 21.81
CA ALA J 282 25.02 37.20 22.98
C ALA J 282 23.49 37.17 23.05
N ALA J 283 22.85 38.15 22.41
CA ALA J 283 21.40 38.25 22.44
C ALA J 283 20.79 38.07 21.03
N TYR J 284 21.63 37.72 20.07
CA TYR J 284 21.19 37.58 18.69
C TYR J 284 20.68 36.17 18.36
N GLY J 285 20.24 35.44 19.39
CA GLY J 285 19.63 34.14 19.25
C GLY J 285 20.62 33.00 19.42
N GLU J 286 20.14 31.88 20.00
CA GLU J 286 21.03 30.76 20.33
C GLU J 286 21.20 29.75 19.21
N GLY J 287 22.38 29.18 19.16
CA GLY J 287 22.78 28.29 18.07
C GLY J 287 23.52 29.04 16.98
N ASN J 288 23.63 30.37 17.12
CA ASN J 288 24.17 31.20 16.05
C ASN J 288 25.57 30.76 15.65
N GLU J 289 26.31 30.17 16.58
CA GLU J 289 27.65 29.69 16.33
C GLU J 289 27.67 28.74 15.18
N ARG J 290 26.59 28.01 15.00
CA ARG J 290 26.54 26.98 13.98
C ARG J 290 26.25 27.59 12.61
N ARG J 291 25.68 28.79 12.59
CA ARG J 291 25.37 29.46 11.35
C ARG J 291 26.49 30.34 10.85
N LEU J 292 26.91 31.28 11.69
CA LEU J 292 27.90 32.30 11.34
C LEU J 292 29.31 31.72 11.28
N THR J 293 29.69 31.32 10.08
CA THR J 293 30.93 30.61 9.88
C THR J 293 31.85 31.37 8.90
N GLY J 294 31.31 32.34 8.16
CA GLY J 294 32.08 33.03 7.16
C GLY J 294 31.78 32.49 5.78
N ARG J 295 31.22 31.27 5.73
CA ARG J 295 30.73 30.65 4.49
C ARG J 295 29.22 30.74 4.42
N HIS J 296 28.65 30.46 3.23
CA HIS J 296 27.19 30.45 3.02
C HIS J 296 26.57 31.79 3.35
N GLU J 297 27.22 32.87 2.89
CA GLU J 297 26.68 34.23 3.00
C GLU J 297 26.52 34.79 4.44
N THR J 298 27.45 34.39 5.29
CA THR J 298 27.51 34.92 6.65
C THR J 298 28.89 35.53 6.90
N ALA J 299 29.03 36.28 7.98
CA ALA J 299 30.38 36.64 8.44
C ALA J 299 30.69 35.84 9.69
N ASP J 300 31.96 35.47 9.88
CA ASP J 300 32.40 34.75 11.09
C ASP J 300 31.93 35.48 12.37
N ILE J 301 31.48 34.70 13.37
CA ILE J 301 30.94 35.25 14.63
C ILE J 301 31.98 36.13 15.32
N ASN J 302 33.24 35.73 15.22
CA ASN J 302 34.30 36.38 15.96
C ASN J 302 34.78 37.73 15.37
N THR J 303 34.78 37.89 14.06
CA THR J 303 35.11 39.19 13.48
C THR J 303 33.85 40.01 13.29
N PHE J 304 34.00 41.32 13.22
CA PHE J 304 32.92 42.16 12.72
C PHE J 304 33.38 42.79 11.42
N SER J 305 32.51 42.86 10.42
CA SER J 305 32.91 43.52 9.19
C SER J 305 31.73 44.23 8.53
N TRP J 306 32.02 45.21 7.67
CA TRP J 306 30.99 45.76 6.82
C TRP J 306 31.54 46.09 5.43
N GLY J 307 30.64 46.30 4.47
CA GLY J 307 30.99 46.58 3.07
C GLY J 307 29.76 46.96 2.28
N VAL J 308 29.93 47.20 0.99
CA VAL J 308 28.81 47.72 0.26
C VAL J 308 27.82 46.67 -0.27
N ALA J 309 28.14 45.94 -1.32
CA ALA J 309 27.19 44.93 -1.74
C ALA J 309 27.61 43.56 -1.19
N ASN J 310 28.23 43.56 -0.02
CA ASN J 310 28.91 42.40 0.45
C ASN J 310 28.10 41.48 1.35
N ARG J 311 27.58 40.38 0.79
CA ARG J 311 26.83 39.39 1.56
C ARG J 311 27.72 38.52 2.45
N GLY J 312 29.04 38.67 2.32
CA GLY J 312 30.00 38.06 3.26
C GLY J 312 30.35 38.86 4.51
N ALA J 313 29.74 40.04 4.67
CA ALA J 313 30.04 40.94 5.80
C ALA J 313 28.98 40.92 6.92
N SER J 314 29.33 41.48 8.10
CA SER J 314 28.45 41.48 9.25
C SER J 314 27.33 42.49 9.03
N VAL J 315 27.65 43.63 8.43
CA VAL J 315 26.63 44.59 8.02
C VAL J 315 26.81 44.86 6.54
N ARG J 316 25.72 45.14 5.83
CA ARG J 316 25.75 45.43 4.40
C ARG J 316 24.95 46.66 4.14
N VAL J 317 25.49 47.50 3.27
CA VAL J 317 24.81 48.72 2.87
C VAL J 317 24.46 48.66 1.40
N GLY J 318 23.17 48.71 1.08
CA GLY J 318 22.71 48.69 -0.32
C GLY J 318 23.43 49.62 -1.30
N ARG J 319 23.66 49.14 -2.52
CA ARG J 319 24.14 49.97 -3.59
C ARG J 319 23.30 51.24 -3.70
N GLU J 320 21.98 51.06 -3.68
CA GLU J 320 21.02 52.16 -3.77
C GLU J 320 21.21 53.30 -2.71
N THR J 321 21.32 52.93 -1.43
CA THR J 321 21.55 53.93 -0.38
C THR J 321 22.98 54.50 -0.40
N GLU J 322 23.97 53.79 -0.96
CA GLU J 322 25.33 54.39 -1.14
C GLU J 322 25.29 55.48 -2.19
N GLN J 323 24.69 55.16 -3.31
CA GLN J 323 24.61 56.04 -4.45
C GLN J 323 23.74 57.26 -4.17
N ASN J 324 22.84 57.16 -3.20
CA ASN J 324 21.96 58.28 -2.85
C ASN J 324 22.40 59.03 -1.62
N GLY J 325 23.52 58.60 -1.02
CA GLY J 325 24.04 59.20 0.23
C GLY J 325 23.11 59.15 1.43
N LYS J 326 22.02 58.43 1.25
CA LYS J 326 20.98 58.26 2.25
C LYS J 326 20.14 56.91 2.10
N GLY J 327 19.95 56.20 3.22
CA GLY J 327 19.01 55.07 3.23
C GLY J 327 19.04 54.31 4.55
N TYR J 328 19.46 53.03 4.46
CA TYR J 328 19.41 52.09 5.57
C TYR J 328 20.47 51.04 5.40
N PHE J 329 20.82 50.40 6.50
CA PHE J 329 21.77 49.34 6.42
C PHE J 329 21.16 48.08 6.99
N GLU J 330 21.77 46.93 6.64
CA GLU J 330 21.28 45.59 6.98
C GLU J 330 22.21 44.91 8.02
N ASP J 331 21.76 44.67 9.25
CA ASP J 331 22.57 43.93 10.17
C ASP J 331 22.30 42.49 9.89
N ARG J 332 23.26 41.76 9.32
CA ARG J 332 23.05 40.36 8.94
C ARG J 332 23.35 39.37 10.02
N ARG J 333 23.58 39.86 11.23
CA ARG J 333 24.04 39.02 12.32
C ARG J 333 22.95 38.21 13.07
N PRO J 334 21.72 38.73 13.22
CA PRO J 334 20.76 38.01 14.02
C PRO J 334 20.28 36.69 13.41
N ALA J 335 20.15 35.65 14.21
CA ALA J 335 19.61 34.39 13.71
C ALA J 335 18.12 34.39 13.54
N SER J 336 17.63 33.43 12.77
CA SER J 336 16.21 33.28 12.51
C SER J 336 15.36 33.10 13.76
N ASN J 337 15.97 32.67 14.85
CA ASN J 337 15.25 32.44 16.12
C ASN J 337 15.38 33.58 17.13
N MET J 338 15.85 34.70 16.59
CA MET J 338 15.98 35.96 17.30
C MET J 338 14.64 36.41 17.88
N ASP J 339 14.65 36.99 19.06
CA ASP J 339 13.45 37.65 19.52
C ASP J 339 13.53 39.05 18.97
N PRO J 340 12.62 39.43 18.08
CA PRO J 340 12.71 40.75 17.49
C PRO J 340 12.65 41.90 18.50
N TYR J 341 11.90 41.73 19.59
CA TYR J 341 11.83 42.75 20.64
C TYR J 341 13.24 43.08 21.10
N VAL J 342 14.00 42.05 21.42
CA VAL J 342 15.37 42.21 21.90
C VAL J 342 16.28 42.84 20.85
N VAL J 343 16.31 42.29 19.63
CA VAL J 343 17.26 42.79 18.60
C VAL J 343 16.86 44.18 18.15
N THR J 344 15.57 44.43 18.05
CA THR J 344 15.11 45.65 17.49
C THR J 344 15.42 46.84 18.38
N SER J 345 15.25 46.71 19.67
CA SER J 345 15.50 47.80 20.59
C SER J 345 16.97 47.92 20.87
N MET J 346 17.64 46.80 21.08
CA MET J 346 19.07 46.81 21.30
C MET J 346 19.80 47.58 20.20
N ILE J 347 19.36 47.46 18.97
CA ILE J 347 19.98 48.24 17.90
C ILE J 347 19.73 49.74 18.11
N ALA J 348 18.51 50.14 18.47
CA ALA J 348 18.23 51.54 18.72
C ALA J 348 19.08 52.04 19.86
N GLU J 349 19.24 51.23 20.90
CA GLU J 349 19.98 51.63 22.09
C GLU J 349 21.44 51.82 21.78
N THR J 350 22.06 50.87 21.12
CA THR J 350 23.48 50.98 20.77
C THR J 350 23.74 52.05 19.72
N THR J 351 22.69 52.53 19.10
CA THR J 351 22.82 53.41 17.95
C THR J 351 22.44 54.88 18.25
N ILE J 352 21.54 55.07 19.21
CA ILE J 352 21.14 56.41 19.62
C ILE J 352 21.64 56.73 21.04
N VAL J 353 21.10 56.07 22.06
CA VAL J 353 21.39 56.38 23.47
C VAL J 353 22.87 56.34 23.87
N TRP J 354 23.52 55.20 23.67
CA TRP J 354 24.89 54.94 24.14
C TRP J 354 25.93 55.76 23.37
N LYS J 355 27.01 56.16 24.10
CA LYS J 355 28.17 56.92 23.50
C LYS J 355 29.62 56.49 23.90
MN MN K . 16.03 -22.83 -32.03
MN MN L . 14.74 -22.85 -35.35
MN MN M . 13.52 -20.15 -31.66
OTP P3P N . 8.16 -16.85 -35.29
CP P3P N . 9.22 -17.53 -35.19
OP P3P N . 9.42 -18.65 -35.74
CAP P3P N . 10.37 -16.96 -34.39
NP P3P N . 10.02 -16.34 -33.09
CBP P3P N . 11.43 -18.06 -34.28
CGP P3P N . 12.71 -17.36 -33.87
PDP P3P N . 14.13 -17.84 -34.65
OEA P3P N . 13.77 -17.60 -36.20
CEP P3P N . 15.43 -16.89 -34.04
OEB P3P N . 14.22 -19.40 -34.35
P12 P3P N . 15.52 -19.89 -33.58
O15 P3P N . 14.88 -20.72 -32.51
O13 P3P N . 16.19 -18.65 -33.04
O14 P3P N . 16.24 -20.71 -34.62
PB ADP O . 17.95 -23.85 -34.56
O1B ADP O . 17.14 -24.14 -35.78
O2B ADP O . 19.50 -23.82 -34.64
O3B ADP O . 17.43 -22.76 -33.67
PA ADP O . 17.84 -25.57 -32.22
O1A ADP O . 19.24 -26.02 -31.88
O2A ADP O . 17.17 -24.66 -31.22
O3A ADP O . 17.52 -25.17 -33.76
O5' ADP O . 17.15 -27.00 -32.28
C5' ADP O . 17.61 -28.09 -33.13
C4' ADP O . 17.15 -29.47 -32.60
O4' ADP O . 17.11 -30.49 -33.59
C3' ADP O . 18.08 -29.97 -31.52
O3' ADP O . 17.30 -30.81 -30.68
C2' ADP O . 18.95 -30.97 -32.14
O2' ADP O . 19.12 -31.89 -31.07
C1' ADP O . 17.96 -31.54 -33.14
N9 ADP O . 18.61 -32.46 -34.16
C8 ADP O . 19.95 -32.76 -34.19
N7 ADP O . 20.21 -33.65 -35.21
C5 ADP O . 19.00 -33.92 -35.80
C6 ADP O . 18.63 -34.71 -36.86
N6 ADP O . 19.68 -35.35 -37.40
N1 ADP O . 17.36 -34.82 -37.34
C2 ADP O . 16.39 -34.13 -36.75
N3 ADP O . 16.71 -33.36 -35.69
C4 ADP O . 17.99 -33.20 -35.17
MN MN P . 41.78 -2.02 -6.89
MN MN Q . 43.94 0.15 -9.45
MN MN R . 39.05 0.43 -7.73
OTP P3P S . 37.67 6.49 -11.54
CP P3P S . 38.28 5.42 -11.31
OP P3P S . 38.94 4.87 -12.28
CAP P3P S . 38.18 4.97 -9.80
NP P3P S . 36.89 4.37 -9.32
CBP P3P S . 39.38 4.07 -9.35
CGP P3P S . 40.31 4.60 -8.27
PDP P3P S . 40.60 3.69 -6.85
OEA P3P S . 42.01 4.04 -6.29
CEP P3P S . 39.53 4.09 -5.54
OEB P3P S . 40.53 2.08 -7.11
P12 P3P S . 41.81 1.08 -6.93
O15 P3P S . 41.81 0.03 -8.13
O13 P3P S . 41.84 0.66 -5.39
O14 P3P S . 42.97 1.97 -7.34
PB ADP T . 45.01 -1.40 -6.58
O1B ADP T . 45.25 -0.54 -7.83
O2B ADP T . 45.95 -1.04 -5.43
O3B ADP T . 43.59 -1.49 -6.05
PA ADP T . 44.38 -4.19 -6.83
O1A ADP T . 44.75 -5.05 -5.66
O2A ADP T . 43.02 -3.59 -6.97
O3A ADP T . 45.40 -2.93 -7.02
O5' ADP T . 44.67 -5.09 -8.11
C5' ADP T . 45.97 -5.46 -8.60
C4' ADP T . 45.86 -6.70 -9.54
O4' ADP T . 47.02 -6.91 -10.37
C3' ADP T . 45.67 -7.99 -8.74
O3' ADP T . 45.01 -8.97 -9.52
C2' ADP T . 47.07 -8.49 -8.62
O2' ADP T . 47.07 -9.85 -8.33
C1' ADP T . 47.48 -8.25 -10.07
N9 ADP T . 48.94 -8.51 -10.09
C8 ADP T . 49.66 -8.77 -8.96
N7 ADP T . 50.96 -8.97 -9.32
C5 ADP T . 51.03 -8.83 -10.65
C6 ADP T . 52.08 -8.91 -11.51
N6 ADP T . 53.24 -9.19 -10.90
N1 ADP T . 51.90 -8.72 -12.87
C2 ADP T . 50.71 -8.45 -13.41
N3 ADP T . 49.67 -8.37 -12.55
C4 ADP T . 49.78 -8.55 -11.18
MN MN U . 27.52 -4.97 32.00
MN MN V . 29.24 -2.65 34.02
MN MN W . 25.75 -2.38 30.45
OTP P3P X . 24.98 4.88 30.61
CP P3P X . 25.47 3.72 30.73
OP P3P X . 26.72 3.63 30.59
CAP P3P X . 24.64 2.43 31.08
NP P3P X . 23.95 1.67 30.00
CBP P3P X . 25.44 1.39 31.88
CGP P3P X . 24.71 1.08 33.18
PDP P3P X . 24.19 -0.51 33.51
OEA P3P X . 24.15 -1.02 35.01
CEP P3P X . 22.57 -0.69 33.00
OEB P3P X . 25.17 -1.39 32.64
P12 P3P X . 26.02 -2.63 33.21
O15 P3P X . 26.18 -3.39 31.91
O13 P3P X . 25.23 -3.65 34.12
O14 P3P X . 27.22 -1.81 33.75
PB ADP Y . 28.88 -5.62 35.04
O1B ADP Y . 29.83 -4.89 35.97
O2B ADP Y . 27.90 -6.61 35.71
O3B ADP Y . 28.24 -4.66 34.08
PA ADP Y . 29.39 -7.71 33.16
O1A ADP Y . 28.79 -8.95 33.86
O2A ADP Y . 28.56 -6.97 32.17
O3A ADP Y . 29.88 -6.48 34.09
O5' ADP Y . 30.89 -8.01 32.57
C5' ADP Y . 32.16 -7.78 33.23
C4' ADP Y . 33.42 -8.36 32.51
O4' ADP Y . 34.63 -8.33 33.28
C3' ADP Y . 33.38 -9.79 31.99
O3' ADP Y . 34.00 -9.71 30.73
C2' ADP Y . 34.47 -10.59 32.63
O2' ADP Y . 35.17 -11.37 31.65
C1' ADP Y . 35.44 -9.52 33.06
N9 ADP Y . 36.28 -10.02 34.21
C8 ADP Y . 36.02 -11.05 35.07
N7 ADP Y . 37.05 -11.21 35.95
C5 ADP Y . 37.99 -10.27 35.63
C6 ADP Y . 39.28 -9.89 36.15
N6 ADP Y . 39.82 -10.55 37.21
N1 ADP Y . 40.02 -8.86 35.62
C2 ADP Y . 39.49 -8.19 34.58
N3 ADP Y . 38.27 -8.53 34.05
C4 ADP Y . 37.49 -9.55 34.55
MN MN Z . -14.32 -39.02 -8.48
MN MN AA . -17.59 -40.22 -8.43
MN MN BA . -15.77 -35.87 -8.13
OTP P3P CA . -22.09 -32.36 -7.29
CP P3P CA . -21.40 -33.37 -7.66
OP P3P CA . -21.60 -34.54 -7.20
CAP P3P CA . -20.31 -33.13 -8.71
NP P3P CA . -19.27 -32.19 -8.27
CBP P3P CA . -19.58 -34.42 -9.02
CGP P3P CA . -19.67 -34.83 -10.46
PDP P3P CA . -18.24 -35.57 -11.02
OEA P3P CA . -18.39 -36.62 -12.23
CEP P3P CA . -17.15 -34.38 -11.50
OEB P3P CA . -17.53 -36.31 -9.85
P12 P3P CA . -16.62 -37.51 -10.36
O15 P3P CA . -15.82 -37.63 -9.11
O13 P3P CA . -15.69 -36.97 -11.42
O14 P3P CA . -17.61 -38.58 -10.76
PB ADP DA . -15.10 -41.49 -10.39
O1B ADP DA . -16.59 -41.76 -10.21
O2B ADP DA . -14.52 -42.25 -11.63
O3B ADP DA . -14.70 -40.03 -10.25
PA ADP DA . -13.10 -42.17 -8.24
O1A ADP DA . -11.82 -42.67 -8.92
O2A ADP DA . -13.04 -40.84 -7.54
O3A ADP DA . -14.48 -42.30 -9.13
O5' ADP DA . -13.54 -43.27 -7.12
C5' ADP DA . -13.09 -44.62 -7.01
C4' ADP DA . -13.04 -44.99 -5.53
O4' ADP DA . -13.68 -46.22 -5.23
C3' ADP DA . -11.62 -45.21 -5.08
O3' ADP DA . -11.65 -45.44 -3.68
C2' ADP DA . -11.31 -46.55 -5.56
O2' ADP DA . -10.17 -46.98 -4.82
C1' ADP DA . -12.59 -47.12 -4.99
N9 ADP DA . -12.85 -48.48 -5.48
C8 ADP DA . -12.30 -49.15 -6.54
N7 ADP DA . -12.85 -50.40 -6.55
C5 ADP DA . -13.73 -50.52 -5.48
C6 ADP DA . -14.59 -51.54 -4.94
N6 ADP DA . -14.73 -52.81 -5.48
N1 ADP DA . -15.33 -51.26 -3.81
C2 ADP DA . -15.26 -50.05 -3.20
N3 ADP DA . -14.47 -49.07 -3.69
C4 ADP DA . -13.71 -49.28 -4.82
MN MN EA . -7.12 -28.32 31.16
MN MN FA . -8.72 -27.52 34.21
MN MN GA . -8.31 -24.67 30.31
OTP P3P HA . -11.55 -18.92 33.30
CP P3P HA . -11.28 -20.18 33.23
OP P3P HA . -10.96 -20.80 34.30
CAP P3P HA . -11.41 -20.95 31.89
NP P3P HA . -10.53 -20.47 30.82
CBP P3P HA . -11.26 -22.49 32.01
CGP P3P HA . -11.37 -23.21 30.66
PDP P3P HA . -11.84 -24.90 30.51
OEA P3P HA . -12.47 -25.40 31.88
CEP P3P HA . -13.00 -25.15 29.25
OEB P3P HA . -10.65 -25.97 30.12
P12 P3P HA . -9.98 -26.99 31.17
O15 P3P HA . -8.52 -26.48 31.19
O13 P3P HA . -9.98 -28.47 30.46
O14 P3P HA . -10.66 -26.72 32.53
PB ADP IA . -8.83 -30.72 32.82
O1B ADP IA . -9.22 -29.51 33.67
O2B ADP IA . -9.62 -31.93 33.29
O3B ADP IA . -8.71 -30.70 31.29
PA ADP IA . -6.02 -31.19 32.21
O1A ADP IA . -6.11 -32.16 31.05
O2A ADP IA . -5.99 -29.81 31.67
O3A ADP IA . -7.31 -31.18 33.20
O5' ADP IA . -4.74 -31.34 33.19
C5' ADP IA . -4.19 -32.58 33.52
C4' ADP IA . -3.08 -32.17 34.44
O4' ADP IA . -3.17 -32.85 35.68
C3' ADP IA . -1.76 -32.63 33.92
O3' ADP IA . -0.82 -31.96 34.76
C2' ADP IA . -1.60 -34.07 34.30
O2' ADP IA . -0.20 -34.37 34.04
C1' ADP IA . -2.08 -33.80 35.76
N9 ADP IA . -2.30 -34.98 36.72
C8 ADP IA . -2.87 -36.19 36.48
N7 ADP IA . -2.81 -36.97 37.59
C5 ADP IA . -2.21 -36.24 38.55
C6 ADP IA . -1.89 -36.53 39.86
N6 ADP IA . -2.23 -37.74 40.34
N1 ADP IA . -1.25 -35.58 40.61
C2 ADP IA . -0.91 -34.37 40.06
N3 ADP IA . -1.20 -34.06 38.79
C4 ADP IA . -1.87 -34.99 38.01
MN MN JA . -32.49 2.71 -26.81
MN MN KA . -32.93 0.94 -29.96
MN MN LA . -29.93 0.37 -27.06
OTP P3P MA . -26.02 -4.93 -30.66
CP P3P MA . -26.96 -4.15 -30.42
OP P3P MA . -27.10 -3.17 -31.18
CAP P3P MA . -27.86 -4.44 -29.20
NP P3P MA . -27.04 -4.91 -28.09
CBP P3P MA . -28.66 -3.22 -28.69
CGP P3P MA . -29.27 -3.37 -27.29
PDP P3P MA . -30.98 -3.18 -27.18
OEA P3P MA . -31.65 -4.27 -28.11
CEP P3P MA . -31.69 -3.48 -25.64
OEB P3P MA . -31.30 -1.73 -27.76
P12 P3P MA . -32.38 -0.75 -27.12
O15 P3P MA . -31.60 0.29 -26.35
O13 P3P MA . -33.30 -1.56 -26.21
O14 P3P MA . -32.94 -0.27 -28.44
PB ADP NA . -35.64 2.35 -28.89
O1B ADP NA . -36.33 2.08 -30.22
O2B ADP NA . -36.43 2.07 -27.58
O3B ADP NA . -34.20 1.88 -28.88
PA ADP NA . -34.22 4.96 -28.71
O1A ADP NA . -34.65 6.01 -27.69
O2A ADP NA . -32.99 4.13 -28.47
O3A ADP NA . -35.50 3.98 -28.99
O5' ADP NA . -34.06 5.81 -30.06
C5' ADP NA . -34.99 6.84 -30.36
C4' ADP NA . -34.37 7.78 -31.40
O4' ADP NA . -35.19 7.85 -32.54
C3' ADP NA . -34.37 9.19 -30.86
O3' ADP NA . -33.65 9.99 -31.82
C2' ADP NA . -35.82 9.54 -30.97
O2' ADP NA . -35.92 10.93 -30.58
C1' ADP NA . -35.87 9.11 -32.45
N9 ADP NA . -37.15 9.30 -33.24
C8 ADP NA . -38.46 9.37 -32.81
N7 ADP NA . -39.27 9.66 -33.88
C5 ADP NA . -38.47 9.77 -34.97
C6 ADP NA . -38.70 10.04 -36.30
N6 ADP NA . -39.95 10.26 -36.71
N1 ADP NA . -37.67 10.08 -37.17
C2 ADP NA . -36.40 9.88 -36.77
N3 ADP NA . -36.13 9.63 -35.51
C4 ADP NA . -37.14 9.55 -34.58
MN MN OA . -40.28 4.23 13.25
MN MN PA . -42.46 1.54 14.04
MN MN QA . -37.57 1.00 13.13
OTP P3P RA . -37.80 -6.22 13.10
CP P3P RA . -37.85 -4.99 12.82
OP P3P RA . -38.63 -4.55 11.93
CAP P3P RA . -36.95 -4.03 13.60
NP P3P RA . -35.84 -3.49 12.82
CBP P3P RA . -37.80 -2.85 14.10
CGP P3P RA . -37.18 -2.15 15.27
PDP P3P RA . -38.14 -0.97 16.04
OEA P3P RA . -39.34 -1.67 16.78
CEP P3P RA . -37.31 -0.16 17.27
OEB P3P RA . -38.49 0.13 14.95
P12 P3P RA . -39.33 1.44 15.33
O15 P3P RA . -40.05 1.54 13.99
O13 P3P RA . -38.48 2.65 15.79
O14 P3P RA . -40.18 0.92 16.44
PB ADP SA . -42.94 4.35 15.44
O1B ADP SA . -44.31 3.71 15.27
O2B ADP SA . -42.60 4.67 16.87
O3B ADP SA . -41.76 3.75 14.74
PA ADP SA . -42.51 6.19 13.27
O1A ADP SA . -42.11 7.67 13.33
O2A ADP SA . -41.40 5.18 13.04
O3A ADP SA . -43.22 5.73 14.65
O5' ADP SA . -43.65 6.05 12.11
C5' ADP SA . -44.85 6.84 12.11
C4' ADP SA . -45.40 7.13 10.72
O4' ADP SA . -46.84 7.19 10.83
C3' ADP SA . -45.00 8.50 10.16
O3' ADP SA . -45.17 8.57 8.73
C2' ADP SA . -46.06 9.42 10.71
O2' ADP SA . -45.99 10.68 10.06
C1' ADP SA . -47.26 8.51 10.41
N9 ADP SA . -48.61 8.90 10.96
C8 ADP SA . -48.90 9.79 11.93
N7 ADP SA . -50.24 9.84 12.11
C5 ADP SA . -50.78 8.98 11.23
C6 ADP SA . -52.08 8.60 10.94
N6 ADP SA . -53.11 9.16 11.62
N1 ADP SA . -52.33 7.68 9.99
C2 ADP SA . -51.32 7.13 9.32
N3 ADP SA . -50.06 7.47 9.55
C4 ADP SA . -49.77 8.39 10.51
MN MN TA . -10.27 26.55 31.45
MN MN UA . -10.52 25.79 34.80
MN MN VA . -8.87 23.16 31.08
OTP P3P WA . -7.13 17.22 34.71
CP P3P WA . -7.66 18.41 34.89
OP P3P WA . -8.68 18.75 35.69
CAP P3P WA . -6.87 19.53 34.07
NP P3P WA . -6.49 19.32 32.63
CBP P3P WA . -7.41 20.97 34.26
CGP P3P WA . -6.24 21.88 34.52
PDP P3P WA . -6.20 23.26 33.59
OEA P3P WA . -5.81 24.53 34.43
CEP P3P WA . -5.06 22.96 32.37
OEB P3P WA . -7.60 23.62 32.94
P12 P3P WA . -8.09 25.18 32.90
O15 P3P WA . -9.09 25.06 31.77
O13 P3P WA . -7.01 26.21 32.56
O14 P3P WA . -8.68 25.44 34.30
PB ADP XA . -10.23 28.83 33.59
O1B ADP XA . -10.33 28.32 35.05
O2B ADP XA . -10.00 30.31 33.79
O3B ADP XA . -9.38 28.11 32.51
PA ADP XA . -12.06 29.46 31.48
O1A ADP XA . -11.65 30.88 31.18
O2A ADP XA . -11.76 28.33 30.52
O3A ADP XA . -11.71 28.94 32.99
O5' ADP XA . -13.63 29.48 31.78
C5' ADP XA . -14.22 30.12 32.94
C4' ADP XA . -15.71 30.20 32.62
O4' ADP XA . -16.49 30.85 33.60
C3' ADP XA . -15.95 31.07 31.43
O3' ADP XA . -17.01 30.47 30.72
C2' ADP XA . -16.54 32.35 31.90
O2' ADP XA . -17.68 32.55 31.08
C1' ADP XA . -17.32 31.84 33.03
N9 ADP XA . -17.51 32.94 33.93
C8 ADP XA . -16.83 34.08 34.01
N7 ADP XA . -17.31 34.78 35.06
C5 ADP XA . -18.27 34.04 35.63
C6 ADP XA . -19.14 34.21 36.73
N6 ADP XA . -19.08 35.33 37.49
N1 ADP XA . -20.07 33.24 36.99
C2 ADP XA . -20.14 32.08 36.26
N3 ADP XA . -19.30 31.90 35.22
C4 ADP XA . -18.40 32.87 34.90
MN MN YA . 2.05 24.44 -34.74
MN MN ZA . 5.35 25.22 -36.89
MN MN AB . 4.27 22.02 -33.24
OTP P3P BB . 11.34 18.37 -33.79
CP P3P BB . 10.37 19.13 -33.95
OP P3P BB . 10.72 20.33 -34.16
CAP P3P BB . 8.86 18.61 -33.99
NP P3P BB . 8.11 17.94 -32.89
CBP P3P BB . 7.96 19.75 -34.48
CGP P3P BB . 6.56 19.25 -34.51
PDP P3P BB . 5.72 19.67 -35.92
OEA P3P BB . 6.67 19.33 -37.14
CEP P3P BB . 4.26 18.73 -36.01
OEB P3P BB . 5.46 21.28 -35.85
P12 P3P BB . 4.05 22.12 -35.88
O15 P3P BB . 4.07 22.79 -34.54
O13 P3P BB . 2.78 21.23 -36.01
O14 P3P BB . 4.33 23.14 -36.99
PB ADP CB . 2.27 25.51 -37.91
O1B ADP CB . 3.41 26.12 -38.73
O2B ADP CB . 1.02 24.97 -38.66
O3B ADP CB . 2.64 24.59 -36.77
PA ADP CB . 1.25 27.32 -35.75
O1A ADP CB . -0.22 27.73 -35.97
O2A ADP CB . 1.66 26.26 -34.76
O3A ADP CB . 1.87 26.93 -37.21
O5' ADP CB . 2.03 28.73 -35.50
C5' ADP CB . 1.53 30.00 -36.00
C4' ADP CB . 2.02 31.30 -35.34
O4' ADP CB . 2.30 32.26 -36.34
C3' ADP CB . 0.89 32.00 -34.58
O3' ADP CB . 1.48 33.05 -33.78
C2' ADP CB . 0.00 32.59 -35.64
O2' ADP CB . -1.03 33.41 -35.07
C1' ADP CB . 1.24 33.27 -36.25
N9 ADP CB . 1.10 34.14 -37.46
C8 ADP CB . 0.06 34.24 -38.32
N7 ADP CB . 0.39 35.18 -39.24
C5 ADP CB . 1.64 35.67 -38.92
C6 ADP CB . 2.47 36.61 -39.50
N6 ADP CB . 2.07 37.27 -40.62
N1 ADP CB . 3.66 36.86 -38.93
C2 ADP CB . 4.06 36.23 -37.83
N3 ADP CB . 3.30 35.31 -37.27
C4 ADP CB . 2.08 35.02 -37.80
MN MN DB . 15.73 39.13 1.68
MN MN EB . 18.86 40.43 3.33
MN MN FB . 17.03 35.78 2.89
OTP P3P GB . 22.44 32.34 6.58
CP P3P GB . 21.85 33.25 5.97
OP P3P GB . 21.51 34.26 6.67
CAP P3P GB . 21.59 33.10 4.46
NP P3P GB . 20.28 32.50 4.10
CBP P3P GB . 21.81 34.39 3.63
CGP P3P GB . 20.87 34.37 2.43
PDP P3P GB . 20.52 35.73 1.45
OEA P3P GB . 21.71 36.75 1.50
CEP P3P GB . 20.28 35.26 -0.18
OEB P3P GB . 19.14 36.40 1.98
P12 P3P GB . 18.52 37.81 1.47
O15 P3P GB . 17.15 37.82 2.11
O13 P3P GB . 18.40 37.89 -0.07
O14 P3P GB . 19.51 38.70 2.18
PB ADP HB . 17.53 41.74 1.09
O1B ADP HB . 18.61 41.94 2.13
O2B ADP HB . 17.82 42.42 -0.24
O3B ADP HB . 16.97 40.34 0.83
PA ADP HB . 14.75 42.49 1.24
O1A ADP HB . 14.55 43.35 0.01
O2A ADP HB . 14.27 41.07 1.26
O3A ADP HB . 16.28 42.49 1.77
O5' ADP HB . 14.03 43.30 2.48
C5' ADP HB . 14.64 44.23 3.45
C4' ADP HB . 13.66 44.94 4.40
O4' ADP HB . 14.08 46.24 4.80
C3' ADP HB . 12.38 45.20 3.65
O3' ADP HB . 11.22 45.18 4.49
C2' ADP HB . 12.57 46.59 3.17
O2' ADP HB . 11.29 47.05 2.72
C1' ADP HB . 13.04 47.17 4.47
N9 ADP HB . 13.35 48.63 4.34
C8 ADP HB . 13.12 49.41 3.25
N7 ADP HB . 13.49 50.69 3.50
C5 ADP HB . 13.94 50.75 4.76
C6 ADP HB . 14.47 51.78 5.55
N6 ADP HB . 14.59 53.06 5.12
N1 ADP HB . 14.89 51.52 6.80
C2 ADP HB . 14.75 50.25 7.27
N3 ADP HB . 14.26 49.25 6.54
C4 ADP HB . 13.83 49.46 5.27
#